data_6NN8
#
_entry.id   6NN8
#
_cell.length_a   94.909
_cell.length_b   139.410
_cell.length_c   181.286
_cell.angle_alpha   90.00
_cell.angle_beta   103.35
_cell.angle_gamma   90.00
#
_symmetry.space_group_name_H-M   'P 1 21 1'
#
loop_
_entity.id
_entity.type
_entity.pdbx_description
1 polymer 'Pyruvate kinase PKLR'
2 non-polymer 1,2-ETHANEDIOL
3 water water
#
_entity_poly.entity_id   1
_entity_poly.type   'polypeptide(L)'
_entity_poly.pdbx_seq_one_letter_code
;MEGPAGYLRRASVAQLTQELGTAFFQQQQLPAAMADTFLEHLCLLDIDSEPVAARSTSIIATIGPASRSVERLKEMIKAG
MNIARLNFSHGSHEYHAESIANVREAVESFAGSPLSYRPVAIALDTKGPEIRTGILQGGPESEVELVKGSQVLVTVDPAF
RTRGNANTVWVDYPNIVRVVPVGGRIYIDDGLISLVVQKIGPEGLVTQVENGGVLGSRKGVNLPGAQVDLPGLSEQDVRD
LRFGVEHGVDIVFASFVRKASDVAAVRAALGPEGHGIKIISKIENHEGVKRFDEILEVSDGIMVARGDLGIEIPAEKVFL
AQKMMIGRCNLAGKPVVCATQMLESMITKPRPTRAETSDVANAVLDGADCIMLSGETAKGNFPVEAVKMQHAIAREAEAA
VYHRQLFEELRRAAPLSRDPTEVTAIGAVEAAFKCCAAAIIVLTTTGRSAQLLSRYRPRAAVIAVTRSAQAARQVHLCRG
VFPLLYREPPEAIWADDVDRRVQFGIESGKLRGFLRVGDLVIVVTGWRPGEGYTNIMRVLSIS
;
_entity_poly.pdbx_strand_id   A,B,C,D,E,F,G,H
#
loop_
_chem_comp.id
_chem_comp.type
_chem_comp.name
_chem_comp.formula
EDO non-polymer 1,2-ETHANEDIOL 'C2 H6 O2'
#
# COMPACT_ATOMS: atom_id res chain seq x y z
N LEU A 20 43.89 0.41 -14.37
CA LEU A 20 44.00 -0.67 -13.39
C LEU A 20 45.09 -1.65 -13.78
N GLY A 21 45.40 -2.56 -12.85
CA GLY A 21 46.66 -3.29 -12.84
C GLY A 21 46.82 -4.33 -13.95
N THR A 22 47.84 -5.18 -13.73
CA THR A 22 48.00 -6.42 -14.48
C THR A 22 47.67 -7.63 -13.61
N ALA A 23 48.33 -7.79 -12.44
CA ALA A 23 48.02 -8.90 -11.54
C ALA A 23 46.53 -9.01 -11.25
N PHE A 24 45.81 -7.89 -11.48
CA PHE A 24 44.36 -7.85 -11.54
C PHE A 24 43.80 -9.00 -12.35
N PHE A 25 44.13 -9.03 -13.64
CA PHE A 25 43.55 -9.97 -14.57
C PHE A 25 44.23 -11.34 -14.57
N GLN A 26 45.23 -11.63 -13.73
CA GLN A 26 45.87 -12.96 -13.72
C GLN A 26 45.39 -13.82 -12.57
N GLN A 27 44.10 -13.74 -12.23
CA GLN A 27 43.56 -14.63 -11.21
C GLN A 27 42.03 -14.58 -11.36
N GLN A 28 41.37 -15.49 -10.63
CA GLN A 28 39.96 -15.80 -10.72
C GLN A 28 39.41 -15.80 -12.13
N GLN A 29 40.21 -16.31 -13.07
CA GLN A 29 39.77 -16.51 -14.43
C GLN A 29 39.21 -15.22 -15.06
N LEU A 30 39.69 -14.06 -14.62
CA LEU A 30 39.17 -12.80 -15.17
C LEU A 30 39.40 -12.65 -16.67
N PRO A 31 40.48 -13.15 -17.27
CA PRO A 31 40.54 -13.13 -18.75
C PRO A 31 39.41 -13.90 -19.38
N ALA A 32 38.92 -14.94 -18.73
CA ALA A 32 37.82 -15.73 -19.28
C ALA A 32 36.49 -15.12 -18.93
N ALA A 33 36.44 -14.32 -17.84
CA ALA A 33 35.22 -13.63 -17.43
C ALA A 33 34.79 -12.57 -18.42
N MET A 34 35.76 -11.94 -19.07
CA MET A 34 35.50 -10.82 -19.96
C MET A 34 35.50 -11.20 -21.44
N ALA A 35 35.47 -12.49 -21.77
CA ALA A 35 35.39 -12.86 -23.18
C ALA A 35 34.05 -12.45 -23.77
N ASP A 36 34.06 -12.20 -25.06
CA ASP A 36 32.85 -11.72 -25.71
C ASP A 36 31.85 -12.84 -25.98
N THR A 37 32.31 -14.09 -26.04
CA THR A 37 31.40 -15.22 -26.22
C THR A 37 31.67 -16.28 -25.16
N PHE A 38 30.69 -17.18 -25.03
CA PHE A 38 30.87 -18.37 -24.23
C PHE A 38 32.02 -19.22 -24.76
N LEU A 39 32.07 -19.42 -26.06
CA LEU A 39 33.11 -20.24 -26.64
C LEU A 39 34.49 -19.71 -26.26
N GLU A 40 34.69 -18.41 -26.43
CA GLU A 40 35.96 -17.80 -26.05
C GLU A 40 36.20 -17.89 -24.55
N HIS A 41 35.13 -17.81 -23.77
CA HIS A 41 35.30 -17.89 -22.34
C HIS A 41 35.92 -19.22 -21.98
N LEU A 42 35.37 -20.29 -22.56
CA LEU A 42 35.89 -21.62 -22.40
C LEU A 42 37.36 -21.66 -22.74
N CYS A 43 37.70 -21.06 -23.88
CA CYS A 43 39.07 -21.17 -24.39
C CYS A 43 40.07 -20.45 -23.49
N LEU A 44 39.66 -19.42 -22.79
CA LEU A 44 40.59 -18.68 -21.95
C LEU A 44 40.61 -19.18 -20.51
N LEU A 45 39.90 -20.27 -20.20
CA LEU A 45 40.02 -20.86 -18.87
C LEU A 45 41.47 -21.30 -18.67
N ASP A 46 42.03 -20.97 -17.53
CA ASP A 46 43.46 -21.08 -17.28
C ASP A 46 43.67 -21.77 -15.94
N ILE A 47 44.42 -22.87 -15.93
CA ILE A 47 44.67 -23.62 -14.70
C ILE A 47 45.66 -22.93 -13.76
N ASP A 48 46.36 -21.89 -14.22
CA ASP A 48 47.26 -21.10 -13.37
C ASP A 48 46.61 -19.83 -12.83
N SER A 49 45.33 -19.65 -13.03
CA SER A 49 44.61 -18.48 -12.54
C SER A 49 43.94 -18.89 -11.25
N GLU A 50 44.57 -18.55 -10.11
CA GLU A 50 44.08 -19.02 -8.82
C GLU A 50 42.75 -18.34 -8.44
N PRO A 51 41.85 -19.08 -7.81
CA PRO A 51 40.62 -18.45 -7.30
C PRO A 51 40.94 -17.80 -5.96
N VAL A 52 40.77 -16.49 -5.87
CA VAL A 52 41.07 -15.83 -4.61
C VAL A 52 39.77 -15.59 -3.83
N ALA A 53 38.66 -15.38 -4.53
CA ALA A 53 37.37 -15.32 -3.86
C ALA A 53 37.14 -16.52 -2.93
N ALA A 54 36.44 -16.25 -1.83
CA ALA A 54 36.08 -17.32 -0.91
C ALA A 54 34.99 -18.22 -1.52
N ARG A 55 35.05 -19.51 -1.18
CA ARG A 55 34.16 -20.49 -1.76
C ARG A 55 32.77 -20.23 -1.27
N SER A 56 31.83 -20.11 -2.21
CA SER A 56 30.49 -19.63 -1.94
C SER A 56 29.41 -20.67 -1.94
N THR A 57 29.63 -21.80 -2.60
CA THR A 57 28.65 -22.88 -2.72
C THR A 57 28.67 -23.73 -1.44
N SER A 58 27.55 -23.76 -0.73
CA SER A 58 27.55 -24.42 0.58
C SER A 58 27.61 -25.93 0.41
N ILE A 59 28.22 -26.56 1.41
CA ILE A 59 28.43 -28.02 1.45
C ILE A 59 27.55 -28.61 2.54
N ILE A 60 26.70 -29.56 2.14
CA ILE A 60 25.84 -30.34 3.02
C ILE A 60 26.53 -31.65 3.30
N ALA A 61 26.79 -31.98 4.57
CA ALA A 61 27.43 -33.26 4.91
C ALA A 61 26.46 -34.11 5.70
N THR A 62 26.12 -35.28 5.14
CA THR A 62 25.24 -36.21 5.85
C THR A 62 25.99 -36.81 7.02
N ILE A 63 25.34 -36.78 8.19
CA ILE A 63 25.92 -37.19 9.46
C ILE A 63 25.69 -38.68 9.66
N GLY A 64 26.73 -39.35 10.14
CA GLY A 64 26.68 -40.74 10.50
C GLY A 64 27.86 -41.17 11.39
N PRO A 65 28.07 -42.49 11.49
CA PRO A 65 29.14 -43.01 12.35
C PRO A 65 30.50 -42.48 12.00
N ALA A 66 30.72 -42.17 10.71
CA ALA A 66 32.00 -41.61 10.27
C ALA A 66 32.17 -40.15 10.70
N SER A 67 31.08 -39.49 11.09
CA SER A 67 31.10 -38.04 11.28
C SER A 67 30.30 -37.61 12.50
N ARG A 68 30.21 -38.50 13.48
CA ARG A 68 29.39 -38.22 14.66
C ARG A 68 30.18 -37.67 15.85
N SER A 69 31.44 -38.01 16.01
CA SER A 69 32.17 -37.53 17.17
C SER A 69 32.39 -36.02 17.08
N VAL A 70 32.33 -35.35 18.22
CA VAL A 70 32.57 -33.91 18.28
C VAL A 70 33.89 -33.54 17.65
N GLU A 71 34.96 -34.28 17.95
CA GLU A 71 36.27 -33.92 17.39
C GLU A 71 36.26 -34.00 15.86
N ARG A 72 35.65 -35.04 15.33
CA ARG A 72 35.52 -35.19 13.89
C ARG A 72 34.73 -34.04 13.26
N LEU A 73 33.66 -33.62 13.91
CA LEU A 73 32.80 -32.55 13.39
C LEU A 73 33.50 -31.20 13.40
N LYS A 74 34.39 -30.95 14.36
CA LYS A 74 35.20 -29.76 14.30
C LYS A 74 36.06 -29.75 13.05
N GLU A 75 36.65 -30.90 12.74
CA GLU A 75 37.49 -31.03 11.56
C GLU A 75 36.68 -30.79 10.30
N MET A 76 35.44 -31.26 10.29
CA MET A 76 34.57 -31.05 9.14
C MET A 76 34.14 -29.59 9.00
N ILE A 77 33.88 -28.91 10.12
CA ILE A 77 33.55 -27.48 10.08
C ILE A 77 34.70 -26.71 9.46
N LYS A 78 35.91 -27.00 9.91
CA LYS A 78 37.07 -26.27 9.40
C LYS A 78 37.36 -26.61 7.95
N ALA A 79 37.01 -27.81 7.52
CA ALA A 79 37.19 -28.19 6.12
C ALA A 79 36.13 -27.58 5.21
N GLY A 80 35.04 -27.02 5.78
CA GLY A 80 34.02 -26.35 5.01
C GLY A 80 32.57 -26.79 5.17
N MET A 81 32.26 -27.73 6.08
CA MET A 81 30.85 -28.10 6.23
C MET A 81 29.99 -26.94 6.70
N ASN A 82 28.91 -26.68 5.97
CA ASN A 82 27.99 -25.59 6.28
C ASN A 82 26.63 -26.07 6.76
N ILE A 83 26.12 -27.18 6.21
CA ILE A 83 24.84 -27.77 6.61
C ILE A 83 25.10 -29.22 7.02
N ALA A 84 24.66 -29.59 8.22
CA ALA A 84 24.71 -30.97 8.66
C ALA A 84 23.37 -31.61 8.36
N ARG A 85 23.40 -32.69 7.56
CA ARG A 85 22.18 -33.39 7.17
C ARG A 85 21.97 -34.65 8.01
N LEU A 86 20.72 -34.81 8.43
CA LEU A 86 20.27 -35.87 9.31
C LEU A 86 19.38 -36.77 8.50
N ASN A 87 19.81 -38.02 8.24
CA ASN A 87 19.07 -38.90 7.34
C ASN A 87 18.17 -39.80 8.19
N PHE A 88 16.87 -39.52 8.13
CA PHE A 88 15.85 -40.17 8.94
C PHE A 88 15.28 -41.40 8.25
N SER A 89 15.94 -41.89 7.19
CA SER A 89 15.58 -43.20 6.68
C SER A 89 15.98 -44.27 7.66
N HIS A 90 16.99 -44.01 8.48
CA HIS A 90 17.44 -44.92 9.51
C HIS A 90 17.80 -44.15 10.77
N GLY A 91 17.91 -44.85 11.90
CA GLY A 91 18.34 -44.35 13.22
C GLY A 91 17.18 -43.84 14.06
N SER A 92 17.36 -43.90 15.36
CA SER A 92 16.28 -43.51 16.27
C SER A 92 16.35 -42.02 16.59
N HIS A 93 15.19 -41.48 17.03
CA HIS A 93 15.13 -40.11 17.56
C HIS A 93 16.26 -39.83 18.53
N GLU A 94 16.51 -40.77 19.43
CA GLU A 94 17.57 -40.60 20.40
C GLU A 94 18.92 -40.54 19.71
N TYR A 95 19.10 -41.37 18.67
CA TYR A 95 20.34 -41.36 17.88
C TYR A 95 20.51 -39.99 17.19
N HIS A 96 19.45 -39.49 16.58
CA HIS A 96 19.52 -38.19 15.95
C HIS A 96 19.66 -37.08 16.97
N ALA A 97 18.99 -37.22 18.11
CA ALA A 97 19.18 -36.18 19.11
C ALA A 97 20.63 -36.13 19.51
N GLU A 98 21.37 -37.23 19.35
CA GLU A 98 22.78 -37.19 19.73
C GLU A 98 23.61 -36.54 18.65
N SER A 99 23.34 -36.87 17.38
CA SER A 99 23.98 -36.17 16.28
C SER A 99 23.85 -34.66 16.47
N ILE A 100 22.61 -34.21 16.70
CA ILE A 100 22.29 -32.79 16.86
C ILE A 100 23.10 -32.15 17.98
N ALA A 101 23.25 -32.85 19.09
CA ALA A 101 23.96 -32.30 20.24
C ALA A 101 25.44 -32.15 19.93
N ASN A 102 26.03 -33.17 19.27
CA ASN A 102 27.44 -33.12 18.95
C ASN A 102 27.75 -32.06 17.90
N VAL A 103 26.90 -31.95 16.87
CA VAL A 103 27.03 -30.84 15.92
C VAL A 103 27.02 -29.51 16.68
N ARG A 104 25.98 -29.26 17.48
CA ARG A 104 25.93 -27.97 18.19
C ARG A 104 27.11 -27.79 19.13
N GLU A 105 27.58 -28.85 19.75
CA GLU A 105 28.78 -28.70 20.57
C GLU A 105 29.99 -28.29 19.73
N ALA A 106 30.22 -28.99 18.62
CA ALA A 106 31.35 -28.66 17.74
C ALA A 106 31.21 -27.25 17.15
N VAL A 107 29.98 -26.87 16.76
CA VAL A 107 29.75 -25.56 16.17
C VAL A 107 30.05 -24.46 17.18
N GLU A 108 29.54 -24.60 18.41
CA GLU A 108 29.70 -23.57 19.43
C GLU A 108 31.12 -23.50 20.01
N SER A 109 31.94 -24.53 19.80
CA SER A 109 33.34 -24.49 20.22
C SER A 109 34.11 -23.33 19.58
N PHE A 110 33.61 -22.72 18.52
CA PHE A 110 34.36 -21.67 17.82
C PHE A 110 33.77 -20.30 18.12
N ALA A 111 32.73 -20.23 18.95
CA ALA A 111 31.99 -18.99 19.11
C ALA A 111 32.72 -17.98 19.99
N GLY A 112 33.79 -18.41 20.65
CA GLY A 112 34.60 -17.48 21.40
C GLY A 112 35.27 -16.44 20.53
N SER A 113 35.46 -16.74 19.25
CA SER A 113 35.92 -15.70 18.34
C SER A 113 34.76 -15.16 17.48
N PRO A 114 34.15 -14.03 17.83
CA PRO A 114 33.01 -13.55 17.04
C PRO A 114 33.33 -13.22 15.58
N LEU A 115 34.58 -12.88 15.26
CA LEU A 115 34.91 -12.43 13.91
C LEU A 115 35.20 -13.59 12.94
N SER A 116 35.16 -14.85 13.39
CA SER A 116 35.42 -16.02 12.54
C SER A 116 34.43 -17.16 12.83
N TYR A 117 33.42 -16.92 13.66
CA TYR A 117 32.44 -17.95 13.93
C TYR A 117 31.57 -18.19 12.68
N ARG A 118 31.57 -19.45 12.23
CA ARG A 118 30.71 -19.95 11.17
C ARG A 118 29.47 -20.61 11.69
N PRO A 119 28.28 -20.06 11.45
CA PRO A 119 27.06 -20.86 11.63
C PRO A 119 27.09 -22.13 10.78
N VAL A 120 26.36 -23.13 11.25
CA VAL A 120 26.15 -24.41 10.61
C VAL A 120 24.68 -24.74 10.81
N ALA A 121 23.96 -24.89 9.71
CA ALA A 121 22.57 -25.28 9.78
C ALA A 121 22.43 -26.77 10.02
N ILE A 122 21.31 -27.16 10.59
CA ILE A 122 20.92 -28.54 10.74
C ILE A 122 19.67 -28.78 9.91
N ALA A 123 19.75 -29.77 9.01
CA ALA A 123 18.64 -30.23 8.16
C ALA A 123 18.19 -31.65 8.51
N LEU A 124 16.90 -31.87 8.32
CA LEU A 124 16.27 -33.15 8.58
C LEU A 124 15.75 -33.70 7.26
N ASP A 125 16.31 -34.81 6.81
CA ASP A 125 15.91 -35.47 5.57
C ASP A 125 14.93 -36.60 5.92
N THR A 126 13.67 -36.46 5.52
CA THR A 126 12.68 -37.44 5.92
C THR A 126 12.82 -38.76 5.18
N LYS A 127 12.64 -39.87 5.93
CA LYS A 127 12.46 -41.21 5.38
C LYS A 127 11.52 -41.24 4.18
N GLY A 128 10.33 -40.69 4.36
CA GLY A 128 9.34 -40.58 3.32
C GLY A 128 8.41 -41.78 3.16
N PRO A 129 7.33 -41.60 2.40
CA PRO A 129 6.55 -42.75 1.92
C PRO A 129 7.41 -43.86 1.35
N GLU A 130 6.93 -45.10 1.49
CA GLU A 130 7.67 -46.29 1.12
C GLU A 130 6.67 -47.32 0.62
N ILE A 131 6.97 -47.97 -0.49
CA ILE A 131 6.25 -49.16 -0.94
C ILE A 131 7.21 -50.32 -0.82
N ARG A 132 6.82 -51.35 -0.08
CA ARG A 132 7.71 -52.49 0.13
C ARG A 132 6.98 -53.81 -0.12
N THR A 133 7.79 -54.86 -0.28
CA THR A 133 7.31 -56.18 -0.67
C THR A 133 7.03 -57.07 0.54
N VAL A 144 14.46 -66.32 -1.50
CA VAL A 144 15.35 -65.68 -2.46
C VAL A 144 15.09 -66.26 -3.87
N GLU A 145 13.87 -66.09 -4.38
CA GLU A 145 13.50 -66.61 -5.70
C GLU A 145 13.98 -65.67 -6.83
N LEU A 146 14.16 -66.26 -8.01
CA LEU A 146 14.84 -65.59 -9.12
C LEU A 146 13.87 -65.34 -10.27
N VAL A 147 13.10 -64.25 -10.17
CA VAL A 147 12.15 -63.90 -11.24
C VAL A 147 12.87 -63.78 -12.57
N LYS A 148 12.39 -64.50 -13.60
CA LYS A 148 13.24 -64.86 -14.74
C LYS A 148 12.91 -64.04 -15.97
N GLY A 149 12.23 -64.58 -16.95
CA GLY A 149 12.06 -63.86 -18.20
C GLY A 149 10.59 -63.71 -18.51
N SER A 150 9.70 -64.24 -17.66
CA SER A 150 8.28 -63.95 -17.81
C SER A 150 7.41 -64.32 -16.61
N GLN A 151 6.23 -63.67 -16.60
CA GLN A 151 4.98 -63.86 -15.86
C GLN A 151 5.00 -63.92 -14.34
N VAL A 152 4.80 -62.72 -13.75
CA VAL A 152 4.59 -62.53 -12.33
C VAL A 152 3.26 -61.79 -12.14
N LEU A 153 2.56 -62.11 -11.06
CA LEU A 153 1.35 -61.40 -10.68
C LEU A 153 1.61 -60.58 -9.43
N VAL A 154 0.96 -59.42 -9.37
CA VAL A 154 1.11 -58.48 -8.28
C VAL A 154 -0.25 -58.32 -7.61
N THR A 155 -0.28 -58.54 -6.29
CA THR A 155 -1.46 -58.21 -5.46
C THR A 155 -1.08 -57.50 -4.15
N ASN A 165 5.72 -66.78 -3.15
CA ASN A 165 6.73 -65.81 -3.54
C ASN A 165 7.09 -65.86 -5.06
N ALA A 166 7.71 -66.96 -5.48
CA ALA A 166 8.47 -67.03 -6.74
C ALA A 166 7.81 -66.44 -7.97
N ASN A 167 6.48 -66.53 -8.09
CA ASN A 167 5.76 -66.04 -9.27
C ASN A 167 4.73 -64.98 -8.94
N THR A 168 4.52 -64.69 -7.67
CA THR A 168 3.60 -63.66 -7.20
C THR A 168 4.39 -62.70 -6.33
N VAL A 169 4.00 -61.44 -6.39
CA VAL A 169 4.54 -60.46 -5.45
C VAL A 169 3.36 -59.69 -4.88
N TRP A 170 3.38 -59.53 -3.56
CA TRP A 170 2.41 -58.75 -2.80
C TRP A 170 3.12 -57.48 -2.34
N VAL A 171 2.46 -56.33 -2.52
CA VAL A 171 3.02 -55.03 -2.15
C VAL A 171 2.10 -54.42 -1.11
N ASP A 172 2.70 -53.77 -0.08
CA ASP A 172 1.89 -53.18 0.97
C ASP A 172 1.17 -51.91 0.54
N TYR A 173 0.89 -51.76 -0.74
CA TYR A 173 0.32 -50.53 -1.30
C TYR A 173 -0.91 -50.88 -2.10
N PRO A 174 -2.04 -51.06 -1.43
CA PRO A 174 -3.28 -51.46 -2.10
C PRO A 174 -3.63 -50.69 -3.36
N ASN A 175 -3.30 -49.41 -3.47
CA ASN A 175 -3.69 -48.68 -4.67
C ASN A 175 -2.69 -48.85 -5.80
N ILE A 176 -1.75 -49.79 -5.68
CA ILE A 176 -0.96 -50.16 -6.84
C ILE A 176 -1.88 -50.55 -8.00
N VAL A 177 -2.82 -51.45 -7.73
CA VAL A 177 -3.72 -51.91 -8.78
C VAL A 177 -4.45 -50.73 -9.43
N ARG A 178 -4.54 -49.58 -8.75
CA ARG A 178 -5.34 -48.46 -9.24
C ARG A 178 -4.55 -47.46 -10.08
N VAL A 179 -3.23 -47.38 -9.91
CA VAL A 179 -2.42 -46.31 -10.51
C VAL A 179 -1.43 -46.80 -11.56
N VAL A 180 -1.20 -48.11 -11.70
CA VAL A 180 -0.29 -48.58 -12.73
C VAL A 180 -1.04 -49.17 -13.91
N PRO A 181 -1.21 -48.41 -14.99
CA PRO A 181 -2.05 -48.89 -16.10
C PRO A 181 -1.44 -50.06 -16.83
N VAL A 182 -2.17 -50.56 -17.83
CA VAL A 182 -1.62 -51.58 -18.71
C VAL A 182 -0.62 -50.91 -19.64
N GLY A 183 0.65 -51.34 -19.55
CA GLY A 183 1.76 -50.63 -20.13
C GLY A 183 2.69 -49.98 -19.11
N GLY A 184 2.22 -49.73 -17.90
CA GLY A 184 3.08 -49.21 -16.85
C GLY A 184 4.05 -50.26 -16.32
N ARG A 185 4.95 -49.79 -15.47
CA ARG A 185 6.04 -50.62 -14.99
C ARG A 185 6.15 -50.58 -13.48
N ILE A 186 6.74 -51.64 -12.97
CA ILE A 186 6.95 -51.79 -11.54
C ILE A 186 8.39 -52.17 -11.39
N TYR A 187 9.15 -51.33 -10.70
CA TYR A 187 10.53 -51.66 -10.37
C TYR A 187 10.55 -52.23 -8.95
N ILE A 188 11.46 -53.17 -8.71
CA ILE A 188 11.63 -53.70 -7.37
C ILE A 188 13.10 -53.74 -7.05
N ASP A 189 13.40 -53.56 -5.75
CA ASP A 189 14.74 -53.50 -5.22
C ASP A 189 15.67 -52.61 -6.02
N ASP A 190 15.72 -51.32 -5.68
CA ASP A 190 16.70 -50.40 -6.25
C ASP A 190 16.61 -50.34 -7.77
N GLY A 191 15.43 -50.62 -8.32
CA GLY A 191 15.27 -50.62 -9.78
C GLY A 191 15.95 -51.79 -10.50
N LEU A 192 16.47 -52.77 -9.76
CA LEU A 192 17.05 -53.98 -10.33
C LEU A 192 16.03 -54.78 -11.15
N ILE A 193 14.86 -55.05 -10.61
CA ILE A 193 13.88 -55.85 -11.33
C ILE A 193 12.80 -54.95 -11.88
N SER A 194 12.42 -55.18 -13.13
CA SER A 194 11.24 -54.52 -13.66
C SER A 194 10.24 -55.52 -14.20
N LEU A 195 8.97 -55.18 -14.03
CA LEU A 195 7.85 -55.92 -14.57
C LEU A 195 6.97 -54.95 -15.36
N VAL A 196 6.21 -55.50 -16.30
CA VAL A 196 5.35 -54.71 -17.17
C VAL A 196 3.92 -55.16 -16.97
N VAL A 197 3.02 -54.21 -16.76
CA VAL A 197 1.61 -54.54 -16.56
C VAL A 197 1.02 -55.01 -17.88
N GLN A 198 0.34 -56.15 -17.84
CA GLN A 198 -0.41 -56.66 -18.98
C GLN A 198 -1.89 -56.88 -18.69
N LYS A 199 -2.29 -57.07 -17.43
CA LYS A 199 -3.70 -57.23 -17.11
C LYS A 199 -3.99 -56.65 -15.73
N ILE A 200 -4.84 -55.64 -15.66
CA ILE A 200 -5.41 -55.25 -14.38
C ILE A 200 -6.65 -56.10 -14.22
N GLY A 201 -6.57 -57.09 -13.36
CA GLY A 201 -7.68 -57.96 -13.16
C GLY A 201 -8.29 -57.67 -11.82
N PRO A 202 -9.53 -58.12 -11.64
CA PRO A 202 -10.12 -58.09 -10.30
C PRO A 202 -9.06 -58.49 -9.28
N GLU A 203 -8.38 -59.60 -9.56
CA GLU A 203 -7.45 -60.17 -8.60
C GLU A 203 -6.07 -59.54 -8.64
N GLY A 204 -5.88 -58.38 -9.29
CA GLY A 204 -4.60 -57.73 -9.27
C GLY A 204 -4.05 -57.53 -10.69
N LEU A 205 -2.72 -57.45 -10.76
CA LEU A 205 -2.04 -57.06 -11.98
C LEU A 205 -1.15 -58.19 -12.45
N VAL A 206 -1.32 -58.59 -13.70
CA VAL A 206 -0.55 -59.66 -14.31
C VAL A 206 0.55 -58.99 -15.11
N THR A 207 1.78 -59.28 -14.77
CA THR A 207 2.89 -58.63 -15.44
C THR A 207 3.80 -59.65 -16.11
N GLN A 208 4.63 -59.14 -17.01
CA GLN A 208 5.74 -59.87 -17.59
C GLN A 208 7.05 -59.32 -17.00
N VAL A 209 7.99 -60.20 -16.72
CA VAL A 209 9.29 -59.79 -16.23
C VAL A 209 10.13 -59.23 -17.37
N GLU A 210 10.49 -57.95 -17.27
CA GLU A 210 11.36 -57.32 -18.24
C GLU A 210 12.83 -57.49 -17.86
N ASN A 211 13.17 -57.37 -16.58
CA ASN A 211 14.55 -57.57 -16.12
C ASN A 211 14.52 -58.40 -14.85
N GLY A 212 15.18 -59.55 -14.90
CA GLY A 212 15.06 -60.52 -13.84
C GLY A 212 16.25 -60.48 -12.90
N GLY A 213 16.07 -61.09 -11.74
CA GLY A 213 17.16 -61.22 -10.80
C GLY A 213 16.66 -61.82 -9.52
N VAL A 214 17.38 -61.56 -8.43
CA VAL A 214 17.14 -62.21 -7.15
C VAL A 214 16.26 -61.33 -6.27
N LEU A 215 15.01 -61.74 -6.06
CA LEU A 215 14.10 -61.07 -5.15
C LEU A 215 14.23 -61.61 -3.73
N GLY A 216 14.62 -60.75 -2.78
CA GLY A 216 14.57 -61.04 -1.35
C GLY A 216 13.25 -60.60 -0.74
N SER A 217 13.28 -60.25 0.55
CA SER A 217 12.09 -59.96 1.33
C SER A 217 12.01 -58.48 1.71
N ARG A 218 10.81 -57.91 1.56
CA ARG A 218 10.55 -56.50 1.80
C ARG A 218 11.67 -55.64 1.18
N LYS A 219 11.59 -55.54 -0.15
CA LYS A 219 12.49 -54.67 -0.92
C LYS A 219 11.68 -53.49 -1.42
N GLY A 220 12.36 -52.35 -1.57
CA GLY A 220 11.69 -51.16 -2.05
C GLY A 220 11.16 -51.35 -3.45
N VAL A 221 10.01 -50.74 -3.69
CA VAL A 221 9.31 -50.76 -4.97
C VAL A 221 9.19 -49.32 -5.43
N ASN A 222 9.36 -49.11 -6.74
CA ASN A 222 9.16 -47.85 -7.40
C ASN A 222 8.19 -48.03 -8.53
N LEU A 223 7.41 -46.97 -8.83
CA LEU A 223 6.36 -46.97 -9.85
C LEU A 223 6.61 -45.87 -10.86
N PRO A 224 7.56 -46.10 -11.77
CA PRO A 224 7.94 -45.05 -12.72
C PRO A 224 6.76 -44.57 -13.55
N GLY A 225 6.63 -43.26 -13.67
CA GLY A 225 5.59 -42.64 -14.46
C GLY A 225 4.24 -42.56 -13.81
N ALA A 226 3.97 -43.39 -12.81
CA ALA A 226 2.71 -43.37 -12.10
C ALA A 226 2.49 -42.07 -11.35
N GLN A 227 1.22 -41.64 -11.30
CA GLN A 227 0.69 -40.76 -10.24
C GLN A 227 0.42 -41.63 -9.02
N VAL A 228 1.42 -41.70 -8.14
CA VAL A 228 1.32 -42.48 -6.91
C VAL A 228 0.48 -41.68 -5.92
N ASP A 229 -0.61 -42.29 -5.45
CA ASP A 229 -1.55 -41.53 -4.63
C ASP A 229 -1.31 -41.71 -3.12
N LEU A 230 -0.17 -42.29 -2.71
CA LEU A 230 0.29 -42.21 -1.32
C LEU A 230 0.14 -40.78 -0.77
N PRO A 231 -0.03 -40.62 0.53
CA PRO A 231 -0.16 -39.25 1.06
C PRO A 231 1.18 -38.54 0.99
N GLY A 232 1.13 -37.21 1.00
CA GLY A 232 2.34 -36.40 0.95
C GLY A 232 3.38 -36.82 1.99
N LEU A 233 2.93 -37.44 3.08
CA LEU A 233 3.68 -37.69 4.30
C LEU A 233 3.30 -39.05 4.87
N SER A 234 4.26 -39.75 5.46
CA SER A 234 4.03 -40.98 6.19
C SER A 234 3.84 -40.70 7.68
N GLU A 235 3.25 -41.67 8.39
CA GLU A 235 3.04 -41.53 9.82
C GLU A 235 4.35 -41.38 10.55
N GLN A 236 5.41 -42.01 10.06
CA GLN A 236 6.71 -41.88 10.70
C GLN A 236 7.27 -40.48 10.50
N ASP A 237 7.08 -39.91 9.31
CA ASP A 237 7.51 -38.54 9.03
C ASP A 237 6.87 -37.56 9.99
N VAL A 238 5.54 -37.65 10.19
CA VAL A 238 4.86 -36.74 11.11
C VAL A 238 5.55 -36.75 12.46
N ARG A 239 5.90 -37.93 12.96
CA ARG A 239 6.61 -37.99 14.23
C ARG A 239 8.00 -37.40 14.08
N ASP A 240 8.58 -37.54 12.89
CA ASP A 240 9.94 -37.08 12.70
C ASP A 240 9.95 -35.57 12.57
N LEU A 241 8.96 -35.02 11.89
CA LEU A 241 8.85 -33.57 11.76
C LEU A 241 8.65 -32.95 13.14
N ARG A 242 7.72 -33.49 13.94
CA ARG A 242 7.54 -33.01 15.31
C ARG A 242 8.85 -33.04 16.08
N PHE A 243 9.54 -34.17 16.07
CA PHE A 243 10.89 -34.21 16.64
C PHE A 243 11.77 -33.07 16.08
N GLY A 244 11.59 -32.70 14.82
CA GLY A 244 12.48 -31.72 14.21
C GLY A 244 12.26 -30.32 14.76
N VAL A 245 11.00 -29.90 14.83
CA VAL A 245 10.62 -28.65 15.45
C VAL A 245 11.07 -28.61 16.90
N GLU A 246 10.84 -29.71 17.65
CA GLU A 246 11.18 -29.75 19.08
C GLU A 246 12.66 -29.55 19.31
N HIS A 247 13.50 -29.98 18.37
CA HIS A 247 14.94 -29.89 18.52
C HIS A 247 15.52 -28.75 17.73
N GLY A 248 14.67 -27.97 17.09
CA GLY A 248 15.09 -26.73 16.45
C GLY A 248 15.81 -26.85 15.12
N VAL A 249 15.43 -27.80 14.27
CA VAL A 249 16.14 -27.92 13.00
C VAL A 249 15.76 -26.74 12.11
N ASP A 250 16.71 -26.36 11.27
CA ASP A 250 16.55 -25.22 10.39
C ASP A 250 15.85 -25.54 9.08
N ILE A 251 16.02 -26.77 8.57
CA ILE A 251 15.67 -27.07 7.17
C ILE A 251 15.09 -28.49 7.11
N VAL A 252 14.06 -28.68 6.31
CA VAL A 252 13.54 -30.00 6.06
C VAL A 252 13.71 -30.33 4.58
N PHE A 253 14.41 -31.42 4.32
CA PHE A 253 14.49 -32.01 2.97
C PHE A 253 13.30 -32.97 2.93
N ALA A 254 12.24 -32.64 2.21
CA ALA A 254 11.02 -33.46 2.20
C ALA A 254 11.00 -34.44 1.03
N SER A 255 11.03 -35.75 1.33
CA SER A 255 11.14 -36.81 0.33
C SER A 255 9.91 -36.90 -0.58
N PHE A 256 10.14 -37.38 -1.83
CA PHE A 256 9.08 -37.87 -2.70
C PHE A 256 7.95 -36.86 -2.89
N VAL A 257 8.32 -35.59 -3.04
CA VAL A 257 7.32 -34.54 -3.27
C VAL A 257 6.90 -34.57 -4.75
N ARG A 258 5.59 -34.75 -5.00
CA ARG A 258 5.02 -34.85 -6.33
C ARG A 258 4.09 -33.72 -6.75
N LYS A 259 3.57 -32.96 -5.79
CA LYS A 259 2.53 -31.98 -6.08
C LYS A 259 2.47 -30.96 -4.93
N ALA A 260 1.80 -29.84 -5.20
CA ALA A 260 1.72 -28.78 -4.21
C ALA A 260 1.10 -29.26 -2.90
N SER A 261 0.10 -30.13 -2.99
CA SER A 261 -0.56 -30.62 -1.80
C SER A 261 0.41 -31.32 -0.87
N ASP A 262 1.45 -31.97 -1.41
CA ASP A 262 2.40 -32.70 -0.55
C ASP A 262 3.24 -31.76 0.32
N VAL A 263 3.64 -30.60 -0.21
CA VAL A 263 4.44 -29.72 0.64
C VAL A 263 3.55 -29.04 1.69
N ALA A 264 2.28 -28.78 1.35
CA ALA A 264 1.31 -28.31 2.34
C ALA A 264 1.16 -29.30 3.49
N ALA A 265 1.13 -30.59 3.20
CA ALA A 265 1.08 -31.56 4.29
C ALA A 265 2.35 -31.50 5.14
N VAL A 266 3.50 -31.25 4.52
CA VAL A 266 4.73 -31.21 5.31
C VAL A 266 4.72 -29.97 6.19
N ARG A 267 4.31 -28.84 5.60
CA ARG A 267 4.11 -27.62 6.35
C ARG A 267 3.09 -27.80 7.45
N ALA A 268 2.01 -28.53 7.16
CA ALA A 268 1.02 -28.82 8.18
C ALA A 268 1.62 -29.57 9.35
N ALA A 269 2.42 -30.61 9.06
CA ALA A 269 2.99 -31.45 10.13
C ALA A 269 4.05 -30.70 10.93
N LEU A 270 4.77 -29.76 10.30
CA LEU A 270 5.67 -28.90 11.06
C LEU A 270 4.88 -27.97 11.95
N GLY A 271 3.68 -27.61 11.52
CA GLY A 271 2.79 -26.83 12.32
C GLY A 271 3.36 -25.47 12.61
N PRO A 272 2.61 -24.69 13.40
CA PRO A 272 2.90 -23.25 13.53
C PRO A 272 4.18 -22.99 14.29
N GLU A 273 4.61 -23.87 15.16
CA GLU A 273 5.94 -23.70 15.77
C GLU A 273 7.09 -23.99 14.82
N GLY A 274 6.83 -24.57 13.62
CA GLY A 274 7.83 -24.75 12.59
C GLY A 274 7.66 -23.84 11.40
N HIS A 275 6.90 -22.77 11.62
CA HIS A 275 6.65 -21.81 10.55
C HIS A 275 7.94 -21.25 9.96
N GLY A 276 9.01 -21.14 10.72
CA GLY A 276 10.20 -20.53 10.15
C GLY A 276 11.18 -21.51 9.53
N ILE A 277 10.85 -22.83 9.54
CA ILE A 277 11.71 -23.86 8.95
C ILE A 277 11.55 -23.86 7.43
N LYS A 278 12.67 -23.92 6.73
CA LYS A 278 12.63 -23.98 5.26
C LYS A 278 12.29 -25.38 4.75
N ILE A 279 11.34 -25.44 3.82
CA ILE A 279 11.00 -26.71 3.18
C ILE A 279 11.70 -26.77 1.83
N ILE A 280 12.65 -27.69 1.72
CA ILE A 280 13.32 -28.01 0.47
C ILE A 280 12.71 -29.31 -0.08
N SER A 281 11.95 -29.20 -1.15
CA SER A 281 11.23 -30.33 -1.75
C SER A 281 12.16 -31.24 -2.57
N LYS A 282 12.28 -32.50 -2.15
CA LYS A 282 13.05 -33.46 -2.94
C LYS A 282 12.24 -33.94 -4.13
N ILE A 283 12.69 -33.59 -5.33
CA ILE A 283 12.10 -34.04 -6.58
C ILE A 283 12.79 -35.33 -6.95
N GLU A 284 12.06 -36.45 -6.86
CA GLU A 284 12.61 -37.78 -7.03
C GLU A 284 11.96 -38.66 -8.11
N ASN A 285 10.89 -38.25 -8.75
CA ASN A 285 10.22 -39.15 -9.66
C ASN A 285 9.61 -38.32 -10.78
N HIS A 286 9.05 -39.04 -11.75
CA HIS A 286 8.60 -38.45 -12.99
C HIS A 286 7.51 -37.42 -12.75
N GLU A 287 6.59 -37.68 -11.83
CA GLU A 287 5.54 -36.69 -11.59
C GLU A 287 6.07 -35.43 -10.91
N GLY A 288 6.99 -35.57 -9.93
CA GLY A 288 7.69 -34.40 -9.39
C GLY A 288 8.26 -33.52 -10.49
N VAL A 289 8.99 -34.14 -11.42
CA VAL A 289 9.62 -33.35 -12.48
C VAL A 289 8.55 -32.69 -13.34
N LYS A 290 7.44 -33.38 -13.58
CA LYS A 290 6.40 -32.83 -14.45
C LYS A 290 5.61 -31.73 -13.76
N ARG A 291 5.39 -31.84 -12.45
CA ARG A 291 4.74 -30.78 -11.69
C ARG A 291 5.71 -29.86 -10.95
N PHE A 292 6.95 -29.74 -11.46
CA PHE A 292 7.95 -28.95 -10.77
C PHE A 292 7.48 -27.52 -10.46
N ASP A 293 6.98 -26.80 -11.47
CA ASP A 293 6.52 -25.43 -11.28
C ASP A 293 5.57 -25.27 -10.09
N GLU A 294 4.52 -26.09 -10.02
CA GLU A 294 3.58 -25.93 -8.93
C GLU A 294 4.21 -26.29 -7.59
N ILE A 295 5.28 -27.06 -7.61
CA ILE A 295 5.93 -27.42 -6.35
C ILE A 295 6.91 -26.34 -5.94
N LEU A 296 7.62 -25.76 -6.90
CA LEU A 296 8.58 -24.72 -6.59
C LEU A 296 7.87 -23.57 -5.94
N GLU A 297 6.69 -23.25 -6.44
CA GLU A 297 6.00 -22.04 -6.08
C GLU A 297 5.65 -22.02 -4.59
N VAL A 298 5.43 -23.19 -3.98
CA VAL A 298 5.07 -23.27 -2.56
C VAL A 298 6.20 -23.78 -1.70
N SER A 299 7.34 -24.18 -2.27
CA SER A 299 8.48 -24.66 -1.51
C SER A 299 9.43 -23.52 -1.27
N ASP A 300 10.31 -23.68 -0.31
CA ASP A 300 11.38 -22.70 -0.18
C ASP A 300 12.55 -22.99 -1.09
N GLY A 301 12.63 -24.22 -1.60
CA GLY A 301 13.68 -24.59 -2.51
C GLY A 301 13.53 -26.05 -2.89
N ILE A 302 14.55 -26.52 -3.60
CA ILE A 302 14.48 -27.79 -4.29
C ILE A 302 15.76 -28.56 -4.09
N MET A 303 15.62 -29.86 -3.86
CA MET A 303 16.74 -30.78 -3.99
C MET A 303 16.52 -31.65 -5.23
N VAL A 304 17.54 -31.70 -6.06
CA VAL A 304 17.60 -32.63 -7.18
C VAL A 304 18.10 -33.95 -6.61
N ALA A 305 17.18 -34.84 -6.26
CA ALA A 305 17.52 -36.07 -5.57
C ALA A 305 17.83 -37.13 -6.61
N ARG A 306 19.10 -37.10 -7.08
CA ARG A 306 19.52 -37.94 -8.20
C ARG A 306 19.50 -39.42 -7.88
N GLY A 307 19.67 -39.79 -6.61
CA GLY A 307 19.57 -41.15 -6.18
C GLY A 307 18.29 -41.79 -6.65
N ASP A 308 17.15 -41.37 -6.10
CA ASP A 308 15.93 -42.08 -6.47
C ASP A 308 15.42 -41.72 -7.85
N LEU A 309 15.86 -40.60 -8.39
CA LEU A 309 15.44 -40.19 -9.75
C LEU A 309 15.96 -41.14 -10.82
N GLY A 310 17.18 -41.67 -10.63
CA GLY A 310 17.74 -42.54 -11.65
C GLY A 310 17.20 -43.95 -11.63
N ILE A 311 16.52 -44.30 -10.55
CA ILE A 311 15.67 -45.46 -10.45
C ILE A 311 14.30 -45.18 -11.05
N GLU A 312 13.80 -43.97 -10.84
CA GLU A 312 12.44 -43.62 -11.25
C GLU A 312 12.37 -43.14 -12.68
N ILE A 313 13.47 -42.67 -13.24
CA ILE A 313 13.53 -42.33 -14.65
C ILE A 313 14.83 -42.90 -15.18
N PRO A 314 14.90 -43.12 -16.49
CA PRO A 314 16.12 -43.70 -17.08
C PRO A 314 17.34 -42.98 -16.57
N ALA A 315 18.35 -43.74 -16.12
CA ALA A 315 19.56 -43.11 -15.62
C ALA A 315 20.11 -42.06 -16.58
N GLU A 316 19.94 -42.25 -17.90
CA GLU A 316 20.53 -41.37 -18.88
C GLU A 316 19.82 -40.02 -19.00
N LYS A 317 18.71 -39.85 -18.32
CA LYS A 317 17.94 -38.61 -18.35
C LYS A 317 18.09 -37.74 -17.10
N VAL A 318 18.76 -38.19 -16.05
CA VAL A 318 18.82 -37.40 -14.82
C VAL A 318 19.46 -36.03 -15.11
N PHE A 319 20.51 -36.00 -15.94
CA PHE A 319 21.20 -34.75 -16.15
C PHE A 319 20.24 -33.70 -16.73
N LEU A 320 19.23 -34.18 -17.48
CA LEU A 320 18.23 -33.27 -18.03
C LEU A 320 17.36 -32.70 -16.95
N ALA A 321 16.92 -33.56 -16.01
CA ALA A 321 16.13 -33.06 -14.90
C ALA A 321 16.95 -32.16 -13.99
N GLN A 322 18.25 -32.47 -13.78
CA GLN A 322 19.10 -31.63 -12.95
C GLN A 322 19.26 -30.21 -13.53
N LYS A 323 19.53 -30.09 -14.84
CA LYS A 323 19.81 -28.81 -15.45
C LYS A 323 18.55 -27.97 -15.60
N MET A 324 17.42 -28.61 -15.89
CA MET A 324 16.16 -27.88 -15.92
C MET A 324 15.77 -27.40 -14.52
N MET A 325 15.87 -28.26 -13.50
CA MET A 325 15.48 -27.82 -12.16
C MET A 325 16.40 -26.73 -11.65
N ILE A 326 17.71 -26.82 -11.91
CA ILE A 326 18.57 -25.75 -11.43
C ILE A 326 18.29 -24.44 -12.17
N GLY A 327 18.09 -24.51 -13.49
CA GLY A 327 17.76 -23.33 -14.26
C GLY A 327 16.50 -22.63 -13.77
N ARG A 328 15.45 -23.40 -13.49
CA ARG A 328 14.21 -22.80 -13.03
C ARG A 328 14.31 -22.25 -11.60
N CYS A 329 14.97 -22.98 -10.69
CA CYS A 329 15.23 -22.43 -9.37
C CYS A 329 16.03 -21.12 -9.44
N ASN A 330 17.11 -21.10 -10.25
CA ASN A 330 17.88 -19.89 -10.47
C ASN A 330 17.00 -18.74 -11.00
N LEU A 331 16.07 -19.05 -11.87
CA LEU A 331 15.28 -17.97 -12.44
C LEU A 331 14.30 -17.41 -11.43
N ALA A 332 13.73 -18.27 -10.58
CA ALA A 332 12.88 -17.90 -9.45
C ALA A 332 13.64 -17.35 -8.26
N GLY A 333 14.96 -17.37 -8.25
CA GLY A 333 15.64 -17.00 -7.02
C GLY A 333 15.37 -17.91 -5.84
N LYS A 334 15.15 -19.21 -6.07
CA LYS A 334 15.04 -20.06 -4.90
C LYS A 334 16.16 -21.12 -4.86
N PRO A 335 16.62 -21.49 -3.68
CA PRO A 335 17.79 -22.38 -3.62
C PRO A 335 17.52 -23.78 -4.13
N VAL A 336 18.58 -24.34 -4.71
CA VAL A 336 18.52 -25.65 -5.33
C VAL A 336 19.74 -26.42 -4.88
N VAL A 337 19.51 -27.63 -4.37
CA VAL A 337 20.55 -28.55 -3.90
C VAL A 337 20.82 -29.65 -4.93
N CYS A 338 22.09 -29.94 -5.16
CA CYS A 338 22.44 -31.09 -5.96
C CYS A 338 22.92 -32.24 -5.06
N ALA A 339 22.31 -33.41 -5.21
CA ALA A 339 22.50 -34.48 -4.24
C ALA A 339 22.87 -35.78 -4.93
N THR A 340 23.67 -36.57 -4.19
CA THR A 340 23.86 -38.03 -4.28
C THR A 340 24.96 -38.49 -5.25
N GLN A 341 25.94 -39.21 -4.70
CA GLN A 341 27.07 -39.85 -5.37
C GLN A 341 28.04 -38.87 -6.01
N MET A 342 28.03 -37.61 -5.59
CA MET A 342 28.95 -36.64 -6.19
C MET A 342 30.40 -37.12 -6.04
N LEU A 343 30.77 -37.64 -4.89
CA LEU A 343 32.15 -38.13 -4.72
C LEU A 343 32.14 -39.61 -4.25
N GLU A 344 31.25 -40.41 -4.84
CA GLU A 344 30.88 -41.68 -4.22
C GLU A 344 32.11 -42.53 -3.91
N SER A 345 33.12 -42.53 -4.79
CA SER A 345 34.25 -43.45 -4.61
C SER A 345 35.08 -43.15 -3.37
N MET A 346 34.90 -41.96 -2.78
CA MET A 346 35.69 -41.60 -1.60
C MET A 346 35.13 -42.23 -0.33
N ILE A 347 34.06 -43.00 -0.45
CA ILE A 347 33.67 -43.86 0.66
C ILE A 347 34.82 -44.79 1.05
N THR A 348 35.60 -45.27 0.04
CA THR A 348 36.77 -46.10 0.33
C THR A 348 38.10 -45.59 -0.21
N LYS A 349 38.09 -44.63 -1.08
CA LYS A 349 39.39 -44.15 -1.56
C LYS A 349 39.67 -42.73 -1.11
N PRO A 350 40.95 -42.41 -0.85
CA PRO A 350 41.32 -41.07 -0.39
C PRO A 350 41.21 -39.96 -1.47
N ARG A 351 40.90 -40.29 -2.73
CA ARG A 351 40.83 -39.31 -3.81
C ARG A 351 39.71 -39.75 -4.75
N PRO A 352 38.97 -38.79 -5.30
CA PRO A 352 37.85 -39.12 -6.17
C PRO A 352 38.35 -39.51 -7.54
N THR A 353 37.42 -40.06 -8.33
CA THR A 353 37.57 -40.30 -9.74
C THR A 353 37.36 -39.03 -10.54
N ARG A 354 37.78 -39.09 -11.81
CA ARG A 354 37.76 -37.91 -12.68
C ARG A 354 36.33 -37.50 -13.02
N ALA A 355 35.39 -38.45 -13.14
CA ALA A 355 33.99 -38.13 -13.28
C ALA A 355 33.42 -37.42 -12.05
N GLU A 356 33.96 -37.70 -10.87
CA GLU A 356 33.42 -37.12 -9.64
C GLU A 356 33.79 -35.65 -9.52
N THR A 357 35.05 -35.29 -9.67
CA THR A 357 35.38 -33.87 -9.65
C THR A 357 34.65 -33.12 -10.76
N SER A 358 34.55 -33.73 -11.95
CA SER A 358 33.79 -33.16 -13.05
C SER A 358 32.35 -32.88 -12.66
N ASP A 359 31.70 -33.84 -11.99
CA ASP A 359 30.31 -33.69 -11.55
C ASP A 359 30.13 -32.52 -10.58
N VAL A 360 31.03 -32.37 -9.62
CA VAL A 360 30.93 -31.31 -8.66
C VAL A 360 31.13 -29.96 -9.33
N ALA A 361 32.09 -29.86 -10.25
CA ALA A 361 32.34 -28.59 -10.94
C ALA A 361 31.15 -28.23 -11.80
N ASN A 362 30.60 -29.21 -12.51
CA ASN A 362 29.46 -28.93 -13.37
C ASN A 362 28.20 -28.65 -12.58
N ALA A 363 28.08 -29.19 -11.35
CA ALA A 363 26.89 -28.79 -10.57
C ALA A 363 26.94 -27.31 -10.29
N VAL A 364 28.12 -26.82 -9.89
CA VAL A 364 28.33 -25.39 -9.69
C VAL A 364 28.12 -24.60 -10.99
N LEU A 365 28.70 -25.09 -12.09
CA LEU A 365 28.52 -24.35 -13.33
C LEU A 365 27.05 -24.33 -13.75
N ASP A 366 26.29 -25.38 -13.44
CA ASP A 366 24.86 -25.40 -13.79
C ASP A 366 24.08 -24.27 -13.10
N GLY A 367 24.50 -23.85 -11.91
CA GLY A 367 23.67 -23.00 -11.07
C GLY A 367 23.35 -23.43 -9.65
N ALA A 368 23.78 -24.60 -9.20
CA ALA A 368 23.37 -25.09 -7.89
C ALA A 368 23.82 -24.16 -6.78
N ASP A 369 22.93 -23.92 -5.80
CA ASP A 369 23.34 -23.21 -4.59
C ASP A 369 24.11 -24.10 -3.62
N CYS A 370 23.79 -25.39 -3.56
CA CYS A 370 24.41 -26.27 -2.56
C CYS A 370 24.83 -27.59 -3.21
N ILE A 371 25.91 -28.17 -2.69
CA ILE A 371 26.32 -29.52 -3.08
C ILE A 371 26.37 -30.39 -1.83
N MET A 372 26.16 -31.69 -2.04
CA MET A 372 25.81 -32.60 -0.95
C MET A 372 26.68 -33.83 -0.99
N LEU A 373 26.93 -34.34 0.22
CA LEU A 373 27.66 -35.56 0.54
C LEU A 373 26.75 -36.43 1.40
N SER A 374 26.61 -37.70 0.96
CA SER A 374 25.82 -38.68 1.69
C SER A 374 26.73 -39.70 2.33
N GLY A 375 26.89 -40.89 1.76
CA GLY A 375 27.78 -41.87 2.37
C GLY A 375 29.23 -41.46 2.46
N GLU A 376 29.66 -40.48 1.65
CA GLU A 376 31.05 -40.04 1.72
C GLU A 376 31.37 -39.43 3.07
N THR A 377 30.36 -38.94 3.80
CA THR A 377 30.62 -38.33 5.10
C THR A 377 29.93 -39.06 6.22
N ALA A 378 28.83 -39.79 5.91
CA ALA A 378 28.12 -40.60 6.90
C ALA A 378 28.90 -41.86 7.32
N LYS A 379 29.46 -42.60 6.36
CA LYS A 379 29.87 -44.00 6.52
C LYS A 379 31.29 -44.29 6.04
N GLY A 380 31.84 -43.50 5.13
CA GLY A 380 33.09 -43.85 4.51
C GLY A 380 34.25 -43.57 5.44
N ASN A 381 35.45 -43.70 4.88
CA ASN A 381 36.69 -43.58 5.62
C ASN A 381 37.39 -42.27 5.42
N PHE A 382 36.90 -41.40 4.55
CA PHE A 382 37.54 -40.11 4.33
C PHE A 382 36.53 -38.96 4.35
N PRO A 383 35.74 -38.85 5.43
CA PRO A 383 34.77 -37.75 5.51
C PRO A 383 35.39 -36.38 5.39
N VAL A 384 36.40 -36.09 6.18
CA VAL A 384 36.96 -34.75 6.14
C VAL A 384 37.50 -34.45 4.75
N GLU A 385 38.15 -35.44 4.14
CA GLU A 385 38.77 -35.24 2.83
C GLU A 385 37.72 -35.05 1.76
N ALA A 386 36.54 -35.66 1.93
CA ALA A 386 35.46 -35.47 0.98
C ALA A 386 34.90 -34.05 1.06
N VAL A 387 34.80 -33.50 2.27
CA VAL A 387 34.44 -32.09 2.41
C VAL A 387 35.51 -31.23 1.76
N LYS A 388 36.79 -31.53 2.02
CA LYS A 388 37.87 -30.72 1.48
C LYS A 388 37.84 -30.75 -0.03
N MET A 389 37.58 -31.92 -0.62
CA MET A 389 37.57 -31.95 -2.07
C MET A 389 36.43 -31.12 -2.64
N GLN A 390 35.25 -31.14 -2.02
CA GLN A 390 34.13 -30.35 -2.54
C GLN A 390 34.42 -28.87 -2.48
N HIS A 391 34.89 -28.40 -1.34
CA HIS A 391 35.35 -27.02 -1.19
C HIS A 391 36.34 -26.61 -2.29
N ALA A 392 37.36 -27.46 -2.53
CA ALA A 392 38.39 -27.11 -3.51
C ALA A 392 37.81 -27.03 -4.93
N ILE A 393 36.94 -27.95 -5.32
CA ILE A 393 36.39 -27.95 -6.68
C ILE A 393 35.46 -26.78 -6.88
N ALA A 394 34.59 -26.57 -5.90
CA ALA A 394 33.64 -25.46 -5.92
C ALA A 394 34.34 -24.14 -6.07
N ARG A 395 35.42 -23.95 -5.29
CA ARG A 395 36.14 -22.69 -5.37
C ARG A 395 36.61 -22.40 -6.79
N GLU A 396 37.24 -23.41 -7.43
CA GLU A 396 37.71 -23.29 -8.83
C GLU A 396 36.58 -23.00 -9.81
N ALA A 397 35.42 -23.62 -9.61
CA ALA A 397 34.33 -23.58 -10.55
C ALA A 397 33.54 -22.30 -10.42
N GLU A 398 33.43 -21.81 -9.21
CA GLU A 398 32.83 -20.51 -9.01
C GLU A 398 33.53 -19.44 -9.86
N ALA A 399 34.86 -19.48 -9.94
CA ALA A 399 35.60 -18.46 -10.67
C ALA A 399 35.42 -18.63 -12.18
N ALA A 400 35.06 -19.83 -12.62
CA ALA A 400 34.88 -20.16 -14.03
C ALA A 400 33.46 -19.91 -14.52
N VAL A 401 32.56 -19.43 -13.67
CA VAL A 401 31.24 -19.01 -14.11
C VAL A 401 31.36 -17.85 -15.10
N TYR A 402 30.56 -17.86 -16.18
CA TYR A 402 30.53 -16.78 -17.18
C TYR A 402 29.46 -15.76 -16.79
N HIS A 403 29.80 -14.93 -15.76
CA HIS A 403 28.84 -13.98 -15.20
C HIS A 403 28.30 -12.98 -16.24
N ARG A 404 29.13 -12.58 -17.20
CA ARG A 404 28.66 -11.65 -18.22
C ARG A 404 27.38 -12.18 -18.85
N GLN A 405 27.37 -13.46 -19.20
CA GLN A 405 26.17 -14.06 -19.77
C GLN A 405 25.13 -14.36 -18.70
N LEU A 406 25.54 -14.92 -17.55
CA LEU A 406 24.58 -15.25 -16.50
C LEU A 406 23.81 -14.00 -16.03
N PHE A 407 24.52 -12.88 -15.77
CA PHE A 407 23.84 -11.69 -15.29
C PHE A 407 22.97 -11.07 -16.38
N GLU A 408 23.43 -11.05 -17.61
CA GLU A 408 22.56 -10.61 -18.70
C GLU A 408 21.28 -11.44 -18.78
N GLU A 409 21.35 -12.76 -18.57
CA GLU A 409 20.15 -13.56 -18.81
C GLU A 409 19.20 -13.55 -17.61
N LEU A 410 19.75 -13.53 -16.38
CA LEU A 410 18.90 -13.41 -15.19
C LEU A 410 18.16 -12.06 -15.19
N ARG A 411 18.79 -11.01 -15.69
CA ARG A 411 18.07 -9.75 -15.70
C ARG A 411 17.08 -9.68 -16.85
N ARG A 412 17.47 -10.05 -18.09
CA ARG A 412 16.47 -10.04 -19.17
C ARG A 412 15.28 -10.99 -18.92
N ALA A 413 15.44 -12.02 -18.06
CA ALA A 413 14.36 -12.98 -17.83
C ALA A 413 13.56 -12.70 -16.56
N ALA A 414 14.13 -11.99 -15.61
CA ALA A 414 13.37 -11.75 -14.39
C ALA A 414 12.33 -10.67 -14.68
N PRO A 415 11.15 -10.78 -14.09
CA PRO A 415 10.16 -9.72 -14.27
C PRO A 415 10.67 -8.41 -13.67
N LEU A 416 10.11 -7.29 -14.12
CA LEU A 416 10.27 -6.03 -13.42
C LEU A 416 9.84 -6.24 -11.98
N SER A 417 10.29 -5.38 -11.06
CA SER A 417 9.94 -5.49 -9.65
C SER A 417 9.74 -4.09 -9.10
N ARG A 418 8.76 -3.95 -8.23
CA ARG A 418 8.53 -2.78 -7.41
C ARG A 418 8.91 -3.01 -5.95
N ASP A 419 9.67 -4.04 -5.68
CA ASP A 419 10.04 -4.34 -4.32
C ASP A 419 11.35 -3.59 -4.06
N PRO A 420 11.34 -2.59 -3.17
CA PRO A 420 12.56 -1.80 -2.95
C PRO A 420 13.78 -2.65 -2.62
N THR A 421 13.61 -3.75 -1.89
CA THR A 421 14.74 -4.64 -1.58
C THR A 421 15.28 -5.36 -2.82
N GLU A 422 14.40 -5.72 -3.76
CA GLU A 422 14.89 -6.35 -4.98
C GLU A 422 15.60 -5.33 -5.86
N VAL A 423 14.97 -4.16 -6.04
CA VAL A 423 15.57 -3.12 -6.89
C VAL A 423 16.96 -2.75 -6.37
N THR A 424 17.08 -2.63 -5.04
CA THR A 424 18.34 -2.22 -4.44
C THR A 424 19.39 -3.28 -4.66
N ALA A 425 19.00 -4.57 -4.42
CA ALA A 425 19.88 -5.73 -4.66
C ALA A 425 20.43 -5.74 -6.07
N ILE A 426 19.55 -5.61 -7.08
CA ILE A 426 20.10 -5.67 -8.45
C ILE A 426 20.98 -4.46 -8.72
N GLY A 427 20.63 -3.28 -8.21
CA GLY A 427 21.54 -2.16 -8.40
C GLY A 427 22.90 -2.40 -7.75
N ALA A 428 22.89 -2.97 -6.53
CA ALA A 428 24.12 -3.25 -5.80
C ALA A 428 24.94 -4.31 -6.52
N VAL A 429 24.30 -5.33 -7.07
CA VAL A 429 25.09 -6.34 -7.79
C VAL A 429 25.71 -5.72 -9.04
N GLU A 430 24.97 -4.87 -9.73
CA GLU A 430 25.54 -4.14 -10.86
C GLU A 430 26.69 -3.23 -10.41
N ALA A 431 26.49 -2.47 -9.34
CA ALA A 431 27.62 -1.70 -8.77
C ALA A 431 28.82 -2.60 -8.44
N ALA A 432 28.58 -3.78 -7.87
CA ALA A 432 29.71 -4.65 -7.51
C ALA A 432 30.50 -5.12 -8.73
N PHE A 433 29.83 -5.51 -9.80
CA PHE A 433 30.57 -5.88 -11.01
C PHE A 433 31.35 -4.69 -11.57
N LYS A 434 30.71 -3.51 -11.65
CA LYS A 434 31.38 -2.35 -12.26
C LYS A 434 32.77 -2.12 -11.66
N CYS A 435 32.91 -2.34 -10.35
CA CYS A 435 34.14 -2.09 -9.62
C CYS A 435 34.82 -3.35 -9.09
N CYS A 436 34.52 -4.53 -9.66
CA CYS A 436 34.97 -5.82 -9.11
C CYS A 436 35.10 -5.71 -7.60
N ALA A 437 34.01 -5.33 -6.96
CA ALA A 437 34.01 -5.15 -5.52
C ALA A 437 34.40 -6.47 -4.84
N ALA A 438 34.97 -6.33 -3.66
CA ALA A 438 35.46 -7.47 -2.90
C ALA A 438 34.33 -8.12 -2.12
N ALA A 439 33.34 -7.34 -1.70
CA ALA A 439 32.20 -7.86 -0.97
C ALA A 439 30.98 -6.95 -1.15
N ILE A 440 29.82 -7.57 -1.00
CA ILE A 440 28.57 -6.87 -0.75
C ILE A 440 28.19 -7.19 0.67
N ILE A 441 28.14 -6.16 1.51
CA ILE A 441 27.77 -6.30 2.91
C ILE A 441 26.32 -5.90 3.07
N VAL A 442 25.50 -6.82 3.58
CA VAL A 442 24.07 -6.62 3.72
C VAL A 442 23.67 -6.92 5.15
N LEU A 443 22.75 -6.12 5.71
CA LEU A 443 22.14 -6.38 7.02
C LEU A 443 20.81 -7.05 6.72
N THR A 444 20.53 -8.15 7.40
CA THR A 444 19.31 -8.90 7.14
C THR A 444 18.89 -9.54 8.45
N THR A 445 17.59 -9.55 8.67
CA THR A 445 17.03 -10.18 9.85
C THR A 445 16.45 -11.55 9.56
N THR A 446 15.65 -11.67 8.49
CA THR A 446 15.14 -12.96 8.01
C THR A 446 16.04 -13.66 6.99
N GLY A 447 17.09 -12.99 6.48
CA GLY A 447 17.89 -13.53 5.38
C GLY A 447 17.41 -13.13 3.98
N ARG A 448 16.26 -12.49 3.85
CA ARG A 448 15.69 -12.25 2.54
C ARG A 448 16.54 -11.31 1.67
N SER A 449 17.05 -10.24 2.26
CA SER A 449 17.88 -9.32 1.48
C SER A 449 19.07 -10.05 0.89
N ALA A 450 19.67 -10.95 1.66
CA ALA A 450 20.82 -11.72 1.17
C ALA A 450 20.44 -12.61 0.00
N GLN A 451 19.26 -13.24 0.06
CA GLN A 451 18.81 -14.14 -1.02
C GLN A 451 18.58 -13.36 -2.29
N LEU A 452 18.02 -12.14 -2.19
CA LEU A 452 17.76 -11.36 -3.39
C LEU A 452 19.04 -10.87 -4.03
N LEU A 453 20.13 -10.81 -3.25
CA LEU A 453 21.44 -10.55 -3.85
C LEU A 453 22.01 -11.78 -4.51
N SER A 454 21.78 -12.93 -3.87
CA SER A 454 22.30 -14.20 -4.35
C SER A 454 21.71 -14.57 -5.71
N ARG A 455 20.43 -14.29 -5.93
CA ARG A 455 19.80 -14.71 -7.17
C ARG A 455 20.35 -13.99 -8.39
N TYR A 456 20.99 -12.81 -8.26
CA TYR A 456 21.73 -12.22 -9.40
C TYR A 456 23.21 -12.62 -9.46
N ARG A 457 23.60 -13.66 -8.71
CA ARG A 457 24.88 -14.34 -8.86
C ARG A 457 26.09 -13.40 -8.96
N PRO A 458 26.24 -12.48 -8.03
CA PRO A 458 27.47 -11.70 -7.97
C PRO A 458 28.68 -12.57 -7.80
N ARG A 459 29.78 -12.11 -8.40
CA ARG A 459 31.10 -12.63 -8.04
C ARG A 459 31.54 -12.17 -6.66
N ALA A 460 31.28 -10.92 -6.29
CA ALA A 460 31.58 -10.48 -4.94
C ALA A 460 30.85 -11.31 -3.89
N ALA A 461 31.54 -11.62 -2.79
CA ALA A 461 30.92 -12.31 -1.67
C ALA A 461 29.83 -11.47 -1.03
N VAL A 462 28.74 -12.14 -0.66
CA VAL A 462 27.64 -11.53 0.07
C VAL A 462 27.84 -11.83 1.54
N ILE A 463 28.34 -10.83 2.27
CA ILE A 463 28.58 -10.92 3.70
C ILE A 463 27.31 -10.44 4.39
N ALA A 464 26.60 -11.34 5.03
CA ALA A 464 25.30 -11.06 5.57
C ALA A 464 25.34 -11.01 7.08
N VAL A 465 25.08 -9.83 7.64
CA VAL A 465 25.18 -9.56 9.07
C VAL A 465 23.79 -9.64 9.68
N THR A 466 23.58 -10.56 10.62
CA THR A 466 22.28 -10.75 11.24
C THR A 466 22.44 -11.05 12.73
N ARG A 467 21.38 -10.76 13.49
CA ARG A 467 21.23 -11.12 14.88
C ARG A 467 20.40 -12.39 15.09
N SER A 468 19.73 -12.88 14.07
CA SER A 468 18.97 -14.12 14.15
C SER A 468 19.89 -15.30 13.85
N ALA A 469 20.06 -16.20 14.86
CA ALA A 469 20.97 -17.33 14.72
C ALA A 469 20.45 -18.33 13.70
N GLN A 470 19.11 -18.44 13.61
CA GLN A 470 18.51 -19.38 12.69
C GLN A 470 18.66 -18.88 11.26
N ALA A 471 18.31 -17.61 11.04
CA ALA A 471 18.49 -17.03 9.72
C ALA A 471 19.91 -17.25 9.24
N ALA A 472 20.88 -16.94 10.10
CA ALA A 472 22.28 -17.07 9.72
C ALA A 472 22.62 -18.53 9.38
N ARG A 473 22.00 -19.50 10.06
CA ARG A 473 22.16 -20.89 9.63
C ARG A 473 21.50 -21.08 8.27
N GLN A 474 20.32 -20.47 8.06
CA GLN A 474 19.52 -20.83 6.90
C GLN A 474 20.04 -20.23 5.60
N VAL A 475 20.76 -19.11 5.64
CA VAL A 475 21.16 -18.41 4.41
C VAL A 475 22.30 -19.15 3.76
N HIS A 476 22.81 -20.17 4.42
CA HIS A 476 23.72 -21.07 3.74
C HIS A 476 23.08 -21.78 2.55
N LEU A 477 21.76 -21.81 2.45
CA LEU A 477 21.14 -22.36 1.25
C LEU A 477 21.41 -21.51 0.02
N CYS A 478 21.76 -20.23 0.22
CA CYS A 478 21.87 -19.26 -0.89
C CYS A 478 23.32 -19.13 -1.28
N ARG A 479 23.64 -19.41 -2.53
CA ARG A 479 25.03 -19.28 -2.93
C ARG A 479 25.58 -17.87 -2.78
N GLY A 480 26.85 -17.80 -2.41
CA GLY A 480 27.54 -16.56 -2.26
C GLY A 480 27.31 -15.86 -0.94
N VAL A 481 26.53 -16.43 -0.03
CA VAL A 481 26.21 -15.79 1.23
C VAL A 481 27.06 -16.38 2.35
N PHE A 482 27.87 -15.51 2.94
CA PHE A 482 28.64 -15.83 4.14
C PHE A 482 27.97 -15.16 5.33
N PRO A 483 27.32 -15.91 6.20
CA PRO A 483 26.49 -15.27 7.23
C PRO A 483 27.31 -14.93 8.45
N LEU A 484 27.07 -13.75 9.04
CA LEU A 484 27.77 -13.36 10.25
C LEU A 484 26.79 -13.08 11.36
N LEU A 485 26.84 -13.88 12.44
CA LEU A 485 25.93 -13.74 13.56
C LEU A 485 26.48 -12.70 14.55
N TYR A 486 25.72 -11.63 14.71
CA TYR A 486 26.07 -10.51 15.57
C TYR A 486 25.29 -10.65 16.86
N ARG A 487 26.00 -10.70 17.98
CA ARG A 487 25.38 -10.96 19.27
C ARG A 487 25.34 -9.75 20.19
N GLU A 488 25.90 -8.63 19.79
CA GLU A 488 25.82 -7.44 20.61
C GLU A 488 24.38 -6.94 20.67
N PRO A 489 23.91 -6.47 21.82
CA PRO A 489 22.57 -5.90 21.89
C PRO A 489 22.45 -4.65 21.04
N PRO A 490 21.24 -4.34 20.57
CA PRO A 490 21.08 -3.17 19.71
C PRO A 490 21.47 -1.92 20.47
N GLU A 491 21.86 -0.90 19.75
CA GLU A 491 21.96 0.43 20.31
C GLU A 491 20.62 1.13 20.17
N ALA A 492 20.33 2.06 21.09
CA ALA A 492 19.02 2.71 21.11
C ALA A 492 18.73 3.53 19.84
N ILE A 493 19.77 4.18 19.25
CA ILE A 493 19.60 4.93 18.01
C ILE A 493 19.92 4.08 16.77
N TRP A 494 19.02 4.15 15.78
CA TRP A 494 19.01 3.21 14.65
C TRP A 494 20.19 3.41 13.73
N ALA A 495 20.52 4.65 13.42
CA ALA A 495 21.69 4.89 12.60
C ALA A 495 22.92 4.30 13.22
N ASP A 496 22.99 4.23 14.57
CA ASP A 496 24.20 3.73 15.22
C ASP A 496 24.24 2.20 15.22
N ASP A 497 23.09 1.58 15.38
CA ASP A 497 23.00 0.15 15.29
C ASP A 497 23.42 -0.35 13.90
N VAL A 498 22.82 0.21 12.85
CA VAL A 498 23.25 -0.05 11.47
C VAL A 498 24.77 0.10 11.35
N ASP A 499 25.33 1.18 11.89
CA ASP A 499 26.77 1.40 11.73
C ASP A 499 27.60 0.32 12.42
N ARG A 500 27.21 -0.09 13.63
CA ARG A 500 28.05 -1.09 14.30
C ARG A 500 27.96 -2.44 13.59
N ARG A 501 26.78 -2.78 13.08
CA ARG A 501 26.68 -4.03 12.35
C ARG A 501 27.42 -3.97 11.03
N VAL A 502 27.47 -2.82 10.36
CA VAL A 502 28.29 -2.75 9.15
C VAL A 502 29.78 -2.93 9.51
N GLN A 503 30.17 -2.39 10.69
CA GLN A 503 31.57 -2.43 11.10
C GLN A 503 31.98 -3.82 11.52
N PHE A 504 31.10 -4.51 12.24
CA PHE A 504 31.29 -5.94 12.50
C PHE A 504 31.54 -6.72 11.21
N GLY A 505 30.88 -6.36 10.10
CA GLY A 505 31.05 -7.10 8.86
C GLY A 505 32.37 -6.85 8.16
N ILE A 506 32.90 -5.63 8.28
CA ILE A 506 34.18 -5.25 7.68
C ILE A 506 35.35 -5.85 8.43
N GLU A 507 35.26 -5.84 9.75
CA GLU A 507 36.33 -6.41 10.56
C GLU A 507 36.37 -7.92 10.42
N SER A 508 35.22 -8.59 10.55
CA SER A 508 35.16 -10.02 10.26
C SER A 508 35.74 -10.29 8.88
N GLY A 509 35.44 -9.40 7.93
CA GLY A 509 35.90 -9.62 6.57
C GLY A 509 37.40 -9.43 6.43
N LYS A 510 37.93 -8.36 7.01
CA LYS A 510 39.37 -8.22 7.16
C LYS A 510 39.96 -9.45 7.87
N LEU A 511 39.40 -9.83 9.00
CA LEU A 511 40.03 -10.91 9.74
C LEU A 511 40.08 -12.21 8.95
N ARG A 512 39.04 -12.50 8.20
CA ARG A 512 38.98 -13.78 7.50
C ARG A 512 39.65 -13.74 6.15
N GLY A 513 40.15 -12.59 5.71
CA GLY A 513 40.73 -12.47 4.39
C GLY A 513 39.82 -11.96 3.27
N PHE A 514 38.53 -11.71 3.52
CA PHE A 514 37.69 -11.19 2.44
C PHE A 514 38.16 -9.81 1.95
N LEU A 515 38.76 -9.02 2.81
CA LEU A 515 38.84 -7.59 2.63
C LEU A 515 40.20 -7.12 3.04
N ARG A 516 40.82 -6.31 2.19
CA ARG A 516 42.04 -5.57 2.47
C ARG A 516 41.71 -4.09 2.42
N VAL A 517 42.55 -3.30 3.09
CA VAL A 517 42.54 -1.85 2.94
C VAL A 517 42.62 -1.47 1.46
N GLY A 518 41.86 -0.45 1.11
CA GLY A 518 41.77 -0.02 -0.25
C GLY A 518 40.70 -0.71 -1.06
N ASP A 519 40.20 -1.87 -0.61
CA ASP A 519 39.16 -2.56 -1.34
C ASP A 519 37.90 -1.68 -1.42
N LEU A 520 37.10 -1.92 -2.44
CA LEU A 520 35.76 -1.35 -2.49
C LEU A 520 34.75 -2.41 -2.10
N VAL A 521 33.79 -2.02 -1.28
CA VAL A 521 32.66 -2.87 -0.99
C VAL A 521 31.38 -2.11 -1.29
N ILE A 522 30.29 -2.87 -1.45
CA ILE A 522 28.97 -2.31 -1.60
C ILE A 522 28.19 -2.66 -0.35
N VAL A 523 27.52 -1.66 0.25
CA VAL A 523 26.84 -1.84 1.53
C VAL A 523 25.37 -1.64 1.32
N VAL A 524 24.58 -2.55 1.85
CA VAL A 524 23.16 -2.57 1.57
C VAL A 524 22.43 -2.59 2.91
N THR A 525 21.63 -1.55 3.15
CA THR A 525 20.88 -1.42 4.38
C THR A 525 19.53 -0.78 4.10
N GLY A 526 18.75 -0.66 5.17
CA GLY A 526 17.48 0.05 5.14
C GLY A 526 17.47 1.39 5.85
N TRP A 527 16.60 2.28 5.38
CA TRP A 527 16.32 3.54 6.09
C TRP A 527 15.56 3.34 7.39
N ARG A 528 15.06 2.16 7.68
CA ARG A 528 14.36 1.97 8.95
C ARG A 528 14.20 0.49 9.21
N PRO A 529 13.79 0.13 10.43
CA PRO A 529 13.53 -1.26 10.80
C PRO A 529 12.50 -1.98 9.94
N GLY A 530 12.89 -3.15 9.45
CA GLY A 530 12.01 -4.00 8.68
C GLY A 530 12.76 -4.61 7.53
N GLU A 531 12.04 -5.33 6.67
CA GLU A 531 12.59 -5.87 5.40
C GLU A 531 11.48 -5.66 4.35
N GLY A 532 11.90 -5.22 3.16
CA GLY A 532 11.09 -4.33 2.30
C GLY A 532 11.50 -2.86 2.47
N TYR A 533 12.22 -2.57 3.54
CA TYR A 533 12.83 -1.27 3.75
C TYR A 533 14.32 -1.31 3.56
N THR A 534 14.89 -2.41 3.02
CA THR A 534 16.31 -2.44 2.65
C THR A 534 16.43 -1.70 1.33
N ASN A 535 16.66 -0.40 1.40
CA ASN A 535 16.59 0.37 0.17
C ASN A 535 17.77 1.31 0.00
N ILE A 536 18.89 1.03 0.64
CA ILE A 536 20.06 1.89 0.53
C ILE A 536 21.23 1.05 0.09
N MET A 537 21.96 1.59 -0.88
CA MET A 537 23.19 1.10 -1.45
C MET A 537 24.27 2.18 -1.33
N ARG A 538 25.38 1.83 -0.69
CA ARG A 538 26.53 2.71 -0.57
C ARG A 538 27.79 2.09 -1.13
N VAL A 539 28.59 2.91 -1.81
CA VAL A 539 29.92 2.50 -2.24
C VAL A 539 30.95 3.01 -1.26
N LEU A 540 31.70 2.07 -0.69
CA LEU A 540 32.60 2.32 0.43
C LEU A 540 34.01 1.89 0.09
N SER A 541 34.98 2.67 0.57
CA SER A 541 36.37 2.29 0.52
C SER A 541 36.78 1.72 1.88
N ILE A 542 37.27 0.49 1.89
CA ILE A 542 37.62 -0.12 3.16
C ILE A 542 38.84 0.62 3.73
N SER A 543 38.68 1.14 4.94
CA SER A 543 39.69 2.00 5.50
C SER A 543 40.74 1.15 6.18
N ALA B 23 3.77 -32.81 -32.80
CA ALA B 23 4.43 -34.04 -32.37
C ALA B 23 5.92 -34.02 -32.77
N PHE B 24 6.23 -33.37 -33.87
CA PHE B 24 7.63 -33.19 -34.24
C PHE B 24 8.35 -32.28 -33.24
N PHE B 25 7.63 -31.28 -32.75
CA PHE B 25 8.16 -30.33 -31.81
C PHE B 25 8.31 -30.88 -30.40
N GLN B 26 7.60 -31.92 -30.04
CA GLN B 26 7.85 -32.51 -28.73
C GLN B 26 9.30 -33.01 -28.62
N GLN B 27 9.86 -33.52 -29.73
CA GLN B 27 11.04 -34.35 -29.73
C GLN B 27 12.34 -33.55 -29.79
N GLN B 28 13.45 -34.30 -29.65
CA GLN B 28 14.80 -33.76 -29.67
C GLN B 28 14.86 -32.35 -29.06
N GLN B 29 14.15 -32.17 -27.94
CA GLN B 29 14.34 -30.97 -27.16
C GLN B 29 14.15 -29.74 -28.01
N LEU B 30 13.29 -29.80 -29.02
CA LEU B 30 13.15 -28.65 -29.90
C LEU B 30 12.56 -27.47 -29.15
N PRO B 31 11.64 -27.66 -28.21
CA PRO B 31 11.21 -26.48 -27.43
C PRO B 31 12.37 -25.81 -26.70
N ALA B 32 13.39 -26.55 -26.27
CA ALA B 32 14.53 -25.90 -25.65
C ALA B 32 15.46 -25.29 -26.68
N ALA B 33 15.44 -25.79 -27.92
CA ALA B 33 16.30 -25.24 -28.96
C ALA B 33 15.84 -23.85 -29.37
N MET B 34 14.55 -23.56 -29.24
CA MET B 34 14.03 -22.29 -29.70
C MET B 34 14.15 -21.18 -28.65
N ALA B 35 14.59 -21.49 -27.43
CA ALA B 35 14.70 -20.51 -26.36
C ALA B 35 15.63 -19.36 -26.73
N ASP B 36 15.31 -18.17 -26.20
CA ASP B 36 16.02 -16.95 -26.57
C ASP B 36 17.31 -16.73 -25.79
N THR B 37 17.48 -17.48 -24.71
CA THR B 37 18.69 -17.47 -23.91
C THR B 37 19.03 -18.88 -23.46
N PHE B 38 20.30 -19.01 -23.02
CA PHE B 38 20.80 -20.26 -22.48
C PHE B 38 20.05 -20.67 -21.23
N LEU B 39 19.87 -19.70 -20.31
CA LEU B 39 19.18 -19.99 -19.06
C LEU B 39 17.82 -20.61 -19.36
N GLU B 40 17.05 -19.97 -20.22
CA GLU B 40 15.73 -20.50 -20.54
C GLU B 40 15.81 -21.77 -21.35
N HIS B 41 16.89 -21.97 -22.10
CA HIS B 41 17.06 -23.25 -22.78
C HIS B 41 17.14 -24.38 -21.76
N LEU B 42 17.91 -24.17 -20.67
CA LEU B 42 17.99 -25.14 -19.58
C LEU B 42 16.61 -25.37 -18.99
N CYS B 43 15.83 -24.32 -18.80
CA CYS B 43 14.55 -24.47 -18.14
C CYS B 43 13.57 -25.26 -18.97
N LEU B 44 13.74 -25.25 -20.31
CA LEU B 44 12.78 -25.95 -21.19
C LEU B 44 13.24 -27.36 -21.54
N LEU B 45 14.40 -27.79 -21.04
CA LEU B 45 14.79 -29.20 -21.15
C LEU B 45 13.68 -30.07 -20.58
N ASP B 46 13.36 -31.19 -21.24
CA ASP B 46 12.16 -31.98 -20.98
C ASP B 46 12.50 -33.47 -21.06
N ILE B 47 12.36 -34.19 -19.95
CA ILE B 47 12.75 -35.58 -19.95
C ILE B 47 11.83 -36.46 -20.77
N ASP B 48 10.69 -35.95 -21.25
CA ASP B 48 9.80 -36.73 -22.11
C ASP B 48 10.00 -36.42 -23.58
N SER B 49 11.00 -35.60 -23.90
CA SER B 49 11.33 -35.26 -25.28
C SER B 49 12.30 -36.34 -25.78
N GLU B 50 11.81 -37.24 -26.61
CA GLU B 50 12.66 -38.37 -26.95
C GLU B 50 13.69 -37.93 -28.00
N PRO B 51 14.93 -38.35 -27.84
CA PRO B 51 16.00 -38.05 -28.80
C PRO B 51 15.96 -38.94 -30.04
N VAL B 52 15.09 -38.58 -30.97
CA VAL B 52 14.87 -39.41 -32.16
C VAL B 52 16.12 -39.48 -33.03
N ALA B 53 16.76 -38.33 -33.29
CA ALA B 53 18.02 -38.30 -34.06
C ALA B 53 19.05 -39.30 -33.52
N ALA B 54 20.08 -39.57 -34.31
CA ALA B 54 21.00 -40.66 -34.07
C ALA B 54 22.25 -40.16 -33.39
N ARG B 55 22.84 -41.04 -32.58
CA ARG B 55 23.95 -40.69 -31.70
C ARG B 55 25.18 -40.39 -32.51
N SER B 56 25.71 -39.18 -32.35
CA SER B 56 26.76 -38.64 -33.19
C SER B 56 28.13 -38.57 -32.52
N THR B 57 28.23 -38.61 -31.19
CA THR B 57 29.50 -38.57 -30.48
C THR B 57 30.09 -39.98 -30.47
N SER B 58 31.32 -40.12 -30.95
CA SER B 58 31.86 -41.45 -31.15
C SER B 58 32.35 -42.00 -29.82
N ILE B 59 32.28 -43.34 -29.69
CA ILE B 59 32.65 -44.05 -28.46
C ILE B 59 33.91 -44.86 -28.73
N ILE B 60 34.88 -44.72 -27.87
CA ILE B 60 36.15 -45.43 -27.94
C ILE B 60 36.09 -46.47 -26.83
N ALA B 61 36.24 -47.76 -27.18
CA ALA B 61 36.36 -48.85 -26.19
C ALA B 61 37.78 -49.46 -26.17
N THR B 62 38.41 -49.42 -25.03
CA THR B 62 39.66 -50.12 -24.83
C THR B 62 39.41 -51.63 -24.81
N ILE B 63 40.09 -52.36 -25.71
CA ILE B 63 39.93 -53.80 -25.84
C ILE B 63 40.84 -54.49 -24.84
N GLY B 64 40.33 -55.51 -24.17
CA GLY B 64 41.14 -56.37 -23.33
C GLY B 64 40.49 -57.70 -22.97
N PRO B 65 40.98 -58.38 -21.92
CA PRO B 65 40.41 -59.69 -21.56
C PRO B 65 38.92 -59.81 -21.74
N ALA B 66 38.23 -58.71 -21.49
CA ALA B 66 36.80 -58.71 -21.30
C ALA B 66 36.07 -58.39 -22.56
N SER B 67 36.79 -57.87 -23.58
CA SER B 67 36.19 -57.48 -24.84
C SER B 67 36.95 -58.00 -26.07
N ARG B 68 37.98 -58.86 -25.89
CA ARG B 68 38.75 -59.37 -27.03
C ARG B 68 37.97 -60.36 -27.89
N SER B 69 37.16 -61.21 -27.26
CA SER B 69 36.56 -62.30 -28.00
C SER B 69 35.69 -61.74 -29.12
N VAL B 70 35.58 -62.52 -30.20
CA VAL B 70 34.90 -62.04 -31.41
C VAL B 70 33.43 -61.77 -31.14
N GLU B 71 32.77 -62.66 -30.41
CA GLU B 71 31.33 -62.57 -30.26
C GLU B 71 30.92 -61.42 -29.35
N ARG B 72 31.78 -61.11 -28.38
CA ARG B 72 31.62 -59.93 -27.56
C ARG B 72 31.72 -58.67 -28.40
N LEU B 73 32.86 -58.54 -29.11
CA LEU B 73 33.09 -57.48 -30.07
C LEU B 73 31.89 -57.27 -30.97
N LYS B 74 31.29 -58.34 -31.48
CA LYS B 74 30.09 -58.11 -32.28
C LYS B 74 29.05 -57.43 -31.41
N GLU B 75 28.98 -57.82 -30.14
CA GLU B 75 27.93 -57.29 -29.28
C GLU B 75 28.18 -55.80 -29.04
N MET B 76 29.46 -55.40 -28.91
CA MET B 76 29.90 -54.08 -28.57
C MET B 76 29.73 -53.10 -29.72
N ILE B 77 30.15 -53.54 -30.92
CA ILE B 77 29.81 -52.91 -32.19
C ILE B 77 28.33 -52.58 -32.28
N LYS B 78 27.49 -53.55 -31.94
CA LYS B 78 26.04 -53.36 -32.02
C LYS B 78 25.56 -52.43 -30.91
N ALA B 79 26.24 -52.42 -29.78
CA ALA B 79 25.91 -51.52 -28.70
C ALA B 79 26.29 -50.08 -29.03
N GLY B 80 27.38 -49.90 -29.79
CA GLY B 80 27.71 -48.66 -30.46
C GLY B 80 29.17 -48.26 -30.44
N MET B 81 30.06 -49.19 -30.10
CA MET B 81 31.49 -48.92 -30.25
C MET B 81 31.84 -48.54 -31.68
N ASN B 82 32.75 -47.56 -31.82
CA ASN B 82 33.14 -46.97 -33.09
C ASN B 82 34.65 -47.00 -33.28
N ILE B 83 35.39 -46.94 -32.19
CA ILE B 83 36.85 -46.98 -32.22
C ILE B 83 37.29 -48.00 -31.18
N ALA B 84 38.20 -48.87 -31.57
CA ALA B 84 38.84 -49.82 -30.67
C ALA B 84 40.21 -49.33 -30.30
N ARG B 85 40.53 -49.39 -29.03
CA ARG B 85 41.72 -48.76 -28.52
C ARG B 85 42.58 -49.88 -27.96
N LEU B 86 43.80 -49.97 -28.43
CA LEU B 86 44.77 -50.90 -27.91
C LEU B 86 45.74 -50.09 -27.05
N ASN B 87 45.77 -50.42 -25.75
CA ASN B 87 46.57 -49.70 -24.78
C ASN B 87 47.87 -50.49 -24.57
N PHE B 88 48.98 -49.97 -25.09
CA PHE B 88 50.29 -50.61 -24.98
C PHE B 88 51.02 -50.27 -23.69
N SER B 89 50.31 -49.85 -22.67
CA SER B 89 50.91 -49.86 -21.34
C SER B 89 51.10 -51.28 -20.86
N HIS B 90 50.32 -52.22 -21.40
CA HIS B 90 50.40 -53.62 -21.04
C HIS B 90 49.97 -54.43 -22.25
N GLY B 91 50.36 -55.72 -22.23
CA GLY B 91 50.16 -56.65 -23.32
C GLY B 91 51.34 -56.69 -24.26
N SER B 92 51.59 -57.90 -24.80
CA SER B 92 52.59 -58.22 -25.82
C SER B 92 52.07 -57.87 -27.21
N HIS B 93 53.00 -57.72 -28.17
CA HIS B 93 52.56 -57.50 -29.54
C HIS B 93 51.74 -58.66 -30.05
N GLU B 94 52.09 -59.88 -29.66
CA GLU B 94 51.27 -61.01 -30.05
C GLU B 94 49.86 -60.84 -29.51
N TYR B 95 49.76 -60.28 -28.31
CA TYR B 95 48.45 -60.05 -27.69
C TYR B 95 47.60 -59.10 -28.52
N HIS B 96 48.13 -57.91 -28.84
CA HIS B 96 47.32 -56.92 -29.55
C HIS B 96 47.06 -57.30 -30.98
N ALA B 97 47.99 -58.02 -31.61
CA ALA B 97 47.74 -58.58 -32.93
C ALA B 97 46.47 -59.40 -32.91
N GLU B 98 46.33 -60.30 -31.94
CA GLU B 98 45.10 -61.09 -31.84
C GLU B 98 43.87 -60.22 -31.52
N SER B 99 44.00 -59.18 -30.67
CA SER B 99 42.87 -58.27 -30.50
C SER B 99 42.51 -57.58 -31.81
N ILE B 100 43.52 -57.07 -32.53
CA ILE B 100 43.25 -56.44 -33.83
C ILE B 100 42.53 -57.43 -34.75
N ALA B 101 43.14 -58.60 -34.95
CA ALA B 101 42.51 -59.73 -35.62
C ALA B 101 41.05 -59.93 -35.29
N ASN B 102 40.72 -60.01 -33.99
CA ASN B 102 39.35 -60.32 -33.59
C ASN B 102 38.39 -59.14 -33.82
N VAL B 103 38.88 -57.91 -33.58
CA VAL B 103 38.13 -56.73 -33.97
C VAL B 103 37.74 -56.81 -35.45
N ARG B 104 38.74 -57.02 -36.34
CA ARG B 104 38.45 -57.03 -37.78
C ARG B 104 37.48 -58.16 -38.14
N GLU B 105 37.62 -59.34 -37.51
CA GLU B 105 36.63 -60.38 -37.78
C GLU B 105 35.22 -59.91 -37.41
N ALA B 106 35.05 -59.39 -36.18
CA ALA B 106 33.74 -58.86 -35.76
C ALA B 106 33.25 -57.80 -36.74
N VAL B 107 34.12 -56.87 -37.11
CA VAL B 107 33.63 -55.81 -37.99
C VAL B 107 33.16 -56.38 -39.32
N GLU B 108 33.93 -57.32 -39.90
CA GLU B 108 33.60 -57.77 -41.26
C GLU B 108 32.47 -58.79 -41.29
N SER B 109 32.12 -59.39 -40.15
CA SER B 109 30.92 -60.22 -40.05
C SER B 109 29.65 -59.50 -40.53
N PHE B 110 29.63 -58.16 -40.45
CA PHE B 110 28.47 -57.41 -40.92
C PHE B 110 28.67 -56.91 -42.35
N ALA B 111 29.84 -57.19 -42.96
CA ALA B 111 30.12 -56.69 -44.31
C ALA B 111 29.10 -57.17 -45.33
N GLY B 112 28.43 -58.29 -45.07
CA GLY B 112 27.47 -58.80 -46.00
C GLY B 112 26.24 -57.94 -46.21
N SER B 113 26.00 -56.96 -45.35
CA SER B 113 24.85 -56.06 -45.53
C SER B 113 25.35 -54.62 -45.65
N PRO B 114 25.69 -54.17 -46.87
CA PRO B 114 26.26 -52.82 -47.06
C PRO B 114 25.46 -51.65 -46.51
N LEU B 115 24.13 -51.71 -46.51
CA LEU B 115 23.34 -50.65 -45.93
C LEU B 115 23.45 -50.56 -44.41
N SER B 116 23.96 -51.58 -43.73
CA SER B 116 24.05 -51.58 -42.27
C SER B 116 25.49 -51.72 -41.78
N TYR B 117 26.45 -51.82 -42.69
CA TYR B 117 27.81 -52.07 -42.27
C TYR B 117 28.34 -50.90 -41.45
N ARG B 118 28.95 -51.19 -40.30
CA ARG B 118 29.43 -50.16 -39.38
C ARG B 118 30.94 -50.19 -39.31
N PRO B 119 31.62 -49.34 -40.04
CA PRO B 119 33.08 -49.26 -39.91
C PRO B 119 33.53 -49.03 -38.49
N VAL B 120 34.73 -49.47 -38.19
CA VAL B 120 35.24 -49.36 -36.84
C VAL B 120 36.72 -49.05 -36.92
N ALA B 121 37.12 -47.97 -36.28
CA ALA B 121 38.51 -47.57 -36.35
C ALA B 121 39.26 -48.33 -35.30
N ILE B 122 40.57 -48.44 -35.49
CA ILE B 122 41.46 -49.06 -34.52
C ILE B 122 42.48 -48.01 -34.14
N ALA B 123 42.77 -47.91 -32.84
CA ALA B 123 43.71 -46.95 -32.31
C ALA B 123 44.74 -47.66 -31.43
N LEU B 124 45.96 -47.17 -31.49
CA LEU B 124 47.04 -47.61 -30.65
C LEU B 124 47.36 -46.45 -29.71
N ASP B 125 47.35 -46.74 -28.39
CA ASP B 125 47.65 -45.76 -27.35
C ASP B 125 49.01 -46.08 -26.76
N THR B 126 49.96 -45.19 -26.95
CA THR B 126 51.32 -45.57 -26.62
C THR B 126 51.50 -45.58 -25.11
N LYS B 127 52.41 -46.44 -24.66
CA LYS B 127 52.76 -46.53 -23.26
C LYS B 127 53.30 -45.19 -22.77
N GLY B 128 54.22 -44.61 -23.54
CA GLY B 128 54.83 -43.35 -23.22
C GLY B 128 56.04 -43.50 -22.33
N PRO B 129 56.91 -42.49 -22.36
CA PRO B 129 57.99 -42.42 -21.39
C PRO B 129 57.43 -42.42 -19.97
N GLU B 130 58.29 -42.84 -19.04
CA GLU B 130 57.91 -43.05 -17.65
C GLU B 130 59.12 -42.76 -16.78
N ILE B 131 58.85 -42.44 -15.51
CA ILE B 131 59.87 -42.35 -14.46
C ILE B 131 59.50 -43.30 -13.34
N ARG B 132 60.43 -44.13 -12.93
CA ARG B 132 60.12 -45.07 -11.85
C ARG B 132 61.20 -45.04 -10.79
N THR B 133 60.77 -45.42 -9.57
CA THR B 133 61.65 -45.52 -8.41
C THR B 133 62.48 -46.78 -8.52
N GLY B 134 63.39 -46.95 -7.55
CA GLY B 134 64.25 -48.10 -7.51
C GLY B 134 63.57 -49.26 -6.83
N ILE B 135 64.36 -50.28 -6.59
CA ILE B 135 63.95 -51.42 -5.80
C ILE B 135 64.40 -51.19 -4.36
N LEU B 136 63.55 -51.56 -3.42
CA LEU B 136 63.98 -51.50 -2.03
C LEU B 136 64.84 -52.73 -1.68
N GLN B 137 65.39 -52.71 -0.46
CA GLN B 137 65.79 -53.96 0.19
C GLN B 137 64.57 -54.87 0.37
N GLY B 138 64.06 -55.39 -0.74
CA GLY B 138 62.89 -56.24 -0.77
C GLY B 138 62.04 -55.99 -2.00
N GLU B 141 59.31 -56.85 -3.18
CA GLU B 141 57.94 -57.08 -2.72
C GLU B 141 57.76 -56.63 -1.27
N SER B 142 58.82 -56.05 -0.69
CA SER B 142 58.74 -55.42 0.61
C SER B 142 58.09 -54.04 0.50
N GLU B 143 58.00 -53.34 1.64
CA GLU B 143 57.45 -52.01 1.72
C GLU B 143 58.11 -51.26 2.87
N VAL B 144 57.94 -49.94 2.85
CA VAL B 144 58.51 -49.06 3.84
C VAL B 144 57.63 -47.81 3.84
N GLU B 145 57.57 -47.12 4.97
CA GLU B 145 56.62 -46.02 5.11
C GLU B 145 57.36 -44.69 5.15
N LEU B 146 57.03 -43.80 4.20
CA LEU B 146 57.58 -42.45 4.16
C LEU B 146 56.71 -41.51 4.98
N VAL B 147 57.29 -40.96 6.03
CA VAL B 147 56.54 -40.27 7.07
C VAL B 147 56.50 -38.78 6.77
N LYS B 148 55.29 -38.22 6.83
CA LYS B 148 55.14 -36.78 6.66
C LYS B 148 56.07 -36.08 7.65
N GLY B 149 56.69 -35.01 7.20
CA GLY B 149 57.73 -34.34 7.94
C GLY B 149 59.08 -34.90 7.67
N SER B 150 59.16 -36.22 7.46
CA SER B 150 60.46 -36.91 7.44
C SER B 150 61.30 -36.41 6.26
N GLN B 151 62.62 -36.50 6.42
CA GLN B 151 63.52 -35.99 5.39
C GLN B 151 63.88 -37.12 4.42
N VAL B 152 63.57 -36.94 3.15
CA VAL B 152 63.81 -37.97 2.15
C VAL B 152 64.76 -37.45 1.09
N LEU B 153 65.64 -38.32 0.66
CA LEU B 153 66.70 -37.99 -0.30
C LEU B 153 66.37 -38.72 -1.59
N VAL B 154 66.28 -37.96 -2.67
CA VAL B 154 66.07 -38.51 -4.00
C VAL B 154 67.39 -38.40 -4.72
N THR B 155 67.91 -39.54 -5.14
CA THR B 155 69.23 -39.65 -5.72
C THR B 155 69.12 -40.45 -7.01
N VAL B 156 70.02 -40.13 -7.94
CA VAL B 156 70.17 -40.90 -9.16
C VAL B 156 71.51 -41.64 -9.20
N ASP B 157 72.20 -41.72 -8.06
CA ASP B 157 73.38 -42.58 -7.88
C ASP B 157 73.00 -44.06 -7.93
N PRO B 158 73.60 -44.87 -8.83
CA PRO B 158 73.18 -46.28 -8.97
C PRO B 158 73.44 -47.18 -7.77
N ALA B 159 74.27 -46.76 -6.83
CA ALA B 159 74.44 -47.52 -5.59
C ALA B 159 73.09 -47.91 -5.03
N PHE B 160 72.26 -46.90 -4.78
CA PHE B 160 71.05 -47.06 -4.02
C PHE B 160 69.95 -47.66 -4.86
N ARG B 161 70.19 -47.78 -6.16
CA ARG B 161 69.25 -48.41 -7.08
C ARG B 161 68.58 -49.67 -6.55
N THR B 162 69.21 -50.37 -5.60
CA THR B 162 68.58 -51.52 -4.95
C THR B 162 68.50 -51.35 -3.44
N ARG B 163 68.77 -50.15 -2.94
CA ARG B 163 68.95 -49.92 -1.52
C ARG B 163 68.00 -48.83 -1.06
N GLY B 164 66.73 -48.94 -1.48
CA GLY B 164 65.75 -47.91 -1.23
C GLY B 164 65.23 -47.91 0.20
N ASN B 165 65.43 -46.79 0.86
CA ASN B 165 65.30 -46.61 2.30
C ASN B 165 63.85 -46.25 2.63
N ALA B 166 63.63 -45.66 3.80
CA ALA B 166 62.50 -44.76 4.04
C ALA B 166 62.95 -43.32 4.03
N ASN B 167 64.24 -43.08 3.80
CA ASN B 167 64.79 -41.74 3.70
C ASN B 167 65.67 -41.57 2.47
N THR B 168 65.67 -42.53 1.56
CA THR B 168 66.38 -42.38 0.30
C THR B 168 65.52 -43.02 -0.79
N VAL B 169 65.34 -42.30 -1.89
CA VAL B 169 64.58 -42.79 -3.03
C VAL B 169 65.45 -42.62 -4.26
N TRP B 170 65.62 -43.68 -5.02
CA TRP B 170 66.39 -43.65 -6.25
C TRP B 170 65.41 -43.61 -7.40
N VAL B 171 65.83 -42.96 -8.49
CA VAL B 171 64.96 -42.69 -9.62
C VAL B 171 65.74 -42.99 -10.88
N ASP B 172 65.04 -43.49 -11.91
CA ASP B 172 65.69 -43.83 -13.17
C ASP B 172 65.75 -42.66 -14.16
N TYR B 173 65.53 -41.42 -13.71
CA TYR B 173 65.63 -40.23 -14.55
C TYR B 173 66.78 -39.36 -14.08
N PRO B 174 67.98 -39.50 -14.68
CA PRO B 174 69.12 -38.70 -14.18
C PRO B 174 68.85 -37.22 -14.05
N ASN B 175 68.23 -36.61 -15.06
CA ASN B 175 67.99 -35.17 -15.02
C ASN B 175 66.87 -34.75 -14.02
N ILE B 176 66.34 -35.61 -13.15
CA ILE B 176 65.38 -35.12 -12.16
C ILE B 176 66.03 -34.05 -11.30
N VAL B 177 67.34 -34.16 -11.03
CA VAL B 177 68.03 -33.16 -10.22
C VAL B 177 68.24 -31.86 -11.00
N ARG B 178 68.21 -31.91 -12.34
CA ARG B 178 68.29 -30.72 -13.17
C ARG B 178 66.95 -30.02 -13.41
N VAL B 179 65.81 -30.60 -13.03
CA VAL B 179 64.52 -30.13 -13.52
C VAL B 179 63.45 -29.90 -12.44
N VAL B 180 63.72 -30.23 -11.19
CA VAL B 180 62.82 -29.86 -10.10
C VAL B 180 63.54 -28.85 -9.21
N PRO B 181 63.07 -27.62 -9.12
CA PRO B 181 63.75 -26.63 -8.27
C PRO B 181 63.37 -26.79 -6.80
N VAL B 182 64.07 -26.01 -5.98
CA VAL B 182 63.67 -25.83 -4.59
C VAL B 182 62.28 -25.21 -4.59
N GLY B 183 61.36 -25.86 -3.88
CA GLY B 183 59.94 -25.55 -3.95
C GLY B 183 59.16 -26.36 -4.96
N GLY B 184 59.80 -27.20 -5.72
CA GLY B 184 59.07 -28.08 -6.58
C GLY B 184 58.67 -29.35 -5.86
N ARG B 185 57.70 -30.05 -6.43
CA ARG B 185 57.17 -31.25 -5.84
C ARG B 185 57.54 -32.48 -6.64
N ILE B 186 57.62 -33.61 -5.93
CA ILE B 186 57.87 -34.92 -6.55
C ILE B 186 56.80 -35.87 -6.05
N TYR B 187 56.02 -36.41 -6.98
CA TYR B 187 54.89 -37.27 -6.67
C TYR B 187 55.25 -38.71 -7.00
N ILE B 188 54.96 -39.62 -6.07
CA ILE B 188 55.32 -41.04 -6.18
C ILE B 188 54.08 -41.89 -6.02
N ASP B 189 54.00 -42.92 -6.85
CA ASP B 189 53.00 -43.98 -6.66
C ASP B 189 51.63 -43.38 -6.95
N ASP B 190 51.41 -43.03 -8.20
CA ASP B 190 50.12 -42.60 -8.67
C ASP B 190 49.63 -41.34 -7.98
N GLY B 191 50.57 -40.56 -7.43
CA GLY B 191 50.26 -39.33 -6.79
C GLY B 191 49.99 -39.40 -5.31
N LEU B 192 50.15 -40.57 -4.68
CA LEU B 192 49.79 -40.70 -3.28
C LEU B 192 50.84 -40.15 -2.35
N ILE B 193 52.12 -40.26 -2.72
CA ILE B 193 53.21 -39.73 -1.91
C ILE B 193 53.66 -38.45 -2.58
N SER B 194 53.87 -37.41 -1.79
CA SER B 194 54.35 -36.12 -2.26
C SER B 194 55.62 -35.75 -1.51
N LEU B 195 56.55 -35.11 -2.21
CA LEU B 195 57.84 -34.75 -1.68
C LEU B 195 58.16 -33.36 -2.17
N VAL B 196 58.79 -32.55 -1.32
CA VAL B 196 59.11 -31.18 -1.68
C VAL B 196 60.63 -31.04 -1.69
N VAL B 197 61.16 -30.35 -2.68
CA VAL B 197 62.61 -30.13 -2.74
C VAL B 197 62.95 -29.00 -1.75
N GLN B 198 63.84 -29.29 -0.82
CA GLN B 198 64.36 -28.26 0.06
C GLN B 198 65.75 -27.79 -0.37
N LYS B 199 66.61 -28.71 -0.80
CA LYS B 199 67.97 -28.39 -1.18
C LYS B 199 68.37 -29.26 -2.35
N ILE B 200 69.21 -28.70 -3.22
CA ILE B 200 69.75 -29.40 -4.38
C ILE B 200 71.27 -29.49 -4.22
N GLY B 201 71.84 -30.63 -4.62
CA GLY B 201 73.22 -30.93 -4.33
C GLY B 201 73.77 -32.07 -5.16
N PRO B 202 75.03 -32.45 -4.89
CA PRO B 202 75.70 -33.45 -5.75
C PRO B 202 75.36 -34.89 -5.41
N GLU B 203 74.94 -35.15 -4.18
CA GLU B 203 74.43 -36.46 -3.80
C GLU B 203 72.97 -36.64 -4.19
N GLY B 204 72.23 -35.52 -4.35
CA GLY B 204 70.92 -35.54 -4.99
C GLY B 204 70.03 -34.36 -4.63
N LEU B 205 68.74 -34.65 -4.45
CA LEU B 205 67.74 -33.67 -4.07
C LEU B 205 67.32 -33.93 -2.63
N VAL B 206 67.45 -32.93 -1.77
CA VAL B 206 66.99 -33.08 -0.39
C VAL B 206 65.51 -32.71 -0.34
N THR B 207 64.70 -33.62 0.19
CA THR B 207 63.26 -33.40 0.27
C THR B 207 62.76 -33.41 1.73
N GLN B 208 61.52 -32.97 1.90
CA GLN B 208 60.73 -33.25 3.09
C GLN B 208 59.44 -33.91 2.62
N VAL B 209 58.96 -34.90 3.36
CA VAL B 209 57.74 -35.61 2.97
C VAL B 209 56.54 -34.72 3.29
N GLU B 210 55.72 -34.44 2.28
CA GLU B 210 54.54 -33.62 2.44
C GLU B 210 53.30 -34.49 2.61
N ASN B 211 53.05 -35.39 1.67
CA ASN B 211 52.04 -36.43 1.83
C ASN B 211 52.80 -37.73 2.09
N GLY B 212 52.66 -38.25 3.30
CA GLY B 212 53.29 -39.50 3.66
C GLY B 212 52.48 -40.66 3.15
N GLY B 213 53.09 -41.83 3.20
CA GLY B 213 52.46 -43.01 2.64
C GLY B 213 53.45 -44.14 2.58
N VAL B 214 52.96 -45.27 2.06
CA VAL B 214 53.72 -46.50 1.91
C VAL B 214 54.14 -46.63 0.45
N LEU B 215 55.43 -46.74 0.20
CA LEU B 215 55.88 -47.07 -1.15
C LEU B 215 56.45 -48.48 -1.23
N GLY B 216 56.10 -49.16 -2.31
CA GLY B 216 56.79 -50.32 -2.78
C GLY B 216 57.93 -49.95 -3.70
N SER B 217 58.18 -50.85 -4.66
CA SER B 217 59.34 -50.81 -5.55
C SER B 217 58.86 -50.48 -6.95
N ARG B 218 59.73 -49.84 -7.72
CA ARG B 218 59.45 -49.46 -9.12
C ARG B 218 58.07 -48.82 -9.25
N LYS B 219 57.82 -47.82 -8.41
CA LYS B 219 56.55 -47.10 -8.44
C LYS B 219 56.58 -45.95 -9.43
N GLY B 220 55.39 -45.48 -9.82
CA GLY B 220 55.30 -44.39 -10.80
C GLY B 220 55.62 -43.05 -10.18
N VAL B 221 56.40 -42.26 -10.93
CA VAL B 221 56.86 -40.94 -10.51
C VAL B 221 56.32 -39.88 -11.46
N ASN B 222 56.00 -38.74 -10.90
CA ASN B 222 55.40 -37.63 -11.60
C ASN B 222 56.04 -36.37 -11.08
N LEU B 223 56.38 -35.46 -11.99
CA LEU B 223 57.11 -34.23 -11.65
C LEU B 223 56.21 -33.06 -11.99
N PRO B 224 55.34 -32.63 -11.08
CA PRO B 224 54.34 -31.59 -11.43
C PRO B 224 54.95 -30.22 -11.67
N GLY B 225 54.61 -29.65 -12.83
CA GLY B 225 55.11 -28.38 -13.28
C GLY B 225 56.49 -28.40 -13.89
N ALA B 226 57.20 -29.55 -13.86
CA ALA B 226 58.52 -29.62 -14.45
C ALA B 226 58.42 -29.61 -15.97
N GLN B 227 59.48 -29.16 -16.62
CA GLN B 227 59.66 -29.46 -18.04
C GLN B 227 60.52 -30.72 -18.06
N VAL B 228 59.90 -31.86 -18.29
CA VAL B 228 60.62 -33.12 -18.40
C VAL B 228 61.28 -33.14 -19.78
N ASP B 229 62.60 -33.32 -19.80
CA ASP B 229 63.38 -33.42 -21.02
C ASP B 229 63.50 -34.85 -21.52
N LEU B 230 62.70 -35.75 -20.99
CA LEU B 230 62.63 -37.09 -21.55
C LEU B 230 62.30 -36.99 -23.05
N PRO B 231 62.63 -38.01 -23.82
CA PRO B 231 62.26 -38.01 -25.24
C PRO B 231 60.76 -38.04 -25.44
N GLY B 232 60.34 -37.45 -26.55
CA GLY B 232 58.96 -37.55 -26.92
C GLY B 232 58.52 -38.98 -26.99
N LEU B 233 59.45 -39.87 -27.32
CA LEU B 233 59.20 -41.28 -27.50
C LEU B 233 60.17 -42.08 -26.66
N SER B 234 59.70 -43.18 -26.11
CA SER B 234 60.60 -44.15 -25.49
C SER B 234 60.94 -45.23 -26.52
N GLU B 235 61.95 -46.04 -26.18
CA GLU B 235 62.34 -47.12 -27.08
C GLU B 235 61.22 -48.12 -27.27
N GLN B 236 60.44 -48.38 -26.23
CA GLN B 236 59.27 -49.22 -26.41
C GLN B 236 58.24 -48.60 -27.38
N ASP B 237 58.09 -47.26 -27.39
CA ASP B 237 57.09 -46.63 -28.26
C ASP B 237 57.48 -46.69 -29.74
N VAL B 238 58.79 -46.71 -30.05
CA VAL B 238 59.19 -46.87 -31.45
C VAL B 238 58.90 -48.28 -31.90
N ARG B 239 59.17 -49.27 -31.06
CA ARG B 239 58.77 -50.63 -31.39
C ARG B 239 57.25 -50.75 -31.50
N ASP B 240 56.51 -50.06 -30.62
CA ASP B 240 55.06 -50.22 -30.64
C ASP B 240 54.47 -49.50 -31.84
N LEU B 241 55.07 -48.39 -32.23
CA LEU B 241 54.49 -47.63 -33.32
C LEU B 241 54.86 -48.25 -34.65
N ARG B 242 56.03 -48.87 -34.75
CA ARG B 242 56.37 -49.60 -35.96
C ARG B 242 55.38 -50.74 -36.14
N PHE B 243 55.15 -51.52 -35.07
CA PHE B 243 54.08 -52.53 -35.06
C PHE B 243 52.75 -51.95 -35.54
N GLY B 244 52.39 -50.78 -35.01
CA GLY B 244 51.18 -50.12 -35.47
C GLY B 244 51.13 -49.89 -36.96
N VAL B 245 52.19 -49.31 -37.54
CA VAL B 245 52.15 -49.02 -38.98
C VAL B 245 52.03 -50.33 -39.76
N GLU B 246 52.68 -51.38 -39.27
CA GLU B 246 52.66 -52.65 -39.98
C GLU B 246 51.28 -53.29 -39.96
N HIS B 247 50.45 -52.96 -38.96
CA HIS B 247 49.11 -53.54 -38.84
C HIS B 247 48.00 -52.63 -39.31
N GLY B 248 48.33 -51.45 -39.81
CA GLY B 248 47.29 -50.62 -40.42
C GLY B 248 46.35 -49.97 -39.44
N VAL B 249 46.84 -49.56 -38.25
CA VAL B 249 45.98 -48.85 -37.31
C VAL B 249 45.64 -47.46 -37.88
N ASP B 250 44.41 -47.05 -37.69
CA ASP B 250 44.02 -45.73 -38.18
C ASP B 250 44.51 -44.60 -37.33
N ILE B 251 44.80 -44.82 -36.05
CA ILE B 251 44.88 -43.77 -35.05
C ILE B 251 45.97 -44.09 -34.03
N VAL B 252 46.80 -43.11 -33.73
CA VAL B 252 47.72 -43.14 -32.60
C VAL B 252 47.27 -42.07 -31.59
N PHE B 253 47.02 -42.50 -30.33
CA PHE B 253 46.93 -41.64 -29.17
C PHE B 253 48.32 -41.59 -28.55
N ALA B 254 49.02 -40.48 -28.70
CA ALA B 254 50.40 -40.37 -28.26
C ALA B 254 50.50 -39.84 -26.82
N SER B 255 51.14 -40.61 -25.95
CA SER B 255 51.23 -40.25 -24.55
C SER B 255 52.22 -39.10 -24.28
N PHE B 256 51.82 -38.22 -23.33
CA PHE B 256 52.73 -37.29 -22.67
C PHE B 256 53.27 -36.26 -23.66
N VAL B 257 52.40 -35.78 -24.54
CA VAL B 257 52.79 -34.80 -25.57
C VAL B 257 52.99 -33.43 -24.92
N ARG B 258 54.22 -32.99 -24.83
CA ARG B 258 54.52 -31.73 -24.16
C ARG B 258 54.76 -30.55 -25.12
N LYS B 259 55.05 -30.83 -26.40
CA LYS B 259 55.46 -29.79 -27.34
C LYS B 259 55.32 -30.32 -28.76
N ALA B 260 55.28 -29.39 -29.71
CA ALA B 260 55.16 -29.80 -31.12
C ALA B 260 56.26 -30.81 -31.50
N SER B 261 57.50 -30.56 -31.06
CA SER B 261 58.59 -31.44 -31.40
C SER B 261 58.30 -32.88 -30.96
N ASP B 262 57.49 -33.06 -29.92
CA ASP B 262 57.11 -34.42 -29.52
C ASP B 262 56.24 -35.08 -30.57
N VAL B 263 55.30 -34.32 -31.20
CA VAL B 263 54.43 -34.99 -32.16
C VAL B 263 55.19 -35.28 -33.45
N ALA B 264 56.20 -34.46 -33.79
CA ALA B 264 57.01 -34.77 -34.98
C ALA B 264 57.86 -36.03 -34.78
N ALA B 265 58.39 -36.24 -33.56
CA ALA B 265 59.03 -37.52 -33.27
C ALA B 265 58.07 -38.67 -33.55
N VAL B 266 56.80 -38.49 -33.21
CA VAL B 266 55.83 -39.58 -33.38
C VAL B 266 55.61 -39.85 -34.86
N ARG B 267 55.46 -38.79 -35.66
CA ARG B 267 55.27 -38.96 -37.10
C ARG B 267 56.46 -39.66 -37.78
N ALA B 268 57.68 -39.36 -37.34
CA ALA B 268 58.86 -40.04 -37.90
C ALA B 268 58.94 -41.49 -37.47
N ALA B 269 58.51 -41.79 -36.26
CA ALA B 269 58.37 -43.17 -35.84
C ALA B 269 57.33 -43.90 -36.70
N LEU B 270 56.37 -43.19 -37.28
CA LEU B 270 55.42 -43.87 -38.13
C LEU B 270 55.99 -44.15 -39.52
N GLY B 271 57.05 -43.45 -39.91
CA GLY B 271 57.69 -43.63 -41.19
C GLY B 271 56.84 -43.33 -42.41
N PRO B 272 57.44 -43.61 -43.56
CA PRO B 272 56.76 -43.35 -44.83
C PRO B 272 55.37 -43.96 -44.95
N GLU B 273 55.19 -45.21 -44.54
CA GLU B 273 53.87 -45.81 -44.71
C GLU B 273 52.83 -45.23 -43.76
N GLY B 274 53.21 -44.38 -42.78
CA GLY B 274 52.26 -43.85 -41.82
C GLY B 274 51.89 -42.38 -41.95
N HIS B 275 52.00 -41.81 -43.15
CA HIS B 275 51.63 -40.41 -43.31
C HIS B 275 50.14 -40.17 -43.12
N GLY B 276 49.32 -41.18 -43.33
CA GLY B 276 47.87 -41.05 -43.32
C GLY B 276 47.27 -41.41 -41.98
N ILE B 277 48.09 -41.78 -41.03
CA ILE B 277 47.66 -42.10 -39.68
C ILE B 277 47.40 -40.80 -38.91
N LYS B 278 46.24 -40.72 -38.29
CA LYS B 278 45.91 -39.58 -37.44
C LYS B 278 46.66 -39.68 -36.12
N ILE B 279 47.25 -38.57 -35.72
CA ILE B 279 47.98 -38.46 -34.47
C ILE B 279 47.15 -37.61 -33.53
N ILE B 280 46.67 -38.25 -32.45
CA ILE B 280 45.87 -37.59 -31.43
C ILE B 280 46.77 -37.42 -30.23
N SER B 281 47.14 -36.18 -29.93
CA SER B 281 48.09 -35.92 -28.85
C SER B 281 47.39 -35.96 -27.49
N LYS B 282 47.96 -36.76 -26.60
CA LYS B 282 47.50 -36.82 -25.23
C LYS B 282 48.12 -35.68 -24.42
N ILE B 283 47.30 -34.76 -23.95
CA ILE B 283 47.74 -33.71 -23.03
C ILE B 283 47.57 -34.20 -21.58
N GLU B 284 48.70 -34.39 -20.87
CA GLU B 284 48.73 -35.12 -19.61
C GLU B 284 49.45 -34.43 -18.46
N ASN B 285 49.95 -33.20 -18.65
CA ASN B 285 50.74 -32.51 -17.63
C ASN B 285 50.69 -31.00 -17.90
N HIS B 286 51.22 -30.24 -16.92
CA HIS B 286 51.12 -28.79 -16.92
C HIS B 286 51.77 -28.16 -18.16
N GLU B 287 52.92 -28.73 -18.60
CA GLU B 287 53.63 -28.21 -19.75
C GLU B 287 52.82 -28.38 -21.03
N GLY B 288 52.23 -29.55 -21.21
CA GLY B 288 51.37 -29.75 -22.36
C GLY B 288 50.14 -28.87 -22.33
N VAL B 289 49.64 -28.56 -21.13
CA VAL B 289 48.46 -27.69 -21.13
C VAL B 289 48.86 -26.28 -21.55
N LYS B 290 50.01 -25.80 -21.07
CA LYS B 290 50.46 -24.44 -21.38
C LYS B 290 50.97 -24.30 -22.82
N ARG B 291 51.45 -25.38 -23.41
CA ARG B 291 51.87 -25.35 -24.80
C ARG B 291 50.79 -25.87 -25.70
N PHE B 292 49.54 -25.78 -25.25
CA PHE B 292 48.47 -26.41 -26.00
C PHE B 292 48.43 -25.94 -27.45
N ASP B 293 48.50 -24.62 -27.67
CA ASP B 293 48.19 -24.12 -29.01
C ASP B 293 49.19 -24.64 -30.03
N GLU B 294 50.45 -24.68 -29.65
CA GLU B 294 51.47 -25.17 -30.54
C GLU B 294 51.33 -26.67 -30.78
N ILE B 295 50.79 -27.39 -29.81
CA ILE B 295 50.59 -28.81 -29.98
C ILE B 295 49.43 -29.09 -30.92
N LEU B 296 48.29 -28.41 -30.70
CA LEU B 296 47.14 -28.61 -31.56
C LEU B 296 47.43 -28.27 -33.01
N GLU B 297 48.38 -27.36 -33.25
CA GLU B 297 48.63 -26.91 -34.62
C GLU B 297 49.21 -28.02 -35.47
N VAL B 298 50.15 -28.78 -34.92
CA VAL B 298 50.77 -29.85 -35.67
C VAL B 298 50.18 -31.21 -35.35
N SER B 299 49.12 -31.27 -34.54
CA SER B 299 48.45 -32.53 -34.27
C SER B 299 47.18 -32.58 -35.10
N ASP B 300 46.72 -33.80 -35.42
CA ASP B 300 45.38 -33.99 -35.99
C ASP B 300 44.26 -33.81 -34.96
N GLY B 301 44.55 -34.02 -33.68
CA GLY B 301 43.52 -33.87 -32.67
C GLY B 301 44.11 -33.99 -31.30
N ILE B 302 43.24 -34.08 -30.31
CA ILE B 302 43.66 -33.97 -28.92
C ILE B 302 42.88 -34.97 -28.08
N MET B 303 43.59 -35.66 -27.21
CA MET B 303 42.94 -36.34 -26.11
C MET B 303 43.18 -35.56 -24.80
N VAL B 304 42.08 -35.18 -24.16
CA VAL B 304 42.08 -34.80 -22.75
C VAL B 304 42.27 -36.04 -21.89
N ALA B 305 43.50 -36.30 -21.48
CA ALA B 305 43.87 -37.46 -20.69
C ALA B 305 43.81 -37.16 -19.18
N ARG B 306 42.59 -37.23 -18.65
CA ARG B 306 42.31 -36.79 -17.28
C ARG B 306 43.02 -37.62 -16.21
N GLY B 307 43.27 -38.92 -16.47
CA GLY B 307 43.96 -39.80 -15.52
C GLY B 307 45.32 -39.28 -15.14
N ASP B 308 46.25 -39.22 -16.08
CA ASP B 308 47.55 -38.64 -15.72
C ASP B 308 47.45 -37.15 -15.48
N LEU B 309 46.57 -36.45 -16.21
CA LEU B 309 46.41 -35.02 -15.95
C LEU B 309 46.00 -34.80 -14.49
N GLY B 310 45.15 -35.67 -13.96
CA GLY B 310 44.75 -35.53 -12.57
C GLY B 310 45.84 -35.86 -11.56
N ILE B 311 46.90 -36.54 -11.97
CA ILE B 311 48.07 -36.72 -11.10
C ILE B 311 49.05 -35.55 -11.24
N GLU B 312 49.02 -34.84 -12.36
CA GLU B 312 50.06 -33.88 -12.71
C GLU B 312 49.68 -32.48 -12.31
N ILE B 313 48.38 -32.23 -12.21
CA ILE B 313 47.83 -30.98 -11.70
C ILE B 313 46.79 -31.31 -10.63
N PRO B 314 46.45 -30.33 -9.80
CA PRO B 314 45.45 -30.54 -8.75
C PRO B 314 44.19 -31.11 -9.36
N ALA B 315 43.68 -32.17 -8.74
CA ALA B 315 42.50 -32.83 -9.26
C ALA B 315 41.37 -31.84 -9.51
N GLU B 316 41.19 -30.87 -8.57
CA GLU B 316 40.07 -29.94 -8.69
C GLU B 316 40.24 -29.01 -9.89
N LYS B 317 41.38 -29.05 -10.57
CA LYS B 317 41.61 -28.24 -11.76
C LYS B 317 41.39 -28.94 -13.09
N VAL B 318 41.17 -30.26 -13.13
CA VAL B 318 41.15 -30.95 -14.44
C VAL B 318 40.01 -30.47 -15.30
N PHE B 319 38.84 -30.18 -14.68
CA PHE B 319 37.68 -29.71 -15.43
C PHE B 319 37.98 -28.38 -16.13
N LEU B 320 38.90 -27.58 -15.61
CA LEU B 320 39.29 -26.37 -16.31
C LEU B 320 40.08 -26.72 -17.57
N ALA B 321 41.02 -27.65 -17.44
CA ALA B 321 41.81 -28.03 -18.61
C ALA B 321 40.96 -28.75 -19.66
N GLN B 322 40.00 -29.56 -19.23
CA GLN B 322 39.08 -30.19 -20.15
C GLN B 322 38.34 -29.15 -20.98
N LYS B 323 37.60 -28.26 -20.33
CA LYS B 323 36.77 -27.34 -21.07
C LYS B 323 37.60 -26.36 -21.92
N MET B 324 38.78 -25.96 -21.46
CA MET B 324 39.63 -25.11 -22.29
C MET B 324 40.06 -25.87 -23.56
N MET B 325 40.56 -27.09 -23.42
CA MET B 325 41.04 -27.84 -24.59
C MET B 325 39.90 -28.15 -25.54
N ILE B 326 38.73 -28.55 -25.02
CA ILE B 326 37.61 -28.84 -25.91
C ILE B 326 37.21 -27.56 -26.63
N GLY B 327 37.13 -26.43 -25.90
CA GLY B 327 36.79 -25.16 -26.53
C GLY B 327 37.70 -24.82 -27.69
N ARG B 328 39.01 -25.03 -27.52
CA ARG B 328 39.96 -24.66 -28.56
C ARG B 328 39.95 -25.64 -29.73
N CYS B 329 39.73 -26.92 -29.45
CA CYS B 329 39.60 -27.90 -30.54
C CYS B 329 38.38 -27.64 -31.38
N ASN B 330 37.24 -27.22 -30.76
CA ASN B 330 36.06 -26.81 -31.52
C ASN B 330 36.34 -25.57 -32.37
N LEU B 331 37.04 -24.60 -31.80
CA LEU B 331 37.41 -23.43 -32.58
C LEU B 331 38.25 -23.82 -33.78
N ALA B 332 39.19 -24.74 -33.59
CA ALA B 332 40.12 -25.10 -34.66
C ALA B 332 39.51 -26.12 -35.62
N GLY B 333 38.32 -26.60 -35.35
CA GLY B 333 37.78 -27.67 -36.18
C GLY B 333 38.53 -28.99 -36.11
N LYS B 334 39.14 -29.31 -34.96
CA LYS B 334 39.89 -30.55 -34.83
C LYS B 334 39.30 -31.45 -33.74
N PRO B 335 39.25 -32.76 -34.00
CA PRO B 335 38.67 -33.68 -33.03
C PRO B 335 39.37 -33.67 -31.69
N VAL B 336 38.56 -33.77 -30.63
CA VAL B 336 39.02 -33.79 -29.26
C VAL B 336 38.34 -34.93 -28.53
N VAL B 337 39.12 -35.66 -27.73
CA VAL B 337 38.65 -36.83 -27.00
C VAL B 337 38.70 -36.57 -25.51
N CYS B 338 37.64 -36.94 -24.80
CA CYS B 338 37.61 -36.95 -23.34
C CYS B 338 37.77 -38.40 -22.88
N ALA B 339 38.67 -38.62 -21.92
CA ALA B 339 39.11 -39.94 -21.53
C ALA B 339 39.16 -40.11 -20.02
N THR B 340 38.90 -41.35 -19.59
CA THR B 340 39.29 -41.92 -18.32
C THR B 340 38.29 -41.66 -17.23
N GLN B 341 37.85 -42.77 -16.61
CA GLN B 341 37.00 -42.88 -15.43
C GLN B 341 35.60 -42.34 -15.66
N MET B 342 35.19 -42.26 -16.91
CA MET B 342 33.85 -41.75 -17.21
C MET B 342 32.75 -42.60 -16.58
N LEU B 343 32.83 -43.94 -16.68
CA LEU B 343 31.81 -44.81 -16.03
C LEU B 343 32.50 -45.85 -15.17
N GLU B 344 33.49 -45.37 -14.41
CA GLU B 344 34.46 -46.23 -13.78
C GLU B 344 33.84 -47.32 -12.92
N SER B 345 32.76 -47.02 -12.20
CA SER B 345 32.24 -47.98 -11.25
C SER B 345 31.60 -49.16 -11.96
N MET B 346 31.36 -49.03 -13.24
CA MET B 346 30.81 -50.12 -14.05
C MET B 346 31.86 -51.20 -14.35
N ILE B 347 33.10 -51.02 -13.97
CA ILE B 347 34.03 -52.13 -13.92
C ILE B 347 33.51 -53.28 -13.06
N THR B 348 32.74 -52.99 -12.01
CA THR B 348 32.15 -54.04 -11.20
C THR B 348 30.66 -53.95 -11.04
N LYS B 349 30.01 -52.88 -11.47
CA LYS B 349 28.59 -52.80 -11.23
C LYS B 349 27.86 -52.56 -12.53
N PRO B 350 26.64 -53.05 -12.65
CA PRO B 350 25.93 -53.01 -13.94
C PRO B 350 25.32 -51.68 -14.23
N ARG B 351 25.38 -50.74 -13.28
CA ARG B 351 24.82 -49.43 -13.46
C ARG B 351 25.81 -48.42 -12.90
N PRO B 352 25.99 -47.30 -13.57
CA PRO B 352 26.93 -46.28 -13.07
C PRO B 352 26.30 -45.38 -12.01
N THR B 353 27.21 -44.65 -11.35
CA THR B 353 26.84 -43.61 -10.39
C THR B 353 26.28 -42.36 -11.08
N ARG B 354 25.65 -41.51 -10.29
CA ARG B 354 25.02 -40.30 -10.83
C ARG B 354 26.07 -39.29 -11.31
N ALA B 355 27.26 -39.34 -10.73
CA ALA B 355 28.34 -38.47 -11.18
C ALA B 355 28.82 -38.91 -12.55
N GLU B 356 28.86 -40.24 -12.76
CA GLU B 356 29.32 -40.81 -14.02
C GLU B 356 28.39 -40.44 -15.19
N THR B 357 27.08 -40.61 -15.06
CA THR B 357 26.21 -40.22 -16.18
C THR B 357 26.33 -38.72 -16.45
N SER B 358 26.43 -37.91 -15.39
CA SER B 358 26.56 -36.47 -15.56
C SER B 358 27.87 -36.13 -16.25
N ASP B 359 28.96 -36.82 -15.88
CA ASP B 359 30.25 -36.63 -16.53
C ASP B 359 30.17 -36.88 -18.06
N VAL B 360 29.62 -38.02 -18.47
CA VAL B 360 29.48 -38.30 -19.91
C VAL B 360 28.64 -37.20 -20.57
N ALA B 361 27.51 -36.84 -19.98
CA ALA B 361 26.67 -35.81 -20.60
C ALA B 361 27.36 -34.46 -20.70
N ASN B 362 28.05 -34.04 -19.65
CA ASN B 362 28.78 -32.78 -19.74
C ASN B 362 29.97 -32.83 -20.68
N ALA B 363 30.62 -33.98 -20.86
CA ALA B 363 31.68 -34.07 -21.89
C ALA B 363 31.08 -33.73 -23.23
N VAL B 364 29.93 -34.36 -23.54
CA VAL B 364 29.23 -34.03 -24.79
C VAL B 364 28.80 -32.54 -24.82
N LEU B 365 28.14 -32.06 -23.77
CA LEU B 365 27.70 -30.66 -23.81
C LEU B 365 28.88 -29.72 -24.02
N ASP B 366 30.05 -30.06 -23.46
CA ASP B 366 31.24 -29.27 -23.57
C ASP B 366 31.66 -29.10 -25.02
N GLY B 367 31.43 -30.13 -25.82
CA GLY B 367 31.89 -30.12 -27.18
C GLY B 367 32.76 -31.28 -27.60
N ALA B 368 32.94 -32.31 -26.78
CA ALA B 368 33.86 -33.41 -27.14
C ALA B 368 33.35 -34.11 -28.41
N ASP B 369 34.28 -34.53 -29.28
CA ASP B 369 33.88 -35.33 -30.45
C ASP B 369 33.77 -36.81 -30.09
N CYS B 370 34.62 -37.30 -29.17
CA CYS B 370 34.63 -38.67 -28.72
C CYS B 370 34.66 -38.71 -27.19
N ILE B 371 34.08 -39.77 -26.64
CA ILE B 371 34.16 -40.13 -25.22
C ILE B 371 34.69 -41.56 -25.12
N MET B 372 35.37 -41.84 -24.03
CA MET B 372 36.17 -43.06 -23.94
C MET B 372 35.80 -43.91 -22.74
N LEU B 373 36.11 -45.19 -22.89
CA LEU B 373 35.99 -46.23 -21.86
C LEU B 373 37.33 -46.94 -21.87
N SER B 374 37.92 -47.08 -20.68
CA SER B 374 39.17 -47.77 -20.51
C SER B 374 38.86 -49.08 -19.80
N GLY B 375 39.14 -49.21 -18.48
CA GLY B 375 38.82 -50.45 -17.77
C GLY B 375 37.39 -50.93 -17.91
N GLU B 376 36.45 -50.01 -18.05
CA GLU B 376 35.06 -50.42 -18.16
C GLU B 376 34.82 -51.45 -19.25
N THR B 377 35.65 -51.48 -20.30
CA THR B 377 35.46 -52.43 -21.38
C THR B 377 36.64 -53.37 -21.56
N ALA B 378 37.84 -53.01 -21.07
CA ALA B 378 39.00 -53.86 -21.17
C ALA B 378 39.06 -54.96 -20.11
N LYS B 379 38.46 -54.75 -18.93
CA LYS B 379 38.63 -55.73 -17.87
C LYS B 379 37.50 -55.89 -16.88
N GLY B 380 36.41 -55.13 -16.96
CA GLY B 380 35.32 -55.25 -16.03
C GLY B 380 34.31 -56.29 -16.51
N ASN B 381 33.20 -56.33 -15.80
CA ASN B 381 32.23 -57.40 -15.95
C ASN B 381 31.03 -56.98 -16.76
N PHE B 382 30.93 -55.69 -17.16
CA PHE B 382 29.79 -55.24 -17.96
C PHE B 382 30.26 -54.37 -19.13
N PRO B 383 31.23 -54.85 -19.94
CA PRO B 383 31.72 -54.04 -21.06
C PRO B 383 30.64 -53.65 -22.04
N VAL B 384 29.70 -54.55 -22.30
CA VAL B 384 28.71 -54.23 -23.31
C VAL B 384 27.76 -53.18 -22.77
N GLU B 385 27.42 -53.30 -21.50
CA GLU B 385 26.46 -52.38 -20.92
C GLU B 385 27.10 -51.01 -20.75
N ALA B 386 28.43 -50.96 -20.57
CA ALA B 386 29.14 -49.70 -20.48
C ALA B 386 29.09 -48.93 -21.81
N VAL B 387 29.30 -49.61 -22.95
CA VAL B 387 29.08 -49.02 -24.28
C VAL B 387 27.66 -48.53 -24.42
N LYS B 388 26.70 -49.34 -23.96
CA LYS B 388 25.30 -48.98 -24.14
C LYS B 388 24.93 -47.74 -23.35
N MET B 389 25.48 -47.58 -22.14
CA MET B 389 25.14 -46.42 -21.30
C MET B 389 25.71 -45.12 -21.89
N GLN B 390 26.93 -45.15 -22.40
CA GLN B 390 27.49 -44.00 -23.12
C GLN B 390 26.67 -43.64 -24.37
N HIS B 391 26.23 -44.64 -25.12
CA HIS B 391 25.32 -44.40 -26.21
C HIS B 391 24.06 -43.69 -25.75
N ALA B 392 23.39 -44.24 -24.75
CA ALA B 392 22.10 -43.66 -24.37
C ALA B 392 22.30 -42.23 -23.89
N ILE B 393 23.37 -42.00 -23.13
CA ILE B 393 23.60 -40.70 -22.53
C ILE B 393 23.99 -39.70 -23.60
N ALA B 394 25.04 -40.02 -24.38
CA ALA B 394 25.48 -39.14 -25.45
C ALA B 394 24.31 -38.73 -26.34
N ARG B 395 23.37 -39.63 -26.52
CA ARG B 395 22.24 -39.36 -27.40
C ARG B 395 21.28 -38.38 -26.76
N GLU B 396 21.08 -38.48 -25.46
CA GLU B 396 20.25 -37.49 -24.77
C GLU B 396 20.93 -36.13 -24.78
N ALA B 397 22.25 -36.12 -24.60
CA ALA B 397 22.99 -34.86 -24.42
C ALA B 397 23.18 -34.09 -25.72
N GLU B 398 23.42 -34.79 -26.81
CA GLU B 398 23.45 -34.13 -28.10
C GLU B 398 22.18 -33.35 -28.32
N ALA B 399 21.04 -33.87 -27.90
CA ALA B 399 19.78 -33.21 -28.20
C ALA B 399 19.61 -31.90 -27.44
N ALA B 400 20.23 -31.82 -26.25
CA ALA B 400 20.19 -30.74 -25.28
C ALA B 400 21.26 -29.70 -25.54
N VAL B 401 22.04 -29.85 -26.60
CA VAL B 401 23.02 -28.84 -27.02
C VAL B 401 22.25 -27.59 -27.50
N TYR B 402 22.64 -26.41 -26.99
CA TYR B 402 22.00 -25.16 -27.42
C TYR B 402 22.64 -24.69 -28.72
N HIS B 403 22.13 -25.23 -29.87
CA HIS B 403 22.72 -24.94 -31.19
C HIS B 403 22.57 -23.48 -31.57
N ARG B 404 21.43 -22.87 -31.22
CA ARG B 404 21.28 -21.45 -31.55
C ARG B 404 22.51 -20.65 -31.17
N GLN B 405 23.05 -20.86 -29.98
CA GLN B 405 24.20 -20.05 -29.59
C GLN B 405 25.51 -20.64 -30.10
N LEU B 406 25.66 -21.96 -30.10
CA LEU B 406 26.88 -22.57 -30.59
C LEU B 406 27.10 -22.27 -32.07
N PHE B 407 26.06 -22.41 -32.89
CA PHE B 407 26.26 -22.21 -34.32
C PHE B 407 26.66 -20.78 -34.60
N GLU B 408 25.95 -19.84 -33.99
CA GLU B 408 26.33 -18.44 -34.10
C GLU B 408 27.79 -18.25 -33.69
N GLU B 409 28.19 -18.84 -32.56
CA GLU B 409 29.50 -18.49 -32.04
C GLU B 409 30.60 -19.12 -32.89
N LEU B 410 30.37 -20.33 -33.42
CA LEU B 410 31.35 -20.95 -34.36
C LEU B 410 31.37 -20.19 -35.70
N ARG B 411 30.20 -19.81 -36.19
CA ARG B 411 30.12 -18.98 -37.41
C ARG B 411 30.98 -17.72 -37.27
N ARG B 412 30.76 -16.94 -36.23
CA ARG B 412 31.45 -15.65 -36.11
C ARG B 412 32.93 -15.80 -35.80
N ALA B 413 33.32 -16.83 -35.06
CA ALA B 413 34.72 -16.97 -34.75
C ALA B 413 35.51 -17.52 -35.92
N ALA B 414 34.87 -18.10 -36.88
CA ALA B 414 35.65 -18.67 -37.97
C ALA B 414 35.89 -17.63 -39.06
N PRO B 415 37.05 -17.72 -39.68
CA PRO B 415 37.43 -16.71 -40.67
C PRO B 415 36.74 -16.93 -42.00
N LEU B 416 36.79 -15.88 -42.81
CA LEU B 416 36.31 -15.97 -44.17
C LEU B 416 37.17 -16.94 -44.95
N SER B 417 36.59 -17.47 -46.01
CA SER B 417 37.32 -18.47 -46.78
C SER B 417 36.91 -18.39 -48.23
N ARG B 418 37.88 -18.62 -49.11
CA ARG B 418 37.64 -18.79 -50.54
C ARG B 418 37.82 -20.24 -50.97
N ASP B 419 37.88 -21.17 -50.02
CA ASP B 419 37.90 -22.60 -50.33
C ASP B 419 36.49 -23.08 -50.55
N PRO B 420 36.13 -23.57 -51.74
CA PRO B 420 34.73 -23.90 -52.00
C PRO B 420 34.18 -24.98 -51.09
N THR B 421 35.02 -25.86 -50.57
CA THR B 421 34.51 -26.88 -49.67
C THR B 421 34.02 -26.24 -48.36
N GLU B 422 34.89 -25.47 -47.70
CA GLU B 422 34.46 -24.68 -46.55
C GLU B 422 33.17 -23.90 -46.84
N VAL B 423 33.14 -23.18 -47.98
CA VAL B 423 32.01 -22.29 -48.29
C VAL B 423 30.73 -23.09 -48.40
N THR B 424 30.76 -24.15 -49.18
CA THR B 424 29.58 -25.00 -49.33
C THR B 424 29.19 -25.58 -47.98
N ALA B 425 30.19 -25.94 -47.17
CA ALA B 425 29.90 -26.59 -45.89
C ALA B 425 29.12 -25.68 -44.96
N ILE B 426 29.57 -24.43 -44.81
CA ILE B 426 28.79 -23.48 -44.01
C ILE B 426 27.41 -23.29 -44.63
N GLY B 427 27.34 -23.18 -45.95
CA GLY B 427 26.03 -23.06 -46.56
C GLY B 427 25.16 -24.24 -46.22
N ALA B 428 25.72 -25.44 -46.29
CA ALA B 428 24.93 -26.63 -46.06
C ALA B 428 24.42 -26.67 -44.64
N VAL B 429 25.24 -26.28 -43.67
CA VAL B 429 24.81 -26.36 -42.28
C VAL B 429 23.79 -25.28 -41.97
N GLU B 430 23.95 -24.10 -42.57
CA GLU B 430 22.93 -23.06 -42.46
C GLU B 430 21.57 -23.54 -42.97
N ALA B 431 21.57 -24.24 -44.11
CA ALA B 431 20.32 -24.69 -44.70
C ALA B 431 19.66 -25.78 -43.88
N ALA B 432 20.45 -26.70 -43.37
CA ALA B 432 19.98 -27.75 -42.48
C ALA B 432 19.23 -27.19 -41.26
N PHE B 433 19.85 -26.26 -40.52
CA PHE B 433 19.15 -25.57 -39.42
C PHE B 433 17.82 -24.93 -39.85
N LYS B 434 17.77 -24.29 -41.02
CA LYS B 434 16.53 -23.63 -41.42
C LYS B 434 15.34 -24.58 -41.56
N CYS B 435 15.57 -25.83 -41.96
CA CYS B 435 14.48 -26.75 -42.22
C CYS B 435 14.43 -27.91 -41.24
N CYS B 436 15.31 -27.90 -40.25
CA CYS B 436 15.48 -29.04 -39.35
C CYS B 436 15.69 -30.30 -40.17
N ALA B 437 16.77 -30.27 -40.94
CA ALA B 437 17.07 -31.35 -41.85
C ALA B 437 17.26 -32.63 -41.07
N ALA B 438 16.86 -33.77 -41.66
CA ALA B 438 17.15 -35.04 -40.98
C ALA B 438 18.61 -35.41 -41.14
N ALA B 439 19.20 -35.04 -42.28
CA ALA B 439 20.59 -35.39 -42.52
C ALA B 439 21.19 -34.42 -43.49
N ILE B 440 22.51 -34.43 -43.53
CA ILE B 440 23.30 -33.88 -44.60
C ILE B 440 24.13 -35.03 -45.16
N ILE B 441 23.92 -35.35 -46.43
CA ILE B 441 24.65 -36.43 -47.11
C ILE B 441 25.84 -35.83 -47.85
N VAL B 442 27.04 -36.31 -47.53
CA VAL B 442 28.25 -35.77 -48.13
C VAL B 442 29.13 -36.86 -48.75
N LEU B 443 29.64 -36.57 -49.94
CA LEU B 443 30.58 -37.42 -50.66
C LEU B 443 32.00 -36.92 -50.40
N THR B 444 32.82 -37.74 -49.79
CA THR B 444 34.16 -37.33 -49.43
C THR B 444 35.08 -38.49 -49.76
N THR B 445 36.32 -38.19 -50.13
CA THR B 445 37.30 -39.26 -50.35
C THR B 445 38.32 -39.30 -49.24
N THR B 446 38.65 -38.15 -48.67
CA THR B 446 39.57 -38.04 -47.55
C THR B 446 38.86 -38.01 -46.20
N GLY B 447 37.58 -37.66 -46.17
CA GLY B 447 36.89 -37.24 -44.96
C GLY B 447 36.81 -35.74 -44.77
N ARG B 448 37.63 -34.96 -45.48
CA ARG B 448 37.81 -33.55 -45.13
C ARG B 448 36.48 -32.77 -45.18
N SER B 449 35.66 -32.93 -46.23
CA SER B 449 34.34 -32.29 -46.30
C SER B 449 33.47 -32.64 -45.10
N ALA B 450 33.43 -33.93 -44.72
CA ALA B 450 32.63 -34.29 -43.58
C ALA B 450 33.12 -33.55 -42.35
N GLN B 451 34.44 -33.42 -42.21
CA GLN B 451 35.02 -32.72 -41.08
C GLN B 451 34.67 -31.23 -41.05
N LEU B 452 34.69 -30.59 -42.22
CA LEU B 452 34.30 -29.19 -42.32
C LEU B 452 32.81 -29.00 -42.08
N LEU B 453 31.99 -30.01 -42.36
CA LEU B 453 30.61 -29.99 -41.88
C LEU B 453 30.56 -30.11 -40.37
N SER B 454 31.32 -31.06 -39.81
CA SER B 454 31.23 -31.38 -38.40
C SER B 454 31.66 -30.19 -37.53
N ARG B 455 32.58 -29.36 -38.02
CA ARG B 455 33.09 -28.28 -37.18
C ARG B 455 32.04 -27.23 -36.83
N TYR B 456 30.90 -27.16 -37.56
CA TYR B 456 29.80 -26.25 -37.27
C TYR B 456 28.69 -26.92 -36.46
N ARG B 457 28.91 -28.17 -36.06
CA ARG B 457 28.01 -28.88 -35.18
C ARG B 457 26.57 -28.77 -35.67
N PRO B 458 26.29 -29.21 -36.89
CA PRO B 458 24.88 -29.29 -37.33
C PRO B 458 24.14 -30.17 -36.34
N ARG B 459 22.81 -29.97 -36.27
CA ARG B 459 22.03 -30.98 -35.55
C ARG B 459 21.75 -32.17 -36.43
N ALA B 460 21.60 -31.92 -37.74
CA ALA B 460 21.39 -32.96 -38.73
C ALA B 460 22.60 -33.89 -38.83
N ALA B 461 22.32 -35.17 -39.02
CA ALA B 461 23.35 -36.17 -39.17
C ALA B 461 24.14 -35.93 -40.46
N VAL B 462 25.46 -35.99 -40.35
CA VAL B 462 26.37 -35.86 -41.49
C VAL B 462 26.66 -37.27 -41.99
N ILE B 463 25.93 -37.69 -43.00
CA ILE B 463 26.09 -39.02 -43.58
C ILE B 463 27.16 -38.92 -44.66
N ALA B 464 28.29 -39.59 -44.42
CA ALA B 464 29.49 -39.42 -45.23
C ALA B 464 29.77 -40.67 -46.04
N VAL B 465 29.52 -40.60 -47.34
CA VAL B 465 29.71 -41.71 -48.24
C VAL B 465 31.12 -41.67 -48.81
N THR B 466 31.87 -42.75 -48.66
CA THR B 466 33.25 -42.74 -49.11
C THR B 466 33.62 -44.11 -49.66
N ARG B 467 34.64 -44.13 -50.49
CA ARG B 467 35.11 -45.38 -51.05
C ARG B 467 36.35 -45.85 -50.32
N SER B 468 36.87 -45.00 -49.44
CA SER B 468 38.13 -45.27 -48.75
C SER B 468 37.82 -45.83 -47.38
N ALA B 469 38.23 -47.08 -47.16
CA ALA B 469 37.97 -47.77 -45.90
C ALA B 469 38.71 -47.05 -44.80
N GLN B 470 39.84 -46.43 -45.14
CA GLN B 470 40.57 -45.67 -44.15
C GLN B 470 39.74 -44.47 -43.72
N ALA B 471 39.37 -43.61 -44.67
CA ALA B 471 38.54 -42.46 -44.34
C ALA B 471 37.32 -42.86 -43.53
N ALA B 472 36.65 -43.97 -43.90
CA ALA B 472 35.43 -44.33 -43.19
C ALA B 472 35.73 -44.57 -41.72
N ARG B 473 36.87 -45.19 -41.44
CA ARG B 473 37.26 -45.42 -40.08
C ARG B 473 37.65 -44.11 -39.40
N GLN B 474 38.39 -43.26 -40.12
CA GLN B 474 39.10 -42.17 -39.45
C GLN B 474 38.12 -41.06 -39.09
N VAL B 475 37.04 -40.90 -39.86
CA VAL B 475 36.14 -39.79 -39.55
C VAL B 475 35.23 -40.07 -38.35
N HIS B 476 35.25 -41.27 -37.77
CA HIS B 476 34.62 -41.48 -36.46
C HIS B 476 35.18 -40.53 -35.40
N LEU B 477 36.40 -40.05 -35.54
CA LEU B 477 36.90 -39.01 -34.68
C LEU B 477 36.07 -37.71 -34.70
N CYS B 478 35.23 -37.51 -35.72
CA CYS B 478 34.55 -36.24 -35.93
C CYS B 478 33.09 -36.39 -35.54
N ARG B 479 32.66 -35.59 -34.56
CA ARG B 479 31.29 -35.76 -34.07
C ARG B 479 30.33 -35.44 -35.20
N GLY B 480 29.20 -36.15 -35.21
CA GLY B 480 28.18 -35.93 -36.20
C GLY B 480 28.34 -36.72 -37.49
N VAL B 481 29.50 -37.34 -37.73
CA VAL B 481 29.76 -37.99 -39.00
C VAL B 481 29.48 -39.48 -38.87
N PHE B 482 28.47 -39.98 -39.61
CA PHE B 482 28.20 -41.41 -39.80
C PHE B 482 28.82 -41.90 -41.10
N PRO B 483 29.92 -42.65 -41.07
CA PRO B 483 30.58 -43.10 -42.31
C PRO B 483 29.85 -44.28 -42.93
N LEU B 484 29.64 -44.20 -44.25
CA LEU B 484 29.20 -45.31 -45.09
C LEU B 484 30.26 -45.65 -46.13
N LEU B 485 30.66 -46.91 -46.17
CA LEU B 485 31.68 -47.39 -47.09
C LEU B 485 31.00 -47.98 -48.33
N TYR B 486 31.36 -47.43 -49.46
CA TYR B 486 30.69 -47.74 -50.74
C TYR B 486 31.66 -48.59 -51.52
N ARG B 487 31.23 -49.80 -51.87
CA ARG B 487 32.08 -50.77 -52.56
C ARG B 487 31.66 -50.98 -54.02
N GLU B 488 30.38 -50.78 -54.34
CA GLU B 488 29.81 -50.94 -55.67
C GLU B 488 30.63 -50.35 -56.82
N PRO B 489 30.42 -50.85 -58.04
CA PRO B 489 31.32 -50.48 -59.17
C PRO B 489 31.12 -49.04 -59.59
N PRO B 490 32.19 -48.34 -59.94
CA PRO B 490 32.00 -46.99 -60.47
C PRO B 490 31.10 -47.08 -61.70
N GLU B 491 30.42 -45.97 -61.99
CA GLU B 491 29.56 -45.86 -63.17
C GLU B 491 30.24 -44.94 -64.17
N ALA B 492 30.06 -45.24 -65.46
CA ALA B 492 30.78 -44.48 -66.48
C ALA B 492 30.48 -42.99 -66.36
N ILE B 493 29.20 -42.61 -66.45
CA ILE B 493 28.85 -41.20 -66.34
C ILE B 493 28.99 -40.78 -64.88
N TRP B 494 29.90 -39.83 -64.63
CA TRP B 494 30.17 -39.42 -63.26
C TRP B 494 28.90 -38.93 -62.58
N ALA B 495 28.13 -38.09 -63.25
CA ALA B 495 26.86 -37.67 -62.66
C ALA B 495 26.01 -38.87 -62.24
N ASP B 496 26.19 -40.03 -62.87
CA ASP B 496 25.45 -41.20 -62.44
C ASP B 496 26.14 -41.88 -61.24
N ASP B 497 27.47 -41.83 -61.20
CA ASP B 497 28.16 -42.39 -60.05
C ASP B 497 27.88 -41.58 -58.79
N VAL B 498 27.65 -40.27 -58.93
CA VAL B 498 27.32 -39.44 -57.79
C VAL B 498 25.93 -39.79 -57.28
N ASP B 499 24.96 -39.86 -58.19
CA ASP B 499 23.59 -40.21 -57.81
C ASP B 499 23.51 -41.54 -57.10
N ARG B 500 24.25 -42.55 -57.57
CA ARG B 500 24.14 -43.87 -56.95
C ARG B 500 24.68 -43.83 -55.52
N ARG B 501 25.72 -43.02 -55.30
CA ARG B 501 26.29 -42.87 -53.97
C ARG B 501 25.36 -42.05 -53.08
N VAL B 502 24.77 -40.98 -53.59
CA VAL B 502 23.75 -40.29 -52.80
C VAL B 502 22.62 -41.26 -52.46
N GLN B 503 22.17 -42.05 -53.44
CA GLN B 503 21.18 -43.08 -53.16
C GLN B 503 21.65 -44.02 -52.07
N PHE B 504 22.87 -44.55 -52.20
CA PHE B 504 23.42 -45.40 -51.16
C PHE B 504 23.25 -44.73 -49.79
N GLY B 505 23.64 -43.45 -49.72
CA GLY B 505 23.46 -42.72 -48.48
C GLY B 505 22.02 -42.68 -48.03
N ILE B 506 21.11 -42.31 -48.93
CA ILE B 506 19.71 -42.20 -48.56
C ILE B 506 19.17 -43.53 -48.06
N GLU B 507 19.52 -44.61 -48.75
CA GLU B 507 18.91 -45.89 -48.45
C GLU B 507 19.59 -46.50 -47.22
N SER B 508 20.91 -46.31 -47.07
CA SER B 508 21.54 -46.70 -45.81
C SER B 508 20.87 -45.96 -44.66
N GLY B 509 20.53 -44.71 -44.85
CA GLY B 509 20.02 -43.92 -43.76
C GLY B 509 18.59 -44.25 -43.42
N LYS B 510 17.77 -44.48 -44.45
CA LYS B 510 16.40 -44.95 -44.22
C LYS B 510 16.39 -46.14 -43.27
N LEU B 511 17.23 -47.15 -43.55
CA LEU B 511 17.10 -48.40 -42.80
C LEU B 511 17.79 -48.34 -41.44
N ARG B 512 18.76 -47.45 -41.24
CA ARG B 512 19.34 -47.25 -39.91
C ARG B 512 18.51 -46.34 -39.03
N GLY B 513 17.49 -45.68 -39.59
CA GLY B 513 16.62 -44.79 -38.83
C GLY B 513 16.88 -43.30 -38.97
N PHE B 514 17.98 -42.86 -39.61
CA PHE B 514 18.30 -41.44 -39.65
C PHE B 514 17.27 -40.63 -40.44
N LEU B 515 16.66 -41.23 -41.47
CA LEU B 515 15.86 -40.54 -42.47
C LEU B 515 14.52 -41.24 -42.62
N ARG B 516 13.43 -40.48 -42.71
CA ARG B 516 12.12 -40.99 -43.09
C ARG B 516 11.64 -40.25 -44.32
N VAL B 517 10.79 -40.90 -45.13
CA VAL B 517 10.15 -40.21 -46.25
C VAL B 517 9.46 -38.95 -45.72
N GLY B 518 9.54 -37.86 -46.49
CA GLY B 518 9.03 -36.58 -46.05
C GLY B 518 10.12 -35.65 -45.56
N ASP B 519 11.03 -36.20 -44.74
CA ASP B 519 12.20 -35.48 -44.25
C ASP B 519 12.86 -34.72 -45.40
N LEU B 520 13.60 -33.68 -45.06
CA LEU B 520 14.48 -33.01 -46.00
C LEU B 520 15.90 -33.38 -45.65
N VAL B 521 16.71 -33.61 -46.65
CA VAL B 521 18.15 -33.76 -46.47
C VAL B 521 18.85 -32.71 -47.33
N ILE B 522 20.00 -32.24 -46.85
CA ILE B 522 20.93 -31.47 -47.64
C ILE B 522 21.95 -32.47 -48.17
N VAL B 523 22.32 -32.32 -49.43
CA VAL B 523 23.28 -33.20 -50.09
C VAL B 523 24.42 -32.34 -50.58
N VAL B 524 25.65 -32.79 -50.34
CA VAL B 524 26.84 -32.02 -50.66
C VAL B 524 27.79 -32.87 -51.48
N THR B 525 28.14 -32.38 -52.67
CA THR B 525 28.91 -33.12 -53.67
C THR B 525 29.82 -32.16 -54.46
N GLY B 526 30.69 -32.76 -55.28
CA GLY B 526 31.51 -32.02 -56.22
C GLY B 526 30.86 -31.83 -57.61
N TRP B 527 31.32 -30.77 -58.29
CA TRP B 527 30.82 -30.34 -59.61
C TRP B 527 31.35 -31.23 -60.73
N ARG B 528 32.61 -31.64 -60.63
CA ARG B 528 33.22 -32.56 -61.59
C ARG B 528 34.19 -33.45 -60.84
N PRO B 529 34.63 -34.54 -61.47
CA PRO B 529 35.54 -35.46 -60.77
C PRO B 529 36.90 -34.81 -60.59
N GLY B 530 37.63 -35.31 -59.59
CA GLY B 530 38.97 -34.84 -59.32
C GLY B 530 39.22 -33.37 -59.54
N GLU B 531 38.18 -32.54 -59.31
CA GLU B 531 38.36 -31.11 -59.12
C GLU B 531 38.69 -30.77 -57.68
N GLY B 532 38.80 -31.79 -56.81
CA GLY B 532 39.27 -31.64 -55.44
C GLY B 532 38.33 -30.93 -54.51
N TYR B 533 37.07 -30.81 -54.89
CA TYR B 533 36.15 -29.91 -54.23
C TYR B 533 34.88 -30.63 -53.85
N THR B 534 34.14 -30.00 -52.95
CA THR B 534 32.69 -30.09 -52.88
C THR B 534 32.21 -28.63 -52.97
N ASN B 535 31.40 -28.35 -53.99
CA ASN B 535 30.89 -27.01 -54.20
C ASN B 535 29.46 -27.05 -54.73
N ILE B 536 28.75 -28.13 -54.47
CA ILE B 536 27.36 -28.31 -54.84
C ILE B 536 26.61 -28.56 -53.55
N MET B 537 25.49 -27.88 -53.37
CA MET B 537 24.60 -28.14 -52.26
C MET B 537 23.20 -28.25 -52.84
N ARG B 538 22.49 -29.33 -52.50
CA ARG B 538 21.11 -29.46 -52.92
C ARG B 538 20.22 -29.80 -51.73
N VAL B 539 18.97 -29.34 -51.83
CA VAL B 539 17.91 -29.61 -50.89
C VAL B 539 16.98 -30.60 -51.55
N LEU B 540 16.71 -31.69 -50.87
CA LEU B 540 16.07 -32.85 -51.47
C LEU B 540 15.00 -33.36 -50.52
N SER B 541 13.80 -33.62 -51.06
CA SER B 541 12.76 -34.32 -50.32
C SER B 541 12.93 -35.83 -50.48
N ILE B 542 12.77 -36.54 -49.39
CA ILE B 542 12.86 -38.00 -49.46
C ILE B 542 11.52 -38.61 -49.94
N GLN C 18 -38.92 -0.21 4.65
CA GLN C 18 -38.64 -1.16 5.71
C GLN C 18 -37.89 -2.35 5.15
N GLU C 19 -36.72 -2.05 4.58
CA GLU C 19 -35.87 -3.11 4.04
C GLU C 19 -35.66 -4.22 5.06
N LEU C 20 -35.36 -3.86 6.31
CA LEU C 20 -34.85 -4.82 7.29
C LEU C 20 -35.90 -5.36 8.24
N GLY C 21 -37.01 -4.66 8.47
CA GLY C 21 -38.18 -5.29 9.09
C GLY C 21 -38.53 -4.74 10.47
N THR C 22 -39.40 -5.51 11.15
CA THR C 22 -40.03 -5.05 12.40
C THR C 22 -39.11 -5.20 13.60
N ALA C 23 -38.38 -6.31 13.65
CA ALA C 23 -37.54 -6.63 14.80
C ALA C 23 -36.36 -5.67 14.93
N PHE C 24 -35.78 -5.26 13.80
CA PHE C 24 -34.55 -4.46 13.79
C PHE C 24 -34.59 -3.37 14.87
N PHE C 25 -35.73 -2.72 15.04
CA PHE C 25 -35.81 -1.62 15.99
C PHE C 25 -35.95 -2.02 17.44
N GLN C 26 -36.15 -3.29 17.75
CA GLN C 26 -36.26 -3.76 19.12
C GLN C 26 -34.90 -4.10 19.69
N GLN C 27 -34.01 -4.60 18.83
CA GLN C 27 -32.77 -5.25 19.19
C GLN C 27 -31.67 -4.24 19.45
N GLN C 28 -30.62 -4.74 20.08
CA GLN C 28 -29.38 -4.04 20.35
C GLN C 28 -29.59 -2.65 20.95
N GLN C 29 -30.52 -2.54 21.89
CA GLN C 29 -30.79 -1.32 22.63
C GLN C 29 -30.99 -0.12 21.72
N LEU C 30 -31.46 -0.34 20.48
CA LEU C 30 -31.59 0.77 19.54
C LEU C 30 -32.52 1.86 20.04
N PRO C 31 -33.61 1.58 20.76
CA PRO C 31 -34.39 2.67 21.36
C PRO C 31 -33.56 3.55 22.32
N ALA C 32 -32.67 2.95 23.09
CA ALA C 32 -31.82 3.75 23.97
C ALA C 32 -30.69 4.44 23.21
N ALA C 33 -30.31 3.92 22.04
CA ALA C 33 -29.23 4.51 21.26
C ALA C 33 -29.66 5.87 20.73
N MET C 34 -30.94 6.01 20.38
CA MET C 34 -31.49 7.24 19.85
C MET C 34 -32.14 8.17 20.87
N ALA C 35 -32.00 7.92 22.15
CA ALA C 35 -32.45 8.92 23.12
C ALA C 35 -31.72 10.25 22.96
N ASP C 36 -32.35 11.32 23.43
CA ASP C 36 -31.81 12.67 23.27
C ASP C 36 -30.84 13.08 24.36
N THR C 37 -30.87 12.40 25.49
CA THR C 37 -30.00 12.65 26.64
C THR C 37 -29.53 11.32 27.17
N PHE C 38 -28.40 11.36 27.90
CA PHE C 38 -27.88 10.15 28.52
C PHE C 38 -28.84 9.60 29.57
N LEU C 39 -29.51 10.48 30.31
CA LEU C 39 -30.43 10.00 31.33
C LEU C 39 -31.59 9.22 30.70
N GLU C 40 -32.13 9.67 29.58
CA GLU C 40 -33.17 8.89 28.90
C GLU C 40 -32.62 7.64 28.22
N HIS C 41 -31.37 7.68 27.77
CA HIS C 41 -30.73 6.47 27.27
C HIS C 41 -30.74 5.37 28.31
N LEU C 42 -30.33 5.71 29.55
CA LEU C 42 -30.35 4.74 30.63
C LEU C 42 -31.78 4.31 30.94
N CYS C 43 -32.71 5.27 30.87
CA CYS C 43 -34.09 4.93 31.21
C CYS C 43 -34.69 3.96 30.22
N LEU C 44 -34.10 3.86 29.04
CA LEU C 44 -34.68 3.09 27.93
C LEU C 44 -33.97 1.77 27.70
N LEU C 45 -32.85 1.54 28.38
CA LEU C 45 -32.23 0.22 28.30
C LEU C 45 -33.29 -0.82 28.61
N ASP C 46 -33.23 -1.95 27.90
CA ASP C 46 -34.28 -2.97 27.93
C ASP C 46 -33.65 -4.34 27.99
N ILE C 47 -33.93 -5.11 29.06
CA ILE C 47 -33.37 -6.45 29.17
C ILE C 47 -33.88 -7.43 28.12
N ASP C 48 -34.94 -7.07 27.36
CA ASP C 48 -35.45 -7.95 26.32
C ASP C 48 -34.88 -7.62 24.93
N SER C 49 -34.15 -6.52 24.82
CA SER C 49 -33.55 -6.08 23.56
C SER C 49 -32.25 -6.84 23.43
N GLU C 50 -32.26 -7.84 22.57
CA GLU C 50 -31.16 -8.75 22.48
C GLU C 50 -30.06 -8.12 21.64
N PRO C 51 -28.80 -8.31 22.02
CA PRO C 51 -27.69 -7.69 21.31
C PRO C 51 -27.36 -8.47 20.03
N VAL C 52 -27.69 -7.89 18.87
CA VAL C 52 -27.48 -8.58 17.60
C VAL C 52 -26.00 -8.64 17.25
N ALA C 53 -25.34 -7.48 17.24
CA ALA C 53 -23.97 -7.33 16.79
C ALA C 53 -23.06 -8.33 17.46
N ALA C 54 -21.91 -8.59 16.86
CA ALA C 54 -20.93 -9.47 17.45
C ALA C 54 -20.12 -8.74 18.51
N ARG C 55 -19.76 -9.47 19.55
CA ARG C 55 -18.98 -8.95 20.66
C ARG C 55 -17.64 -8.45 20.18
N SER C 56 -17.39 -7.17 20.44
CA SER C 56 -16.28 -6.45 19.86
C SER C 56 -15.13 -6.12 20.83
N THR C 57 -15.34 -6.20 22.13
CA THR C 57 -14.27 -6.07 23.13
C THR C 57 -13.45 -7.37 23.27
N SER C 58 -12.14 -7.25 23.15
CA SER C 58 -11.30 -8.45 23.21
C SER C 58 -11.19 -9.04 24.61
N ILE C 59 -11.07 -10.36 24.67
CA ILE C 59 -10.78 -11.05 25.92
C ILE C 59 -9.31 -11.50 25.91
N ILE C 60 -8.60 -11.21 27.01
CA ILE C 60 -7.26 -11.69 27.28
C ILE C 60 -7.35 -12.74 28.39
N ALA C 61 -6.86 -13.93 28.11
CA ALA C 61 -6.85 -15.00 29.10
C ALA C 61 -5.41 -15.33 29.45
N THR C 62 -5.08 -15.20 30.74
CA THR C 62 -3.75 -15.58 31.21
C THR C 62 -3.66 -17.10 31.17
N ILE C 63 -2.58 -17.56 30.57
CA ILE C 63 -2.31 -19.00 30.47
C ILE C 63 -1.63 -19.46 31.76
N GLY C 64 -2.19 -20.51 32.33
CA GLY C 64 -1.54 -21.18 33.44
C GLY C 64 -1.87 -22.66 33.46
N PRO C 65 -1.61 -23.26 34.60
CA PRO C 65 -1.95 -24.68 34.80
C PRO C 65 -3.31 -25.07 34.26
N ALA C 66 -4.28 -24.17 34.47
CA ALA C 66 -5.66 -24.47 34.17
C ALA C 66 -5.98 -24.35 32.71
N SER C 67 -5.04 -23.85 31.89
CA SER C 67 -5.36 -23.51 30.50
C SER C 67 -4.18 -23.72 29.56
N ARG C 68 -3.31 -24.69 29.85
CA ARG C 68 -2.21 -25.04 28.95
C ARG C 68 -2.55 -26.19 28.02
N SER C 69 -3.53 -27.02 28.37
CA SER C 69 -3.91 -28.14 27.51
C SER C 69 -4.54 -27.66 26.21
N VAL C 70 -4.17 -28.34 25.13
CA VAL C 70 -4.57 -27.94 23.80
C VAL C 70 -6.07 -28.02 23.63
N GLU C 71 -6.70 -29.03 24.24
CA GLU C 71 -8.15 -29.21 24.06
C GLU C 71 -8.90 -28.19 24.89
N ARG C 72 -8.32 -27.82 26.02
CA ARG C 72 -8.82 -26.74 26.86
C ARG C 72 -8.77 -25.42 26.08
N LEU C 73 -7.61 -25.14 25.45
CA LEU C 73 -7.43 -23.88 24.73
C LEU C 73 -8.38 -23.78 23.55
N LYS C 74 -8.74 -24.91 22.96
CA LYS C 74 -9.67 -24.85 21.84
C LYS C 74 -11.04 -24.43 22.34
N GLU C 75 -11.41 -24.93 23.54
CA GLU C 75 -12.69 -24.59 24.14
C GLU C 75 -12.72 -23.11 24.54
N MET C 76 -11.58 -22.58 25.02
CA MET C 76 -11.44 -21.17 25.34
C MET C 76 -11.45 -20.28 24.09
N ILE C 77 -10.93 -20.74 22.94
CA ILE C 77 -11.04 -20.00 21.70
C ILE C 77 -12.48 -19.98 21.22
N LYS C 78 -13.15 -21.12 21.37
CA LYS C 78 -14.57 -21.20 21.07
C LYS C 78 -15.39 -20.32 22.03
N ALA C 79 -14.96 -20.20 23.29
CA ALA C 79 -15.72 -19.33 24.18
C ALA C 79 -15.47 -17.86 23.91
N GLY C 80 -14.40 -17.50 23.20
CA GLY C 80 -14.18 -16.14 22.75
C GLY C 80 -12.83 -15.57 23.13
N MET C 81 -11.87 -16.38 23.53
CA MET C 81 -10.53 -15.85 23.81
C MET C 81 -9.87 -15.28 22.54
N ASN C 82 -9.34 -14.05 22.64
CA ASN C 82 -8.72 -13.39 21.52
C ASN C 82 -7.23 -13.13 21.69
N ILE C 83 -6.73 -13.12 22.92
CA ILE C 83 -5.34 -12.83 23.23
C ILE C 83 -4.92 -13.73 24.38
N ALA C 84 -3.80 -14.43 24.22
CA ALA C 84 -3.26 -15.29 25.27
C ALA C 84 -2.12 -14.56 25.99
N ARG C 85 -2.21 -14.48 27.30
CA ARG C 85 -1.24 -13.76 28.10
C ARG C 85 -0.29 -14.77 28.73
N LEU C 86 1.01 -14.57 28.53
CA LEU C 86 2.04 -15.37 29.18
C LEU C 86 2.64 -14.51 30.29
N ASN C 87 2.53 -14.97 31.51
CA ASN C 87 2.94 -14.21 32.68
C ASN C 87 4.35 -14.63 33.10
N PHE C 88 5.34 -13.81 32.74
CA PHE C 88 6.75 -14.15 32.97
C PHE C 88 7.21 -13.92 34.40
N SER C 89 6.28 -13.71 35.32
CA SER C 89 6.61 -13.68 36.72
C SER C 89 6.77 -15.08 37.28
N HIS C 90 6.29 -16.10 36.57
CA HIS C 90 6.30 -17.49 37.00
C HIS C 90 6.66 -18.36 35.80
N GLY C 91 7.75 -19.10 35.89
CA GLY C 91 7.93 -20.11 34.87
C GLY C 91 9.13 -19.86 33.95
N SER C 92 9.77 -20.97 33.59
CA SER C 92 10.95 -20.95 32.74
C SER C 92 10.58 -20.56 31.32
N HIS C 93 11.62 -20.14 30.58
CA HIS C 93 11.51 -19.97 29.14
C HIS C 93 10.93 -21.22 28.48
N GLU C 94 11.38 -22.41 28.89
CA GLU C 94 10.83 -23.64 28.31
C GLU C 94 9.35 -23.78 28.63
N TYR C 95 8.96 -23.47 29.86
CA TYR C 95 7.56 -23.55 30.25
C TYR C 95 6.68 -22.75 29.30
N HIS C 96 7.09 -21.50 29.04
CA HIS C 96 6.35 -20.55 28.20
C HIS C 96 6.41 -20.94 26.74
N ALA C 97 7.54 -21.50 26.28
CA ALA C 97 7.60 -22.07 24.94
C ALA C 97 6.58 -23.19 24.79
N GLU C 98 6.42 -24.06 25.79
CA GLU C 98 5.35 -25.07 25.72
C GLU C 98 3.96 -24.38 25.68
N SER C 99 3.77 -23.34 26.49
CA SER C 99 2.52 -22.59 26.48
C SER C 99 2.22 -22.04 25.08
N ILE C 100 3.23 -21.39 24.50
CA ILE C 100 3.07 -20.77 23.20
C ILE C 100 2.71 -21.81 22.16
N ALA C 101 3.44 -22.91 22.12
CA ALA C 101 3.18 -23.94 21.12
C ALA C 101 1.78 -24.52 21.27
N ASN C 102 1.33 -24.77 22.51
CA ASN C 102 -0.01 -25.33 22.68
C ASN C 102 -1.08 -24.33 22.27
N VAL C 103 -0.89 -23.04 22.60
CA VAL C 103 -1.84 -22.03 22.13
C VAL C 103 -1.92 -22.08 20.60
N ARG C 104 -0.75 -22.04 19.92
CA ARG C 104 -0.75 -22.02 18.46
C ARG C 104 -1.33 -23.31 17.86
N GLU C 105 -1.03 -24.47 18.44
CA GLU C 105 -1.71 -25.69 17.98
C GLU C 105 -3.22 -25.51 18.08
N ALA C 106 -3.71 -25.08 19.25
CA ALA C 106 -5.14 -24.81 19.42
C ALA C 106 -5.66 -23.93 18.30
N VAL C 107 -4.99 -22.82 18.05
CA VAL C 107 -5.50 -21.86 17.08
C VAL C 107 -5.57 -22.48 15.70
N GLU C 108 -4.55 -23.27 15.32
CA GLU C 108 -4.46 -23.73 13.92
C GLU C 108 -5.46 -24.82 13.61
N SER C 109 -6.03 -25.49 14.61
CA SER C 109 -7.10 -26.47 14.39
C SER C 109 -8.27 -25.90 13.58
N PHE C 110 -8.67 -24.69 13.86
CA PHE C 110 -9.80 -24.09 13.15
C PHE C 110 -9.36 -23.55 11.82
N ALA C 111 -8.10 -23.77 11.43
CA ALA C 111 -7.62 -23.21 10.17
C ALA C 111 -8.15 -23.93 8.94
N GLY C 112 -8.65 -25.16 9.10
CA GLY C 112 -9.43 -25.80 8.05
C GLY C 112 -10.32 -24.88 7.24
N SER C 113 -11.17 -24.09 7.89
CA SER C 113 -12.13 -23.22 7.21
C SER C 113 -11.72 -21.76 7.38
N PRO C 114 -11.23 -21.10 6.33
CA PRO C 114 -10.80 -19.69 6.51
C PRO C 114 -11.93 -18.74 6.93
N LEU C 115 -13.20 -19.13 6.76
CA LEU C 115 -14.31 -18.23 7.02
C LEU C 115 -14.64 -18.11 8.49
N SER C 116 -14.23 -19.10 9.29
CA SER C 116 -14.49 -19.10 10.72
C SER C 116 -13.20 -19.23 11.51
N TYR C 117 -12.05 -19.10 10.84
CA TYR C 117 -10.76 -19.01 11.54
C TYR C 117 -10.72 -17.79 12.44
N ARG C 118 -10.47 -18.01 13.72
CA ARG C 118 -10.34 -16.91 14.65
C ARG C 118 -8.87 -16.74 15.04
N PRO C 119 -8.16 -15.78 14.44
CA PRO C 119 -6.83 -15.45 14.97
C PRO C 119 -6.83 -15.13 16.48
N VAL C 120 -5.71 -15.42 17.10
CA VAL C 120 -5.50 -15.33 18.53
C VAL C 120 -4.09 -14.78 18.74
N ALA C 121 -3.97 -13.62 19.39
CA ALA C 121 -2.68 -12.98 19.60
C ALA C 121 -1.99 -13.60 20.81
N ILE C 122 -0.67 -13.38 20.91
CA ILE C 122 0.10 -13.86 22.05
C ILE C 122 0.86 -12.69 22.68
N ALA C 123 0.72 -12.56 24.00
CA ALA C 123 1.21 -11.41 24.73
C ALA C 123 2.16 -11.88 25.81
N LEU C 124 3.28 -11.19 25.92
CA LEU C 124 4.30 -11.49 26.91
C LEU C 124 4.27 -10.38 27.96
N ASP C 125 3.98 -10.76 29.19
CA ASP C 125 3.79 -9.84 30.29
C ASP C 125 5.05 -9.97 31.16
N THR C 126 5.87 -8.91 31.15
CA THR C 126 7.19 -8.94 31.76
C THR C 126 7.16 -8.98 33.28
N LYS C 127 8.22 -9.57 33.85
CA LYS C 127 8.33 -9.66 35.30
C LYS C 127 8.56 -8.27 35.92
N GLY C 128 9.56 -7.53 35.45
CA GLY C 128 9.85 -6.19 35.93
C GLY C 128 10.29 -6.17 37.38
N PRO C 129 10.31 -4.98 37.99
CA PRO C 129 10.81 -4.84 39.37
C PRO C 129 9.88 -5.30 40.49
N GLU C 130 9.32 -6.50 40.34
CA GLU C 130 8.52 -7.05 41.42
C GLU C 130 9.36 -7.77 42.48
N ILE C 131 8.94 -7.59 43.74
CA ILE C 131 9.49 -8.21 44.93
C ILE C 131 8.63 -9.40 45.30
N ARG C 132 9.23 -10.47 45.83
CA ARG C 132 8.44 -11.64 46.17
C ARG C 132 8.98 -12.43 47.35
N THR C 133 8.14 -13.32 47.84
CA THR C 133 8.47 -14.17 48.98
C THR C 133 8.89 -15.55 48.51
N GLY C 134 9.61 -16.26 49.37
CA GLY C 134 10.33 -17.48 48.99
C GLY C 134 9.50 -18.74 49.13
N ILE C 135 10.20 -19.85 49.37
CA ILE C 135 9.60 -21.17 49.61
C ILE C 135 8.85 -21.62 48.36
N GLU C 143 1.34 -23.63 53.17
CA GLU C 143 0.59 -22.67 53.97
C GLU C 143 0.93 -22.59 55.47
N VAL C 144 1.14 -21.36 55.92
CA VAL C 144 1.27 -20.99 57.32
C VAL C 144 0.27 -19.89 57.64
N GLU C 145 0.18 -19.55 58.92
CA GLU C 145 -0.64 -18.44 59.37
C GLU C 145 0.27 -17.40 60.00
N LEU C 146 0.04 -16.13 59.65
CA LEU C 146 0.80 -15.02 60.21
C LEU C 146 -0.16 -14.32 61.16
N VAL C 147 0.12 -14.42 62.45
CA VAL C 147 -0.84 -14.04 63.47
C VAL C 147 -0.66 -12.56 63.79
N LYS C 148 -1.76 -11.83 63.77
CA LYS C 148 -1.77 -10.44 64.21
C LYS C 148 -1.04 -10.29 65.54
N GLY C 149 -0.12 -9.32 65.60
CA GLY C 149 0.69 -9.08 66.77
C GLY C 149 2.01 -9.83 66.83
N SER C 150 2.10 -10.99 66.18
CA SER C 150 3.33 -11.77 66.26
C SER C 150 4.48 -10.97 65.63
N GLN C 151 5.69 -11.37 65.96
CA GLN C 151 6.89 -10.83 65.36
C GLN C 151 7.25 -11.70 64.19
N VAL C 152 7.56 -11.07 63.06
CA VAL C 152 7.98 -11.75 61.86
C VAL C 152 9.25 -11.07 61.39
N LEU C 153 10.20 -11.89 60.96
CA LEU C 153 11.48 -11.42 60.44
C LEU C 153 11.49 -11.50 58.92
N VAL C 154 11.71 -10.36 58.29
CA VAL C 154 11.91 -10.32 56.84
C VAL C 154 13.40 -10.47 56.60
N THR C 155 13.78 -11.57 55.95
CA THR C 155 15.18 -11.85 55.66
C THR C 155 15.45 -11.84 54.15
N VAL C 156 16.52 -11.14 53.79
CA VAL C 156 17.08 -11.14 52.44
C VAL C 156 17.83 -12.44 52.20
N ALA C 166 6.40 -18.80 59.23
CA ALA C 166 5.39 -18.31 60.18
C ALA C 166 5.84 -17.16 61.06
N ASN C 167 7.11 -17.17 61.39
CA ASN C 167 7.76 -16.05 62.05
C ASN C 167 8.87 -15.51 61.17
N THR C 168 8.97 -16.00 59.95
CA THR C 168 10.04 -15.56 59.07
C THR C 168 9.57 -15.70 57.61
N VAL C 169 10.06 -14.79 56.79
CA VAL C 169 9.67 -14.60 55.41
C VAL C 169 10.90 -14.14 54.65
N TRP C 170 11.15 -14.76 53.49
CA TRP C 170 12.28 -14.40 52.64
C TRP C 170 11.78 -13.61 51.43
N VAL C 171 12.62 -12.70 50.90
CA VAL C 171 12.18 -11.70 49.90
C VAL C 171 13.25 -11.45 48.83
N ASP C 172 12.78 -11.37 47.57
CA ASP C 172 13.58 -11.18 46.36
C ASP C 172 14.49 -9.97 46.36
N TYR C 173 14.22 -9.00 47.20
CA TYR C 173 14.78 -7.66 47.08
C TYR C 173 15.79 -7.51 48.21
N PRO C 174 17.00 -8.12 48.07
CA PRO C 174 18.05 -7.90 49.07
C PRO C 174 18.14 -6.44 49.52
N ASN C 175 17.91 -5.51 48.62
CA ASN C 175 18.02 -4.11 49.01
C ASN C 175 16.81 -3.62 49.81
N ILE C 176 15.83 -4.48 50.10
CA ILE C 176 14.66 -4.08 50.89
C ILE C 176 15.08 -3.55 52.26
N VAL C 177 16.07 -4.19 52.88
CA VAL C 177 16.49 -3.87 54.24
C VAL C 177 16.97 -2.42 54.35
N ARG C 178 17.56 -1.88 53.29
CA ARG C 178 17.98 -0.49 53.29
C ARG C 178 16.87 0.50 52.93
N VAL C 179 15.68 0.03 52.52
CA VAL C 179 14.63 0.91 52.02
C VAL C 179 13.41 1.05 52.94
N VAL C 180 13.22 0.16 53.91
CA VAL C 180 12.02 0.25 54.74
C VAL C 180 12.43 0.78 56.11
N PRO C 181 11.99 1.99 56.50
CA PRO C 181 12.37 2.56 57.81
C PRO C 181 11.66 1.91 58.98
N VAL C 182 11.63 2.56 60.14
CA VAL C 182 11.10 1.93 61.33
C VAL C 182 9.59 2.06 61.36
N GLY C 183 9.04 3.21 61.02
CA GLY C 183 7.60 3.19 60.81
C GLY C 183 7.16 2.26 59.68
N GLY C 184 8.10 1.86 58.82
CA GLY C 184 7.74 1.44 57.48
C GLY C 184 6.82 0.23 57.48
N ARG C 185 6.06 0.13 56.39
CA ARG C 185 5.05 -0.89 56.20
C ARG C 185 5.37 -1.76 55.00
N ILE C 186 5.11 -3.06 55.13
CA ILE C 186 5.37 -4.03 54.08
C ILE C 186 4.09 -4.80 53.83
N TYR C 187 3.67 -4.85 52.57
CA TYR C 187 2.46 -5.54 52.18
C TYR C 187 2.81 -6.83 51.45
N ILE C 188 2.05 -7.87 51.75
CA ILE C 188 2.31 -9.21 51.27
C ILE C 188 1.02 -9.77 50.72
N ASP C 189 1.07 -10.33 49.50
CA ASP C 189 -0.02 -11.06 48.84
C ASP C 189 -1.29 -10.24 48.61
N ASP C 190 -1.31 -9.49 47.52
CA ASP C 190 -2.40 -8.59 47.18
C ASP C 190 -2.75 -7.71 48.38
N GLY C 191 -1.71 -7.34 49.12
CA GLY C 191 -1.88 -6.42 50.22
C GLY C 191 -2.85 -6.92 51.27
N LEU C 192 -3.00 -8.23 51.43
CA LEU C 192 -3.92 -8.75 52.42
C LEU C 192 -3.28 -8.88 53.78
N ILE C 193 -1.95 -8.84 53.80
CA ILE C 193 -1.12 -9.09 54.97
C ILE C 193 -0.18 -7.90 55.06
N SER C 194 -0.18 -7.22 56.20
CA SER C 194 0.66 -6.04 56.39
C SER C 194 1.57 -6.23 57.62
N LEU C 195 2.82 -5.81 57.47
CA LEU C 195 3.84 -5.89 58.48
C LEU C 195 4.38 -4.50 58.74
N VAL C 196 4.50 -4.13 60.01
CA VAL C 196 5.07 -2.82 60.40
C VAL C 196 6.42 -3.04 61.08
N VAL C 197 7.44 -2.32 60.59
CA VAL C 197 8.84 -2.57 60.95
C VAL C 197 9.13 -2.14 62.39
N GLN C 198 9.83 -2.99 63.13
CA GLN C 198 10.21 -2.69 64.52
C GLN C 198 11.69 -2.34 64.62
N LYS C 199 12.59 -3.26 64.29
CA LYS C 199 14.01 -3.00 64.28
C LYS C 199 14.63 -3.44 62.96
N ILE C 200 15.67 -2.71 62.55
CA ILE C 200 16.51 -3.05 61.41
C ILE C 200 17.84 -3.59 61.92
N LEU C 205 15.00 -7.60 58.90
CA LEU C 205 13.99 -6.64 59.34
C LEU C 205 12.96 -7.27 60.25
N VAL C 206 12.89 -6.77 61.49
CA VAL C 206 12.01 -7.31 62.51
C VAL C 206 10.71 -6.50 62.50
N THR C 207 9.60 -7.17 62.27
CA THR C 207 8.33 -6.51 62.08
C THR C 207 7.31 -7.09 63.04
N GLN C 208 6.25 -6.35 63.25
CA GLN C 208 5.05 -6.88 63.88
C GLN C 208 3.93 -6.96 62.84
N VAL C 209 3.24 -8.10 62.83
CA VAL C 209 2.09 -8.32 61.99
C VAL C 209 0.98 -7.35 62.37
N GLU C 210 0.74 -6.37 61.50
CA GLU C 210 -0.43 -5.51 61.56
C GLU C 210 -1.70 -6.25 61.13
N ASN C 211 -1.70 -6.76 59.91
CA ASN C 211 -2.82 -7.55 59.39
C ASN C 211 -2.41 -9.01 59.21
N GLY C 212 -3.06 -9.88 59.96
CA GLY C 212 -2.81 -11.29 59.80
C GLY C 212 -3.59 -11.88 58.65
N GLY C 213 -3.15 -13.06 58.24
CA GLY C 213 -3.76 -13.76 57.11
C GLY C 213 -2.98 -15.03 56.85
N VAL C 214 -3.56 -15.86 56.01
CA VAL C 214 -2.96 -17.16 55.73
C VAL C 214 -2.08 -17.03 54.50
N LEU C 215 -0.78 -17.31 54.67
CA LEU C 215 0.24 -17.03 53.66
C LEU C 215 0.64 -18.28 52.90
N GLY C 216 0.75 -18.14 51.57
CA GLY C 216 1.30 -19.17 50.71
C GLY C 216 2.72 -18.87 50.24
N SER C 217 3.16 -19.65 49.25
CA SER C 217 4.52 -19.55 48.73
C SER C 217 4.56 -18.58 47.56
N ARG C 218 5.69 -17.90 47.40
CA ARG C 218 5.96 -17.08 46.24
C ARG C 218 4.78 -16.14 45.95
N LYS C 219 4.68 -15.11 46.79
CA LYS C 219 3.60 -14.15 46.67
C LYS C 219 4.16 -12.73 46.72
N GLY C 220 3.36 -11.82 46.17
CA GLY C 220 3.85 -10.49 45.89
C GLY C 220 4.00 -9.65 47.13
N VAL C 221 4.85 -8.63 47.00
CA VAL C 221 5.24 -7.79 48.11
C VAL C 221 5.23 -6.36 47.56
N ASN C 222 4.64 -5.45 48.32
CA ASN C 222 4.60 -4.06 47.92
C ASN C 222 5.12 -3.19 49.05
N LEU C 223 5.75 -2.08 48.69
CA LEU C 223 6.32 -1.17 49.66
C LEU C 223 6.05 0.26 49.23
N PRO C 224 4.83 0.72 49.38
CA PRO C 224 4.58 2.14 49.09
C PRO C 224 5.40 3.02 50.03
N GLY C 225 6.54 3.54 49.54
CA GLY C 225 7.47 4.33 50.32
C GLY C 225 8.64 4.82 49.48
N LEU C 233 15.00 -1.65 34.05
CA LEU C 233 14.80 -2.88 33.26
C LEU C 233 15.87 -3.89 33.63
N SER C 234 15.45 -4.98 34.26
CA SER C 234 16.40 -5.95 34.80
C SER C 234 17.05 -6.80 33.70
N GLU C 235 17.98 -7.65 34.15
CA GLU C 235 18.64 -8.61 33.27
C GLU C 235 17.67 -9.70 32.78
N GLN C 236 16.77 -10.16 33.67
CA GLN C 236 15.75 -11.16 33.30
C GLN C 236 14.75 -10.60 32.28
N ASP C 237 14.35 -9.32 32.44
CA ASP C 237 13.49 -8.65 31.47
C ASP C 237 14.11 -8.64 30.08
N VAL C 238 15.42 -8.33 29.98
CA VAL C 238 16.08 -8.29 28.67
C VAL C 238 16.06 -9.67 28.04
N ARG C 239 16.26 -10.73 28.84
CA ARG C 239 16.27 -12.07 28.25
C ARG C 239 14.87 -12.54 27.94
N ASP C 240 13.86 -12.05 28.68
CA ASP C 240 12.49 -12.43 28.35
C ASP C 240 12.02 -11.67 27.13
N LEU C 241 12.46 -10.41 26.99
CA LEU C 241 12.13 -9.69 25.77
C LEU C 241 12.84 -10.30 24.57
N ARG C 242 14.11 -10.68 24.73
CA ARG C 242 14.81 -11.43 23.68
C ARG C 242 13.99 -12.64 23.27
N PHE C 243 13.68 -13.50 24.25
CA PHE C 243 12.80 -14.66 24.05
C PHE C 243 11.51 -14.29 23.30
N GLY C 244 10.90 -13.16 23.67
CA GLY C 244 9.68 -12.80 23.02
C GLY C 244 9.88 -12.53 21.55
N VAL C 245 10.97 -11.82 21.22
CA VAL C 245 11.24 -11.56 19.80
C VAL C 245 11.50 -12.85 19.04
N GLU C 246 12.30 -13.77 19.64
CA GLU C 246 12.63 -15.03 18.98
C GLU C 246 11.41 -15.89 18.72
N HIS C 247 10.39 -15.80 19.56
CA HIS C 247 9.25 -16.68 19.39
C HIS C 247 8.06 -15.94 18.77
N GLY C 248 8.30 -14.78 18.18
CA GLY C 248 7.25 -14.15 17.42
C GLY C 248 6.07 -13.64 18.21
N VAL C 249 6.25 -13.26 19.50
CA VAL C 249 5.12 -12.74 20.27
C VAL C 249 4.61 -11.50 19.58
N ASP C 250 3.30 -11.27 19.71
CA ASP C 250 2.71 -10.11 19.05
C ASP C 250 2.72 -8.84 19.91
N ILE C 251 2.77 -8.99 21.24
CA ILE C 251 2.50 -7.90 22.19
C ILE C 251 3.38 -8.08 23.43
N VAL C 252 3.83 -6.95 23.96
CA VAL C 252 4.50 -6.91 25.25
C VAL C 252 3.69 -6.06 26.21
N PHE C 253 3.29 -6.67 27.34
CA PHE C 253 2.67 -6.00 28.46
C PHE C 253 3.82 -5.59 29.40
N ALA C 254 4.26 -4.32 29.32
CA ALA C 254 5.46 -3.86 30.05
C ALA C 254 5.09 -3.48 31.48
N SER C 255 5.58 -4.24 32.45
CA SER C 255 5.23 -4.03 33.86
C SER C 255 5.88 -2.80 34.50
N PHE C 256 5.13 -2.15 35.38
CA PHE C 256 5.61 -1.06 36.22
C PHE C 256 6.23 0.11 35.43
N VAL C 257 5.56 0.53 34.39
CA VAL C 257 6.08 1.64 33.60
C VAL C 257 5.79 2.89 34.39
N ARG C 258 6.81 3.69 34.60
CA ARG C 258 6.70 4.83 35.48
C ARG C 258 6.88 6.13 34.75
N LYS C 259 7.44 6.11 33.54
CA LYS C 259 7.84 7.30 32.79
C LYS C 259 8.15 6.86 31.37
N ALA C 260 8.25 7.84 30.46
CA ALA C 260 8.57 7.57 29.07
C ALA C 260 9.82 6.70 28.92
N SER C 261 10.97 7.18 29.40
CA SER C 261 12.22 6.44 29.31
C SER C 261 12.14 4.96 29.69
N ASP C 262 11.14 4.57 30.47
CA ASP C 262 10.94 3.15 30.78
C ASP C 262 10.43 2.39 29.58
N VAL C 263 9.47 3.00 28.87
CA VAL C 263 9.00 2.45 27.62
C VAL C 263 10.14 2.42 26.62
N ALA C 264 10.93 3.53 26.57
CA ALA C 264 12.04 3.62 25.61
C ALA C 264 13.01 2.47 25.80
N ALA C 265 13.26 2.11 27.06
CA ALA C 265 14.14 1.02 27.41
C ALA C 265 13.64 -0.33 26.88
N VAL C 266 12.35 -0.63 27.06
CA VAL C 266 11.80 -1.87 26.50
C VAL C 266 11.94 -1.84 24.98
N ARG C 267 11.67 -0.70 24.38
CA ARG C 267 11.76 -0.59 22.92
C ARG C 267 13.19 -0.76 22.43
N ALA C 268 14.18 -0.20 23.15
CA ALA C 268 15.58 -0.49 22.85
C ALA C 268 15.93 -1.95 23.08
N ALA C 269 15.34 -2.58 24.11
CA ALA C 269 15.64 -4.01 24.31
C ALA C 269 15.08 -4.86 23.16
N LEU C 270 13.81 -4.63 22.77
CA LEU C 270 13.23 -5.37 21.66
C LEU C 270 14.02 -5.18 20.37
N GLY C 271 14.66 -4.02 20.23
CA GLY C 271 15.56 -3.74 19.13
C GLY C 271 14.86 -3.66 17.80
N PRO C 272 15.62 -3.39 16.73
CA PRO C 272 14.98 -3.26 15.39
C PRO C 272 14.30 -4.53 14.93
N GLU C 273 14.83 -5.71 15.30
CA GLU C 273 14.20 -6.98 14.97
C GLU C 273 12.84 -7.11 15.59
N GLY C 274 12.59 -6.35 16.68
CA GLY C 274 11.31 -6.35 17.36
C GLY C 274 10.39 -5.15 17.15
N HIS C 275 10.58 -4.42 16.05
CA HIS C 275 9.86 -3.16 15.82
C HIS C 275 8.34 -3.33 15.78
N GLY C 276 7.87 -4.41 15.19
CA GLY C 276 6.45 -4.57 15.03
C GLY C 276 5.71 -5.06 16.24
N ILE C 277 6.41 -5.42 17.32
CA ILE C 277 5.72 -5.79 18.54
C ILE C 277 5.10 -4.57 19.21
N LYS C 278 3.82 -4.70 19.60
CA LYS C 278 3.10 -3.63 20.30
C LYS C 278 3.50 -3.59 21.76
N ILE C 279 3.89 -2.41 22.25
CA ILE C 279 4.17 -2.20 23.66
C ILE C 279 2.95 -1.58 24.33
N ILE C 280 2.34 -2.34 25.23
CA ILE C 280 1.28 -1.88 26.12
C ILE C 280 1.90 -1.64 27.51
N SER C 281 1.89 -0.37 27.92
CA SER C 281 2.53 0.03 29.17
C SER C 281 1.56 -0.19 30.31
N LYS C 282 1.99 -0.96 31.32
CA LYS C 282 1.16 -1.21 32.52
C LYS C 282 1.39 -0.12 33.56
N ILE C 283 0.30 0.55 33.93
CA ILE C 283 0.26 1.62 34.93
C ILE C 283 -0.13 0.98 36.25
N GLU C 284 0.78 1.07 37.23
CA GLU C 284 0.62 0.27 38.42
C GLU C 284 0.97 0.97 39.73
N ASN C 285 1.33 2.24 39.71
CA ASN C 285 1.69 2.92 40.94
C ASN C 285 1.44 4.41 40.73
N HIS C 286 1.52 5.17 41.83
CA HIS C 286 1.10 6.56 41.77
C HIS C 286 1.89 7.31 40.69
N GLU C 287 3.18 6.99 40.54
CA GLU C 287 4.02 7.73 39.62
C GLU C 287 3.59 7.55 38.17
N GLY C 288 3.14 6.33 37.83
CA GLY C 288 2.70 6.07 36.46
C GLY C 288 1.40 6.79 36.15
N VAL C 289 0.51 6.86 37.14
CA VAL C 289 -0.69 7.68 36.98
C VAL C 289 -0.31 9.13 36.72
N LYS C 290 0.54 9.69 37.58
CA LYS C 290 0.82 11.12 37.45
C LYS C 290 1.65 11.42 36.22
N ARG C 291 2.39 10.47 35.69
CA ARG C 291 3.16 10.67 34.48
C ARG C 291 2.52 9.97 33.28
N PHE C 292 1.20 9.78 33.34
CA PHE C 292 0.49 9.07 32.30
C PHE C 292 0.71 9.64 30.90
N ASP C 293 0.54 10.94 30.75
CA ASP C 293 0.54 11.47 29.40
C ASP C 293 1.87 11.20 28.71
N GLU C 294 2.97 11.28 29.45
CA GLU C 294 4.25 11.09 28.77
C GLU C 294 4.44 9.60 28.43
N ILE C 295 3.94 8.71 29.28
CA ILE C 295 3.96 7.29 29.02
C ILE C 295 3.14 6.95 27.79
N LEU C 296 1.91 7.51 27.70
CA LEU C 296 1.01 7.16 26.60
C LEU C 296 1.57 7.64 25.25
N GLU C 297 2.14 8.84 25.21
CA GLU C 297 2.66 9.40 23.96
C GLU C 297 3.62 8.45 23.29
N VAL C 298 4.38 7.67 24.05
CA VAL C 298 5.41 6.79 23.47
C VAL C 298 5.07 5.32 23.56
N SER C 299 3.93 4.97 24.14
CA SER C 299 3.48 3.59 24.16
C SER C 299 2.52 3.38 22.98
N ASP C 300 2.20 2.11 22.71
CA ASP C 300 1.16 1.71 21.78
C ASP C 300 -0.22 1.62 22.42
N GLY C 301 -0.28 1.33 23.70
CA GLY C 301 -1.51 1.47 24.45
C GLY C 301 -1.20 1.33 25.93
N ILE C 302 -2.21 0.94 26.72
CA ILE C 302 -2.06 0.97 28.17
C ILE C 302 -2.79 -0.21 28.78
N MET C 303 -2.25 -0.69 29.90
CA MET C 303 -3.03 -1.53 30.79
C MET C 303 -3.24 -0.83 32.12
N VAL C 304 -4.50 -0.78 32.57
CA VAL C 304 -4.84 -0.38 33.92
C VAL C 304 -4.62 -1.60 34.83
N ALA C 305 -3.46 -1.67 35.47
CA ALA C 305 -3.09 -2.86 36.24
C ALA C 305 -3.58 -2.65 37.66
N ARG C 306 -4.89 -2.93 37.83
CA ARG C 306 -5.59 -2.58 39.07
C ARG C 306 -5.04 -3.33 40.28
N GLY C 307 -4.48 -4.52 40.09
CA GLY C 307 -3.97 -5.27 41.22
C GLY C 307 -2.90 -4.49 41.98
N ASP C 308 -1.75 -4.27 41.36
CA ASP C 308 -0.73 -3.45 41.99
C ASP C 308 -1.25 -2.06 42.27
N LEU C 309 -2.05 -1.52 41.35
CA LEU C 309 -2.38 -0.09 41.43
C LEU C 309 -3.15 0.20 42.71
N GLY C 310 -4.03 -0.72 43.09
CA GLY C 310 -4.87 -0.66 44.26
C GLY C 310 -4.24 -1.12 45.55
N ILE C 311 -2.99 -1.55 45.51
CA ILE C 311 -2.18 -1.67 46.72
C ILE C 311 -1.32 -0.42 46.84
N GLU C 312 -0.85 0.13 45.71
CA GLU C 312 0.08 1.26 45.71
C GLU C 312 -0.64 2.58 45.92
N ILE C 313 -1.90 2.62 45.59
CA ILE C 313 -2.74 3.78 45.89
C ILE C 313 -3.92 3.24 46.65
N PRO C 314 -4.62 4.11 47.38
CA PRO C 314 -5.78 3.64 48.13
C PRO C 314 -6.82 3.00 47.21
N ALA C 315 -7.32 1.84 47.66
CA ALA C 315 -8.21 1.03 46.86
C ALA C 315 -9.40 1.80 46.35
N GLU C 316 -9.95 2.71 47.18
CA GLU C 316 -11.15 3.47 46.82
C GLU C 316 -10.90 4.49 45.72
N LYS C 317 -9.64 4.73 45.36
CA LYS C 317 -9.28 5.60 44.24
C LYS C 317 -9.03 4.88 42.89
N VAL C 318 -8.96 3.55 42.85
CA VAL C 318 -8.57 2.93 41.59
C VAL C 318 -9.56 3.26 40.47
N PHE C 319 -10.87 3.24 40.77
CA PHE C 319 -11.86 3.52 39.72
C PHE C 319 -11.60 4.88 39.05
N LEU C 320 -10.95 5.84 39.73
CA LEU C 320 -10.72 7.17 39.14
C LEU C 320 -9.57 7.14 38.16
N ALA C 321 -8.49 6.43 38.54
CA ALA C 321 -7.38 6.14 37.63
C ALA C 321 -7.85 5.38 36.41
N GLN C 322 -8.66 4.34 36.63
CA GLN C 322 -9.21 3.55 35.53
C GLN C 322 -9.98 4.45 34.56
N LYS C 323 -10.99 5.16 35.05
CA LYS C 323 -11.78 5.95 34.12
C LYS C 323 -10.94 7.05 33.49
N MET C 324 -9.96 7.59 34.19
CA MET C 324 -9.16 8.65 33.59
C MET C 324 -8.30 8.10 32.45
N MET C 325 -7.65 6.96 32.69
CA MET C 325 -6.76 6.37 31.69
C MET C 325 -7.54 5.87 30.49
N ILE C 326 -8.73 5.29 30.69
CA ILE C 326 -9.51 4.86 29.54
C ILE C 326 -9.95 6.08 28.71
N GLY C 327 -10.47 7.11 29.39
CA GLY C 327 -10.86 8.33 28.71
C GLY C 327 -9.73 8.89 27.87
N ARG C 328 -8.51 8.97 28.45
CA ARG C 328 -7.40 9.56 27.70
C ARG C 328 -6.93 8.65 26.58
N CYS C 329 -6.94 7.31 26.79
CA CYS C 329 -6.60 6.41 25.68
C CYS C 329 -7.63 6.48 24.56
N ASN C 330 -8.92 6.53 24.90
CA ASN C 330 -9.95 6.74 23.89
C ASN C 330 -9.71 8.03 23.10
N LEU C 331 -9.27 9.10 23.78
CA LEU C 331 -9.02 10.38 23.11
C LEU C 331 -7.79 10.33 22.21
N ALA C 332 -6.75 9.67 22.67
CA ALA C 332 -5.59 9.50 21.82
C ALA C 332 -5.77 8.45 20.73
N GLY C 333 -6.86 7.70 20.74
CA GLY C 333 -6.99 6.61 19.78
C GLY C 333 -6.02 5.46 19.99
N LYS C 334 -5.60 5.24 21.22
CA LYS C 334 -4.74 4.08 21.50
C LYS C 334 -5.42 3.03 22.38
N PRO C 335 -5.23 1.75 22.08
CA PRO C 335 -5.95 0.70 22.80
C PRO C 335 -5.69 0.72 24.30
N VAL C 336 -6.74 0.43 25.09
CA VAL C 336 -6.57 0.36 26.54
C VAL C 336 -7.19 -0.92 27.09
N VAL C 337 -6.52 -1.49 28.11
CA VAL C 337 -6.87 -2.77 28.70
C VAL C 337 -7.28 -2.57 30.17
N CYS C 338 -8.36 -3.23 30.58
CA CYS C 338 -8.75 -3.30 31.98
C CYS C 338 -8.45 -4.70 32.54
N ALA C 339 -7.67 -4.74 33.63
CA ALA C 339 -7.19 -5.99 34.18
C ALA C 339 -7.38 -6.13 35.69
N THR C 340 -7.46 -7.38 36.12
CA THR C 340 -7.27 -7.89 37.48
C THR C 340 -8.60 -7.96 38.25
N GLN C 341 -8.94 -9.16 38.66
CA GLN C 341 -10.08 -9.51 39.53
C GLN C 341 -11.43 -9.20 38.93
N MET C 342 -11.53 -9.07 37.61
CA MET C 342 -12.85 -8.77 37.02
C MET C 342 -13.87 -9.84 37.35
N LEU C 343 -13.46 -11.10 37.42
CA LEU C 343 -14.35 -12.22 37.71
C LEU C 343 -13.73 -13.12 38.80
N GLU C 344 -13.12 -12.50 39.82
CA GLU C 344 -12.19 -13.17 40.70
C GLU C 344 -12.81 -14.41 41.34
N SER C 345 -14.09 -14.35 41.72
CA SER C 345 -14.66 -15.45 42.47
C SER C 345 -14.83 -16.70 41.62
N MET C 346 -14.72 -16.57 40.32
CA MET C 346 -14.91 -17.72 39.43
C MET C 346 -13.67 -18.62 39.39
N ILE C 347 -12.59 -18.19 40.05
CA ILE C 347 -11.50 -19.09 40.36
C ILE C 347 -11.98 -20.37 41.07
N THR C 348 -13.02 -20.25 41.94
CA THR C 348 -13.57 -21.42 42.65
C THR C 348 -15.06 -21.62 42.46
N LYS C 349 -15.76 -20.68 41.86
CA LYS C 349 -17.19 -20.86 41.69
C LYS C 349 -17.58 -20.75 40.23
N PRO C 350 -18.67 -21.41 39.83
CA PRO C 350 -19.04 -21.44 38.42
C PRO C 350 -19.69 -20.16 37.96
N ARG C 351 -20.09 -19.30 38.88
CA ARG C 351 -20.80 -18.08 38.59
C ARG C 351 -20.16 -16.89 39.30
N PRO C 352 -20.15 -15.75 38.64
CA PRO C 352 -19.56 -14.56 39.25
C PRO C 352 -20.54 -13.94 40.23
N THR C 353 -19.99 -13.04 41.02
CA THR C 353 -20.79 -12.20 41.88
C THR C 353 -21.47 -11.13 41.07
N ARG C 354 -22.42 -10.45 41.73
CA ARG C 354 -23.09 -9.32 41.11
C ARG C 354 -22.13 -8.16 40.90
N ALA C 355 -21.14 -7.98 41.79
CA ALA C 355 -20.15 -6.93 41.58
C ALA C 355 -19.22 -7.21 40.41
N GLU C 356 -18.94 -8.49 40.15
CA GLU C 356 -18.01 -8.86 39.09
C GLU C 356 -18.64 -8.68 37.71
N THR C 357 -19.93 -9.00 37.57
CA THR C 357 -20.57 -8.77 36.27
C THR C 357 -20.74 -7.28 35.99
N SER C 358 -21.04 -6.51 37.04
CA SER C 358 -21.08 -5.05 36.95
C SER C 358 -19.73 -4.47 36.53
N ASP C 359 -18.64 -4.94 37.16
CA ASP C 359 -17.30 -4.49 36.83
C ASP C 359 -17.00 -4.67 35.36
N VAL C 360 -17.28 -5.86 34.82
CA VAL C 360 -17.00 -6.14 33.41
C VAL C 360 -17.81 -5.21 32.53
N ALA C 361 -19.09 -5.06 32.86
CA ALA C 361 -19.97 -4.24 32.03
C ALA C 361 -19.53 -2.77 32.08
N ASN C 362 -19.14 -2.27 33.27
CA ASN C 362 -18.69 -0.89 33.36
C ASN C 362 -17.30 -0.66 32.81
N ALA C 363 -16.44 -1.67 32.65
CA ALA C 363 -15.18 -1.43 31.91
C ALA C 363 -15.47 -1.18 30.42
N VAL C 364 -16.44 -1.89 29.87
CA VAL C 364 -16.84 -1.69 28.48
C VAL C 364 -17.50 -0.33 28.33
N LEU C 365 -18.46 0.00 29.19
CA LEU C 365 -19.07 1.33 29.09
C LEU C 365 -18.03 2.44 29.30
N ASP C 366 -17.03 2.24 30.16
CA ASP C 366 -15.99 3.25 30.33
C ASP C 366 -15.30 3.58 28.99
N GLY C 367 -15.15 2.61 28.10
CA GLY C 367 -14.35 2.76 26.89
C GLY C 367 -13.23 1.74 26.67
N ALA C 368 -13.14 0.66 27.47
CA ALA C 368 -12.00 -0.25 27.39
C ALA C 368 -11.99 -1.05 26.09
N ASP C 369 -10.84 -1.12 25.40
CA ASP C 369 -10.76 -1.90 24.16
C ASP C 369 -10.70 -3.38 24.44
N CYS C 370 -10.15 -3.76 25.60
CA CYS C 370 -9.99 -5.16 26.02
C CYS C 370 -10.20 -5.29 27.52
N ILE C 371 -10.53 -6.52 27.91
CA ILE C 371 -10.78 -6.90 29.30
C ILE C 371 -9.99 -8.18 29.52
N MET C 372 -9.71 -8.49 30.80
CA MET C 372 -8.74 -9.50 31.09
C MET C 372 -9.16 -10.37 32.25
N LEU C 373 -8.60 -11.60 32.19
CA LEU C 373 -8.74 -12.71 33.14
C LEU C 373 -7.34 -13.20 33.56
N SER C 374 -7.11 -13.39 34.85
CA SER C 374 -5.81 -13.80 35.30
C SER C 374 -5.92 -15.16 35.93
N GLY C 375 -6.08 -15.31 37.24
CA GLY C 375 -6.24 -16.58 37.89
C GLY C 375 -7.50 -17.29 37.44
N GLU C 376 -8.51 -16.53 37.01
CA GLU C 376 -9.73 -17.10 36.47
C GLU C 376 -9.43 -18.11 35.38
N THR C 377 -8.44 -17.84 34.54
CA THR C 377 -8.09 -18.78 33.49
C THR C 377 -6.80 -19.55 33.77
N ALA C 378 -5.87 -18.94 34.50
CA ALA C 378 -4.54 -19.50 34.68
C ALA C 378 -4.56 -20.65 35.67
N LYS C 379 -5.36 -20.58 36.74
CA LYS C 379 -5.30 -21.58 37.78
C LYS C 379 -6.62 -21.98 38.45
N GLY C 380 -7.75 -21.59 37.91
CA GLY C 380 -9.02 -21.81 38.57
C GLY C 380 -9.74 -22.95 37.90
N ASN C 381 -10.86 -23.37 38.52
CA ASN C 381 -11.66 -24.51 38.04
C ASN C 381 -12.60 -24.21 36.90
N PHE C 382 -12.71 -22.94 36.43
CA PHE C 382 -13.73 -22.67 35.42
C PHE C 382 -13.21 -21.73 34.36
N PRO C 383 -12.06 -22.04 33.76
CA PRO C 383 -11.45 -21.10 32.78
C PRO C 383 -12.34 -20.80 31.60
N VAL C 384 -12.95 -21.84 31.02
CA VAL C 384 -13.81 -21.68 29.86
C VAL C 384 -15.04 -20.88 30.24
N GLU C 385 -15.57 -21.14 31.43
CA GLU C 385 -16.78 -20.46 31.85
C GLU C 385 -16.52 -18.96 32.09
N ALA C 386 -15.37 -18.64 32.70
CA ALA C 386 -14.97 -17.24 32.84
C ALA C 386 -14.92 -16.54 31.49
N VAL C 387 -14.35 -17.20 30.48
CA VAL C 387 -14.25 -16.58 29.16
C VAL C 387 -15.66 -16.35 28.60
N LYS C 388 -16.54 -17.35 28.75
CA LYS C 388 -17.88 -17.19 28.18
C LYS C 388 -18.64 -16.11 28.92
N MET C 389 -18.42 -16.00 30.24
CA MET C 389 -19.13 -14.99 31.01
C MET C 389 -18.69 -13.58 30.60
N GLN C 390 -17.39 -13.39 30.36
CA GLN C 390 -16.90 -12.10 29.88
C GLN C 390 -17.44 -11.81 28.49
N HIS C 391 -17.52 -12.83 27.65
CA HIS C 391 -18.10 -12.63 26.34
C HIS C 391 -19.57 -12.19 26.40
N ALA C 392 -20.38 -12.86 27.24
CA ALA C 392 -21.79 -12.51 27.30
C ALA C 392 -22.00 -11.11 27.90
N ILE C 393 -21.29 -10.76 28.98
CA ILE C 393 -21.39 -9.42 29.55
C ILE C 393 -20.96 -8.35 28.54
N ALA C 394 -19.77 -8.49 27.96
CA ALA C 394 -19.30 -7.51 26.99
C ALA C 394 -20.31 -7.24 25.90
N ARG C 395 -20.96 -8.30 25.41
CA ARG C 395 -21.89 -8.16 24.31
C ARG C 395 -23.06 -7.28 24.66
N GLU C 396 -23.65 -7.53 25.84
CA GLU C 396 -24.75 -6.69 26.30
C GLU C 396 -24.27 -5.26 26.57
N ALA C 397 -23.05 -5.09 27.13
CA ALA C 397 -22.60 -3.72 27.43
C ALA C 397 -22.32 -2.92 26.17
N GLU C 398 -21.78 -3.57 25.13
CA GLU C 398 -21.46 -2.87 23.90
C GLU C 398 -22.70 -2.25 23.27
N ALA C 399 -23.82 -2.99 23.24
CA ALA C 399 -25.10 -2.47 22.77
C ALA C 399 -25.57 -1.29 23.61
N ALA C 400 -25.18 -1.23 24.88
CA ALA C 400 -25.66 -0.18 25.80
C ALA C 400 -24.80 1.08 25.78
N VAL C 401 -23.73 1.09 25.01
CA VAL C 401 -23.02 2.34 24.77
C VAL C 401 -23.96 3.37 24.12
N TYR C 402 -23.92 4.58 24.64
CA TYR C 402 -24.61 5.72 24.04
C TYR C 402 -23.73 6.40 22.97
N HIS C 403 -23.67 5.76 21.78
CA HIS C 403 -22.83 6.25 20.69
C HIS C 403 -23.18 7.69 20.25
N ARG C 404 -24.43 8.13 20.35
CA ARG C 404 -24.74 9.50 19.94
C ARG C 404 -23.85 10.53 20.64
N GLN C 405 -23.67 10.39 21.94
CA GLN C 405 -22.79 11.30 22.66
C GLN C 405 -21.32 10.95 22.46
N LEU C 406 -20.98 9.67 22.46
CA LEU C 406 -19.59 9.29 22.38
C LEU C 406 -18.95 9.84 21.11
N PHE C 407 -19.63 9.66 19.96
CA PHE C 407 -19.06 10.00 18.67
C PHE C 407 -18.97 11.52 18.48
N GLU C 408 -19.99 12.26 18.97
CA GLU C 408 -19.93 13.72 19.00
C GLU C 408 -18.71 14.18 19.79
N GLU C 409 -18.56 13.67 21.01
CA GLU C 409 -17.44 14.06 21.85
C GLU C 409 -16.10 13.66 21.24
N LEU C 410 -16.03 12.48 20.60
CA LEU C 410 -14.75 12.07 20.00
C LEU C 410 -14.39 12.93 18.80
N ARG C 411 -15.38 13.29 17.97
CA ARG C 411 -15.12 14.23 16.88
C ARG C 411 -14.63 15.57 17.42
N ARG C 412 -15.36 16.13 18.40
CA ARG C 412 -15.04 17.44 18.97
C ARG C 412 -13.57 17.56 19.36
N ALA C 413 -13.07 16.61 20.17
CA ALA C 413 -11.72 16.66 20.68
C ALA C 413 -10.66 16.17 19.69
N ALA C 414 -11.01 15.37 18.72
CA ALA C 414 -9.98 14.90 17.83
C ALA C 414 -9.44 16.08 17.04
N PRO C 415 -8.13 16.15 16.83
CA PRO C 415 -7.59 17.25 16.02
C PRO C 415 -7.99 17.11 14.55
N LEU C 416 -7.87 18.21 13.85
CA LEU C 416 -7.95 18.16 12.40
C LEU C 416 -6.78 17.35 11.87
N SER C 417 -7.00 16.76 10.70
CA SER C 417 -5.99 15.93 10.07
C SER C 417 -5.99 16.19 8.58
N ARG C 418 -4.80 16.17 8.02
CA ARG C 418 -4.60 16.12 6.59
C ARG C 418 -4.12 14.77 6.13
N ASP C 419 -4.21 13.76 7.01
CA ASP C 419 -3.92 12.38 6.63
C ASP C 419 -5.11 11.69 5.99
N PRO C 420 -5.00 11.22 4.73
CA PRO C 420 -6.22 10.80 4.01
C PRO C 420 -6.92 9.62 4.65
N THR C 421 -6.13 8.70 5.18
CA THR C 421 -6.71 7.53 5.83
C THR C 421 -7.57 7.90 7.02
N GLU C 422 -7.06 8.78 7.90
CA GLU C 422 -7.90 9.16 9.02
C GLU C 422 -9.12 9.94 8.54
N VAL C 423 -8.90 10.87 7.61
CA VAL C 423 -10.04 11.60 7.09
C VAL C 423 -11.04 10.61 6.52
N THR C 424 -10.56 9.67 5.70
CA THR C 424 -11.47 8.70 5.13
C THR C 424 -12.18 7.98 6.26
N ALA C 425 -11.42 7.58 7.31
CA ALA C 425 -12.02 6.77 8.37
C ALA C 425 -13.14 7.53 9.10
N ILE C 426 -12.96 8.82 9.40
CA ILE C 426 -14.06 9.48 10.09
C ILE C 426 -15.27 9.58 9.18
N GLY C 427 -15.06 9.89 7.89
CA GLY C 427 -16.16 9.86 6.93
C GLY C 427 -16.97 8.58 6.97
N ALA C 428 -16.28 7.42 6.98
CA ALA C 428 -16.95 6.13 6.99
C ALA C 428 -17.72 5.87 8.27
N VAL C 429 -17.22 6.36 9.40
CA VAL C 429 -17.97 6.12 10.63
C VAL C 429 -19.20 7.02 10.69
N GLU C 430 -19.05 8.29 10.33
CA GLU C 430 -20.22 9.16 10.15
C GLU C 430 -21.23 8.50 9.22
N ALA C 431 -20.78 8.04 8.05
CA ALA C 431 -21.68 7.37 7.13
C ALA C 431 -22.41 6.22 7.79
N ALA C 432 -21.69 5.41 8.57
CA ALA C 432 -22.24 4.18 9.11
C ALA C 432 -23.34 4.50 10.11
N PHE C 433 -23.16 5.57 10.88
CA PHE C 433 -24.19 5.99 11.81
C PHE C 433 -25.44 6.41 11.06
N LYS C 434 -25.27 7.10 9.94
CA LYS C 434 -26.42 7.55 9.19
C LYS C 434 -27.35 6.41 8.79
N CYS C 435 -26.83 5.23 8.50
CA CYS C 435 -27.62 4.16 7.89
C CYS C 435 -27.64 2.88 8.72
N CYS C 436 -27.22 2.93 9.98
CA CYS C 436 -27.14 1.73 10.81
C CYS C 436 -26.49 0.60 10.03
N ALA C 437 -25.30 0.87 9.54
CA ALA C 437 -24.61 -0.15 8.77
C ALA C 437 -24.43 -1.40 9.63
N ALA C 438 -24.56 -2.57 9.01
CA ALA C 438 -24.28 -3.79 9.74
C ALA C 438 -22.79 -3.95 10.00
N ALA C 439 -21.94 -3.41 9.11
CA ALA C 439 -20.50 -3.54 9.21
C ALA C 439 -19.80 -2.47 8.40
N ILE C 440 -18.58 -2.20 8.79
CA ILE C 440 -17.61 -1.48 7.98
C ILE C 440 -16.53 -2.48 7.65
N ILE C 441 -16.36 -2.74 6.37
CA ILE C 441 -15.36 -3.68 5.90
C ILE C 441 -14.17 -2.87 5.45
N VAL C 442 -12.99 -3.18 6.02
CA VAL C 442 -11.75 -2.48 5.68
C VAL C 442 -10.65 -3.47 5.27
N LEU C 443 -9.86 -3.07 4.30
CA LEU C 443 -8.64 -3.80 3.99
C LEU C 443 -7.48 -3.15 4.73
N THR C 444 -6.69 -3.99 5.37
CA THR C 444 -5.60 -3.46 6.15
C THR C 444 -4.47 -4.45 6.01
N THR C 445 -3.28 -3.90 5.90
CA THR C 445 -2.07 -4.70 6.04
C THR C 445 -1.30 -4.47 7.34
N THR C 446 -1.15 -3.24 7.80
CA THR C 446 -0.50 -2.99 9.09
C THR C 446 -1.45 -2.94 10.28
N GLY C 447 -2.77 -3.02 10.06
CA GLY C 447 -3.75 -2.76 11.10
C GLY C 447 -4.21 -1.31 11.26
N ARG C 448 -3.48 -0.35 10.72
CA ARG C 448 -3.73 1.05 11.07
C ARG C 448 -5.10 1.53 10.58
N SER C 449 -5.44 1.25 9.32
CA SER C 449 -6.79 1.52 8.82
C SER C 449 -7.87 1.05 9.80
N ALA C 450 -7.75 -0.18 10.33
CA ALA C 450 -8.76 -0.64 11.27
C ALA C 450 -8.72 0.07 12.62
N GLN C 451 -7.55 0.56 13.05
CA GLN C 451 -7.45 1.33 14.31
C GLN C 451 -8.02 2.74 14.13
N LEU C 452 -7.86 3.32 12.96
CA LEU C 452 -8.43 4.62 12.75
C LEU C 452 -9.94 4.60 12.71
N LEU C 453 -10.54 3.47 12.37
CA LEU C 453 -11.99 3.37 12.47
C LEU C 453 -12.41 3.10 13.90
N SER C 454 -11.66 2.24 14.60
CA SER C 454 -11.96 1.86 15.97
C SER C 454 -12.03 3.07 16.91
N ARG C 455 -11.12 4.02 16.73
CA ARG C 455 -10.98 5.15 17.64
C ARG C 455 -12.19 6.07 17.65
N TYR C 456 -13.02 6.11 16.57
CA TYR C 456 -14.25 6.88 16.56
C TYR C 456 -15.44 6.05 17.01
N ARG C 457 -15.21 4.81 17.39
CA ARG C 457 -16.18 3.97 18.11
C ARG C 457 -17.49 3.86 17.36
N PRO C 458 -17.45 3.39 16.12
CA PRO C 458 -18.70 3.07 15.42
C PRO C 458 -19.49 2.04 16.20
N ARG C 459 -20.81 2.06 16.03
CA ARG C 459 -21.69 0.93 16.38
C ARG C 459 -21.41 -0.29 15.49
N ALA C 460 -21.22 -0.06 14.20
CA ALA C 460 -21.06 -1.15 13.25
C ALA C 460 -19.76 -1.89 13.49
N ALA C 461 -19.81 -3.23 13.37
CA ALA C 461 -18.60 -4.03 13.36
C ALA C 461 -17.63 -3.58 12.27
N VAL C 462 -16.37 -3.49 12.63
CA VAL C 462 -15.28 -3.25 11.71
C VAL C 462 -14.67 -4.59 11.33
N ILE C 463 -15.00 -5.06 10.13
CA ILE C 463 -14.51 -6.34 9.57
C ILE C 463 -13.21 -6.07 8.80
N ALA C 464 -12.09 -6.63 9.30
CA ALA C 464 -10.75 -6.24 8.85
C ALA C 464 -10.14 -7.40 8.08
N VAL C 465 -10.13 -7.26 6.76
CA VAL C 465 -9.57 -8.24 5.85
C VAL C 465 -8.10 -7.93 5.70
N THR C 466 -7.24 -8.88 6.05
CA THR C 466 -5.82 -8.66 5.91
C THR C 466 -5.16 -9.94 5.43
N ARG C 467 -4.13 -9.78 4.60
CA ARG C 467 -3.20 -10.87 4.35
C ARG C 467 -2.16 -11.08 5.44
N SER C 468 -1.99 -10.13 6.36
CA SER C 468 -0.94 -10.20 7.36
C SER C 468 -1.45 -10.97 8.57
N ALA C 469 -0.79 -12.09 8.90
CA ALA C 469 -1.16 -12.87 10.06
C ALA C 469 -0.84 -12.16 11.37
N GLN C 470 0.24 -11.38 11.41
CA GLN C 470 0.56 -10.64 12.62
C GLN C 470 -0.44 -9.48 12.81
N ALA C 471 -0.84 -8.84 11.73
CA ALA C 471 -1.85 -7.80 11.83
C ALA C 471 -3.18 -8.38 12.27
N ALA C 472 -3.61 -9.43 11.59
CA ALA C 472 -4.86 -10.08 11.96
C ALA C 472 -4.91 -10.28 13.47
N ARG C 473 -3.81 -10.79 14.03
CA ARG C 473 -3.74 -11.05 15.46
C ARG C 473 -3.73 -9.76 16.28
N GLN C 474 -2.95 -8.78 15.83
CA GLN C 474 -2.70 -7.60 16.65
C GLN C 474 -3.92 -6.70 16.74
N VAL C 475 -4.72 -6.62 15.67
CA VAL C 475 -5.87 -5.70 15.72
C VAL C 475 -6.86 -6.16 16.80
N HIS C 476 -6.62 -7.29 17.45
CA HIS C 476 -7.49 -7.61 18.57
C HIS C 476 -7.36 -6.61 19.72
N LEU C 477 -6.32 -5.77 19.74
CA LEU C 477 -6.22 -4.71 20.73
C LEU C 477 -7.25 -3.58 20.50
N CYS C 478 -7.93 -3.53 19.33
CA CYS C 478 -8.78 -2.42 18.96
C CYS C 478 -10.24 -2.82 18.96
N ARG C 479 -11.04 -2.23 19.86
CA ARG C 479 -12.43 -2.58 19.99
C ARG C 479 -13.17 -2.48 18.66
N GLY C 480 -14.03 -3.44 18.40
CA GLY C 480 -14.86 -3.38 17.23
C GLY C 480 -14.26 -3.96 15.97
N VAL C 481 -13.07 -4.54 16.05
CA VAL C 481 -12.32 -5.00 14.88
C VAL C 481 -12.30 -6.52 14.90
N PHE C 482 -12.91 -7.11 13.87
CA PHE C 482 -12.91 -8.54 13.67
C PHE C 482 -11.95 -8.82 12.55
N PRO C 483 -10.74 -9.32 12.86
CA PRO C 483 -9.76 -9.61 11.80
C PRO C 483 -10.16 -10.89 11.07
N LEU C 484 -10.09 -10.86 9.75
CA LEU C 484 -10.19 -12.07 8.95
C LEU C 484 -8.89 -12.19 8.16
N LEU C 485 -8.24 -13.35 8.29
CA LEU C 485 -6.99 -13.61 7.63
C LEU C 485 -7.24 -14.18 6.24
N TYR C 486 -6.84 -13.41 5.24
CA TYR C 486 -6.98 -13.76 3.83
C TYR C 486 -5.71 -14.39 3.25
N ARG C 487 -5.87 -15.43 2.39
CA ARG C 487 -4.73 -16.25 1.96
C ARG C 487 -4.61 -16.51 0.45
N GLU C 488 -5.51 -16.03 -0.37
CA GLU C 488 -5.54 -16.35 -1.80
C GLU C 488 -4.65 -15.41 -2.58
N PRO C 489 -4.31 -15.76 -3.81
CA PRO C 489 -3.23 -15.05 -4.50
C PRO C 489 -3.74 -13.79 -5.18
N PRO C 490 -2.83 -12.85 -5.41
CA PRO C 490 -3.23 -11.56 -5.96
C PRO C 490 -3.84 -11.65 -7.34
N GLU C 491 -4.75 -10.74 -7.63
CA GLU C 491 -5.30 -10.56 -8.96
C GLU C 491 -4.57 -9.39 -9.61
N ALA C 492 -4.04 -9.66 -10.81
CA ALA C 492 -3.33 -8.69 -11.63
C ALA C 492 -3.94 -7.31 -11.48
N ILE C 493 -5.25 -7.25 -11.51
CA ILE C 493 -5.97 -5.99 -11.55
C ILE C 493 -6.42 -5.65 -10.14
N TRP C 494 -5.95 -4.50 -9.64
CA TRP C 494 -6.15 -4.14 -8.23
C TRP C 494 -7.60 -4.28 -7.84
N ALA C 495 -8.50 -3.75 -8.70
CA ALA C 495 -9.93 -3.76 -8.43
C ALA C 495 -10.45 -5.17 -8.18
N ASP C 496 -9.95 -6.17 -8.93
CA ASP C 496 -10.43 -7.52 -8.70
C ASP C 496 -9.93 -8.05 -7.37
N ASP C 497 -8.69 -7.70 -7.00
CA ASP C 497 -8.12 -8.17 -5.74
C ASP C 497 -8.92 -7.56 -4.58
N VAL C 498 -9.15 -6.25 -4.62
CA VAL C 498 -10.08 -5.60 -3.69
C VAL C 498 -11.42 -6.31 -3.62
N ASP C 499 -12.09 -6.53 -4.77
CA ASP C 499 -13.41 -7.17 -4.77
C ASP C 499 -13.34 -8.57 -4.17
N ARG C 500 -12.34 -9.37 -4.53
CA ARG C 500 -12.25 -10.70 -3.95
C ARG C 500 -12.11 -10.62 -2.44
N ARG C 501 -11.31 -9.68 -1.96
CA ARG C 501 -11.04 -9.54 -0.54
C ARG C 501 -12.30 -9.03 0.16
N VAL C 502 -12.90 -7.98 -0.38
CA VAL C 502 -14.14 -7.48 0.20
C VAL C 502 -15.18 -8.59 0.25
N GLN C 503 -15.39 -9.23 -0.89
CA GLN C 503 -16.37 -10.30 -0.95
C GLN C 503 -16.04 -11.43 0.03
N PHE C 504 -14.75 -11.67 0.31
CA PHE C 504 -14.39 -12.59 1.39
C PHE C 504 -14.89 -12.07 2.74
N GLY C 505 -14.77 -10.77 2.99
CA GLY C 505 -15.32 -10.23 4.22
C GLY C 505 -16.82 -10.45 4.30
N ILE C 506 -17.53 -10.25 3.19
CA ILE C 506 -18.98 -10.39 3.17
C ILE C 506 -19.37 -11.83 3.44
N GLU C 507 -18.68 -12.80 2.84
CA GLU C 507 -19.07 -14.19 3.03
C GLU C 507 -18.77 -14.68 4.43
N SER C 508 -17.62 -14.30 4.99
CA SER C 508 -17.37 -14.59 6.40
C SER C 508 -18.42 -13.91 7.26
N GLY C 509 -18.74 -12.66 6.91
CA GLY C 509 -19.75 -11.89 7.59
C GLY C 509 -21.05 -12.64 7.63
N LYS C 510 -21.57 -13.00 6.45
CA LYS C 510 -22.82 -13.77 6.44
C LYS C 510 -22.71 -15.02 7.29
N LEU C 511 -21.60 -15.76 7.17
CA LEU C 511 -21.50 -17.03 7.88
C LEU C 511 -21.35 -16.82 9.38
N ARG C 512 -20.63 -15.79 9.80
CA ARG C 512 -20.49 -15.59 11.24
C ARG C 512 -21.67 -14.87 11.85
N GLY C 513 -22.65 -14.47 11.02
CA GLY C 513 -23.77 -13.67 11.48
C GLY C 513 -23.54 -12.18 11.67
N PHE C 514 -22.52 -11.58 11.04
CA PHE C 514 -22.42 -10.13 11.06
C PHE C 514 -23.37 -9.48 10.05
N LEU C 515 -23.68 -10.18 8.95
CA LEU C 515 -24.39 -9.57 7.85
C LEU C 515 -25.46 -10.50 7.29
N ARG C 516 -26.43 -9.88 6.66
CA ARG C 516 -27.44 -10.59 5.88
C ARG C 516 -27.80 -9.72 4.68
N VAL C 517 -28.51 -10.32 3.71
CA VAL C 517 -28.96 -9.54 2.58
C VAL C 517 -29.93 -8.47 3.06
N GLY C 518 -29.96 -7.35 2.34
CA GLY C 518 -30.69 -6.18 2.78
C GLY C 518 -29.87 -5.19 3.55
N ASP C 519 -28.76 -5.66 4.15
CA ASP C 519 -27.95 -4.82 4.99
C ASP C 519 -27.15 -3.81 4.18
N LEU C 520 -26.86 -2.68 4.81
CA LEU C 520 -25.88 -1.75 4.29
C LEU C 520 -24.55 -1.88 5.05
N VAL C 521 -23.44 -1.93 4.29
CA VAL C 521 -22.10 -1.81 4.85
C VAL C 521 -21.37 -0.64 4.21
N ILE C 522 -20.41 -0.11 4.93
CA ILE C 522 -19.44 0.83 4.38
C ILE C 522 -18.18 0.05 4.06
N VAL C 523 -17.56 0.37 2.93
CA VAL C 523 -16.36 -0.33 2.48
C VAL C 523 -15.24 0.69 2.37
N VAL C 524 -14.10 0.43 3.03
CA VAL C 524 -12.95 1.34 3.05
C VAL C 524 -11.77 0.63 2.43
N THR C 525 -11.18 1.26 1.41
CA THR C 525 -10.06 0.62 0.70
C THR C 525 -9.10 1.70 0.22
N GLY C 526 -7.99 1.22 -0.39
CA GLY C 526 -7.03 2.07 -1.04
C GLY C 526 -7.09 1.97 -2.56
N TRP C 527 -6.45 2.94 -3.23
CA TRP C 527 -6.44 2.92 -4.68
C TRP C 527 -5.25 2.16 -5.23
N ARG C 528 -4.34 1.67 -4.38
CA ARG C 528 -3.30 0.74 -4.77
C ARG C 528 -2.84 -0.01 -3.53
N PRO C 529 -2.00 -1.04 -3.68
CA PRO C 529 -1.45 -1.70 -2.48
C PRO C 529 -0.68 -0.70 -1.63
N GLY C 530 -0.76 -0.92 -0.30
CA GLY C 530 -0.22 0.02 0.65
C GLY C 530 -1.23 0.69 1.53
N GLU C 531 -1.12 0.40 2.85
CA GLU C 531 -1.90 1.08 3.89
C GLU C 531 -2.04 2.57 3.66
N GLY C 532 -0.93 3.25 3.35
CA GLY C 532 -1.07 4.69 3.28
C GLY C 532 -1.87 5.20 2.10
N TYR C 533 -2.28 4.35 1.16
CA TYR C 533 -3.07 4.83 0.03
C TYR C 533 -4.56 4.63 0.25
N THR C 534 -4.95 4.26 1.48
CA THR C 534 -6.35 4.06 1.88
C THR C 534 -7.05 5.43 1.95
N ASN C 535 -7.91 5.68 1.00
CA ASN C 535 -8.56 6.99 0.86
C ASN C 535 -9.93 6.86 0.21
N ILE C 536 -10.52 5.67 0.25
CA ILE C 536 -11.75 5.37 -0.47
C ILE C 536 -12.80 4.79 0.49
N MET C 537 -14.00 5.38 0.43
CA MET C 537 -15.17 4.88 1.14
C MET C 537 -16.35 4.75 0.18
N ARG C 538 -16.99 3.58 0.23
CA ARG C 538 -18.06 3.20 -0.66
C ARG C 538 -19.22 2.69 0.17
N VAL C 539 -20.44 3.09 -0.20
CA VAL C 539 -21.66 2.55 0.37
C VAL C 539 -22.22 1.45 -0.52
N LEU C 540 -22.50 0.30 0.07
CA LEU C 540 -22.75 -0.94 -0.63
C LEU C 540 -23.84 -1.79 0.02
N SER C 541 -24.77 -2.31 -0.79
CA SER C 541 -25.87 -3.13 -0.28
C SER C 541 -25.52 -4.60 -0.41
N ILE C 542 -25.72 -5.35 0.69
CA ILE C 542 -25.51 -6.77 0.60
C ILE C 542 -26.55 -7.37 -0.34
N SER C 543 -26.12 -8.37 -1.08
CA SER C 543 -26.94 -9.06 -2.06
C SER C 543 -26.43 -10.50 -2.01
N VAL D 13 4.54 -10.53 -10.63
CA VAL D 13 4.17 -9.63 -11.72
C VAL D 13 2.87 -8.87 -11.43
N ALA D 14 2.03 -9.42 -10.53
CA ALA D 14 0.70 -8.86 -10.33
C ALA D 14 0.77 -7.62 -9.46
N GLN D 15 1.81 -7.52 -8.62
CA GLN D 15 2.09 -6.27 -7.93
C GLN D 15 2.36 -5.13 -8.92
N LEU D 16 2.85 -5.43 -10.14
CA LEU D 16 3.24 -4.35 -11.04
C LEU D 16 2.01 -3.70 -11.63
N THR D 17 1.01 -4.52 -11.97
CA THR D 17 -0.25 -4.04 -12.52
C THR D 17 -1.20 -3.55 -11.44
N GLN D 18 -1.17 -4.18 -10.24
CA GLN D 18 -1.86 -3.62 -9.08
C GLN D 18 -1.34 -2.22 -8.79
N GLU D 19 -0.02 -2.05 -8.81
CA GLU D 19 0.54 -0.76 -8.42
C GLU D 19 0.40 0.29 -9.51
N LEU D 20 0.64 -0.06 -10.77
CA LEU D 20 0.63 0.93 -11.84
C LEU D 20 -0.56 0.84 -12.79
N GLY D 21 -1.35 -0.23 -12.73
CA GLY D 21 -2.42 -0.43 -13.70
C GLY D 21 -1.91 -0.98 -15.03
N THR D 22 -2.83 -1.58 -15.80
CA THR D 22 -2.45 -2.25 -17.04
C THR D 22 -1.97 -1.27 -18.10
N ALA D 23 -2.59 -0.08 -18.17
CA ALA D 23 -2.30 0.82 -19.29
C ALA D 23 -0.85 1.32 -19.28
N PHE D 24 -0.26 1.43 -18.08
CA PHE D 24 1.14 1.88 -17.93
C PHE D 24 2.05 1.16 -18.90
N PHE D 25 1.84 -0.14 -19.10
CA PHE D 25 2.73 -0.98 -19.87
C PHE D 25 2.40 -1.00 -21.35
N GLN D 26 1.32 -0.37 -21.76
CA GLN D 26 1.12 -0.14 -23.18
C GLN D 26 1.73 1.17 -23.63
N GLN D 27 2.18 1.99 -22.69
CA GLN D 27 2.70 3.30 -23.02
C GLN D 27 4.22 3.26 -23.06
N GLN D 28 4.77 4.37 -23.59
CA GLN D 28 6.18 4.62 -23.89
C GLN D 28 6.87 3.44 -24.56
N GLN D 29 6.17 2.80 -25.50
CA GLN D 29 6.71 1.72 -26.31
C GLN D 29 7.29 0.58 -25.45
N LEU D 30 6.79 0.41 -24.24
CA LEU D 30 7.20 -0.70 -23.39
C LEU D 30 7.02 -2.05 -24.07
N PRO D 31 5.95 -2.31 -24.85
CA PRO D 31 5.84 -3.63 -25.52
C PRO D 31 6.96 -3.87 -26.50
N ALA D 32 7.35 -2.85 -27.23
CA ALA D 32 8.52 -2.99 -28.07
C ALA D 32 9.84 -2.98 -27.29
N ALA D 33 9.86 -2.42 -26.08
CA ALA D 33 11.09 -2.34 -25.32
C ALA D 33 11.57 -3.71 -24.86
N MET D 34 10.65 -4.64 -24.58
CA MET D 34 11.00 -5.95 -24.06
C MET D 34 11.33 -6.99 -25.13
N ALA D 35 11.37 -6.58 -26.40
CA ALA D 35 11.62 -7.50 -27.48
C ALA D 35 13.01 -8.12 -27.39
N ASP D 36 13.13 -9.33 -27.91
CA ASP D 36 14.35 -10.11 -27.82
C ASP D 36 15.34 -9.76 -28.91
N THR D 37 14.90 -9.00 -29.93
CA THR D 37 15.76 -8.53 -31.01
C THR D 37 15.37 -7.12 -31.39
N PHE D 38 16.32 -6.44 -32.03
CA PHE D 38 16.06 -5.12 -32.58
C PHE D 38 15.03 -5.18 -33.71
N LEU D 39 15.15 -6.16 -34.60
CA LEU D 39 14.09 -6.36 -35.58
C LEU D 39 12.70 -6.43 -34.92
N GLU D 40 12.54 -7.36 -33.99
CA GLU D 40 11.21 -7.49 -33.39
C GLU D 40 10.83 -6.25 -32.60
N HIS D 41 11.83 -5.53 -32.07
CA HIS D 41 11.54 -4.27 -31.42
C HIS D 41 10.90 -3.32 -32.40
N LEU D 42 11.43 -3.29 -33.64
CA LEU D 42 10.87 -2.39 -34.65
C LEU D 42 9.44 -2.80 -34.97
N CYS D 43 9.20 -4.12 -35.11
CA CYS D 43 7.88 -4.60 -35.46
C CYS D 43 6.85 -4.29 -34.39
N LEU D 44 7.27 -3.97 -33.17
CA LEU D 44 6.35 -3.74 -32.05
C LEU D 44 6.16 -2.26 -31.76
N LEU D 45 6.88 -1.39 -32.45
CA LEU D 45 6.60 0.03 -32.36
C LEU D 45 5.14 0.31 -32.69
N ASP D 46 4.52 1.21 -31.93
CA ASP D 46 3.09 1.43 -31.91
C ASP D 46 2.73 2.90 -31.80
N ILE D 47 1.95 3.40 -32.78
CA ILE D 47 1.64 4.83 -32.83
C ILE D 47 0.61 5.24 -31.78
N ASP D 48 -0.12 4.27 -31.21
CA ASP D 48 -0.99 4.50 -30.07
C ASP D 48 -0.28 4.50 -28.72
N SER D 49 0.96 4.05 -28.64
CA SER D 49 1.68 4.02 -27.37
C SER D 49 2.14 5.43 -27.07
N GLU D 50 1.73 5.98 -25.95
CA GLU D 50 2.01 7.41 -25.84
C GLU D 50 3.23 7.68 -24.97
N PRO D 51 4.02 8.69 -25.39
CA PRO D 51 5.32 8.95 -24.73
C PRO D 51 5.21 9.82 -23.48
N VAL D 52 4.74 9.20 -22.40
CA VAL D 52 4.47 9.90 -21.14
C VAL D 52 5.75 10.46 -20.49
N ALA D 53 6.91 9.86 -20.75
CA ALA D 53 8.14 10.38 -20.16
C ALA D 53 8.37 11.80 -20.68
N ALA D 54 8.87 12.66 -19.79
CA ALA D 54 9.29 14.01 -20.18
C ALA D 54 10.32 13.96 -21.29
N ARG D 55 10.25 14.98 -22.16
CA ARG D 55 11.15 15.10 -23.29
C ARG D 55 12.51 15.58 -22.80
N SER D 56 13.57 14.85 -23.17
CA SER D 56 14.86 15.03 -22.54
C SER D 56 16.01 15.29 -23.49
N THR D 57 15.81 15.23 -24.81
CA THR D 57 16.80 15.72 -25.75
C THR D 57 16.76 17.25 -25.79
N SER D 58 17.79 17.92 -25.32
CA SER D 58 17.69 19.37 -25.20
C SER D 58 17.63 20.04 -26.57
N ILE D 59 16.92 21.15 -26.63
CA ILE D 59 16.73 21.92 -27.87
C ILE D 59 17.64 23.14 -27.85
N ILE D 60 18.41 23.31 -28.92
CA ILE D 60 19.20 24.52 -29.16
C ILE D 60 18.53 25.34 -30.26
N ALA D 61 18.10 26.56 -29.92
CA ALA D 61 17.56 27.49 -30.93
C ALA D 61 18.55 28.61 -31.22
N THR D 62 18.94 28.75 -32.49
CA THR D 62 19.74 29.91 -32.89
C THR D 62 18.88 31.18 -32.86
N ILE D 63 19.40 32.19 -32.20
CA ILE D 63 18.69 33.47 -32.04
C ILE D 63 18.84 34.35 -33.29
N GLY D 64 17.76 35.01 -33.67
CA GLY D 64 17.79 35.93 -34.78
C GLY D 64 16.71 36.98 -34.76
N PRO D 65 16.49 37.62 -35.91
CA PRO D 65 15.37 38.59 -36.02
C PRO D 65 14.04 38.08 -35.50
N ALA D 66 13.65 36.83 -35.86
CA ALA D 66 12.37 36.26 -35.47
C ALA D 66 12.34 35.77 -34.04
N SER D 67 13.44 35.90 -33.29
CA SER D 67 13.52 35.28 -31.98
C SER D 67 14.17 36.17 -30.93
N ARG D 68 14.23 37.48 -31.15
CA ARG D 68 14.88 38.39 -30.19
C ARG D 68 13.89 39.12 -29.27
N SER D 69 12.59 39.17 -29.59
CA SER D 69 11.63 39.79 -28.68
C SER D 69 11.79 39.24 -27.26
N VAL D 70 11.75 40.12 -26.26
CA VAL D 70 11.67 39.61 -24.90
C VAL D 70 10.42 38.73 -24.72
N GLU D 71 9.34 39.02 -25.46
CA GLU D 71 8.10 38.27 -25.25
C GLU D 71 7.98 37.05 -26.15
N ARG D 72 8.73 37.02 -27.26
CA ARG D 72 8.84 35.79 -28.02
C ARG D 72 9.68 34.77 -27.26
N LEU D 73 10.88 35.19 -26.86
CA LEU D 73 11.73 34.35 -26.03
C LEU D 73 10.97 33.72 -24.88
N LYS D 74 9.88 34.35 -24.41
CA LYS D 74 9.04 33.66 -23.44
C LYS D 74 8.28 32.51 -24.11
N GLU D 75 7.78 32.72 -25.33
CA GLU D 75 7.10 31.63 -26.03
C GLU D 75 8.05 30.44 -26.27
N MET D 76 9.30 30.74 -26.67
CA MET D 76 10.27 29.68 -26.94
C MET D 76 10.59 28.89 -25.67
N ILE D 77 10.73 29.56 -24.52
CA ILE D 77 11.01 28.86 -23.27
C ILE D 77 9.88 27.89 -22.94
N LYS D 78 8.66 28.42 -22.77
CA LYS D 78 7.53 27.55 -22.47
C LYS D 78 7.35 26.49 -23.54
N ALA D 79 7.95 26.68 -24.73
CA ALA D 79 7.85 25.67 -25.78
C ALA D 79 8.97 24.62 -25.70
N GLY D 80 10.05 24.91 -24.97
CA GLY D 80 11.10 23.94 -24.76
C GLY D 80 12.54 24.30 -25.10
N MET D 81 12.84 25.56 -25.39
CA MET D 81 14.23 25.93 -25.62
C MET D 81 15.00 25.79 -24.32
N ASN D 82 16.17 25.21 -24.41
CA ASN D 82 17.03 24.98 -23.27
C ASN D 82 18.37 25.67 -23.43
N ILE D 83 18.82 25.82 -24.67
CA ILE D 83 20.07 26.54 -24.95
C ILE D 83 19.81 27.57 -26.04
N ALA D 84 20.11 28.83 -25.74
CA ALA D 84 20.05 29.94 -26.69
C ALA D 84 21.36 30.06 -27.47
N ARG D 85 21.29 29.97 -28.79
CA ARG D 85 22.50 29.97 -29.61
C ARG D 85 22.71 31.33 -30.31
N LEU D 86 23.93 31.85 -30.21
CA LEU D 86 24.30 33.16 -30.74
C LEU D 86 25.25 32.94 -31.89
N ASN D 87 24.78 33.16 -33.12
CA ASN D 87 25.63 33.01 -34.29
C ASN D 87 26.40 34.30 -34.52
N PHE D 88 27.71 34.20 -34.54
CA PHE D 88 28.59 35.36 -34.59
C PHE D 88 29.07 35.66 -36.02
N SER D 89 28.57 34.95 -37.02
CA SER D 89 28.88 35.29 -38.41
C SER D 89 27.85 36.23 -39.09
N SER D 92 27.47 41.22 -34.64
CA SER D 92 27.97 42.48 -34.09
C SER D 92 27.71 42.59 -32.58
N HIS D 93 28.74 42.92 -31.80
CA HIS D 93 28.64 42.92 -30.35
C HIS D 93 27.39 43.63 -29.83
N GLU D 94 27.21 44.89 -30.20
CA GLU D 94 26.04 45.61 -29.68
C GLU D 94 24.78 44.76 -29.84
N TYR D 95 24.69 44.03 -30.95
CA TYR D 95 23.55 43.18 -31.24
C TYR D 95 23.49 41.96 -30.33
N HIS D 96 24.64 41.32 -30.09
CA HIS D 96 24.64 40.07 -29.33
C HIS D 96 24.52 40.30 -27.83
N ALA D 97 25.19 41.32 -27.29
CA ALA D 97 24.94 41.65 -25.89
C ALA D 97 23.50 42.10 -25.70
N GLU D 98 22.87 42.64 -26.75
CA GLU D 98 21.44 42.95 -26.66
C GLU D 98 20.64 41.68 -26.57
N SER D 99 21.06 40.67 -27.35
CA SER D 99 20.41 39.36 -27.34
C SER D 99 20.58 38.69 -25.97
N ILE D 100 21.82 38.56 -25.51
CA ILE D 100 22.07 38.01 -24.18
C ILE D 100 21.13 38.63 -23.16
N ALA D 101 20.88 39.94 -23.30
CA ALA D 101 20.09 40.65 -22.30
C ALA D 101 18.63 40.27 -22.39
N ASN D 102 18.12 40.10 -23.62
CA ASN D 102 16.73 39.70 -23.80
C ASN D 102 16.50 38.31 -23.24
N VAL D 103 17.43 37.40 -23.52
CA VAL D 103 17.37 36.06 -22.93
C VAL D 103 17.21 36.17 -21.41
N ARG D 104 18.17 36.82 -20.76
CA ARG D 104 18.19 36.77 -19.30
C ARG D 104 16.94 37.40 -18.70
N GLU D 105 16.43 38.47 -19.34
CA GLU D 105 15.15 39.01 -18.90
C GLU D 105 14.07 37.95 -19.02
N ALA D 106 14.04 37.26 -20.16
CA ALA D 106 13.01 36.25 -20.43
C ALA D 106 13.09 35.09 -19.45
N VAL D 107 14.31 34.57 -19.21
CA VAL D 107 14.49 33.47 -18.27
C VAL D 107 13.97 33.87 -16.88
N GLU D 108 14.30 35.09 -16.43
CA GLU D 108 14.08 35.44 -15.04
C GLU D 108 12.63 35.81 -14.76
N SER D 109 11.84 36.09 -15.80
CA SER D 109 10.40 36.31 -15.62
C SER D 109 9.72 35.16 -14.88
N PHE D 110 10.32 33.96 -14.90
CA PHE D 110 9.78 32.81 -14.21
C PHE D 110 10.51 32.47 -12.91
N ALA D 111 11.53 33.24 -12.53
CA ALA D 111 12.19 32.99 -11.27
C ALA D 111 11.31 33.35 -10.08
N GLY D 112 10.09 33.80 -10.33
CA GLY D 112 9.18 34.06 -9.23
C GLY D 112 8.67 32.80 -8.58
N SER D 113 8.64 31.69 -9.32
CA SER D 113 8.19 30.41 -8.80
C SER D 113 9.27 29.34 -8.99
N PRO D 114 10.14 29.13 -7.99
CA PRO D 114 11.29 28.22 -8.23
C PRO D 114 10.90 26.79 -8.62
N LEU D 115 9.86 26.21 -8.04
CA LEU D 115 9.45 24.85 -8.38
C LEU D 115 9.23 24.64 -9.89
N SER D 116 8.99 25.70 -10.68
CA SER D 116 8.82 25.55 -12.12
C SER D 116 9.86 26.30 -12.96
N TYR D 117 10.78 27.04 -12.35
CA TYR D 117 11.78 27.82 -13.11
C TYR D 117 12.67 26.90 -13.94
N ARG D 118 12.79 27.20 -15.23
CA ARG D 118 13.59 26.41 -16.14
C ARG D 118 14.91 27.08 -16.48
N PRO D 119 16.03 26.71 -15.87
CA PRO D 119 17.32 27.18 -16.40
C PRO D 119 17.32 27.14 -17.91
N VAL D 120 18.05 28.08 -18.52
CA VAL D 120 18.30 28.11 -19.95
C VAL D 120 19.74 28.55 -20.14
N ALA D 121 20.44 27.92 -21.06
CA ALA D 121 21.85 28.20 -21.25
C ALA D 121 22.02 29.08 -22.47
N ILE D 122 23.24 29.60 -22.62
CA ILE D 122 23.61 30.54 -23.67
C ILE D 122 24.93 30.10 -24.27
N ALA D 123 24.91 29.81 -25.58
CA ALA D 123 26.10 29.38 -26.29
C ALA D 123 26.48 30.41 -27.36
N LEU D 124 27.79 30.60 -27.49
CA LEU D 124 28.38 31.47 -28.49
C LEU D 124 28.99 30.59 -29.55
N ASP D 125 28.40 30.62 -30.76
CA ASP D 125 28.95 29.88 -31.90
C ASP D 125 29.84 30.79 -32.76
N THR D 126 31.16 30.54 -32.67
CA THR D 126 32.16 31.34 -33.33
C THR D 126 31.89 31.51 -34.83
N LYS D 127 32.43 32.59 -35.41
CA LYS D 127 32.33 32.89 -36.83
C LYS D 127 33.26 32.03 -37.66
N GLY D 128 34.46 31.74 -37.17
CA GLY D 128 35.33 30.79 -37.83
C GLY D 128 36.75 31.28 -38.09
N PRO D 129 37.24 31.04 -39.33
CA PRO D 129 38.52 31.56 -39.80
C PRO D 129 38.36 32.28 -41.12
N VAL D 238 38.86 35.48 -32.05
CA VAL D 238 39.60 35.43 -30.79
C VAL D 238 38.99 36.39 -29.80
N ARG D 239 38.58 37.52 -30.34
CA ARG D 239 38.13 38.61 -29.48
C ARG D 239 36.65 38.47 -29.17
N ASP D 240 35.93 37.71 -30.02
CA ASP D 240 34.55 37.33 -29.71
C ASP D 240 34.44 36.48 -28.45
N LEU D 241 35.49 35.72 -28.13
CA LEU D 241 35.44 34.85 -26.96
C LEU D 241 35.40 35.67 -25.67
N ARG D 242 36.42 36.52 -25.46
CA ARG D 242 36.48 37.31 -24.23
C ARG D 242 35.23 38.19 -24.10
N PHE D 243 34.61 38.56 -25.22
CA PHE D 243 33.27 39.13 -25.13
C PHE D 243 32.35 38.15 -24.44
N GLY D 244 32.23 36.94 -25.03
CA GLY D 244 31.51 35.86 -24.38
C GLY D 244 31.92 35.68 -22.94
N VAL D 245 33.23 35.55 -22.69
CA VAL D 245 33.70 35.22 -21.34
C VAL D 245 33.07 36.14 -20.31
N GLU D 246 33.24 37.45 -20.48
CA GLU D 246 32.78 38.34 -19.43
C GLU D 246 31.37 38.85 -19.68
N HIS D 247 30.67 38.28 -20.67
CA HIS D 247 29.21 38.25 -20.66
C HIS D 247 28.64 36.97 -20.00
N GLY D 248 29.47 36.15 -19.36
CA GLY D 248 29.01 34.97 -18.64
C GLY D 248 28.31 33.92 -19.47
N VAL D 249 28.78 33.65 -20.68
CA VAL D 249 28.17 32.61 -21.50
C VAL D 249 28.68 31.24 -21.04
N ASP D 250 27.87 30.22 -21.35
CA ASP D 250 28.05 28.88 -20.81
C ASP D 250 28.79 27.93 -21.75
N ILE D 251 28.66 28.12 -23.05
CA ILE D 251 29.09 27.13 -24.03
C ILE D 251 29.68 27.81 -25.26
N VAL D 252 30.88 27.38 -25.64
CA VAL D 252 31.47 27.81 -26.90
C VAL D 252 31.28 26.72 -27.95
N PHE D 253 30.69 27.08 -29.09
CA PHE D 253 30.63 26.22 -30.27
C PHE D 253 31.79 26.56 -31.23
N ALA D 254 33.00 26.11 -30.87
CA ALA D 254 34.20 26.28 -31.70
C ALA D 254 34.00 25.79 -33.13
N SER D 255 34.23 26.68 -34.09
CA SER D 255 33.99 26.35 -35.49
C SER D 255 35.28 25.85 -36.17
N PHE D 256 35.09 24.95 -37.14
CA PHE D 256 36.12 24.46 -38.06
C PHE D 256 37.24 23.68 -37.38
N VAL D 257 37.02 23.12 -36.19
CA VAL D 257 38.10 22.41 -35.51
C VAL D 257 38.56 21.23 -36.36
N ARG D 258 39.87 21.02 -36.40
CA ARG D 258 40.47 20.00 -37.24
C ARG D 258 41.51 19.14 -36.55
N LYS D 259 41.94 19.51 -35.35
CA LYS D 259 42.97 18.78 -34.62
C LYS D 259 42.93 19.30 -33.19
N ALA D 260 43.69 18.64 -32.32
CA ALA D 260 43.60 18.97 -30.89
C ALA D 260 44.06 20.39 -30.60
N SER D 261 45.15 20.85 -31.25
CA SER D 261 45.66 22.20 -31.00
C SER D 261 44.63 23.29 -31.32
N ASP D 262 43.77 23.09 -32.31
CA ASP D 262 42.76 24.10 -32.61
C ASP D 262 41.89 24.37 -31.39
N VAL D 263 41.65 23.37 -30.53
CA VAL D 263 40.80 23.56 -29.36
C VAL D 263 41.61 24.07 -28.16
N ALA D 264 42.80 23.49 -27.95
CA ALA D 264 43.74 24.02 -26.97
C ALA D 264 43.95 25.52 -27.19
N ALA D 265 44.07 25.92 -28.45
CA ALA D 265 44.07 27.33 -28.82
C ALA D 265 42.80 28.01 -28.30
N VAL D 266 41.64 27.41 -28.55
CA VAL D 266 40.39 28.00 -28.09
C VAL D 266 40.43 28.17 -26.57
N ARG D 267 40.66 27.06 -25.84
CA ARG D 267 40.72 27.11 -24.38
C ARG D 267 41.61 28.24 -23.86
N ALA D 268 42.80 28.38 -24.43
CA ALA D 268 43.73 29.43 -24.00
C ALA D 268 43.13 30.82 -24.19
N ALA D 269 42.50 31.06 -25.33
CA ALA D 269 41.85 32.35 -25.57
C ALA D 269 40.82 32.64 -24.48
N LEU D 270 39.96 31.68 -24.13
CA LEU D 270 39.00 31.88 -23.06
C LEU D 270 39.71 32.27 -21.76
N GLY D 271 40.87 31.67 -21.53
CA GLY D 271 41.71 32.03 -20.42
C GLY D 271 41.04 31.77 -19.09
N PRO D 272 41.59 32.34 -18.02
CA PRO D 272 41.16 31.93 -16.67
C PRO D 272 39.72 32.27 -16.40
N GLU D 273 39.22 33.39 -16.92
CA GLU D 273 37.82 33.71 -16.72
C GLU D 273 36.91 32.74 -17.48
N GLY D 274 37.46 31.97 -18.43
CA GLY D 274 36.70 30.96 -19.13
C GLY D 274 37.13 29.52 -18.89
N HIS D 275 37.55 29.19 -17.67
CA HIS D 275 37.91 27.81 -17.38
C HIS D 275 36.66 26.94 -17.22
N GLY D 276 35.60 27.50 -16.64
CA GLY D 276 34.37 26.80 -16.41
C GLY D 276 33.48 26.71 -17.61
N ILE D 277 33.99 27.04 -18.77
CA ILE D 277 33.19 27.16 -19.99
C ILE D 277 33.40 25.92 -20.83
N LYS D 278 32.34 25.47 -21.48
CA LYS D 278 32.31 24.17 -22.13
C LYS D 278 32.68 24.31 -23.59
N ILE D 279 33.70 23.59 -24.02
CA ILE D 279 34.16 23.70 -25.40
C ILE D 279 33.52 22.56 -26.21
N ILE D 280 32.67 22.95 -27.16
CA ILE D 280 31.96 22.06 -28.07
C ILE D 280 32.54 22.28 -29.46
N SER D 281 33.37 21.34 -29.91
CA SER D 281 34.11 21.51 -31.15
C SER D 281 33.22 21.17 -32.33
N LYS D 282 33.14 22.07 -33.31
CA LYS D 282 32.38 21.85 -34.53
C LYS D 282 33.24 21.12 -35.56
N ILE D 283 32.72 19.99 -36.07
CA ILE D 283 33.47 19.12 -36.96
C ILE D 283 32.91 19.34 -38.35
N GLU D 284 33.65 20.13 -39.14
CA GLU D 284 33.13 20.75 -40.35
C GLU D 284 33.78 20.27 -41.63
N ASN D 285 34.90 19.53 -41.55
CA ASN D 285 35.65 19.17 -42.74
C ASN D 285 36.27 17.78 -42.62
N HIS D 286 36.86 17.32 -43.73
CA HIS D 286 37.44 15.99 -43.81
C HIS D 286 38.47 15.76 -42.70
N GLU D 287 39.29 16.75 -42.41
CA GLU D 287 40.38 16.54 -41.45
C GLU D 287 39.83 16.34 -40.05
N GLY D 288 38.88 17.17 -39.63
CA GLY D 288 38.32 17.01 -38.30
C GLY D 288 37.56 15.72 -38.12
N VAL D 289 36.94 15.22 -39.20
CA VAL D 289 36.27 13.94 -39.18
C VAL D 289 37.27 12.81 -38.97
N LYS D 290 38.47 12.95 -39.56
CA LYS D 290 39.50 11.91 -39.53
C LYS D 290 40.44 12.00 -38.34
N ARG D 291 40.62 13.19 -37.75
CA ARG D 291 41.37 13.35 -36.50
C ARG D 291 40.41 13.52 -35.32
N PHE D 292 39.22 12.92 -35.43
CA PHE D 292 38.14 13.16 -34.50
C PHE D 292 38.49 12.69 -33.09
N ASP D 293 39.09 11.50 -32.95
CA ASP D 293 39.40 11.00 -31.62
C ASP D 293 40.15 12.06 -30.79
N GLU D 294 41.27 12.57 -31.31
CA GLU D 294 42.05 13.55 -30.55
C GLU D 294 41.25 14.83 -30.32
N ILE D 295 40.42 15.25 -31.28
CA ILE D 295 39.51 16.37 -31.01
C ILE D 295 38.65 16.02 -29.81
N LEU D 296 37.92 14.91 -29.90
CA LEU D 296 37.04 14.49 -28.83
C LEU D 296 37.80 14.34 -27.53
N GLU D 297 39.02 13.77 -27.62
CA GLU D 297 39.85 13.53 -26.44
C GLU D 297 39.99 14.77 -25.57
N VAL D 298 39.92 15.96 -26.15
CA VAL D 298 40.12 17.18 -25.39
C VAL D 298 38.85 18.01 -25.22
N SER D 299 37.91 17.93 -26.15
CA SER D 299 36.75 18.79 -26.05
C SER D 299 35.85 18.32 -24.91
N ASP D 300 34.93 19.18 -24.53
CA ASP D 300 33.86 18.77 -23.64
C ASP D 300 32.74 18.08 -24.39
N GLY D 301 32.64 18.36 -25.67
CA GLY D 301 31.62 17.77 -26.51
C GLY D 301 31.91 18.08 -27.96
N ILE D 302 30.95 17.74 -28.79
CA ILE D 302 31.14 17.75 -30.24
C ILE D 302 29.84 18.21 -30.87
N MET D 303 29.96 18.93 -31.98
CA MET D 303 28.81 19.27 -32.81
C MET D 303 29.08 18.70 -34.20
N VAL D 304 28.08 18.02 -34.75
CA VAL D 304 28.14 17.48 -36.10
C VAL D 304 27.56 18.56 -37.00
N ALA D 305 28.45 19.37 -37.57
CA ALA D 305 28.08 20.59 -38.30
C ALA D 305 27.68 20.20 -39.71
N ARG D 306 26.40 19.95 -39.91
CA ARG D 306 26.03 19.34 -41.18
C ARG D 306 26.09 20.33 -42.33
N GLY D 307 25.76 21.60 -42.08
CA GLY D 307 25.74 22.63 -43.10
C GLY D 307 27.05 22.70 -43.84
N ASP D 308 28.11 23.08 -43.13
CA ASP D 308 29.44 23.13 -43.74
C ASP D 308 29.94 21.75 -44.15
N LEU D 309 29.75 20.74 -43.31
CA LEU D 309 30.25 19.38 -43.60
C LEU D 309 29.62 18.80 -44.88
N GLY D 310 28.38 19.16 -45.20
CA GLY D 310 27.84 18.76 -46.49
C GLY D 310 28.42 19.50 -47.68
N ILE D 311 29.03 20.68 -47.45
CA ILE D 311 29.85 21.31 -48.47
C ILE D 311 31.23 20.65 -48.54
N GLU D 312 31.94 20.55 -47.39
CA GLU D 312 33.34 20.08 -47.40
C GLU D 312 33.50 18.59 -47.69
N ILE D 313 32.46 17.78 -47.62
CA ILE D 313 32.51 16.39 -48.07
C ILE D 313 31.27 16.12 -48.90
N PRO D 314 31.30 15.05 -49.70
CA PRO D 314 30.09 14.68 -50.45
C PRO D 314 28.87 14.66 -49.55
N ALA D 315 27.76 15.17 -50.09
CA ALA D 315 26.54 15.29 -49.31
C ALA D 315 25.90 13.94 -48.99
N GLU D 316 26.20 12.88 -49.77
CA GLU D 316 25.67 11.54 -49.54
C GLU D 316 26.44 10.74 -48.49
N LYS D 317 27.59 11.23 -48.02
CA LYS D 317 28.37 10.58 -46.99
C LYS D 317 28.16 11.19 -45.61
N VAL D 318 27.23 12.14 -45.47
CA VAL D 318 27.20 12.91 -44.23
C VAL D 318 26.62 12.08 -43.10
N PHE D 319 25.57 11.29 -43.38
CA PHE D 319 25.01 10.44 -42.34
C PHE D 319 26.10 9.54 -41.73
N LEU D 320 26.99 9.00 -42.58
CA LEU D 320 28.15 8.25 -42.11
C LEU D 320 28.95 9.00 -41.06
N ALA D 321 29.36 10.24 -41.37
CA ALA D 321 30.08 11.04 -40.39
C ALA D 321 29.24 11.21 -39.14
N GLN D 322 27.94 11.48 -39.34
CA GLN D 322 26.99 11.68 -38.25
C GLN D 322 26.88 10.46 -37.32
N LYS D 323 26.41 9.33 -37.84
CA LYS D 323 26.22 8.16 -37.01
C LYS D 323 27.55 7.72 -36.41
N MET D 324 28.65 7.94 -37.13
CA MET D 324 29.96 7.60 -36.60
C MET D 324 30.34 8.49 -35.41
N MET D 325 30.09 9.79 -35.50
CA MET D 325 30.55 10.68 -34.44
C MET D 325 29.67 10.53 -33.21
N ILE D 326 28.36 10.45 -33.41
CA ILE D 326 27.45 10.22 -32.29
C ILE D 326 27.86 8.96 -31.53
N GLY D 327 28.04 7.86 -32.26
CA GLY D 327 28.50 6.64 -31.66
C GLY D 327 29.66 6.89 -30.71
N ARG D 328 30.76 7.44 -31.25
CA ARG D 328 31.99 7.58 -30.45
C ARG D 328 31.78 8.51 -29.26
N CYS D 329 30.82 9.44 -29.36
CA CYS D 329 30.55 10.38 -28.28
C CYS D 329 29.74 9.71 -27.19
N ASN D 330 28.76 8.90 -27.61
CA ASN D 330 28.00 8.05 -26.69
C ASN D 330 28.94 7.16 -25.88
N LEU D 331 29.92 6.53 -26.55
CA LEU D 331 30.93 5.76 -25.84
C LEU D 331 31.69 6.60 -24.84
N ALA D 332 32.08 7.81 -25.24
CA ALA D 332 32.92 8.64 -24.39
C ALA D 332 32.14 9.30 -23.27
N GLY D 333 30.81 9.22 -23.28
CA GLY D 333 30.03 9.87 -22.26
C GLY D 333 30.09 11.38 -22.41
N LYS D 334 30.26 11.85 -23.64
CA LYS D 334 30.42 13.27 -23.90
C LYS D 334 29.31 13.78 -24.81
N PRO D 335 28.74 14.95 -24.52
CA PRO D 335 27.66 15.50 -25.35
C PRO D 335 28.00 15.56 -26.83
N VAL D 336 27.01 15.24 -27.65
CA VAL D 336 27.07 15.38 -29.10
C VAL D 336 25.78 16.06 -29.56
N VAL D 337 25.89 16.96 -30.54
CA VAL D 337 24.79 17.79 -31.01
C VAL D 337 24.59 17.57 -32.50
N CYS D 338 23.34 17.39 -32.93
CA CYS D 338 23.04 17.35 -34.35
C CYS D 338 22.50 18.71 -34.77
N ALA D 339 22.95 19.20 -35.94
CA ALA D 339 22.65 20.57 -36.32
C ALA D 339 22.43 20.81 -37.82
N THR D 340 21.70 21.91 -38.08
CA THR D 340 21.51 22.63 -39.34
C THR D 340 20.54 21.90 -40.29
N GLN D 341 19.54 22.65 -40.74
CA GLN D 341 18.57 22.25 -41.76
C GLN D 341 17.62 21.16 -41.30
N MET D 342 17.53 20.91 -40.00
CA MET D 342 16.66 19.83 -39.55
C MET D 342 15.20 20.08 -39.94
N LEU D 343 14.68 21.25 -39.59
CA LEU D 343 13.29 21.59 -39.94
C LEU D 343 13.26 22.83 -40.85
N GLU D 344 14.28 22.97 -41.71
CA GLU D 344 14.41 24.09 -42.62
C GLU D 344 13.11 24.53 -43.29
N SER D 345 12.33 23.60 -43.86
CA SER D 345 11.12 23.98 -44.57
C SER D 345 10.22 24.86 -43.71
N MET D 346 10.30 24.72 -42.40
CA MET D 346 9.57 25.61 -41.52
C MET D 346 10.14 27.01 -41.48
N ILE D 347 11.20 27.31 -42.23
CA ILE D 347 11.66 28.68 -42.42
C ILE D 347 10.52 29.56 -42.93
N THR D 348 9.75 29.03 -43.88
CA THR D 348 8.63 29.73 -44.52
C THR D 348 7.37 28.87 -44.58
N LYS D 349 7.22 27.88 -43.69
CA LYS D 349 6.04 27.02 -43.75
C LYS D 349 5.71 26.57 -42.35
N PRO D 350 4.43 26.43 -42.01
CA PRO D 350 4.07 26.15 -40.62
C PRO D 350 4.21 24.68 -40.26
N ARG D 351 4.51 23.81 -41.25
CA ARG D 351 4.48 22.37 -41.14
C ARG D 351 5.73 21.78 -41.79
N PRO D 352 6.28 20.71 -41.25
CA PRO D 352 7.58 20.21 -41.73
C PRO D 352 7.41 19.12 -42.81
N THR D 353 8.51 18.91 -43.52
CA THR D 353 8.57 17.82 -44.50
C THR D 353 8.61 16.47 -43.79
N ARG D 354 8.10 15.45 -44.48
CA ARG D 354 8.23 14.09 -43.99
C ARG D 354 9.70 13.71 -43.81
N ALA D 355 10.56 14.08 -44.74
CA ALA D 355 11.98 13.84 -44.54
C ALA D 355 12.51 14.51 -43.27
N GLU D 356 11.88 15.60 -42.84
CA GLU D 356 12.46 16.42 -41.78
C GLU D 356 12.05 15.95 -40.39
N THR D 357 10.80 15.52 -40.22
CA THR D 357 10.44 14.85 -38.97
C THR D 357 11.29 13.59 -38.78
N SER D 358 11.44 12.77 -39.85
CA SER D 358 12.30 11.60 -39.80
C SER D 358 13.73 11.95 -39.40
N ASP D 359 14.28 13.04 -39.94
CA ASP D 359 15.63 13.46 -39.58
C ASP D 359 15.75 13.70 -38.08
N VAL D 360 14.74 14.34 -37.50
CA VAL D 360 14.79 14.67 -36.08
C VAL D 360 14.73 13.39 -35.25
N ALA D 361 13.66 12.61 -35.44
CA ALA D 361 13.52 11.29 -34.84
C ALA D 361 14.81 10.46 -35.00
N ASN D 362 15.40 10.44 -36.21
CA ASN D 362 16.56 9.60 -36.45
C ASN D 362 17.81 10.12 -35.75
N ALA D 363 17.88 11.38 -35.38
CA ALA D 363 19.07 11.87 -34.68
C ALA D 363 19.00 11.53 -33.20
N VAL D 364 17.79 11.45 -32.68
CA VAL D 364 17.58 10.93 -31.34
C VAL D 364 17.95 9.44 -31.31
N LEU D 365 17.29 8.63 -32.15
CA LEU D 365 17.63 7.23 -32.28
C LEU D 365 19.12 7.02 -32.51
N ASP D 366 19.78 7.94 -33.22
CA ASP D 366 21.21 7.83 -33.44
C ASP D 366 21.98 7.84 -32.12
N GLY D 367 21.47 8.56 -31.12
CA GLY D 367 22.20 8.85 -29.89
C GLY D 367 22.46 10.32 -29.58
N ALA D 368 22.04 11.28 -30.40
CA ALA D 368 22.40 12.69 -30.19
C ALA D 368 21.92 13.16 -28.82
N ASP D 369 22.79 13.83 -28.08
CA ASP D 369 22.30 14.40 -26.83
C ASP D 369 21.38 15.59 -27.07
N CYS D 370 21.73 16.44 -28.04
CA CYS D 370 21.08 17.74 -28.25
C CYS D 370 20.70 17.89 -29.71
N ILE D 371 19.66 18.68 -29.96
CA ILE D 371 19.31 19.03 -31.33
C ILE D 371 19.11 20.54 -31.46
N MET D 372 19.31 21.04 -32.67
CA MET D 372 19.46 22.47 -32.87
C MET D 372 18.56 22.99 -33.99
N LEU D 373 18.12 24.23 -33.80
CA LEU D 373 17.39 24.99 -34.79
C LEU D 373 18.23 26.19 -35.24
N SER D 374 18.26 26.40 -36.55
CA SER D 374 19.07 27.45 -37.17
C SER D 374 18.14 28.54 -37.68
N GLY D 375 17.75 28.53 -38.95
CA GLY D 375 16.86 29.52 -39.50
C GLY D 375 15.40 29.21 -39.26
N GLU D 376 15.12 28.12 -38.56
CA GLU D 376 13.77 27.84 -38.10
C GLU D 376 13.36 28.82 -37.02
N THR D 377 14.35 29.33 -36.28
CA THR D 377 14.10 30.26 -35.18
C THR D 377 14.81 31.60 -35.35
N ALA D 378 15.84 31.69 -36.19
CA ALA D 378 16.59 32.94 -36.27
C ALA D 378 15.81 34.01 -37.00
N LYS D 379 15.20 33.64 -38.12
CA LYS D 379 14.80 34.66 -39.10
C LYS D 379 13.62 34.16 -39.93
N GLY D 380 12.87 33.20 -39.38
CA GLY D 380 11.82 32.54 -40.09
C GLY D 380 10.51 32.91 -39.45
N ASN D 381 9.45 32.52 -40.15
CA ASN D 381 8.12 32.96 -39.78
C ASN D 381 7.46 32.12 -38.70
N PHE D 382 7.97 30.92 -38.43
CA PHE D 382 7.43 30.02 -37.40
C PHE D 382 8.54 29.58 -36.46
N PRO D 383 9.05 30.48 -35.62
CA PRO D 383 10.13 30.07 -34.71
C PRO D 383 9.66 29.38 -33.42
N VAL D 384 8.38 29.53 -33.04
CA VAL D 384 7.85 28.81 -31.89
C VAL D 384 7.13 27.54 -32.31
N GLU D 385 6.85 27.38 -33.58
CA GLU D 385 6.34 26.10 -34.02
C GLU D 385 7.48 25.12 -34.32
N ALA D 386 8.65 25.64 -34.69
CA ALA D 386 9.80 24.79 -34.97
C ALA D 386 10.30 24.13 -33.69
N VAL D 387 10.48 24.92 -32.64
CA VAL D 387 10.80 24.37 -31.33
C VAL D 387 9.72 23.40 -30.90
N LYS D 388 8.45 23.84 -30.94
CA LYS D 388 7.38 22.94 -30.53
C LYS D 388 7.51 21.59 -31.21
N MET D 389 7.86 21.59 -32.51
CA MET D 389 7.87 20.34 -33.28
C MET D 389 9.11 19.49 -32.99
N GLN D 390 10.30 20.09 -32.86
CA GLN D 390 11.46 19.39 -32.34
C GLN D 390 11.08 18.67 -31.05
N HIS D 391 10.26 19.30 -30.21
CA HIS D 391 9.94 18.75 -28.90
C HIS D 391 9.05 17.52 -29.02
N ALA D 392 7.98 17.63 -29.80
CA ALA D 392 7.07 16.49 -29.94
C ALA D 392 7.73 15.32 -30.66
N ILE D 393 8.59 15.57 -31.64
CA ILE D 393 9.27 14.47 -32.32
C ILE D 393 10.20 13.76 -31.35
N ALA D 394 11.09 14.54 -30.71
CA ALA D 394 12.09 13.99 -29.81
C ALA D 394 11.45 13.11 -28.76
N ARG D 395 10.27 13.50 -28.27
CA ARG D 395 9.61 12.77 -27.20
C ARG D 395 9.18 11.39 -27.67
N GLU D 396 8.57 11.34 -28.84
CA GLU D 396 8.18 10.06 -29.42
C GLU D 396 9.39 9.19 -29.65
N ALA D 397 10.52 9.78 -30.03
CA ALA D 397 11.69 9.04 -30.49
C ALA D 397 12.47 8.47 -29.32
N GLU D 398 12.52 9.21 -28.21
CA GLU D 398 13.11 8.76 -26.95
C GLU D 398 12.42 7.53 -26.42
N ALA D 399 11.08 7.57 -26.36
CA ALA D 399 10.31 6.40 -25.99
C ALA D 399 10.58 5.21 -26.89
N ALA D 400 11.05 5.45 -28.09
CA ALA D 400 11.28 4.40 -29.06
C ALA D 400 12.67 3.80 -28.99
N VAL D 401 13.56 4.32 -28.12
CA VAL D 401 14.95 3.83 -28.08
C VAL D 401 14.94 2.37 -27.62
N TYR D 402 15.84 1.55 -28.20
CA TYR D 402 15.95 0.13 -27.80
C TYR D 402 16.99 0.02 -26.68
N HIS D 403 16.57 0.37 -25.45
CA HIS D 403 17.49 0.48 -24.33
C HIS D 403 18.19 -0.84 -24.03
N ARG D 404 17.44 -1.94 -23.98
CA ARG D 404 18.01 -3.27 -23.70
C ARG D 404 19.33 -3.49 -24.43
N GLN D 405 19.36 -3.27 -25.73
CA GLN D 405 20.62 -3.41 -26.45
C GLN D 405 21.58 -2.26 -26.16
N LEU D 406 21.05 -1.03 -26.01
CA LEU D 406 21.92 0.12 -25.82
C LEU D 406 22.65 0.04 -24.49
N PHE D 407 21.91 -0.22 -23.41
CA PHE D 407 22.50 -0.34 -22.09
C PHE D 407 23.56 -1.44 -22.06
N GLU D 408 23.23 -2.60 -22.60
CA GLU D 408 24.20 -3.69 -22.64
C GLU D 408 25.45 -3.27 -23.39
N GLU D 409 25.31 -2.68 -24.57
CA GLU D 409 26.51 -2.35 -25.33
C GLU D 409 27.35 -1.31 -24.59
N LEU D 410 26.72 -0.30 -23.94
CA LEU D 410 27.47 0.68 -23.15
C LEU D 410 28.02 0.10 -21.85
N ARG D 411 27.38 -0.94 -21.32
CA ARG D 411 27.92 -1.66 -20.16
C ARG D 411 29.18 -2.41 -20.55
N ARG D 412 29.18 -3.03 -21.72
CA ARG D 412 30.22 -3.94 -22.18
C ARG D 412 31.48 -3.23 -22.63
N ALA D 413 31.31 -1.99 -23.07
CA ALA D 413 32.35 -1.12 -23.61
C ALA D 413 32.93 -0.19 -22.54
N ALA D 414 32.10 0.30 -21.66
CA ALA D 414 32.56 1.14 -20.58
C ALA D 414 33.49 0.34 -19.67
N PRO D 415 34.66 0.88 -19.34
CA PRO D 415 35.66 0.11 -18.59
C PRO D 415 35.31 0.03 -17.12
N LEU D 416 35.89 -0.98 -16.48
CA LEU D 416 35.72 -1.08 -15.05
C LEU D 416 36.17 0.21 -14.41
N SER D 417 35.42 0.67 -13.45
CA SER D 417 35.69 1.92 -12.77
C SER D 417 35.80 1.66 -11.29
N ARG D 418 36.79 2.26 -10.66
CA ARG D 418 36.84 2.38 -9.21
C ARG D 418 36.41 3.76 -8.74
N ASP D 419 35.75 4.54 -9.60
CA ASP D 419 35.29 5.88 -9.25
C ASP D 419 33.92 5.75 -8.57
N PRO D 420 33.80 5.98 -7.26
CA PRO D 420 32.51 5.73 -6.59
C PRO D 420 31.34 6.32 -7.28
N THR D 421 31.50 7.46 -7.95
CA THR D 421 30.39 8.11 -8.64
C THR D 421 30.00 7.34 -9.89
N GLU D 422 30.98 6.84 -10.64
CA GLU D 422 30.66 5.95 -11.75
C GLU D 422 29.89 4.72 -11.26
N VAL D 423 30.46 4.00 -10.30
CA VAL D 423 29.83 2.81 -9.74
C VAL D 423 28.41 3.10 -9.29
N THR D 424 28.23 4.19 -8.55
CA THR D 424 26.91 4.48 -8.04
C THR D 424 25.95 4.82 -9.18
N ALA D 425 26.45 5.40 -10.26
CA ALA D 425 25.59 5.82 -11.36
C ALA D 425 25.06 4.62 -12.13
N ILE D 426 25.93 3.65 -12.47
CA ILE D 426 25.46 2.46 -13.17
C ILE D 426 24.55 1.64 -12.24
N GLY D 427 24.89 1.57 -10.96
CA GLY D 427 23.99 0.94 -10.00
C GLY D 427 22.60 1.55 -10.03
N ALA D 428 22.53 2.88 -10.15
CA ALA D 428 21.23 3.53 -10.04
C ALA D 428 20.46 3.41 -11.35
N VAL D 429 21.19 3.44 -12.47
CA VAL D 429 20.56 3.24 -13.76
C VAL D 429 19.93 1.84 -13.85
N GLU D 430 20.68 0.81 -13.43
CA GLU D 430 20.16 -0.55 -13.38
C GLU D 430 18.89 -0.60 -12.53
N ALA D 431 18.94 0.01 -11.35
CA ALA D 431 17.77 -0.05 -10.49
C ALA D 431 16.59 0.69 -11.12
N ALA D 432 16.83 1.78 -11.87
CA ALA D 432 15.72 2.55 -12.46
C ALA D 432 14.97 1.70 -13.49
N PHE D 433 15.72 1.01 -14.35
CA PHE D 433 15.13 0.02 -15.27
C PHE D 433 14.36 -1.06 -14.53
N LYS D 434 14.88 -1.58 -13.41
CA LYS D 434 14.22 -2.72 -12.77
C LYS D 434 12.79 -2.37 -12.34
N CYS D 435 12.55 -1.15 -11.88
CA CYS D 435 11.24 -0.79 -11.35
C CYS D 435 10.53 0.27 -12.23
N CYS D 436 10.96 0.44 -13.51
CA CYS D 436 10.54 1.58 -14.33
CA CYS D 436 10.54 1.58 -14.34
C CYS D 436 10.26 2.79 -13.43
N ALA D 437 11.34 3.35 -12.88
CA ALA D 437 11.22 4.51 -12.00
C ALA D 437 10.84 5.75 -12.79
N ALA D 438 10.03 6.60 -12.14
CA ALA D 438 9.61 7.87 -12.75
C ALA D 438 10.81 8.75 -12.99
N ALA D 439 11.78 8.75 -12.05
CA ALA D 439 12.98 9.55 -12.20
C ALA D 439 14.14 9.02 -11.38
N ILE D 440 15.32 9.46 -11.77
CA ILE D 440 16.52 9.45 -10.93
C ILE D 440 16.83 10.88 -10.48
N ILE D 441 16.85 11.09 -9.18
CA ILE D 441 17.09 12.40 -8.58
C ILE D 441 18.52 12.44 -8.10
N VAL D 442 19.32 13.35 -8.67
CA VAL D 442 20.74 13.44 -8.35
C VAL D 442 21.09 14.83 -7.85
N LEU D 443 21.95 14.87 -6.80
CA LEU D 443 22.49 16.08 -6.20
C LEU D 443 23.90 16.30 -6.73
N THR D 444 24.06 17.33 -7.54
CA THR D 444 25.31 17.56 -8.25
C THR D 444 25.68 19.03 -8.19
N THR D 445 26.97 19.31 -8.05
CA THR D 445 27.38 20.70 -8.09
C THR D 445 28.06 21.08 -9.41
N THR D 446 29.01 20.27 -9.90
CA THR D 446 29.61 20.51 -11.20
C THR D 446 28.81 19.94 -12.34
N GLY D 447 27.80 19.13 -12.04
CA GLY D 447 27.10 18.34 -13.04
C GLY D 447 27.73 17.01 -13.39
N ARG D 448 28.89 16.66 -12.83
CA ARG D 448 29.52 15.39 -13.21
C ARG D 448 28.59 14.19 -12.96
N SER D 449 27.96 14.13 -11.79
CA SER D 449 27.10 13.00 -11.47
C SER D 449 25.94 12.88 -12.45
N ALA D 450 25.31 13.99 -12.84
CA ALA D 450 24.23 13.88 -13.80
C ALA D 450 24.75 13.41 -15.15
N GLN D 451 25.98 13.77 -15.51
CA GLN D 451 26.51 13.32 -16.79
C GLN D 451 26.78 11.82 -16.78
N LEU D 452 27.36 11.33 -15.69
CA LEU D 452 27.68 9.91 -15.61
C LEU D 452 26.42 9.08 -15.58
N LEU D 453 25.30 9.64 -15.05
CA LEU D 453 23.99 9.03 -15.27
C LEU D 453 23.57 9.13 -16.74
N SER D 454 23.74 10.31 -17.36
CA SER D 454 23.25 10.49 -18.73
C SER D 454 23.93 9.52 -19.71
N ARG D 455 25.18 9.16 -19.46
CA ARG D 455 25.88 8.33 -20.44
C ARG D 455 25.23 6.95 -20.57
N TYR D 456 24.55 6.44 -19.53
CA TYR D 456 24.00 5.09 -19.64
C TYR D 456 22.57 5.11 -20.17
N ARG D 457 22.11 6.31 -20.51
CA ARG D 457 20.85 6.50 -21.24
C ARG D 457 19.67 5.82 -20.52
N PRO D 458 19.37 6.26 -19.29
CA PRO D 458 18.17 5.80 -18.63
C PRO D 458 16.92 6.18 -19.39
N ARG D 459 15.88 5.38 -19.21
CA ARG D 459 14.56 5.82 -19.62
C ARG D 459 13.99 6.85 -18.65
N ALA D 460 14.30 6.71 -17.37
CA ALA D 460 13.80 7.61 -16.36
C ALA D 460 14.44 8.99 -16.46
N ALA D 461 13.63 10.03 -16.27
CA ALA D 461 14.16 11.37 -16.16
C ALA D 461 15.27 11.45 -15.11
N VAL D 462 16.41 12.02 -15.51
CA VAL D 462 17.42 12.45 -14.54
C VAL D 462 17.12 13.89 -14.10
N ILE D 463 16.82 14.05 -12.83
CA ILE D 463 16.41 15.31 -12.24
C ILE D 463 17.57 15.79 -11.39
N ALA D 464 18.27 16.81 -11.89
CA ALA D 464 19.54 17.26 -11.35
C ALA D 464 19.35 18.54 -10.52
N VAL D 465 19.40 18.39 -9.20
CA VAL D 465 19.27 19.49 -8.25
C VAL D 465 20.67 20.06 -7.96
N THR D 466 20.86 21.33 -8.31
CA THR D 466 22.14 22.01 -8.14
C THR D 466 21.95 23.41 -7.55
N ARG D 467 22.99 23.83 -6.83
CA ARG D 467 23.08 25.21 -6.35
C ARG D 467 23.78 26.11 -7.35
N SER D 468 24.65 25.57 -8.18
CA SER D 468 25.42 26.34 -9.14
C SER D 468 24.55 26.64 -10.34
N ALA D 469 24.24 27.93 -10.53
CA ALA D 469 23.42 28.36 -11.65
C ALA D 469 24.05 28.04 -12.99
N GLN D 470 25.39 28.01 -13.08
CA GLN D 470 26.04 27.67 -14.33
C GLN D 470 25.97 26.16 -14.62
N ALA D 471 26.01 25.31 -13.60
CA ALA D 471 25.81 23.88 -13.87
C ALA D 471 24.37 23.63 -14.27
N ALA D 472 23.40 24.29 -13.62
CA ALA D 472 22.00 24.11 -13.97
C ALA D 472 21.74 24.44 -15.45
N ARG D 473 22.53 25.34 -16.03
CA ARG D 473 22.32 25.69 -17.43
C ARG D 473 23.05 24.69 -18.33
N GLN D 474 24.25 24.29 -17.90
CA GLN D 474 25.15 23.48 -18.73
C GLN D 474 24.76 21.99 -18.80
N VAL D 475 24.11 21.42 -17.78
CA VAL D 475 23.73 20.02 -17.92
C VAL D 475 22.64 19.86 -19.00
N HIS D 476 22.15 20.97 -19.59
CA HIS D 476 21.27 20.80 -20.75
C HIS D 476 21.98 20.14 -21.93
N LEU D 477 23.28 20.01 -21.84
CA LEU D 477 23.97 19.30 -22.89
C LEU D 477 23.79 17.78 -22.80
N CYS D 478 23.41 17.28 -21.62
CA CYS D 478 23.37 15.84 -21.33
C CYS D 478 21.96 15.33 -21.46
N ARG D 479 21.74 14.45 -22.46
CA ARG D 479 20.39 13.95 -22.65
C ARG D 479 19.88 13.27 -21.39
N GLY D 480 18.61 13.54 -21.09
CA GLY D 480 17.94 13.05 -19.92
C GLY D 480 17.99 13.91 -18.69
N VAL D 481 18.84 14.92 -18.64
CA VAL D 481 18.99 15.69 -17.39
C VAL D 481 18.03 16.89 -17.40
N PHE D 482 17.29 17.04 -16.31
CA PHE D 482 16.34 18.13 -16.14
C PHE D 482 16.88 18.95 -14.98
N PRO D 483 17.59 20.06 -15.23
CA PRO D 483 18.27 20.75 -14.12
C PRO D 483 17.30 21.65 -13.37
N LEU D 484 17.35 21.57 -12.04
CA LEU D 484 16.56 22.39 -11.15
C LEU D 484 17.55 23.16 -10.29
N LEU D 485 17.27 24.46 -10.10
CA LEU D 485 18.19 25.35 -9.39
C LEU D 485 17.66 25.56 -7.97
N TYR D 486 18.52 25.28 -7.00
CA TYR D 486 18.15 25.34 -5.59
C TYR D 486 18.75 26.60 -4.97
N ARG D 487 17.88 27.44 -4.39
CA ARG D 487 18.24 28.79 -3.94
C ARG D 487 18.50 28.86 -2.45
N GLU D 488 17.89 27.95 -1.67
CA GLU D 488 17.90 28.05 -0.22
C GLU D 488 19.27 27.81 0.40
N PRO D 489 19.46 28.30 1.61
CA PRO D 489 20.77 28.30 2.23
C PRO D 489 21.05 27.00 2.94
N PRO D 490 22.35 26.65 3.10
CA PRO D 490 22.72 25.41 3.79
C PRO D 490 21.91 25.16 5.02
N GLU D 491 21.66 23.90 5.33
CA GLU D 491 21.30 23.55 6.70
C GLU D 491 22.57 23.29 7.49
N ALA D 492 22.43 23.31 8.81
CA ALA D 492 23.55 22.94 9.68
C ALA D 492 24.02 21.52 9.44
N ILE D 493 23.07 20.58 9.37
CA ILE D 493 23.36 19.14 9.25
C ILE D 493 23.45 18.75 7.77
N TRP D 494 24.54 18.07 7.40
CA TRP D 494 24.69 17.66 6.01
C TRP D 494 23.50 16.83 5.55
N ALA D 495 23.03 15.92 6.41
CA ALA D 495 21.91 15.07 6.06
C ALA D 495 20.60 15.85 5.94
N ASP D 496 20.36 16.80 6.87
CA ASP D 496 19.21 17.69 6.71
C ASP D 496 19.29 18.48 5.40
N ASP D 497 20.49 18.90 5.01
CA ASP D 497 20.61 19.71 3.81
C ASP D 497 20.31 18.87 2.59
N VAL D 498 20.85 17.64 2.55
CA VAL D 498 20.51 16.67 1.52
C VAL D 498 18.99 16.42 1.45
N ASP D 499 18.36 16.12 2.61
CA ASP D 499 16.94 15.78 2.54
C ASP D 499 16.10 16.96 2.05
N ARG D 500 16.56 18.19 2.26
CA ARG D 500 15.77 19.33 1.79
C ARG D 500 16.03 19.60 0.31
N ARG D 501 17.23 19.35 -0.18
CA ARG D 501 17.45 19.39 -1.61
C ARG D 501 16.68 18.30 -2.33
N VAL D 502 16.67 17.07 -1.80
CA VAL D 502 15.95 15.98 -2.45
C VAL D 502 14.46 16.31 -2.48
N GLN D 503 13.93 16.81 -1.35
CA GLN D 503 12.49 17.05 -1.33
C GLN D 503 12.11 18.19 -2.28
N PHE D 504 13.03 19.09 -2.59
CA PHE D 504 12.77 20.10 -3.60
C PHE D 504 12.64 19.48 -4.99
N GLY D 505 13.56 18.59 -5.35
CA GLY D 505 13.45 17.90 -6.64
C GLY D 505 12.13 17.18 -6.77
N ILE D 506 11.61 16.64 -5.66
CA ILE D 506 10.36 15.88 -5.72
C ILE D 506 9.17 16.81 -5.96
N GLU D 507 9.06 17.87 -5.15
CA GLU D 507 8.01 18.86 -5.39
C GLU D 507 8.13 19.45 -6.80
N SER D 508 9.34 19.83 -7.21
CA SER D 508 9.46 20.34 -8.55
C SER D 508 8.90 19.33 -9.54
N GLY D 509 9.23 18.05 -9.37
CA GLY D 509 8.78 17.04 -10.30
C GLY D 509 7.28 16.79 -10.25
N LYS D 510 6.69 16.83 -9.06
CA LYS D 510 5.25 16.58 -8.96
C LYS D 510 4.49 17.73 -9.60
N LEU D 511 4.88 18.98 -9.25
CA LEU D 511 4.30 20.18 -9.86
C LEU D 511 4.35 20.11 -11.39
N ARG D 512 5.47 19.67 -11.94
CA ARG D 512 5.60 19.60 -13.39
C ARG D 512 5.06 18.32 -13.99
N GLY D 513 4.53 17.41 -13.16
CA GLY D 513 4.03 16.15 -13.70
C GLY D 513 5.09 15.15 -14.15
N PHE D 514 6.30 15.17 -13.57
CA PHE D 514 7.16 13.99 -13.72
C PHE D 514 6.84 12.91 -12.69
N LEU D 515 6.26 13.29 -11.57
CA LEU D 515 6.21 12.45 -10.39
C LEU D 515 4.79 12.48 -9.90
N ARG D 516 4.29 11.33 -9.48
CA ARG D 516 2.98 11.19 -8.88
C ARG D 516 3.18 10.42 -7.59
N VAL D 517 2.28 10.60 -6.63
CA VAL D 517 2.28 9.71 -5.48
C VAL D 517 2.22 8.28 -5.99
N GLY D 518 2.97 7.38 -5.33
CA GLY D 518 3.09 6.00 -5.73
C GLY D 518 4.31 5.70 -6.60
N ASP D 519 4.82 6.70 -7.32
CA ASP D 519 6.01 6.50 -8.12
C ASP D 519 7.16 6.04 -7.23
N LEU D 520 8.10 5.29 -7.84
CA LEU D 520 9.41 5.03 -7.22
C LEU D 520 10.41 5.91 -7.92
N VAL D 521 11.37 6.41 -7.17
CA VAL D 521 12.47 7.14 -7.78
C VAL D 521 13.73 6.54 -7.20
N ILE D 522 14.82 6.71 -7.94
CA ILE D 522 16.15 6.45 -7.44
C ILE D 522 16.74 7.79 -7.01
N VAL D 523 17.18 7.85 -5.77
CA VAL D 523 17.82 9.04 -5.19
C VAL D 523 19.32 8.76 -5.05
N VAL D 524 20.13 9.60 -5.70
CA VAL D 524 21.59 9.52 -5.76
C VAL D 524 22.15 10.76 -5.05
N THR D 525 22.94 10.54 -3.98
CA THR D 525 23.49 11.59 -3.18
C THR D 525 24.91 11.23 -2.69
N GLY D 526 25.41 12.03 -1.74
CA GLY D 526 26.78 11.91 -1.26
C GLY D 526 26.80 11.69 0.23
N TRP D 527 27.83 10.99 0.72
CA TRP D 527 27.97 10.67 2.13
C TRP D 527 28.44 11.88 2.94
N ARG D 528 29.26 12.76 2.34
CA ARG D 528 29.67 14.07 2.84
C ARG D 528 29.78 15.07 1.68
N PRO D 529 30.01 16.36 1.95
CA PRO D 529 29.94 17.37 0.87
C PRO D 529 31.06 17.24 -0.15
N GLY D 530 30.68 17.44 -1.42
CA GLY D 530 31.59 17.30 -2.54
C GLY D 530 31.13 16.29 -3.57
N GLU D 531 31.52 16.51 -4.83
CA GLU D 531 31.08 15.69 -5.95
C GLU D 531 32.06 14.56 -6.34
N GLY D 532 33.21 14.46 -5.68
CA GLY D 532 33.93 13.22 -5.71
C GLY D 532 33.35 12.23 -4.72
N TYR D 533 32.25 12.62 -4.10
CA TYR D 533 31.59 11.87 -3.04
C TYR D 533 30.15 11.59 -3.39
N THR D 534 29.86 11.26 -4.66
CA THR D 534 28.53 10.72 -4.96
C THR D 534 28.64 9.20 -4.94
N ASN D 535 27.98 8.57 -3.94
CA ASN D 535 28.22 7.17 -3.60
C ASN D 535 27.11 6.52 -2.77
N ILE D 536 25.97 7.18 -2.68
CA ILE D 536 24.79 6.64 -2.02
C ILE D 536 23.67 6.55 -3.05
N MET D 537 22.96 5.42 -3.05
CA MET D 537 21.81 5.19 -3.93
C MET D 537 20.65 4.69 -3.09
N ARG D 538 19.50 5.37 -3.20
CA ARG D 538 18.30 5.09 -2.43
C ARG D 538 17.09 4.87 -3.34
N VAL D 539 16.22 3.96 -2.95
CA VAL D 539 14.99 3.69 -3.65
C VAL D 539 13.86 4.25 -2.82
N LEU D 540 13.00 5.05 -3.43
CA LEU D 540 12.07 5.82 -2.62
C LEU D 540 10.71 5.89 -3.29
N SER D 541 9.68 5.83 -2.48
CA SER D 541 8.30 5.94 -2.92
C SER D 541 7.82 7.37 -2.74
N ILE D 542 7.35 7.98 -3.82
CA ILE D 542 6.91 9.36 -3.77
C ILE D 542 5.63 9.42 -2.93
N SER D 543 5.59 10.35 -1.98
CA SER D 543 4.34 10.57 -1.26
C SER D 543 3.71 11.94 -1.45
N ALA E 23 -5.95 26.02 46.32
CA ALA E 23 -6.25 24.97 47.29
C ALA E 23 -7.64 24.40 47.06
N PHE E 24 -8.60 25.30 46.86
CA PHE E 24 -10.00 24.91 46.75
C PHE E 24 -10.29 24.28 45.38
N PHE E 25 -9.69 24.81 44.31
CA PHE E 25 -9.93 24.31 42.97
C PHE E 25 -9.25 22.97 42.66
N GLN E 26 -8.29 22.55 43.50
CA GLN E 26 -7.66 21.24 43.36
C GLN E 26 -8.50 20.11 43.98
N GLN E 27 -9.37 20.43 44.95
CA GLN E 27 -10.06 19.39 45.70
C GLN E 27 -11.42 19.03 45.06
N GLN E 28 -11.94 17.91 45.55
CA GLN E 28 -13.20 17.24 45.17
C GLN E 28 -13.50 17.24 43.66
N GLN E 29 -12.48 16.85 42.88
CA GLN E 29 -12.54 16.71 41.41
C GLN E 29 -13.11 17.93 40.70
N LEU E 30 -12.93 19.12 41.24
CA LEU E 30 -13.57 20.25 40.57
C LEU E 30 -12.99 20.61 39.19
N PRO E 31 -11.74 20.29 38.89
CA PRO E 31 -11.32 20.41 37.48
C PRO E 31 -12.10 19.50 36.53
N ALA E 32 -12.47 18.30 36.99
CA ALA E 32 -13.32 17.44 36.19
C ALA E 32 -14.76 17.96 36.15
N ALA E 33 -15.16 18.69 37.19
CA ALA E 33 -16.54 19.19 37.28
C ALA E 33 -16.81 20.31 36.29
N MET E 34 -15.78 21.04 35.86
CA MET E 34 -15.92 22.16 34.93
C MET E 34 -15.60 21.78 33.47
N ALA E 35 -15.37 20.51 33.16
CA ALA E 35 -15.04 20.13 31.80
C ALA E 35 -16.21 20.35 30.87
N ASP E 36 -15.91 20.56 29.59
CA ASP E 36 -16.96 20.87 28.64
C ASP E 36 -17.72 19.65 28.15
N THR E 37 -17.12 18.48 28.26
CA THR E 37 -17.74 17.24 27.81
C THR E 37 -17.50 16.16 28.85
N PHE E 38 -18.33 15.13 28.78
CA PHE E 38 -18.18 13.98 29.65
C PHE E 38 -16.82 13.30 29.46
N LEU E 39 -16.38 13.14 28.19
CA LEU E 39 -15.07 12.55 27.93
C LEU E 39 -13.98 13.36 28.61
N GLU E 40 -14.00 14.69 28.47
CA GLU E 40 -12.97 15.51 29.10
C GLU E 40 -13.12 15.45 30.62
N HIS E 41 -14.34 15.25 31.11
CA HIS E 41 -14.52 15.07 32.54
C HIS E 41 -13.78 13.82 33.02
N LEU E 42 -13.99 12.66 32.36
CA LEU E 42 -13.21 11.45 32.68
C LEU E 42 -11.70 11.74 32.62
N CYS E 43 -11.23 12.45 31.58
CA CYS E 43 -9.79 12.66 31.43
C CYS E 43 -9.20 13.49 32.56
N LEU E 44 -10.02 14.23 33.29
CA LEU E 44 -9.54 15.16 34.29
C LEU E 44 -9.72 14.63 35.73
N LEU E 45 -10.37 13.50 35.90
CA LEU E 45 -10.38 12.86 37.20
C LEU E 45 -8.94 12.66 37.67
N ASP E 46 -8.72 12.88 38.97
CA ASP E 46 -7.39 12.99 39.57
C ASP E 46 -7.35 12.22 40.89
N ILE E 47 -6.45 11.26 41.03
CA ILE E 47 -6.40 10.51 42.28
C ILE E 47 -5.89 11.34 43.46
N ASP E 48 -5.27 12.49 43.19
CA ASP E 48 -4.72 13.38 44.21
C ASP E 48 -5.67 14.48 44.63
N SER E 49 -6.86 14.53 44.02
CA SER E 49 -7.90 15.49 44.38
C SER E 49 -8.72 14.96 45.55
N GLU E 50 -8.52 15.53 46.74
CA GLU E 50 -9.18 14.87 47.88
C GLU E 50 -10.67 15.23 47.94
N PRO E 51 -11.53 14.27 48.27
CA PRO E 51 -12.97 14.57 48.37
C PRO E 51 -13.36 15.07 49.74
N VAL E 52 -13.27 16.37 49.95
CA VAL E 52 -13.57 16.92 51.27
C VAL E 52 -15.05 17.04 51.59
N ALA E 53 -15.96 16.99 50.60
CA ALA E 53 -17.39 16.96 50.94
C ALA E 53 -17.68 15.74 51.81
N ALA E 54 -18.79 15.83 52.55
CA ALA E 54 -19.20 14.74 53.39
C ALA E 54 -19.90 13.71 52.54
N ARG E 55 -19.70 12.44 52.89
CA ARG E 55 -20.26 11.32 52.15
C ARG E 55 -21.77 11.34 52.21
N SER E 56 -22.41 11.34 51.03
CA SER E 56 -23.84 11.56 50.99
C SER E 56 -24.66 10.37 50.56
N THR E 57 -24.07 9.34 49.99
CA THR E 57 -24.81 8.13 49.66
C THR E 57 -24.95 7.31 50.91
N SER E 58 -26.17 6.93 51.26
CA SER E 58 -26.39 6.30 52.54
C SER E 58 -26.01 4.82 52.49
N ILE E 59 -25.50 4.33 53.60
CA ILE E 59 -25.08 2.94 53.71
C ILE E 59 -26.11 2.20 54.55
N ILE E 60 -26.64 1.16 53.96
CA ILE E 60 -27.51 0.20 54.60
C ILE E 60 -26.66 -1.00 54.96
N ALA E 61 -26.73 -1.43 56.23
CA ALA E 61 -26.01 -2.61 56.74
C ALA E 61 -26.95 -3.65 57.33
N THR E 62 -26.84 -4.87 56.84
CA THR E 62 -27.69 -5.94 57.34
C THR E 62 -27.19 -6.42 58.70
N ILE E 63 -28.12 -6.49 59.66
CA ILE E 63 -27.84 -6.87 61.04
C ILE E 63 -27.94 -8.39 61.17
N GLY E 64 -26.96 -8.93 61.87
CA GLY E 64 -26.87 -10.36 62.16
C GLY E 64 -25.85 -10.65 63.25
N PRO E 65 -25.43 -11.92 63.36
CA PRO E 65 -24.47 -12.27 64.45
C PRO E 65 -23.19 -11.46 64.47
N ALA E 66 -22.75 -10.92 63.33
CA ALA E 66 -21.55 -10.10 63.29
C ALA E 66 -21.81 -8.65 63.71
N SER E 67 -23.07 -8.24 63.84
CA SER E 67 -23.38 -6.84 64.08
C SER E 67 -24.52 -6.61 65.10
N ARG E 68 -24.80 -7.56 65.99
CA ARG E 68 -25.84 -7.39 66.99
C ARG E 68 -25.37 -6.82 68.32
N SER E 69 -24.14 -7.11 68.75
CA SER E 69 -23.55 -6.45 69.90
C SER E 69 -23.81 -4.94 69.86
N VAL E 70 -24.25 -4.38 70.99
CA VAL E 70 -24.33 -2.93 71.14
C VAL E 70 -23.00 -2.27 70.78
N GLU E 71 -21.88 -2.93 71.14
CA GLU E 71 -20.56 -2.35 70.97
C GLU E 71 -20.15 -2.35 69.49
N ARG E 72 -20.45 -3.42 68.77
CA ARG E 72 -20.26 -3.46 67.33
C ARG E 72 -21.06 -2.35 66.62
N LEU E 73 -22.34 -2.21 66.98
CA LEU E 73 -23.21 -1.21 66.37
C LEU E 73 -22.73 0.20 66.64
N LYS E 74 -22.24 0.47 67.84
CA LYS E 74 -21.59 1.75 68.05
C LYS E 74 -20.50 1.98 67.01
N GLU E 75 -19.72 0.93 66.69
CA GLU E 75 -18.61 1.10 65.76
C GLU E 75 -19.11 1.26 64.35
N MET E 76 -20.18 0.55 64.01
CA MET E 76 -20.74 0.66 62.67
C MET E 76 -21.33 2.04 62.42
N ILE E 77 -22.11 2.57 63.38
CA ILE E 77 -22.58 3.95 63.31
C ILE E 77 -21.40 4.91 63.16
N LYS E 78 -20.32 4.66 63.87
CA LYS E 78 -19.22 5.60 63.76
C LYS E 78 -18.53 5.46 62.42
N ALA E 79 -18.66 4.29 61.77
CA ALA E 79 -18.09 4.07 60.46
C ALA E 79 -18.97 4.58 59.31
N GLY E 80 -20.24 4.85 59.57
CA GLY E 80 -21.10 5.50 58.60
C GLY E 80 -22.38 4.76 58.32
N MET E 81 -22.75 3.74 59.13
CA MET E 81 -24.01 3.06 58.90
C MET E 81 -25.18 3.99 59.18
N ASN E 82 -26.07 4.12 58.19
CA ASN E 82 -27.20 5.03 58.33
C ASN E 82 -28.54 4.31 58.45
N ILE E 83 -28.62 3.08 57.96
CA ILE E 83 -29.85 2.32 57.97
C ILE E 83 -29.51 0.92 58.41
N ALA E 84 -30.24 0.42 59.40
CA ALA E 84 -30.07 -0.92 59.93
C ALA E 84 -31.13 -1.83 59.33
N ARG E 85 -30.69 -2.83 58.57
CA ARG E 85 -31.59 -3.72 57.86
C ARG E 85 -31.77 -4.99 58.68
N LEU E 86 -33.02 -5.32 59.00
CA LEU E 86 -33.38 -6.60 59.59
C LEU E 86 -33.92 -7.50 58.50
N ASN E 87 -33.26 -8.60 58.26
CA ASN E 87 -33.67 -9.51 57.19
C ASN E 87 -34.53 -10.58 57.84
N PHE E 88 -35.81 -10.59 57.49
CA PHE E 88 -36.76 -11.53 58.08
C PHE E 88 -36.82 -12.83 57.33
N SER E 89 -35.86 -13.10 56.45
CA SER E 89 -35.79 -14.43 55.87
C SER E 89 -35.47 -15.50 56.91
N HIS E 90 -34.76 -15.11 57.96
CA HIS E 90 -34.39 -16.00 59.05
C HIS E 90 -34.45 -15.23 60.36
N GLY E 91 -34.50 -15.96 61.47
CA GLY E 91 -34.61 -15.35 62.78
C GLY E 91 -36.06 -15.20 63.21
N SER E 92 -36.28 -15.35 64.52
CA SER E 92 -37.58 -15.22 65.15
C SER E 92 -37.87 -13.76 65.51
N HIS E 93 -39.14 -13.49 65.85
CA HIS E 93 -39.50 -12.13 66.23
C HIS E 93 -38.75 -11.72 67.50
N GLU E 94 -38.60 -12.64 68.45
CA GLU E 94 -37.81 -12.35 69.64
C GLU E 94 -36.38 -12.00 69.28
N TYR E 95 -35.78 -12.75 68.35
CA TYR E 95 -34.43 -12.42 67.84
C TYR E 95 -34.38 -10.99 67.30
N HIS E 96 -35.29 -10.66 66.37
CA HIS E 96 -35.25 -9.36 65.70
C HIS E 96 -35.57 -8.22 66.65
N ALA E 97 -36.39 -8.49 67.68
CA ALA E 97 -36.64 -7.44 68.68
C ALA E 97 -35.36 -7.11 69.46
N GLU E 98 -34.60 -8.12 69.87
CA GLU E 98 -33.28 -7.87 70.46
C GLU E 98 -32.42 -7.01 69.53
N SER E 99 -32.35 -7.39 68.25
CA SER E 99 -31.65 -6.56 67.26
C SER E 99 -32.16 -5.12 67.28
N ILE E 100 -33.47 -4.93 67.29
CA ILE E 100 -33.95 -3.54 67.32
C ILE E 100 -33.46 -2.84 68.57
N ALA E 101 -33.68 -3.46 69.73
CA ALA E 101 -33.30 -2.86 71.00
C ALA E 101 -31.85 -2.44 71.01
N ASN E 102 -30.95 -3.33 70.52
CA ASN E 102 -29.52 -2.99 70.55
C ASN E 102 -29.14 -1.91 69.54
N VAL E 103 -29.87 -1.82 68.42
CA VAL E 103 -29.60 -0.72 67.53
C VAL E 103 -29.98 0.60 68.20
N ARG E 104 -31.14 0.63 68.87
CA ARG E 104 -31.57 1.88 69.51
C ARG E 104 -30.68 2.24 70.68
N GLU E 105 -30.20 1.23 71.42
CA GLU E 105 -29.23 1.54 72.47
C GLU E 105 -28.02 2.20 71.87
N ALA E 106 -27.42 1.54 70.85
CA ALA E 106 -26.26 2.12 70.20
C ALA E 106 -26.57 3.53 69.68
N VAL E 107 -27.73 3.69 69.04
CA VAL E 107 -28.05 4.98 68.41
C VAL E 107 -28.19 6.06 69.47
N GLU E 108 -28.95 5.78 70.53
CA GLU E 108 -29.24 6.80 71.55
C GLU E 108 -28.04 7.11 72.43
N SER E 109 -27.01 6.27 72.46
CA SER E 109 -25.81 6.55 73.24
C SER E 109 -25.11 7.81 72.74
N PHE E 110 -25.38 8.24 71.50
CA PHE E 110 -24.79 9.48 71.00
C PHE E 110 -25.73 10.69 71.16
N ALA E 111 -26.90 10.51 71.74
CA ALA E 111 -27.84 11.64 71.84
C ALA E 111 -27.37 12.73 72.80
N GLY E 112 -26.49 12.40 73.74
CA GLY E 112 -25.93 13.40 74.63
C GLY E 112 -25.17 14.53 73.97
N SER E 113 -25.01 14.46 72.64
CA SER E 113 -24.32 15.49 71.85
C SER E 113 -25.23 15.83 70.67
N PRO E 114 -26.31 16.58 70.90
CA PRO E 114 -27.27 16.87 69.82
C PRO E 114 -26.64 17.35 68.51
N LEU E 115 -25.51 18.05 68.55
CA LEU E 115 -24.88 18.50 67.31
C LEU E 115 -24.18 17.38 66.55
N SER E 116 -24.01 16.20 67.18
CA SER E 116 -23.31 15.07 66.59
C SER E 116 -24.14 13.79 66.54
N TYR E 117 -25.28 13.73 67.22
CA TYR E 117 -26.19 12.61 67.10
C TYR E 117 -26.41 12.26 65.63
N ARG E 118 -26.36 10.97 65.34
CA ARG E 118 -26.59 10.48 63.98
C ARG E 118 -27.84 9.63 63.92
N PRO E 119 -28.91 10.17 63.38
CA PRO E 119 -30.12 9.36 63.17
C PRO E 119 -29.83 8.12 62.34
N VAL E 120 -30.49 7.03 62.69
CA VAL E 120 -30.30 5.73 62.08
C VAL E 120 -31.67 5.11 61.89
N ALA E 121 -32.05 4.82 60.65
CA ALA E 121 -33.32 4.18 60.39
C ALA E 121 -33.21 2.67 60.61
N ILE E 122 -34.37 2.04 60.76
CA ILE E 122 -34.48 0.60 60.87
C ILE E 122 -35.46 0.12 59.80
N ALA E 123 -34.98 -0.75 58.92
CA ALA E 123 -35.72 -1.23 57.77
C ALA E 123 -36.00 -2.72 57.98
N LEU E 124 -37.18 -3.15 57.61
CA LEU E 124 -37.53 -4.56 57.69
C LEU E 124 -37.59 -5.08 56.26
N ASP E 125 -36.75 -6.07 55.95
CA ASP E 125 -36.75 -6.73 54.65
C ASP E 125 -37.54 -8.03 54.82
N THR E 126 -38.62 -8.15 54.06
CA THR E 126 -39.50 -9.29 54.27
C THR E 126 -38.96 -10.56 53.61
N LYS E 127 -39.34 -11.70 54.18
CA LYS E 127 -39.02 -12.98 53.56
C LYS E 127 -39.78 -13.18 52.25
N GLY E 128 -41.03 -12.73 52.20
CA GLY E 128 -41.77 -12.67 50.97
C GLY E 128 -42.23 -14.01 50.45
N PRO E 129 -42.98 -14.00 49.36
CA PRO E 129 -43.38 -15.27 48.72
C PRO E 129 -42.16 -16.11 48.36
N GLU E 130 -42.40 -17.42 48.26
CA GLU E 130 -41.33 -18.39 48.09
C GLU E 130 -41.91 -19.61 47.38
N ILE E 131 -41.07 -20.24 46.57
CA ILE E 131 -41.38 -21.55 46.02
C ILE E 131 -40.29 -22.46 46.54
N ARG E 132 -40.69 -23.51 47.23
CA ARG E 132 -39.75 -24.47 47.77
C ARG E 132 -40.16 -25.87 47.34
N THR E 133 -39.14 -26.68 47.12
CA THR E 133 -39.31 -28.10 46.84
C THR E 133 -39.73 -28.87 48.10
N GLY E 134 -40.09 -30.13 47.88
CA GLY E 134 -40.50 -30.98 48.98
C GLY E 134 -39.31 -31.51 49.76
N ILE E 135 -39.62 -32.45 50.65
CA ILE E 135 -38.61 -33.12 51.46
C ILE E 135 -38.39 -34.51 50.87
N LEU E 136 -37.24 -35.14 51.17
CA LEU E 136 -36.72 -36.19 50.29
C LEU E 136 -36.99 -37.64 50.72
N GLN E 137 -36.79 -37.97 52.00
CA GLN E 137 -36.84 -39.34 52.53
C GLN E 137 -35.79 -39.42 53.63
N VAL E 144 -30.17 -35.96 51.58
CA VAL E 144 -29.42 -35.43 50.45
C VAL E 144 -29.46 -36.39 49.28
N GLU E 145 -29.49 -35.86 48.04
CA GLU E 145 -29.48 -36.67 46.82
C GLU E 145 -28.77 -35.88 45.71
N LEU E 146 -28.32 -36.57 44.66
CA LEU E 146 -27.56 -35.91 43.59
C LEU E 146 -28.30 -36.01 42.26
N VAL E 147 -28.68 -34.85 41.72
CA VAL E 147 -29.39 -34.81 40.44
C VAL E 147 -28.40 -35.02 39.31
N LYS E 148 -28.88 -35.72 38.28
CA LYS E 148 -28.10 -36.27 37.19
C LYS E 148 -27.51 -35.24 36.25
N GLY E 149 -27.22 -35.66 35.01
CA GLY E 149 -27.04 -34.77 33.89
C GLY E 149 -28.24 -34.89 32.94
N SER E 150 -29.25 -35.69 33.30
CA SER E 150 -30.49 -35.72 32.52
C SER E 150 -31.67 -36.40 33.23
N GLN E 151 -32.86 -36.13 32.65
CA GLN E 151 -34.24 -36.48 32.99
C GLN E 151 -34.76 -36.47 34.42
N VAL E 152 -35.45 -35.38 34.79
CA VAL E 152 -36.09 -35.26 36.10
C VAL E 152 -37.52 -34.77 35.93
N LEU E 153 -38.44 -35.37 36.67
CA LEU E 153 -39.82 -34.92 36.68
C LEU E 153 -40.04 -33.95 37.83
N VAL E 154 -40.62 -32.79 37.53
CA VAL E 154 -41.11 -31.87 38.55
C VAL E 154 -42.61 -32.14 38.67
N THR E 155 -43.06 -32.48 39.88
CA THR E 155 -44.46 -32.81 40.10
C THR E 155 -45.05 -31.98 41.26
N VAL E 156 -46.33 -31.68 41.13
CA VAL E 156 -47.10 -31.01 42.18
C VAL E 156 -48.03 -31.99 42.91
N ASP E 157 -47.91 -33.29 42.63
CA ASP E 157 -48.75 -34.32 43.22
C ASP E 157 -48.30 -34.63 44.65
N PRO E 158 -49.12 -34.28 45.65
CA PRO E 158 -48.63 -34.34 47.04
C PRO E 158 -48.14 -35.72 47.47
N ALA E 159 -48.43 -36.77 46.69
CA ALA E 159 -47.88 -38.08 47.03
C ALA E 159 -46.36 -38.03 47.11
N PHE E 160 -45.74 -37.06 46.43
CA PHE E 160 -44.28 -36.99 46.33
C PHE E 160 -43.65 -35.93 47.23
N ARG E 161 -44.40 -35.33 48.15
CA ARG E 161 -43.84 -34.20 48.90
C ARG E 161 -42.84 -34.63 49.96
N THR E 162 -42.94 -35.86 50.44
CA THR E 162 -42.03 -36.39 51.45
C THR E 162 -41.28 -37.58 50.84
N ARG E 163 -40.91 -37.45 49.58
CA ARG E 163 -40.38 -38.55 48.80
C ARG E 163 -39.72 -38.03 47.56
N GLY E 164 -38.42 -37.71 47.62
CA GLY E 164 -37.69 -37.17 46.48
C GLY E 164 -36.52 -37.98 45.95
N ASN E 165 -36.65 -38.52 44.73
CA ASN E 165 -35.60 -39.26 44.04
C ASN E 165 -34.93 -38.37 42.98
N ALA E 166 -33.75 -38.81 42.53
CA ALA E 166 -33.02 -38.18 41.43
C ALA E 166 -33.79 -38.04 40.11
N ASN E 167 -35.07 -38.40 40.05
CA ASN E 167 -35.87 -38.10 38.87
C ASN E 167 -37.20 -37.46 39.17
N THR E 168 -37.54 -37.24 40.43
CA THR E 168 -38.78 -36.58 40.78
C THR E 168 -38.48 -35.49 41.82
N VAL E 169 -38.93 -34.27 41.52
CA VAL E 169 -38.87 -33.16 42.47
C VAL E 169 -40.30 -32.73 42.69
N TRP E 170 -40.63 -32.35 43.92
CA TRP E 170 -41.96 -31.87 44.22
C TRP E 170 -41.89 -30.42 44.68
N VAL E 171 -42.92 -29.62 44.37
CA VAL E 171 -42.87 -28.19 44.71
C VAL E 171 -44.18 -27.70 45.33
N ASP E 172 -44.03 -26.76 46.27
CA ASP E 172 -45.07 -25.96 46.88
C ASP E 172 -46.17 -25.38 46.01
N TYR E 173 -45.88 -25.12 44.73
CA TYR E 173 -46.69 -24.20 43.94
C TYR E 173 -47.39 -24.99 42.85
N PRO E 174 -48.63 -25.43 43.08
CA PRO E 174 -49.34 -26.24 42.08
C PRO E 174 -49.47 -25.62 40.70
N ASN E 175 -49.45 -24.30 40.58
CA ASN E 175 -49.52 -23.72 39.25
C ASN E 175 -48.19 -23.68 38.52
N ILE E 176 -47.11 -24.25 39.09
CA ILE E 176 -45.87 -24.31 38.32
C ILE E 176 -46.13 -24.98 36.97
N VAL E 177 -46.93 -26.06 36.99
CA VAL E 177 -47.30 -26.79 35.78
C VAL E 177 -47.95 -25.93 34.70
N ARG E 178 -48.42 -24.72 35.06
CA ARG E 178 -49.16 -23.87 34.14
C ARG E 178 -48.38 -22.66 33.61
N VAL E 179 -47.18 -22.40 34.12
CA VAL E 179 -46.49 -21.14 33.82
C VAL E 179 -45.06 -21.37 33.37
N VAL E 180 -44.68 -22.63 33.10
CA VAL E 180 -43.36 -22.93 32.54
C VAL E 180 -43.51 -23.72 31.24
N PRO E 181 -43.59 -23.04 30.10
CA PRO E 181 -43.69 -23.74 28.81
C PRO E 181 -42.50 -24.66 28.58
N VAL E 182 -42.59 -25.45 27.51
CA VAL E 182 -41.53 -26.43 27.27
C VAL E 182 -40.17 -25.76 27.02
N GLY E 183 -40.15 -24.51 26.59
CA GLY E 183 -38.87 -23.84 26.54
C GLY E 183 -38.27 -23.47 27.90
N GLY E 184 -39.09 -23.49 28.97
CA GLY E 184 -38.71 -22.84 30.19
C GLY E 184 -37.67 -23.56 31.02
N ARG E 185 -37.05 -22.79 31.91
CA ARG E 185 -36.13 -23.29 32.91
C ARG E 185 -36.70 -23.27 34.33
N ILE E 186 -36.08 -24.07 35.18
CA ILE E 186 -36.43 -24.17 36.58
C ILE E 186 -35.12 -24.16 37.34
N TYR E 187 -34.94 -23.17 38.21
CA TYR E 187 -33.76 -23.13 39.06
C TYR E 187 -34.15 -23.67 40.42
N ILE E 188 -33.19 -24.32 41.07
CA ILE E 188 -33.38 -24.96 42.36
C ILE E 188 -32.15 -24.73 43.22
N ASP E 189 -32.34 -24.27 44.45
CA ASP E 189 -31.25 -23.87 45.34
C ASP E 189 -30.39 -22.73 44.77
N ASP E 190 -30.91 -21.49 44.83
CA ASP E 190 -30.21 -20.30 44.34
C ASP E 190 -29.55 -20.61 43.01
N GLY E 191 -30.29 -21.28 42.15
CA GLY E 191 -29.81 -21.52 40.81
C GLY E 191 -28.63 -22.45 40.70
N LEU E 192 -28.29 -23.19 41.75
CA LEU E 192 -27.31 -24.27 41.62
C LEU E 192 -27.71 -25.26 40.53
N ILE E 193 -28.99 -25.63 40.51
CA ILE E 193 -29.49 -26.64 39.57
C ILE E 193 -30.46 -25.96 38.63
N SER E 194 -30.36 -26.27 37.35
CA SER E 194 -31.28 -25.77 36.34
C SER E 194 -31.79 -26.91 35.48
N LEU E 195 -33.11 -26.97 35.32
CA LEU E 195 -33.77 -27.98 34.48
C LEU E 195 -34.41 -27.30 33.29
N VAL E 196 -34.48 -28.00 32.15
CA VAL E 196 -35.17 -27.47 30.97
C VAL E 196 -36.36 -28.38 30.67
N VAL E 197 -37.56 -27.85 30.86
CA VAL E 197 -38.78 -28.62 30.66
C VAL E 197 -38.81 -29.21 29.25
N GLN E 198 -38.85 -30.54 29.16
CA GLN E 198 -38.97 -31.23 27.87
C GLN E 198 -40.42 -31.41 27.43
N LYS E 199 -41.31 -31.71 28.37
CA LYS E 199 -42.65 -32.17 28.06
C LYS E 199 -43.58 -31.81 29.22
N ILE E 200 -44.82 -31.52 28.86
CA ILE E 200 -45.85 -31.11 29.81
C ILE E 200 -47.02 -32.08 29.71
N GLY E 201 -47.19 -32.92 30.74
CA GLY E 201 -48.29 -33.85 30.80
C GLY E 201 -48.99 -33.93 32.15
N PRO E 202 -49.99 -34.82 32.22
CA PRO E 202 -50.68 -35.05 33.51
C PRO E 202 -49.79 -35.34 34.71
N GLU E 203 -48.71 -36.11 34.56
CA GLU E 203 -47.83 -36.38 35.69
C GLU E 203 -46.98 -35.19 36.11
N GLY E 204 -47.03 -34.08 35.36
CA GLY E 204 -46.29 -32.87 35.70
C GLY E 204 -45.35 -32.40 34.57
N LEU E 205 -44.18 -31.88 34.97
CA LEU E 205 -43.20 -31.30 34.04
C LEU E 205 -42.02 -32.24 33.87
N VAL E 206 -41.90 -32.84 32.69
CA VAL E 206 -40.78 -33.71 32.37
C VAL E 206 -39.62 -32.86 31.88
N THR E 207 -38.54 -32.85 32.62
CA THR E 207 -37.40 -31.99 32.33
C THR E 207 -36.13 -32.81 32.37
N GLN E 208 -35.13 -32.42 31.56
CA GLN E 208 -33.80 -32.99 31.74
C GLN E 208 -32.83 -31.94 32.27
N VAL E 209 -31.84 -32.42 33.01
CA VAL E 209 -30.94 -31.57 33.77
C VAL E 209 -29.96 -30.89 32.83
N GLU E 210 -29.86 -29.57 32.98
CA GLU E 210 -28.88 -28.75 32.31
C GLU E 210 -27.66 -28.49 33.19
N ASN E 211 -27.87 -28.01 34.41
CA ASN E 211 -26.81 -27.87 35.40
C ASN E 211 -27.15 -28.78 36.59
N GLY E 212 -26.32 -29.81 36.85
CA GLY E 212 -26.58 -30.72 37.94
C GLY E 212 -25.90 -30.33 39.26
N GLY E 213 -26.30 -31.00 40.33
CA GLY E 213 -25.64 -30.78 41.59
C GLY E 213 -26.34 -31.52 42.72
N VAL E 214 -25.98 -31.15 43.94
CA VAL E 214 -26.44 -31.85 45.14
C VAL E 214 -27.73 -31.21 45.64
N LEU E 215 -28.85 -31.93 45.46
CA LEU E 215 -30.15 -31.47 45.93
C LEU E 215 -30.41 -32.03 47.33
N GLY E 216 -30.49 -31.12 48.32
CA GLY E 216 -30.95 -31.41 49.66
C GLY E 216 -32.45 -31.22 49.73
N SER E 217 -32.98 -30.63 50.80
CA SER E 217 -34.43 -30.61 50.97
C SER E 217 -35.03 -29.25 51.29
N ARG E 218 -36.29 -29.09 50.83
CA ARG E 218 -37.06 -27.84 50.95
C ARG E 218 -36.25 -26.64 50.44
N LYS E 219 -35.74 -26.79 49.23
CA LYS E 219 -34.87 -25.79 48.63
C LYS E 219 -35.65 -24.74 47.83
N GLY E 220 -35.02 -23.57 47.66
CA GLY E 220 -35.68 -22.46 46.98
C GLY E 220 -35.72 -22.71 45.48
N VAL E 221 -36.88 -22.44 44.90
CA VAL E 221 -37.07 -22.58 43.47
C VAL E 221 -37.18 -21.20 42.84
N ASN E 222 -36.72 -21.07 41.60
CA ASN E 222 -36.92 -19.86 40.82
C ASN E 222 -37.38 -20.26 39.42
N LEU E 223 -38.37 -19.53 38.90
CA LEU E 223 -38.93 -19.78 37.57
C LEU E 223 -38.65 -18.57 36.68
N PRO E 224 -37.51 -18.52 36.00
CA PRO E 224 -37.15 -17.30 35.25
C PRO E 224 -38.07 -17.08 34.06
N GLY E 225 -38.66 -15.89 33.99
CA GLY E 225 -39.53 -15.53 32.89
C GLY E 225 -41.00 -15.74 33.18
N ALA E 226 -41.32 -16.55 34.18
CA ALA E 226 -42.69 -16.92 34.47
C ALA E 226 -43.45 -15.78 35.12
N GLN E 227 -44.73 -15.62 34.76
CA GLN E 227 -45.67 -14.76 35.49
C GLN E 227 -46.31 -15.58 36.60
N VAL E 228 -45.82 -15.39 37.83
CA VAL E 228 -46.17 -16.22 39.00
C VAL E 228 -47.33 -15.59 39.76
N ASP E 229 -48.34 -16.39 40.09
CA ASP E 229 -49.56 -15.86 40.68
C ASP E 229 -49.63 -16.07 42.20
N LEU E 230 -48.47 -16.20 42.86
CA LEU E 230 -48.43 -16.10 44.30
C LEU E 230 -48.83 -14.71 44.79
N PRO E 231 -49.46 -14.63 45.95
CA PRO E 231 -49.90 -13.33 46.43
C PRO E 231 -48.72 -12.42 46.72
N GLY E 232 -49.02 -11.13 46.82
CA GLY E 232 -48.00 -10.17 47.21
C GLY E 232 -47.26 -10.58 48.47
N LEU E 233 -47.98 -11.12 49.45
CA LEU E 233 -47.43 -11.39 50.78
C LEU E 233 -47.67 -12.83 51.16
N SER E 234 -46.71 -13.39 51.90
CA SER E 234 -46.83 -14.71 52.50
C SER E 234 -47.49 -14.59 53.88
N GLU E 235 -47.90 -15.74 54.45
CA GLU E 235 -48.40 -15.78 55.82
C GLU E 235 -47.40 -15.16 56.81
N GLN E 236 -46.14 -15.59 56.71
CA GLN E 236 -45.10 -15.04 57.57
C GLN E 236 -44.93 -13.53 57.37
N ASP E 237 -45.17 -13.05 56.15
CA ASP E 237 -44.98 -11.62 55.90
C ASP E 237 -45.98 -10.81 56.70
N VAL E 238 -47.21 -11.32 56.81
CA VAL E 238 -48.23 -10.53 57.46
C VAL E 238 -47.94 -10.41 58.94
N ARG E 239 -47.54 -11.52 59.58
CA ARG E 239 -47.08 -11.41 60.95
C ARG E 239 -45.86 -10.50 61.03
N ASP E 240 -44.91 -10.66 60.10
CA ASP E 240 -43.68 -9.90 60.19
C ASP E 240 -43.97 -8.42 60.12
N LEU E 241 -44.94 -8.05 59.28
CA LEU E 241 -45.21 -6.64 59.04
C LEU E 241 -45.98 -6.02 60.20
N ARG E 242 -46.94 -6.77 60.76
CA ARG E 242 -47.56 -6.38 62.01
C ARG E 242 -46.49 -6.20 63.08
N PHE E 243 -45.62 -7.21 63.22
CA PHE E 243 -44.49 -7.07 64.11
C PHE E 243 -43.77 -5.75 63.87
N GLY E 244 -43.58 -5.38 62.60
CA GLY E 244 -42.82 -4.19 62.29
C GLY E 244 -43.50 -2.90 62.71
N VAL E 245 -44.82 -2.79 62.51
CA VAL E 245 -45.49 -1.58 62.95
C VAL E 245 -45.44 -1.47 64.49
N GLU E 246 -45.59 -2.61 65.19
CA GLU E 246 -45.63 -2.61 66.64
C GLU E 246 -44.32 -2.16 67.26
N HIS E 247 -43.20 -2.47 66.59
CA HIS E 247 -41.87 -2.03 67.01
C HIS E 247 -41.40 -0.76 66.31
N GLY E 248 -42.25 -0.14 65.48
CA GLY E 248 -41.92 1.19 64.96
C GLY E 248 -40.84 1.24 63.90
N VAL E 249 -40.64 0.18 63.12
CA VAL E 249 -39.67 0.27 62.03
C VAL E 249 -40.00 1.43 61.08
N ASP E 250 -38.94 2.04 60.51
CA ASP E 250 -39.14 3.19 59.63
C ASP E 250 -39.46 2.83 58.15
N ILE E 251 -39.04 1.67 57.66
CA ILE E 251 -39.00 1.38 56.22
C ILE E 251 -39.25 -0.10 56.03
N VAL E 252 -40.01 -0.47 54.99
CA VAL E 252 -40.14 -1.85 54.58
C VAL E 252 -39.46 -2.05 53.25
N PHE E 253 -38.59 -3.07 53.16
CA PHE E 253 -38.12 -3.56 51.86
C PHE E 253 -38.97 -4.77 51.54
N ALA E 254 -39.92 -4.61 50.62
CA ALA E 254 -40.88 -5.66 50.29
C ALA E 254 -40.34 -6.56 49.19
N SER E 255 -40.14 -7.82 49.51
CA SER E 255 -39.65 -8.82 48.56
C SER E 255 -40.64 -9.20 47.44
N PHE E 256 -40.08 -9.48 46.29
CA PHE E 256 -40.80 -10.16 45.22
C PHE E 256 -42.05 -9.38 44.79
N VAL E 257 -41.83 -8.12 44.42
CA VAL E 257 -42.89 -7.21 43.96
C VAL E 257 -42.90 -7.26 42.44
N ARG E 258 -44.04 -7.67 41.90
CA ARG E 258 -44.20 -7.86 40.46
C ARG E 258 -45.22 -6.91 39.82
N LYS E 259 -46.03 -6.20 40.61
CA LYS E 259 -47.10 -5.40 40.07
C LYS E 259 -47.60 -4.50 41.18
N ALA E 260 -48.34 -3.45 40.81
CA ALA E 260 -48.77 -2.47 41.80
C ALA E 260 -49.60 -3.12 42.91
N SER E 261 -50.43 -4.10 42.56
CA SER E 261 -51.31 -4.70 43.55
C SER E 261 -50.51 -5.20 44.75
N ASP E 262 -49.40 -5.93 44.50
CA ASP E 262 -48.57 -6.45 45.60
C ASP E 262 -48.17 -5.34 46.58
N VAL E 263 -47.92 -4.13 46.07
CA VAL E 263 -47.55 -3.01 46.95
C VAL E 263 -48.71 -2.69 47.89
N ALA E 264 -49.92 -2.55 47.32
CA ALA E 264 -51.14 -2.35 48.09
C ALA E 264 -51.29 -3.39 49.20
N ALA E 265 -51.04 -4.65 48.85
CA ALA E 265 -51.08 -5.72 49.83
C ALA E 265 -50.08 -5.46 50.96
N VAL E 266 -48.95 -4.80 50.66
CA VAL E 266 -48.02 -4.45 51.73
C VAL E 266 -48.60 -3.33 52.57
N ARG E 267 -49.07 -2.26 51.90
CA ARG E 267 -49.62 -1.09 52.58
C ARG E 267 -50.81 -1.42 53.45
N ALA E 268 -51.62 -2.43 53.04
CA ALA E 268 -52.74 -2.86 53.88
C ALA E 268 -52.26 -3.64 55.11
N ALA E 269 -51.29 -4.54 54.96
CA ALA E 269 -50.84 -5.34 56.09
C ALA E 269 -50.14 -4.52 57.14
N LEU E 270 -49.63 -3.34 56.77
CA LEU E 270 -49.11 -2.38 57.74
C LEU E 270 -50.23 -1.67 58.47
N GLY E 271 -51.34 -1.43 57.80
CA GLY E 271 -52.50 -0.90 58.44
C GLY E 271 -52.42 0.57 58.75
N PRO E 272 -53.46 1.08 59.43
CA PRO E 272 -53.56 2.54 59.64
C PRO E 272 -52.49 3.09 60.54
N GLU E 273 -51.99 2.29 61.49
CA GLU E 273 -50.81 2.69 62.24
C GLU E 273 -49.60 2.85 61.31
N GLY E 274 -49.33 1.82 60.51
CA GLY E 274 -48.19 1.86 59.60
C GLY E 274 -48.23 2.85 58.44
N HIS E 275 -49.08 3.88 58.49
CA HIS E 275 -49.24 4.78 57.35
C HIS E 275 -47.99 5.61 57.04
N GLY E 276 -47.17 5.91 58.03
CA GLY E 276 -45.92 6.61 57.78
C GLY E 276 -44.75 5.72 57.38
N ILE E 277 -44.88 4.41 57.47
CA ILE E 277 -43.77 3.54 57.09
C ILE E 277 -43.55 3.65 55.59
N LYS E 278 -42.36 4.09 55.17
CA LYS E 278 -42.02 4.13 53.73
C LYS E 278 -41.93 2.71 53.18
N ILE E 279 -42.43 2.51 51.96
CA ILE E 279 -42.40 1.20 51.32
C ILE E 279 -41.42 1.23 50.16
N ILE E 280 -40.43 0.36 50.21
CA ILE E 280 -39.41 0.28 49.17
C ILE E 280 -39.51 -1.08 48.50
N SER E 281 -39.87 -1.09 47.23
CA SER E 281 -40.24 -2.32 46.54
C SER E 281 -38.99 -3.01 45.96
N LYS E 282 -38.76 -4.27 46.37
CA LYS E 282 -37.64 -5.06 45.86
C LYS E 282 -38.02 -5.64 44.51
N ILE E 283 -37.30 -5.23 43.47
CA ILE E 283 -37.49 -5.72 42.12
C ILE E 283 -36.50 -6.87 41.90
N GLU E 284 -37.03 -8.07 41.65
CA GLU E 284 -36.26 -9.31 41.73
C GLU E 284 -36.36 -10.21 40.50
N ASN E 285 -37.29 -9.97 39.59
CA ASN E 285 -37.58 -10.94 38.53
C ASN E 285 -38.02 -10.20 37.29
N HIS E 286 -38.26 -10.96 36.22
CA HIS E 286 -38.40 -10.39 34.89
C HIS E 286 -39.70 -9.58 34.82
N GLU E 287 -40.75 -10.11 35.42
CA GLU E 287 -42.02 -9.40 35.44
C GLU E 287 -41.89 -8.07 36.18
N GLY E 288 -41.20 -8.06 37.35
CA GLY E 288 -41.00 -6.83 38.10
C GLY E 288 -40.28 -5.74 37.30
N VAL E 289 -39.29 -6.14 36.50
CA VAL E 289 -38.64 -5.17 35.60
C VAL E 289 -39.61 -4.68 34.53
N LYS E 290 -40.27 -5.60 33.81
CA LYS E 290 -41.17 -5.18 32.73
C LYS E 290 -42.31 -4.32 33.25
N ARG E 291 -42.74 -4.52 34.50
CA ARG E 291 -43.83 -3.74 35.07
C ARG E 291 -43.33 -2.69 36.06
N PHE E 292 -42.04 -2.37 35.95
CA PHE E 292 -41.41 -1.38 36.82
C PHE E 292 -42.19 -0.08 36.94
N ASP E 293 -42.66 0.49 35.81
CA ASP E 293 -43.27 1.82 35.87
C ASP E 293 -44.49 1.84 36.80
N GLU E 294 -45.34 0.80 36.76
CA GLU E 294 -46.50 0.77 37.66
C GLU E 294 -46.11 0.44 39.10
N ILE E 295 -45.09 -0.38 39.31
CA ILE E 295 -44.59 -0.57 40.67
C ILE E 295 -44.07 0.76 41.26
N LEU E 296 -43.38 1.58 40.45
CA LEU E 296 -42.74 2.78 41.01
C LEU E 296 -43.77 3.86 41.35
N GLU E 297 -44.80 3.99 40.52
CA GLU E 297 -45.84 4.99 40.73
C GLU E 297 -46.47 4.91 42.11
N VAL E 298 -46.66 3.69 42.62
CA VAL E 298 -47.30 3.46 43.91
C VAL E 298 -46.32 3.04 45.00
N SER E 299 -45.01 2.99 44.71
CA SER E 299 -43.98 2.71 45.70
C SER E 299 -43.39 4.02 46.22
N ASP E 300 -42.89 3.98 47.44
CA ASP E 300 -42.06 5.11 47.86
C ASP E 300 -40.66 5.09 47.23
N GLY E 301 -40.21 3.94 46.76
CA GLY E 301 -38.88 3.84 46.18
C GLY E 301 -38.63 2.40 45.81
N ILE E 302 -37.38 2.12 45.39
CA ILE E 302 -37.04 0.86 44.74
C ILE E 302 -35.74 0.28 45.31
N MET E 303 -35.71 -1.03 45.49
CA MET E 303 -34.45 -1.75 45.68
C MET E 303 -34.18 -2.59 44.44
N VAL E 304 -32.98 -2.48 43.90
CA VAL E 304 -32.48 -3.33 42.81
C VAL E 304 -31.96 -4.60 43.50
N ALA E 305 -32.77 -5.64 43.51
CA ALA E 305 -32.45 -6.87 44.23
C ALA E 305 -31.63 -7.80 43.31
N ARG E 306 -30.38 -7.37 43.07
CA ARG E 306 -29.51 -8.04 42.09
C ARG E 306 -29.31 -9.51 42.42
N GLY E 307 -29.24 -9.84 43.71
CA GLY E 307 -29.15 -11.24 44.14
C GLY E 307 -30.17 -12.15 43.47
N ASP E 308 -31.46 -11.94 43.73
CA ASP E 308 -32.47 -12.75 43.05
C ASP E 308 -32.57 -12.43 41.58
N LEU E 309 -32.34 -11.16 41.21
CA LEU E 309 -32.41 -10.79 39.80
C LEU E 309 -31.37 -11.57 38.99
N GLY E 310 -30.15 -11.76 39.55
CA GLY E 310 -29.12 -12.54 38.89
C GLY E 310 -29.41 -14.03 38.74
N ILE E 311 -30.51 -14.53 39.28
CA ILE E 311 -31.01 -15.86 38.96
C ILE E 311 -32.27 -15.80 38.11
N GLU E 312 -33.13 -14.83 38.37
CA GLU E 312 -34.39 -14.73 37.63
C GLU E 312 -34.21 -14.27 36.19
N ILE E 313 -33.06 -13.70 35.85
CA ILE E 313 -32.77 -13.28 34.48
C ILE E 313 -31.31 -13.57 34.26
N PRO E 314 -30.90 -13.72 33.01
CA PRO E 314 -29.47 -13.95 32.76
C PRO E 314 -28.61 -12.95 33.50
N ALA E 315 -27.56 -13.47 34.13
CA ALA E 315 -26.68 -12.70 34.99
C ALA E 315 -26.01 -11.55 34.28
N GLU E 316 -25.69 -11.70 32.97
CA GLU E 316 -25.07 -10.63 32.21
C GLU E 316 -26.03 -9.47 31.86
N LYS E 317 -27.29 -9.55 32.19
CA LYS E 317 -28.21 -8.47 31.86
C LYS E 317 -28.57 -7.64 33.08
N VAL E 318 -28.13 -8.06 34.27
CA VAL E 318 -28.49 -7.37 35.50
C VAL E 318 -28.05 -5.91 35.47
N PHE E 319 -26.90 -5.62 34.86
CA PHE E 319 -26.42 -4.24 34.90
C PHE E 319 -27.35 -3.36 34.08
N LEU E 320 -28.01 -3.93 33.08
CA LEU E 320 -28.98 -3.20 32.28
C LEU E 320 -30.18 -2.79 33.13
N ALA E 321 -30.71 -3.76 33.90
CA ALA E 321 -31.83 -3.50 34.77
C ALA E 321 -31.48 -2.48 35.84
N GLN E 322 -30.27 -2.62 36.41
CA GLN E 322 -29.81 -1.72 37.46
C GLN E 322 -29.77 -0.28 36.96
N LYS E 323 -29.06 -0.05 35.84
CA LYS E 323 -28.96 1.29 35.28
C LYS E 323 -30.31 1.84 34.81
N MET E 324 -31.15 0.98 34.21
CA MET E 324 -32.49 1.42 33.84
C MET E 324 -33.27 1.92 35.06
N MET E 325 -33.36 1.08 36.08
CA MET E 325 -34.21 1.39 37.23
C MET E 325 -33.65 2.57 38.02
N ILE E 326 -32.33 2.74 38.05
CA ILE E 326 -31.82 3.93 38.73
C ILE E 326 -32.18 5.15 37.91
N GLY E 327 -32.00 5.08 36.58
CA GLY E 327 -32.35 6.22 35.74
C GLY E 327 -33.77 6.72 35.95
N ARG E 328 -34.75 5.83 35.88
CA ARG E 328 -36.13 6.25 36.08
C ARG E 328 -36.48 6.63 37.53
N CYS E 329 -35.80 6.05 38.56
CA CYS E 329 -36.04 6.56 39.92
C CYS E 329 -35.50 7.97 40.06
N ASN E 330 -34.31 8.24 39.50
CA ASN E 330 -33.75 9.59 39.52
C ASN E 330 -34.76 10.56 38.90
N LEU E 331 -35.26 10.21 37.71
CA LEU E 331 -36.17 11.08 36.97
C LEU E 331 -37.47 11.29 37.73
N ALA E 332 -37.96 10.24 38.37
CA ALA E 332 -39.09 10.30 39.29
C ALA E 332 -38.80 11.00 40.61
N GLY E 333 -37.57 11.37 40.91
CA GLY E 333 -37.35 11.94 42.23
C GLY E 333 -37.65 10.98 43.35
N LYS E 334 -37.57 9.68 43.10
CA LYS E 334 -37.79 8.72 44.19
C LYS E 334 -36.54 7.86 44.48
N PRO E 335 -36.37 7.40 45.71
CA PRO E 335 -35.07 6.86 46.09
C PRO E 335 -34.87 5.44 45.58
N VAL E 336 -33.62 5.11 45.29
CA VAL E 336 -33.27 3.81 44.76
C VAL E 336 -32.05 3.20 45.46
N VAL E 337 -32.12 1.90 45.73
CA VAL E 337 -31.14 1.16 46.53
C VAL E 337 -30.44 0.15 45.62
N CYS E 338 -29.13 0.23 45.54
CA CYS E 338 -28.38 -0.84 44.92
C CYS E 338 -28.04 -1.84 46.03
N ALA E 339 -28.31 -3.13 45.78
CA ALA E 339 -28.08 -4.14 46.79
C ALA E 339 -27.41 -5.39 46.21
N THR E 340 -26.71 -6.08 47.12
CA THR E 340 -26.24 -7.46 47.11
C THR E 340 -24.92 -7.73 46.41
N GLN E 341 -23.97 -8.21 47.21
CA GLN E 341 -22.66 -8.72 46.79
C GLN E 341 -21.68 -7.60 46.46
N MET E 342 -21.95 -6.37 46.93
CA MET E 342 -21.11 -5.25 46.56
C MET E 342 -19.68 -5.41 47.06
N LEU E 343 -19.51 -6.03 48.22
CA LEU E 343 -18.22 -6.26 48.83
C LEU E 343 -18.14 -7.73 49.31
N GLU E 344 -18.66 -8.66 48.50
CA GLU E 344 -18.87 -10.04 48.98
C GLU E 344 -17.61 -10.60 49.62
N SER E 345 -16.45 -10.32 49.04
CA SER E 345 -15.25 -10.99 49.51
C SER E 345 -14.77 -10.51 50.88
N MET E 346 -15.31 -9.41 51.42
CA MET E 346 -14.91 -8.90 52.74
C MET E 346 -15.58 -9.64 53.88
N ILE E 347 -16.50 -10.54 53.54
CA ILE E 347 -16.98 -11.58 54.45
C ILE E 347 -15.82 -12.28 55.13
N THR E 348 -14.77 -12.65 54.34
CA THR E 348 -13.61 -13.34 54.87
C THR E 348 -12.30 -12.56 54.77
N LYS E 349 -12.19 -11.65 53.85
CA LYS E 349 -10.93 -10.92 53.68
C LYS E 349 -11.05 -9.50 54.19
N PRO E 350 -9.97 -8.90 54.70
CA PRO E 350 -10.05 -7.52 55.19
C PRO E 350 -10.09 -6.44 54.11
N ARG E 351 -9.96 -6.81 52.84
CA ARG E 351 -9.75 -5.87 51.74
C ARG E 351 -10.52 -6.44 50.56
N PRO E 352 -11.25 -5.58 49.84
CA PRO E 352 -12.16 -6.04 48.79
C PRO E 352 -11.41 -6.25 47.50
N THR E 353 -12.03 -6.98 46.60
CA THR E 353 -11.48 -7.10 45.25
C THR E 353 -11.62 -5.79 44.47
N ARG E 354 -10.94 -5.71 43.32
CA ARG E 354 -11.09 -4.57 42.41
C ARG E 354 -12.49 -4.50 41.78
N ALA E 355 -13.08 -5.63 41.41
CA ALA E 355 -14.43 -5.56 40.87
C ALA E 355 -15.38 -4.99 41.92
N GLU E 356 -15.15 -5.34 43.19
CA GLU E 356 -16.07 -4.91 44.24
C GLU E 356 -15.98 -3.40 44.49
N THR E 357 -14.79 -2.81 44.55
CA THR E 357 -14.73 -1.37 44.76
C THR E 357 -15.27 -0.64 43.54
N SER E 358 -15.04 -1.18 42.33
CA SER E 358 -15.61 -0.64 41.11
C SER E 358 -17.14 -0.67 41.15
N ASP E 359 -17.71 -1.79 41.64
CA ASP E 359 -19.16 -1.90 41.67
C ASP E 359 -19.78 -0.78 42.50
N VAL E 360 -19.24 -0.54 43.70
CA VAL E 360 -19.74 0.50 44.58
C VAL E 360 -19.64 1.86 43.93
N ALA E 361 -18.48 2.19 43.34
CA ALA E 361 -18.31 3.53 42.76
C ALA E 361 -19.25 3.71 41.57
N ASN E 362 -19.46 2.66 40.76
CA ASN E 362 -20.34 2.73 39.62
C ASN E 362 -21.81 2.76 40.03
N ALA E 363 -22.19 2.13 41.15
CA ALA E 363 -23.55 2.32 41.68
C ALA E 363 -23.81 3.78 42.04
N VAL E 364 -22.81 4.46 42.63
CA VAL E 364 -22.98 5.86 42.96
C VAL E 364 -23.01 6.69 41.68
N LEU E 365 -22.12 6.39 40.75
CA LEU E 365 -22.07 7.13 39.50
C LEU E 365 -23.33 6.90 38.67
N ASP E 366 -23.91 5.71 38.73
CA ASP E 366 -25.20 5.45 38.11
C ASP E 366 -26.28 6.38 38.64
N GLY E 367 -26.16 6.77 39.90
CA GLY E 367 -27.13 7.60 40.54
C GLY E 367 -27.95 7.00 41.62
N ALA E 368 -27.47 5.92 42.27
CA ALA E 368 -28.20 5.30 43.38
C ALA E 368 -28.22 6.23 44.59
N ASP E 369 -29.29 6.13 45.39
CA ASP E 369 -29.34 6.94 46.62
C ASP E 369 -28.70 6.20 47.80
N CYS E 370 -28.77 4.87 47.81
CA CYS E 370 -28.30 4.03 48.91
C CYS E 370 -27.55 2.85 48.33
N ILE E 371 -26.53 2.41 49.09
CA ILE E 371 -25.81 1.16 48.81
C ILE E 371 -25.97 0.28 50.04
N MET E 372 -25.73 -1.01 49.86
CA MET E 372 -26.10 -1.99 50.85
C MET E 372 -24.98 -3.00 51.04
N LEU E 373 -24.97 -3.55 52.26
CA LEU E 373 -24.12 -4.65 52.72
C LEU E 373 -25.06 -5.72 53.29
N SER E 374 -24.77 -7.00 53.00
CA SER E 374 -25.56 -8.12 53.53
C SER E 374 -24.69 -9.03 54.36
N GLY E 375 -24.27 -10.18 53.86
CA GLY E 375 -23.37 -10.99 54.62
C GLY E 375 -22.19 -10.21 55.18
N GLU E 376 -21.77 -9.17 54.47
CA GLU E 376 -20.56 -8.45 54.83
C GLU E 376 -20.67 -7.88 56.24
N THR E 377 -21.89 -7.50 56.60
CA THR E 377 -22.14 -6.95 57.92
C THR E 377 -22.86 -7.92 58.83
N ALA E 378 -23.66 -8.84 58.29
CA ALA E 378 -24.46 -9.67 59.16
C ALA E 378 -23.67 -10.87 59.70
N LYS E 379 -22.72 -11.39 58.94
CA LYS E 379 -22.16 -12.70 59.20
C LYS E 379 -20.64 -12.69 59.11
N GLY E 380 -20.06 -11.87 58.25
CA GLY E 380 -18.65 -12.00 57.95
C GLY E 380 -17.73 -11.45 59.04
N ASN E 381 -16.43 -11.56 58.79
CA ASN E 381 -15.45 -11.24 59.83
C ASN E 381 -14.97 -9.80 59.84
N PHE E 382 -15.39 -8.92 58.92
CA PHE E 382 -15.01 -7.51 58.99
C PHE E 382 -16.18 -6.54 58.71
N PRO E 383 -17.23 -6.62 59.53
CA PRO E 383 -18.40 -5.73 59.28
C PRO E 383 -18.07 -4.25 59.38
N VAL E 384 -17.35 -3.83 60.42
CA VAL E 384 -17.01 -2.41 60.55
C VAL E 384 -16.13 -1.97 59.40
N GLU E 385 -15.28 -2.87 58.91
CA GLU E 385 -14.41 -2.56 57.78
C GLU E 385 -15.16 -2.52 56.44
N ALA E 386 -16.15 -3.39 56.25
CA ALA E 386 -17.03 -3.24 55.08
C ALA E 386 -17.72 -1.86 55.10
N VAL E 387 -18.32 -1.47 56.23
CA VAL E 387 -18.96 -0.17 56.28
C VAL E 387 -17.95 0.92 55.96
N LYS E 388 -16.77 0.81 56.57
CA LYS E 388 -15.71 1.80 56.32
C LYS E 388 -15.36 1.87 54.85
N MET E 389 -15.25 0.72 54.19
CA MET E 389 -14.85 0.69 52.77
C MET E 389 -15.93 1.34 51.89
N GLN E 390 -17.21 0.99 52.06
CA GLN E 390 -18.24 1.69 51.29
C GLN E 390 -18.22 3.19 51.52
N HIS E 391 -18.04 3.59 52.76
CA HIS E 391 -17.99 5.02 53.05
C HIS E 391 -16.93 5.68 52.20
N ALA E 392 -15.74 5.09 52.19
CA ALA E 392 -14.62 5.73 51.51
C ALA E 392 -14.84 5.77 50.00
N ILE E 393 -15.47 4.73 49.43
CA ILE E 393 -15.66 4.71 47.98
C ILE E 393 -16.76 5.69 47.56
N ALA E 394 -17.90 5.66 48.26
CA ALA E 394 -18.99 6.56 47.94
C ALA E 394 -18.50 7.99 47.94
N ARG E 395 -17.78 8.33 49.00
CA ARG E 395 -17.20 9.65 49.10
C ARG E 395 -16.39 9.99 47.86
N GLU E 396 -15.53 9.08 47.42
CA GLU E 396 -14.71 9.39 46.24
C GLU E 396 -15.57 9.52 45.00
N ALA E 397 -16.56 8.63 44.86
CA ALA E 397 -17.38 8.54 43.67
C ALA E 397 -18.29 9.76 43.53
N GLU E 398 -18.82 10.25 44.67
CA GLU E 398 -19.78 11.36 44.65
C GLU E 398 -19.14 12.62 44.07
N ALA E 399 -17.85 12.86 44.38
CA ALA E 399 -17.14 13.99 43.84
C ALA E 399 -16.92 13.86 42.34
N ALA E 400 -16.79 12.63 41.86
CA ALA E 400 -16.58 12.38 40.44
C ALA E 400 -17.85 12.48 39.62
N VAL E 401 -19.00 12.75 40.25
CA VAL E 401 -20.23 12.93 39.50
C VAL E 401 -20.11 14.19 38.64
N TYR E 402 -20.38 14.03 37.35
CA TYR E 402 -20.44 15.14 36.39
C TYR E 402 -21.78 15.87 36.48
N HIS E 403 -21.87 16.74 37.50
CA HIS E 403 -23.10 17.50 37.76
C HIS E 403 -23.52 18.37 36.59
N ARG E 404 -22.59 18.99 35.89
CA ARG E 404 -22.99 19.92 34.83
C ARG E 404 -24.01 19.27 33.91
N GLN E 405 -23.84 17.98 33.65
CA GLN E 405 -24.70 17.30 32.68
C GLN E 405 -25.87 16.69 33.38
N LEU E 406 -25.61 15.98 34.48
CA LEU E 406 -26.67 15.46 35.33
C LEU E 406 -27.77 16.49 35.56
N PHE E 407 -27.37 17.68 36.00
CA PHE E 407 -28.34 18.70 36.39
C PHE E 407 -29.11 19.19 35.20
N GLU E 408 -28.41 19.48 34.10
CA GLU E 408 -29.07 19.91 32.87
C GLU E 408 -30.09 18.87 32.36
N GLU E 409 -29.74 17.59 32.37
CA GLU E 409 -30.72 16.62 31.90
C GLU E 409 -31.87 16.47 32.87
N LEU E 410 -31.63 16.49 34.18
CA LEU E 410 -32.74 16.38 35.13
C LEU E 410 -33.74 17.51 34.96
N ARG E 411 -33.25 18.73 34.79
CA ARG E 411 -34.16 19.85 34.65
C ARG E 411 -34.85 19.85 33.31
N ARG E 412 -34.20 19.36 32.25
CA ARG E 412 -34.86 19.33 30.95
C ARG E 412 -35.85 18.16 30.81
N ALA E 413 -35.72 17.12 31.62
CA ALA E 413 -36.70 16.05 31.62
C ALA E 413 -37.78 16.29 32.67
N ALA E 414 -37.45 17.00 33.72
CA ALA E 414 -38.40 17.24 34.79
C ALA E 414 -39.48 18.18 34.31
N PRO E 415 -40.73 17.92 34.65
CA PRO E 415 -41.83 18.71 34.11
C PRO E 415 -41.97 20.04 34.83
N LEU E 416 -42.41 21.04 34.08
CA LEU E 416 -42.86 22.28 34.68
C LEU E 416 -43.73 22.00 35.90
N SER E 417 -43.66 22.89 36.88
CA SER E 417 -44.36 22.59 38.11
C SER E 417 -44.89 23.88 38.69
N ARG E 418 -46.02 23.78 39.35
CA ARG E 418 -46.51 24.91 40.09
C ARG E 418 -46.52 24.62 41.57
N ASP E 419 -45.78 23.57 42.00
CA ASP E 419 -45.59 23.33 43.42
C ASP E 419 -44.55 24.31 43.95
N PRO E 420 -44.93 25.27 44.80
CA PRO E 420 -43.94 26.23 45.33
C PRO E 420 -42.69 25.63 45.96
N THR E 421 -42.80 24.44 46.57
CA THR E 421 -41.67 23.70 47.13
C THR E 421 -40.74 23.18 46.04
N GLU E 422 -41.29 22.65 44.95
CA GLU E 422 -40.45 22.20 43.86
C GLU E 422 -39.79 23.38 43.16
N VAL E 423 -40.56 24.42 42.91
CA VAL E 423 -40.02 25.64 42.33
C VAL E 423 -38.91 26.21 43.20
N THR E 424 -39.14 26.27 44.50
CA THR E 424 -38.08 26.74 45.40
C THR E 424 -36.88 25.77 45.40
N ALA E 425 -37.14 24.45 45.34
CA ALA E 425 -36.04 23.49 45.41
C ALA E 425 -35.08 23.67 44.24
N ILE E 426 -35.61 23.82 43.02
CA ILE E 426 -34.67 23.87 41.88
C ILE E 426 -33.90 25.19 41.84
N GLY E 427 -34.50 26.28 42.30
CA GLY E 427 -33.74 27.53 42.33
C GLY E 427 -32.64 27.51 43.37
N ALA E 428 -32.92 26.92 44.55
CA ALA E 428 -31.88 26.72 45.56
C ALA E 428 -30.72 25.90 45.01
N VAL E 429 -31.04 24.79 44.32
CA VAL E 429 -30.00 23.96 43.70
C VAL E 429 -29.23 24.77 42.64
N GLU E 430 -29.96 25.50 41.80
CA GLU E 430 -29.24 26.35 40.85
C GLU E 430 -28.34 27.34 41.59
N ALA E 431 -28.88 28.00 42.61
CA ALA E 431 -28.08 28.97 43.36
C ALA E 431 -26.87 28.32 44.03
N ALA E 432 -27.06 27.19 44.72
CA ALA E 432 -25.93 26.43 45.26
C ALA E 432 -24.85 26.18 44.21
N PHE E 433 -25.23 25.70 43.02
CA PHE E 433 -24.21 25.47 42.00
C PHE E 433 -23.44 26.76 41.70
N LYS E 434 -24.16 27.85 41.39
CA LYS E 434 -23.50 29.11 41.01
C LYS E 434 -22.37 29.49 41.94
N CYS E 435 -22.49 29.17 43.24
CA CYS E 435 -21.60 29.74 44.25
C CYS E 435 -20.80 28.69 45.00
N CYS E 436 -20.83 27.44 44.56
CA CYS E 436 -20.20 26.30 45.25
C CYS E 436 -20.50 26.38 46.73
N ALA E 437 -21.78 26.59 47.03
CA ALA E 437 -22.26 26.56 48.40
C ALA E 437 -21.81 25.26 49.07
N ALA E 438 -21.44 25.36 50.33
CA ALA E 438 -21.06 24.16 51.05
C ALA E 438 -22.28 23.34 51.43
N ALA E 439 -23.39 24.02 51.69
CA ALA E 439 -24.59 23.30 52.10
C ALA E 439 -25.86 24.01 51.65
N ILE E 440 -26.93 23.24 51.65
CA ILE E 440 -28.28 23.73 51.52
C ILE E 440 -28.97 23.32 52.81
N ILE E 441 -29.32 24.27 53.65
CA ILE E 441 -30.05 23.94 54.87
C ILE E 441 -31.54 24.16 54.61
N VAL E 442 -32.31 23.14 54.93
CA VAL E 442 -33.73 23.13 54.66
C VAL E 442 -34.40 22.64 55.93
N LEU E 443 -35.57 23.17 56.20
CA LEU E 443 -36.40 22.73 57.31
C LEU E 443 -37.52 21.89 56.75
N THR E 444 -37.75 20.75 57.33
CA THR E 444 -38.74 19.87 56.78
C THR E 444 -39.36 19.16 57.97
N THR E 445 -40.59 18.74 57.78
CA THR E 445 -41.33 18.04 58.79
C THR E 445 -41.73 16.63 58.37
N THR E 446 -42.03 16.42 57.08
CA THR E 446 -42.22 15.10 56.50
C THR E 446 -40.98 14.58 55.78
N GLY E 447 -40.01 15.47 55.46
CA GLY E 447 -38.91 15.15 54.57
C GLY E 447 -39.09 15.60 53.12
N ARG E 448 -40.30 15.91 52.70
CA ARG E 448 -40.54 16.18 51.29
C ARG E 448 -39.62 17.25 50.73
N SER E 449 -39.38 18.29 51.49
CA SER E 449 -38.65 19.44 50.96
C SER E 449 -37.20 19.06 50.74
N ALA E 450 -36.64 18.22 51.62
CA ALA E 450 -35.31 17.67 51.44
C ALA E 450 -35.25 16.73 50.24
N GLN E 451 -36.25 15.88 50.07
CA GLN E 451 -36.28 15.00 48.92
C GLN E 451 -36.43 15.75 47.60
N LEU E 452 -37.22 16.82 47.56
CA LEU E 452 -37.32 17.58 46.32
C LEU E 452 -36.01 18.27 45.98
N LEU E 453 -35.18 18.55 46.97
CA LEU E 453 -33.86 19.08 46.69
C LEU E 453 -32.92 17.97 46.25
N SER E 454 -33.03 16.82 46.91
CA SER E 454 -32.15 15.70 46.60
C SER E 454 -32.27 15.26 45.15
N ARG E 455 -33.49 15.29 44.59
CA ARG E 455 -33.71 14.81 43.23
C ARG E 455 -32.96 15.61 42.15
N TYR E 456 -32.59 16.86 42.42
CA TYR E 456 -31.74 17.60 41.49
C TYR E 456 -30.26 17.41 41.78
N ARG E 457 -29.91 16.46 42.63
CA ARG E 457 -28.52 16.05 42.86
C ARG E 457 -27.54 17.21 43.03
N PRO E 458 -27.72 18.03 44.08
CA PRO E 458 -26.75 19.11 44.34
C PRO E 458 -25.39 18.56 44.80
N ARG E 459 -24.35 19.32 44.47
CA ARG E 459 -23.04 19.02 45.06
C ARG E 459 -23.01 19.42 46.53
N ALA E 460 -23.70 20.50 46.88
CA ALA E 460 -23.81 20.91 48.28
C ALA E 460 -24.61 19.90 49.08
N ALA E 461 -24.11 19.62 50.26
CA ALA E 461 -24.83 18.81 51.21
C ALA E 461 -26.17 19.45 51.56
N VAL E 462 -27.18 18.61 51.70
CA VAL E 462 -28.52 19.04 52.11
C VAL E 462 -28.63 18.75 53.59
N ILE E 463 -28.63 19.81 54.39
CA ILE E 463 -28.74 19.70 55.85
C ILE E 463 -30.19 19.91 56.13
N ALA E 464 -30.86 18.88 56.57
CA ALA E 464 -32.28 18.87 56.79
C ALA E 464 -32.59 18.88 58.30
N VAL E 465 -33.01 20.03 58.82
CA VAL E 465 -33.34 20.19 60.23
C VAL E 465 -34.81 19.80 60.44
N THR E 466 -35.06 18.83 61.35
CA THR E 466 -36.44 18.41 61.60
C THR E 466 -36.68 18.07 63.05
N ARG E 467 -37.94 18.18 63.47
CA ARG E 467 -38.37 17.75 64.79
C ARG E 467 -38.94 16.33 64.79
N SER E 468 -39.32 15.81 63.61
CA SER E 468 -39.80 14.45 63.52
C SER E 468 -38.63 13.47 63.57
N ALA E 469 -38.63 12.56 64.55
CA ALA E 469 -37.57 11.58 64.62
C ALA E 469 -37.67 10.59 63.47
N GLN E 470 -38.89 10.18 63.16
CA GLN E 470 -39.10 9.29 62.03
C GLN E 470 -38.63 9.93 60.74
N ALA E 471 -39.07 11.17 60.47
CA ALA E 471 -38.63 11.80 59.24
C ALA E 471 -37.13 11.77 59.15
N ALA E 472 -36.44 12.16 60.24
CA ALA E 472 -34.97 12.24 60.23
C ALA E 472 -34.33 10.90 59.93
N ARG E 473 -34.90 9.80 60.45
CA ARG E 473 -34.47 8.47 60.03
C ARG E 473 -34.76 8.25 58.55
N GLN E 474 -35.99 8.48 58.12
CA GLN E 474 -36.41 8.11 56.76
C GLN E 474 -35.72 8.91 55.64
N VAL E 475 -35.34 10.16 55.86
CA VAL E 475 -34.66 10.84 54.76
C VAL E 475 -33.26 10.30 54.46
N HIS E 476 -32.76 9.34 55.24
CA HIS E 476 -31.49 8.69 54.88
C HIS E 476 -31.62 7.95 53.55
N LEU E 477 -32.85 7.68 53.10
CA LEU E 477 -33.08 7.14 51.77
C LEU E 477 -32.65 8.08 50.63
N CYS E 478 -32.47 9.39 50.86
CA CYS E 478 -32.25 10.38 49.79
C CYS E 478 -30.81 10.89 49.73
N ARG E 479 -30.16 10.66 48.60
CA ARG E 479 -28.75 10.99 48.53
C ARG E 479 -28.55 12.44 48.91
N GLY E 480 -27.44 12.74 49.53
CA GLY E 480 -27.13 14.14 49.77
C GLY E 480 -27.80 14.76 50.98
N VAL E 481 -28.69 14.04 51.65
CA VAL E 481 -29.46 14.55 52.77
C VAL E 481 -28.86 14.07 54.07
N PHE E 482 -28.44 15.03 54.91
CA PHE E 482 -27.89 14.73 56.22
C PHE E 482 -28.91 15.16 57.27
N PRO E 483 -29.64 14.24 57.91
CA PRO E 483 -30.71 14.62 58.85
C PRO E 483 -30.19 15.03 60.23
N LEU E 484 -30.64 16.22 60.70
CA LEU E 484 -30.38 16.71 62.06
C LEU E 484 -31.66 16.76 62.89
N LEU E 485 -31.73 15.97 63.97
CA LEU E 485 -32.91 15.98 64.84
C LEU E 485 -32.88 17.16 65.81
N TYR E 486 -33.93 17.98 65.78
CA TYR E 486 -34.08 19.15 66.62
C TYR E 486 -35.02 18.78 67.75
N ARG E 487 -34.64 19.12 68.98
CA ARG E 487 -35.30 18.56 70.15
C ARG E 487 -35.94 19.58 71.07
N GLU E 488 -35.56 20.85 70.97
CA GLU E 488 -36.11 21.93 71.76
C GLU E 488 -37.61 22.12 71.55
N PRO E 489 -38.20 23.21 72.06
CA PRO E 489 -39.64 23.42 71.89
C PRO E 489 -39.91 24.73 71.18
N PRO E 490 -41.07 24.87 70.52
CA PRO E 490 -41.30 26.09 69.73
C PRO E 490 -40.93 27.38 70.48
N TRP E 494 -43.18 33.89 65.51
CA TRP E 494 -42.75 32.62 64.92
C TRP E 494 -41.31 32.68 64.45
N ALA E 495 -41.11 33.57 63.47
CA ALA E 495 -39.86 33.76 62.76
C ALA E 495 -38.62 33.41 63.54
N ASP E 496 -38.70 33.41 64.88
CA ASP E 496 -37.53 33.09 65.70
C ASP E 496 -37.37 31.58 65.83
N ASP E 497 -38.49 30.85 65.87
CA ASP E 497 -38.43 29.38 65.78
C ASP E 497 -37.68 28.93 64.52
N VAL E 498 -37.95 29.58 63.38
CA VAL E 498 -37.18 29.41 62.16
C VAL E 498 -35.71 29.71 62.39
N ASP E 499 -35.39 30.98 62.68
CA ASP E 499 -33.98 31.39 62.73
C ASP E 499 -33.15 30.54 63.70
N ARG E 500 -33.81 29.83 64.64
CA ARG E 500 -33.06 29.03 65.61
C ARG E 500 -32.70 27.65 65.05
N ARG E 501 -33.68 26.96 64.46
CA ARG E 501 -33.39 25.77 63.69
C ARG E 501 -32.31 26.03 62.62
N VAL E 502 -32.45 27.10 61.84
CA VAL E 502 -31.38 27.44 60.89
C VAL E 502 -30.04 27.48 61.62
N GLN E 503 -29.98 28.23 62.73
CA GLN E 503 -28.76 28.31 63.54
C GLN E 503 -28.27 26.93 63.93
N PHE E 504 -29.19 26.09 64.45
CA PHE E 504 -28.82 24.72 64.82
C PHE E 504 -28.17 23.99 63.65
N GLY E 505 -28.77 24.08 62.46
CA GLY E 505 -28.13 23.49 61.29
C GLY E 505 -26.78 24.10 60.98
N ILE E 506 -26.60 25.39 61.28
CA ILE E 506 -25.31 26.03 61.02
C ILE E 506 -24.24 25.56 62.01
N GLU E 507 -24.58 25.50 63.29
CA GLU E 507 -23.59 25.05 64.27
C GLU E 507 -23.26 23.59 64.05
N SER E 508 -24.28 22.73 63.93
CA SER E 508 -24.00 21.34 63.57
C SER E 508 -23.18 21.24 62.28
N GLY E 509 -23.27 22.25 61.41
CA GLY E 509 -22.54 22.19 60.16
C GLY E 509 -21.08 22.57 60.29
N LYS E 510 -20.80 23.57 61.14
CA LYS E 510 -19.42 23.93 61.41
C LYS E 510 -18.72 22.78 62.11
N LEU E 511 -19.38 22.19 63.09
CA LEU E 511 -18.76 21.18 63.92
C LEU E 511 -18.49 19.90 63.17
N ARG E 512 -19.40 19.45 62.33
CA ARG E 512 -19.19 18.18 61.64
C ARG E 512 -18.39 18.34 60.36
N GLY E 513 -17.87 19.53 60.11
CA GLY E 513 -17.05 19.74 58.94
C GLY E 513 -17.76 19.99 57.62
N PHE E 514 -19.06 20.31 57.64
CA PHE E 514 -19.73 20.67 56.39
C PHE E 514 -19.53 22.15 56.06
N LEU E 515 -19.46 23.02 57.05
CA LEU E 515 -19.32 24.45 56.81
C LEU E 515 -18.10 25.01 57.49
N ARG E 516 -17.56 26.06 56.89
CA ARG E 516 -16.47 26.85 57.43
C ARG E 516 -16.91 28.31 57.42
N VAL E 517 -16.25 29.12 58.24
CA VAL E 517 -16.47 30.55 58.15
C VAL E 517 -16.11 31.01 56.76
N GLY E 518 -16.88 31.97 56.23
CA GLY E 518 -16.76 32.38 54.84
C GLY E 518 -17.54 31.55 53.86
N ASP E 519 -17.93 30.34 54.22
CA ASP E 519 -18.79 29.54 53.38
C ASP E 519 -20.10 30.26 53.08
N LEU E 520 -20.51 30.19 51.83
CA LEU E 520 -21.86 30.54 51.43
C LEU E 520 -22.73 29.31 51.55
N VAL E 521 -23.90 29.46 52.16
CA VAL E 521 -24.88 28.41 52.14
C VAL E 521 -26.20 28.97 51.63
N ILE E 522 -27.09 28.04 51.28
CA ILE E 522 -28.44 28.32 50.83
C ILE E 522 -29.40 27.77 51.87
N VAL E 523 -30.39 28.58 52.25
CA VAL E 523 -31.34 28.25 53.32
C VAL E 523 -32.73 28.22 52.72
N VAL E 524 -33.49 27.18 53.04
CA VAL E 524 -34.82 27.00 52.48
C VAL E 524 -35.83 26.81 53.63
N THR E 525 -36.84 27.66 53.66
CA THR E 525 -37.82 27.67 54.74
C THR E 525 -39.22 27.90 54.17
N GLY E 526 -40.25 27.72 55.02
CA GLY E 526 -41.60 28.13 54.71
C GLY E 526 -41.84 29.60 55.07
N TRP E 527 -43.00 30.12 54.70
CA TRP E 527 -43.30 31.51 55.06
C TRP E 527 -44.18 31.61 56.29
N ARG E 528 -45.07 30.65 56.50
CA ARG E 528 -45.78 30.41 57.75
C ARG E 528 -46.24 28.96 57.73
N PRO E 529 -46.43 28.33 58.89
CA PRO E 529 -46.78 26.90 58.85
C PRO E 529 -48.29 26.69 58.71
N TYR E 533 -46.27 24.03 52.65
CA TYR E 533 -45.26 24.41 51.70
C TYR E 533 -44.00 25.04 52.28
N THR E 534 -42.93 24.85 51.54
CA THR E 534 -41.66 25.52 51.76
C THR E 534 -41.38 26.40 50.54
N ASN E 535 -41.27 27.72 50.73
CA ASN E 535 -41.29 28.59 49.57
C ASN E 535 -40.32 29.77 49.60
N ILE E 536 -39.30 29.73 50.46
CA ILE E 536 -38.32 30.82 50.61
C ILE E 536 -36.90 30.28 50.51
N MET E 537 -36.07 30.97 49.76
CA MET E 537 -34.67 30.67 49.63
C MET E 537 -33.85 31.91 49.96
N ARG E 538 -32.83 31.78 50.82
CA ARG E 538 -31.91 32.90 50.95
C ARG E 538 -30.48 32.42 51.05
N VAL E 539 -29.58 33.35 50.74
CA VAL E 539 -28.15 33.16 50.66
C VAL E 539 -27.49 33.80 51.87
N LEU E 540 -26.87 32.97 52.70
CA LEU E 540 -26.19 33.34 53.93
C LEU E 540 -24.69 33.12 53.80
N SER E 541 -23.90 34.15 54.11
CA SER E 541 -22.48 33.95 54.35
C SER E 541 -22.30 33.45 55.79
N ILE E 542 -21.47 32.44 55.96
CA ILE E 542 -21.37 31.81 57.26
C ILE E 542 -20.50 32.67 58.15
N SER E 543 -20.98 32.90 59.37
CA SER E 543 -20.20 33.52 60.43
C SER E 543 -20.47 32.71 61.71
N THR F 22 -0.39 30.71 12.72
CA THR F 22 -0.34 31.01 11.29
C THR F 22 -1.53 31.86 10.87
N ALA F 23 -1.42 32.39 9.64
CA ALA F 23 -2.45 33.27 9.10
C ALA F 23 -3.71 32.52 8.70
N PHE F 24 -3.56 31.25 8.35
CA PHE F 24 -4.70 30.51 7.84
C PHE F 24 -5.77 30.36 8.90
N PHE F 25 -5.37 30.09 10.15
CA PHE F 25 -6.35 29.93 11.21
C PHE F 25 -6.99 31.25 11.62
N GLN F 26 -6.41 32.39 11.25
CA GLN F 26 -6.98 33.69 11.61
C GLN F 26 -8.02 34.18 10.62
N GLN F 27 -8.09 33.61 9.41
CA GLN F 27 -9.00 34.05 8.37
C GLN F 27 -10.33 33.29 8.41
N GLN F 28 -11.29 33.78 7.60
CA GLN F 28 -12.65 33.27 7.46
C GLN F 28 -13.28 32.80 8.77
N GLN F 29 -13.04 33.59 9.83
CA GLN F 29 -13.70 33.46 11.13
C GLN F 29 -13.48 32.09 11.77
N LEU F 30 -12.28 31.51 11.58
CA LEU F 30 -11.98 30.18 12.14
C LEU F 30 -11.91 30.24 13.67
N PRO F 31 -11.37 31.32 14.28
CA PRO F 31 -11.44 31.39 15.75
C PRO F 31 -12.87 31.38 16.30
N ALA F 32 -13.84 31.89 15.56
CA ALA F 32 -15.22 31.83 16.02
C ALA F 32 -15.86 30.48 15.71
N ALA F 33 -15.43 29.86 14.60
CA ALA F 33 -15.89 28.52 14.24
C ALA F 33 -15.63 27.52 15.37
N MET F 34 -14.49 27.63 16.05
CA MET F 34 -14.06 26.63 17.02
C MET F 34 -14.59 26.86 18.43
N ALA F 35 -15.60 27.73 18.58
CA ALA F 35 -16.10 28.08 19.90
C ALA F 35 -17.04 27.03 20.43
N ASP F 36 -17.09 26.94 21.74
CA ASP F 36 -17.83 25.89 22.45
C ASP F 36 -19.31 26.21 22.60
N THR F 37 -19.74 27.42 22.27
CA THR F 37 -21.13 27.82 22.33
C THR F 37 -21.36 28.83 21.21
N PHE F 38 -22.64 29.09 20.95
CA PHE F 38 -23.02 30.12 19.98
C PHE F 38 -22.69 31.51 20.53
N LEU F 39 -22.89 31.71 21.82
CA LEU F 39 -22.51 32.94 22.49
C LEU F 39 -21.04 33.24 22.28
N GLU F 40 -20.17 32.34 22.72
CA GLU F 40 -18.74 32.54 22.56
C GLU F 40 -18.38 32.64 21.09
N HIS F 41 -19.13 31.97 20.22
CA HIS F 41 -18.91 32.17 18.79
C HIS F 41 -19.15 33.62 18.40
N LEU F 42 -20.30 34.19 18.75
CA LEU F 42 -20.56 35.60 18.47
C LEU F 42 -19.45 36.49 19.03
N CYS F 43 -19.05 36.23 20.27
CA CYS F 43 -18.02 37.01 20.88
C CYS F 43 -16.71 37.01 20.10
N LEU F 44 -16.44 36.03 19.23
CA LEU F 44 -15.16 35.96 18.53
C LEU F 44 -15.21 36.38 17.06
N LEU F 45 -16.39 36.66 16.53
CA LEU F 45 -16.47 37.32 15.25
C LEU F 45 -15.54 38.52 15.26
N ASP F 46 -14.72 38.63 14.22
CA ASP F 46 -13.64 39.61 14.13
C ASP F 46 -13.72 40.28 12.77
N ILE F 47 -13.87 41.61 12.77
CA ILE F 47 -14.02 42.35 11.52
C ILE F 47 -12.75 42.25 10.68
N ASP F 48 -11.61 42.02 11.32
CA ASP F 48 -10.34 41.89 10.61
C ASP F 48 -10.04 40.46 10.15
N SER F 49 -10.83 39.45 10.57
CA SER F 49 -10.69 38.12 10.00
C SER F 49 -11.36 38.08 8.64
N GLU F 50 -10.57 37.85 7.59
CA GLU F 50 -11.12 38.07 6.25
C GLU F 50 -11.61 36.76 5.62
N PRO F 51 -12.76 36.79 4.98
CA PRO F 51 -13.24 35.59 4.31
C PRO F 51 -12.29 35.21 3.19
N VAL F 52 -12.22 33.94 2.86
CA VAL F 52 -11.52 33.63 1.63
C VAL F 52 -12.23 32.51 0.89
N ALA F 53 -13.18 31.87 1.53
CA ALA F 53 -14.04 30.99 0.76
C ALA F 53 -14.76 31.82 -0.31
N ALA F 54 -14.98 31.19 -1.45
CA ALA F 54 -15.80 31.79 -2.49
C ALA F 54 -17.20 32.01 -1.95
N ARG F 55 -17.80 33.13 -2.36
CA ARG F 55 -19.17 33.43 -1.98
C ARG F 55 -20.10 32.34 -2.49
N SER F 56 -20.93 31.79 -1.60
CA SER F 56 -21.74 30.62 -1.91
C SER F 56 -23.24 30.89 -2.06
N THR F 57 -23.76 31.97 -1.49
CA THR F 57 -25.18 32.28 -1.59
C THR F 57 -25.43 32.86 -2.98
N SER F 58 -26.22 32.16 -3.80
CA SER F 58 -26.47 32.61 -5.16
C SER F 58 -27.36 33.84 -5.15
N ILE F 59 -27.14 34.71 -6.16
CA ILE F 59 -27.84 35.98 -6.30
C ILE F 59 -28.85 35.85 -7.44
N ILE F 60 -30.08 36.23 -7.16
CA ILE F 60 -31.14 36.34 -8.16
C ILE F 60 -31.32 37.82 -8.44
N ALA F 61 -31.09 38.24 -9.68
CA ALA F 61 -31.32 39.63 -10.09
C ALA F 61 -32.46 39.70 -11.09
N THR F 62 -33.37 40.66 -10.86
CA THR F 62 -34.57 40.77 -11.68
C THR F 62 -34.35 41.73 -12.84
N ILE F 63 -34.87 41.32 -13.99
CA ILE F 63 -34.67 42.04 -15.23
C ILE F 63 -35.61 43.24 -15.28
N GLY F 64 -35.05 44.40 -15.55
CA GLY F 64 -35.80 45.58 -15.87
C GLY F 64 -34.95 46.55 -16.66
N PRO F 65 -35.51 47.76 -16.93
CA PRO F 65 -34.77 48.77 -17.71
C PRO F 65 -33.28 48.85 -17.39
N ALA F 66 -32.92 49.05 -16.11
CA ALA F 66 -31.50 49.21 -15.78
C ALA F 66 -30.69 47.96 -16.06
N SER F 67 -31.33 46.88 -16.56
CA SER F 67 -30.67 45.59 -16.59
C SER F 67 -30.96 44.75 -17.85
N ARG F 68 -31.19 45.37 -19.01
CA ARG F 68 -31.45 44.58 -20.22
C ARG F 68 -30.37 44.69 -21.27
N SER F 69 -29.54 45.73 -21.19
CA SER F 69 -28.38 45.87 -22.08
C SER F 69 -27.40 44.73 -21.85
N VAL F 70 -27.06 44.02 -22.95
CA VAL F 70 -25.95 43.07 -22.92
C VAL F 70 -24.72 43.70 -22.29
N GLU F 71 -24.64 45.02 -22.36
CA GLU F 71 -23.64 45.74 -21.59
C GLU F 71 -23.80 45.41 -20.12
N ARG F 72 -24.90 45.88 -19.52
CA ARG F 72 -25.06 45.80 -18.07
C ARG F 72 -24.93 44.36 -17.60
N LEU F 73 -25.69 43.45 -18.20
CA LEU F 73 -25.66 42.04 -17.83
C LEU F 73 -24.22 41.51 -17.73
N LYS F 74 -23.39 41.80 -18.72
CA LYS F 74 -21.98 41.45 -18.63
C LYS F 74 -21.36 42.01 -17.34
N GLU F 75 -21.65 43.29 -17.02
CA GLU F 75 -21.14 43.91 -15.80
C GLU F 75 -21.87 43.36 -14.56
N MET F 76 -23.13 42.93 -14.74
CA MET F 76 -23.88 42.26 -13.68
C MET F 76 -23.21 40.96 -13.27
N ILE F 77 -23.13 40.03 -14.23
CA ILE F 77 -22.43 38.76 -14.06
C ILE F 77 -21.08 38.96 -13.38
N LYS F 78 -20.21 39.77 -13.99
CA LYS F 78 -18.93 40.07 -13.34
C LYS F 78 -19.13 40.39 -11.87
N ALA F 79 -20.10 41.26 -11.56
CA ALA F 79 -20.29 41.66 -10.16
C ALA F 79 -20.70 40.47 -9.30
N GLY F 80 -21.31 39.44 -9.90
CA GLY F 80 -21.81 38.33 -9.13
C GLY F 80 -23.20 37.77 -9.36
N MET F 81 -24.02 38.33 -10.23
CA MET F 81 -25.34 37.75 -10.43
C MET F 81 -25.22 36.29 -10.81
N ASN F 82 -26.17 35.46 -10.34
CA ASN F 82 -26.23 34.04 -10.69
C ASN F 82 -27.55 33.61 -11.33
N ILE F 83 -28.68 34.21 -10.96
CA ILE F 83 -29.97 33.85 -11.54
C ILE F 83 -30.66 35.11 -12.03
N ALA F 84 -31.29 35.02 -13.19
CA ALA F 84 -32.03 36.11 -13.81
C ALA F 84 -33.52 35.84 -13.65
N ARG F 85 -34.21 36.80 -12.99
CA ARG F 85 -35.64 36.71 -12.72
C ARG F 85 -36.44 37.48 -13.77
N LEU F 86 -37.40 36.80 -14.38
CA LEU F 86 -38.30 37.39 -15.37
C LEU F 86 -39.64 37.61 -14.68
N ASN F 87 -39.91 38.86 -14.30
CA ASN F 87 -41.19 39.20 -13.67
C ASN F 87 -42.24 39.37 -14.76
N PHE F 88 -43.22 38.47 -14.75
CA PHE F 88 -44.34 38.48 -15.68
C PHE F 88 -45.54 39.22 -15.12
N SER F 89 -45.39 39.90 -13.99
CA SER F 89 -46.43 40.85 -13.56
C SER F 89 -46.65 41.94 -14.61
N HIS F 90 -45.64 42.21 -15.43
CA HIS F 90 -45.69 43.24 -16.46
C HIS F 90 -44.87 42.76 -17.66
N GLY F 91 -44.88 43.58 -18.71
CA GLY F 91 -44.18 43.22 -19.93
C GLY F 91 -44.85 42.12 -20.74
N SER F 92 -44.37 41.96 -21.97
CA SER F 92 -44.96 41.07 -22.95
C SER F 92 -44.00 39.94 -23.29
N HIS F 93 -44.56 38.86 -23.85
CA HIS F 93 -43.72 37.75 -24.29
C HIS F 93 -42.58 38.25 -25.16
N GLU F 94 -42.88 39.12 -26.12
CA GLU F 94 -41.82 39.79 -26.87
C GLU F 94 -40.87 40.52 -25.92
N TYR F 95 -41.39 41.12 -24.85
CA TYR F 95 -40.52 41.81 -23.92
C TYR F 95 -39.63 40.83 -23.16
N HIS F 96 -40.17 39.65 -22.81
CA HIS F 96 -39.43 38.65 -22.06
C HIS F 96 -38.57 37.78 -22.99
N ALA F 97 -39.08 37.44 -24.18
CA ALA F 97 -38.24 36.75 -25.16
C ALA F 97 -37.01 37.58 -25.47
N GLU F 98 -37.16 38.90 -25.54
CA GLU F 98 -36.04 39.79 -25.80
C GLU F 98 -35.02 39.69 -24.66
N SER F 99 -35.43 40.13 -23.47
CA SER F 99 -34.59 40.05 -22.28
C SER F 99 -33.89 38.70 -22.14
N ILE F 100 -34.62 37.60 -22.33
CA ILE F 100 -33.97 36.29 -22.33
C ILE F 100 -32.78 36.28 -23.28
N ALA F 101 -33.06 36.54 -24.57
CA ALA F 101 -32.03 36.61 -25.60
C ALA F 101 -30.76 37.33 -25.15
N ASN F 102 -30.90 38.53 -24.57
CA ASN F 102 -29.72 39.32 -24.26
C ASN F 102 -28.96 38.77 -23.05
N VAL F 103 -29.67 38.07 -22.14
CA VAL F 103 -28.97 37.33 -21.07
C VAL F 103 -28.01 36.33 -21.70
N ARG F 104 -28.55 35.39 -22.48
CA ARG F 104 -27.72 34.31 -23.00
C ARG F 104 -26.48 34.80 -23.76
N GLU F 105 -26.56 35.94 -24.45
CA GLU F 105 -25.36 36.39 -25.15
C GLU F 105 -24.33 36.90 -24.15
N ALA F 106 -24.78 37.70 -23.18
CA ALA F 106 -23.87 38.15 -22.13
C ALA F 106 -23.16 36.97 -21.47
N VAL F 107 -23.89 35.88 -21.24
CA VAL F 107 -23.28 34.65 -20.75
C VAL F 107 -22.29 34.11 -21.78
N GLU F 108 -22.79 33.71 -22.97
CA GLU F 108 -21.94 33.00 -23.92
C GLU F 108 -20.77 33.85 -24.37
N SER F 109 -20.84 35.16 -24.13
CA SER F 109 -19.68 36.03 -24.35
C SER F 109 -18.43 35.49 -23.67
N PHE F 110 -18.56 34.91 -22.47
CA PHE F 110 -17.42 34.39 -21.72
C PHE F 110 -17.20 32.90 -21.96
N TYR F 117 -15.62 30.98 -17.25
CA TYR F 117 -16.99 31.01 -17.76
C TYR F 117 -18.03 30.71 -16.69
N ARG F 118 -18.97 31.62 -16.48
CA ARG F 118 -19.94 31.46 -15.39
C ARG F 118 -21.37 31.37 -15.93
N PRO F 119 -22.02 30.20 -15.86
CA PRO F 119 -23.40 30.08 -16.34
C PRO F 119 -24.41 30.77 -15.42
N VAL F 120 -25.55 31.14 -16.02
CA VAL F 120 -26.61 31.86 -15.33
C VAL F 120 -27.92 31.12 -15.56
N ALA F 121 -28.76 31.08 -14.53
CA ALA F 121 -30.06 30.45 -14.63
C ALA F 121 -31.08 31.51 -15.01
N ILE F 122 -32.15 31.07 -15.66
CA ILE F 122 -33.27 31.94 -15.96
C ILE F 122 -34.48 31.42 -15.22
N ALA F 123 -35.14 32.31 -14.51
CA ALA F 123 -36.29 31.98 -13.70
C ALA F 123 -37.46 32.84 -14.15
N LEU F 124 -38.63 32.22 -14.18
CA LEU F 124 -39.87 32.85 -14.55
C LEU F 124 -40.74 33.01 -13.32
N ASP F 125 -40.94 34.25 -12.90
CA ASP F 125 -41.77 34.60 -11.76
C ASP F 125 -43.16 34.98 -12.25
N THR F 126 -44.13 34.11 -11.99
CA THR F 126 -45.44 34.29 -12.59
C THR F 126 -46.14 35.52 -12.05
N LYS F 127 -47.15 35.96 -12.81
CA LYS F 127 -48.00 37.05 -12.36
C LYS F 127 -48.87 36.56 -11.21
N GLY F 128 -49.58 35.46 -11.42
CA GLY F 128 -50.36 34.84 -10.39
C GLY F 128 -51.78 35.36 -10.30
N PRO F 129 -52.67 34.56 -9.70
CA PRO F 129 -54.03 35.08 -9.43
C PRO F 129 -53.95 36.43 -8.73
N GLU F 130 -54.69 37.42 -9.28
CA GLU F 130 -54.52 38.84 -8.95
C GLU F 130 -55.89 39.50 -8.76
N ILE F 131 -55.86 40.74 -8.23
CA ILE F 131 -57.04 41.54 -7.91
C ILE F 131 -56.76 43.02 -8.08
N LEU F 230 -61.68 30.50 -4.30
CA LEU F 230 -60.24 30.76 -4.41
C LEU F 230 -59.72 30.34 -5.81
N PRO F 231 -58.93 31.21 -6.47
CA PRO F 231 -58.72 31.03 -7.91
C PRO F 231 -57.99 29.78 -8.40
N GLY F 232 -56.81 29.46 -7.87
CA GLY F 232 -55.95 28.50 -8.55
C GLY F 232 -54.78 29.18 -9.22
N LEU F 233 -54.43 28.86 -10.46
CA LEU F 233 -53.51 29.68 -11.25
C LEU F 233 -54.23 30.24 -12.46
N SER F 234 -53.88 31.47 -12.86
CA SER F 234 -54.68 32.22 -13.81
C SER F 234 -54.46 31.76 -15.26
N GLU F 235 -55.37 32.21 -16.13
CA GLU F 235 -55.29 31.87 -17.56
C GLU F 235 -54.11 32.55 -18.22
N GLN F 236 -53.89 33.83 -17.93
CA GLN F 236 -52.67 34.50 -18.38
C GLN F 236 -51.43 33.77 -17.87
N ASP F 237 -51.44 33.35 -16.60
CA ASP F 237 -50.31 32.59 -16.07
C ASP F 237 -49.98 31.41 -17.00
N VAL F 238 -50.99 30.62 -17.35
CA VAL F 238 -50.75 29.45 -18.19
C VAL F 238 -50.19 29.84 -19.56
N ARG F 239 -50.61 30.97 -20.12
CA ARG F 239 -49.92 31.48 -21.30
C ARG F 239 -48.42 31.55 -21.02
N ASP F 240 -48.08 32.23 -19.93
CA ASP F 240 -46.70 32.55 -19.63
C ASP F 240 -45.86 31.32 -19.31
N LEU F 241 -46.48 30.23 -18.85
CA LEU F 241 -45.68 29.05 -18.55
C LEU F 241 -45.31 28.31 -19.82
N ARG F 242 -46.27 28.12 -20.73
CA ARG F 242 -45.97 27.48 -22.01
C ARG F 242 -44.96 28.30 -22.80
N PHE F 243 -44.97 29.63 -22.62
CA PHE F 243 -43.89 30.46 -23.16
C PHE F 243 -42.55 30.03 -22.58
N GLY F 244 -42.48 29.98 -21.25
CA GLY F 244 -41.24 29.61 -20.58
C GLY F 244 -40.75 28.23 -20.98
N VAL F 245 -41.65 27.25 -21.00
CA VAL F 245 -41.23 25.92 -21.42
C VAL F 245 -40.60 26.00 -22.80
N GLU F 246 -41.21 26.78 -23.70
CA GLU F 246 -40.74 26.86 -25.10
C GLU F 246 -39.52 27.76 -25.26
N HIS F 247 -39.34 28.75 -24.38
CA HIS F 247 -38.09 29.50 -24.34
C HIS F 247 -37.05 28.90 -23.38
N GLY F 248 -37.19 27.63 -23.02
CA GLY F 248 -36.21 26.90 -22.22
C GLY F 248 -35.76 27.51 -20.89
N VAL F 249 -36.69 27.84 -20.00
CA VAL F 249 -36.30 28.31 -18.68
C VAL F 249 -35.90 27.13 -17.81
N ASP F 250 -35.23 27.48 -16.71
CA ASP F 250 -34.75 26.58 -15.68
C ASP F 250 -35.69 26.56 -14.48
N ILE F 251 -36.12 27.74 -14.04
CA ILE F 251 -36.83 27.88 -12.78
C ILE F 251 -38.13 28.66 -12.97
N VAL F 252 -39.17 28.21 -12.27
CA VAL F 252 -40.43 28.93 -12.12
C VAL F 252 -40.58 29.37 -10.67
N PHE F 253 -40.59 30.67 -10.41
CA PHE F 253 -41.12 31.20 -9.15
C PHE F 253 -42.64 31.35 -9.27
N ALA F 254 -43.40 30.38 -8.72
CA ALA F 254 -44.87 30.37 -8.81
C ALA F 254 -45.46 31.29 -7.76
N SER F 255 -46.27 32.27 -8.20
CA SER F 255 -46.78 33.30 -7.31
C SER F 255 -47.99 32.80 -6.54
N PHE F 256 -48.21 33.40 -5.37
CA PHE F 256 -49.38 33.23 -4.53
C PHE F 256 -49.83 31.77 -4.40
N VAL F 257 -48.90 30.93 -3.90
CA VAL F 257 -49.18 29.52 -3.61
C VAL F 257 -49.82 29.41 -2.23
N ARG F 258 -50.66 28.36 -2.05
CA ARG F 258 -51.54 28.22 -0.90
C ARG F 258 -51.72 26.78 -0.43
N LYS F 259 -51.56 25.79 -1.29
CA LYS F 259 -51.83 24.39 -0.95
C LYS F 259 -51.04 23.54 -1.93
N ALA F 260 -50.95 22.25 -1.66
CA ALA F 260 -50.24 21.36 -2.57
C ALA F 260 -50.78 21.48 -3.98
N SER F 261 -52.11 21.31 -4.13
CA SER F 261 -52.72 21.24 -5.44
C SER F 261 -52.29 22.40 -6.32
N ASP F 262 -52.10 23.60 -5.73
CA ASP F 262 -51.61 24.72 -6.53
C ASP F 262 -50.31 24.37 -7.26
N VAL F 263 -49.34 23.82 -6.54
CA VAL F 263 -48.05 23.56 -7.19
C VAL F 263 -48.18 22.41 -8.19
N ALA F 264 -49.02 21.42 -7.84
CA ALA F 264 -49.31 20.32 -8.77
C ALA F 264 -49.97 20.84 -10.05
N ALA F 265 -50.79 21.90 -9.96
CA ALA F 265 -51.25 22.56 -11.17
C ALA F 265 -50.07 23.05 -11.99
N VAL F 266 -49.21 23.89 -11.37
CA VAL F 266 -48.05 24.46 -12.05
C VAL F 266 -47.18 23.37 -12.65
N ARG F 267 -47.16 22.20 -12.03
CA ARG F 267 -46.31 21.14 -12.57
C ARG F 267 -46.97 20.51 -13.80
N ALA F 268 -48.29 20.32 -13.76
CA ALA F 268 -49.05 19.90 -14.92
C ALA F 268 -48.86 20.88 -16.08
N ALA F 269 -49.10 22.16 -15.82
CA ALA F 269 -48.89 23.19 -16.84
C ALA F 269 -47.51 23.07 -17.50
N LEU F 270 -46.45 22.90 -16.72
CA LEU F 270 -45.17 22.69 -17.36
C LEU F 270 -45.14 21.38 -18.12
N GLY F 271 -45.98 20.42 -17.75
CA GLY F 271 -46.13 19.19 -18.50
C GLY F 271 -44.82 18.50 -18.79
N PRO F 272 -44.89 17.39 -19.51
CA PRO F 272 -43.69 16.55 -19.73
C PRO F 272 -42.50 17.26 -20.38
N GLU F 273 -42.69 18.39 -21.06
CA GLU F 273 -41.56 19.07 -21.70
C GLU F 273 -40.84 20.00 -20.73
N GLY F 274 -41.30 20.11 -19.50
CA GLY F 274 -40.61 20.89 -18.50
C GLY F 274 -40.50 20.18 -17.16
N HIS F 275 -40.68 18.86 -17.14
CA HIS F 275 -40.56 18.12 -15.89
C HIS F 275 -39.19 18.27 -15.25
N GLY F 276 -38.20 18.70 -16.04
CA GLY F 276 -36.88 19.05 -15.57
C GLY F 276 -36.80 20.46 -15.08
N ILE F 277 -37.90 21.18 -15.13
CA ILE F 277 -37.97 22.56 -14.67
C ILE F 277 -38.28 22.53 -13.19
N LYS F 278 -37.64 23.41 -12.43
CA LYS F 278 -37.74 23.43 -10.96
C LYS F 278 -38.73 24.49 -10.49
N ILE F 279 -39.74 24.07 -9.74
CA ILE F 279 -40.82 24.94 -9.26
C ILE F 279 -40.51 25.39 -7.85
N ILE F 280 -40.36 26.68 -7.66
CA ILE F 280 -40.09 27.28 -6.36
C ILE F 280 -41.34 28.06 -5.98
N SER F 281 -42.15 27.49 -5.07
CA SER F 281 -43.39 28.12 -4.63
C SER F 281 -43.15 29.37 -3.79
N LYS F 282 -43.62 30.52 -4.28
CA LYS F 282 -43.65 31.75 -3.50
C LYS F 282 -44.82 31.70 -2.49
N ILE F 283 -44.49 31.80 -1.21
CA ILE F 283 -45.47 31.80 -0.12
C ILE F 283 -45.75 33.26 0.22
N GLU F 284 -46.99 33.70 0.03
CA GLU F 284 -47.29 35.13 0.03
C GLU F 284 -48.38 35.54 1.01
N ASN F 285 -49.25 34.64 1.40
CA ASN F 285 -50.35 34.92 2.29
C ASN F 285 -50.31 34.01 3.51
N HIS F 286 -51.28 34.22 4.40
CA HIS F 286 -51.38 33.49 5.64
C HIS F 286 -51.72 32.02 5.43
N GLU F 287 -52.49 31.67 4.41
CA GLU F 287 -52.81 30.26 4.21
C GLU F 287 -51.56 29.48 3.83
N GLY F 288 -50.69 30.07 3.02
CA GLY F 288 -49.55 29.31 2.51
C GLY F 288 -48.62 28.91 3.63
N VAL F 289 -48.26 29.88 4.47
CA VAL F 289 -47.62 29.68 5.76
C VAL F 289 -48.20 28.46 6.48
N LYS F 290 -49.52 28.45 6.76
CA LYS F 290 -50.11 27.40 7.60
C LYS F 290 -50.06 26.02 6.94
N ARG F 291 -50.08 25.96 5.63
CA ARG F 291 -50.05 24.67 4.95
C ARG F 291 -48.67 24.39 4.37
N PHE F 292 -47.69 25.21 4.76
CA PHE F 292 -46.31 25.09 4.31
C PHE F 292 -45.79 23.67 4.12
N ASP F 293 -45.96 22.80 5.12
CA ASP F 293 -45.50 21.42 4.97
C ASP F 293 -46.00 20.82 3.67
N GLU F 294 -47.31 20.89 3.41
CA GLU F 294 -47.85 20.21 2.22
C GLU F 294 -47.35 20.90 0.96
N ILE F 295 -47.19 22.21 1.02
CA ILE F 295 -46.57 22.91 -0.10
C ILE F 295 -45.15 22.40 -0.35
N LEU F 296 -44.31 22.35 0.70
CA LEU F 296 -42.89 22.07 0.48
C LEU F 296 -42.67 20.63 0.05
N GLU F 297 -43.52 19.72 0.51
CA GLU F 297 -43.31 18.32 0.16
C GLU F 297 -43.32 18.11 -1.36
N VAL F 298 -44.15 18.86 -2.09
CA VAL F 298 -44.32 18.71 -3.52
C VAL F 298 -43.66 19.83 -4.29
N SER F 299 -43.19 20.87 -3.62
CA SER F 299 -42.35 21.86 -4.28
C SER F 299 -40.92 21.36 -4.35
N ASP F 300 -40.15 21.98 -5.22
CA ASP F 300 -38.70 21.79 -5.25
C ASP F 300 -37.99 22.73 -4.29
N GLY F 301 -38.69 23.76 -3.84
CA GLY F 301 -38.05 24.85 -3.16
C GLY F 301 -39.11 25.85 -2.81
N ILE F 302 -38.68 26.93 -2.16
CA ILE F 302 -39.58 27.89 -1.53
C ILE F 302 -39.01 29.29 -1.67
N MET F 303 -39.87 30.26 -1.94
CA MET F 303 -39.47 31.65 -1.85
C MET F 303 -40.28 32.32 -0.76
N VAL F 304 -39.58 33.02 0.12
CA VAL F 304 -40.20 33.82 1.16
C VAL F 304 -40.50 35.15 0.53
N ALA F 305 -41.76 35.34 0.13
CA ALA F 305 -42.18 36.52 -0.62
C ALA F 305 -42.60 37.62 0.36
N ARG F 306 -41.59 38.21 1.00
CA ARG F 306 -41.82 39.13 2.11
C ARG F 306 -42.58 40.40 1.70
N GLY F 307 -42.80 40.60 0.41
CA GLY F 307 -43.55 41.73 -0.09
C GLY F 307 -45.04 41.64 0.16
N ASP F 308 -45.69 40.63 -0.43
CA ASP F 308 -47.12 40.44 -0.23
C ASP F 308 -47.42 39.97 1.20
N LEU F 309 -46.53 39.15 1.77
CA LEU F 309 -46.65 38.73 3.16
C LEU F 309 -46.65 39.91 4.13
N GLY F 310 -45.73 40.86 3.96
CA GLY F 310 -45.79 42.09 4.74
C GLY F 310 -47.07 42.92 4.58
N ILE F 311 -47.97 42.47 3.67
CA ILE F 311 -49.28 43.03 3.49
C ILE F 311 -50.36 42.13 4.06
N GLU F 312 -50.42 40.88 3.61
CA GLU F 312 -51.40 39.90 4.08
C GLU F 312 -51.14 39.38 5.51
N ILE F 313 -50.13 39.86 6.25
CA ILE F 313 -50.02 39.62 7.68
C ILE F 313 -49.30 40.82 8.30
N PRO F 314 -49.35 41.01 9.60
CA PRO F 314 -48.69 42.18 10.18
C PRO F 314 -47.23 42.21 9.78
N ALA F 315 -46.79 43.37 9.31
CA ALA F 315 -45.40 43.57 8.97
C ALA F 315 -44.45 43.04 10.05
N GLU F 316 -44.87 43.09 11.32
CA GLU F 316 -44.00 42.75 12.44
C GLU F 316 -43.78 41.25 12.61
N LYS F 317 -44.58 40.42 11.94
CA LYS F 317 -44.50 38.97 12.01
C LYS F 317 -43.77 38.37 10.80
N VAL F 318 -43.21 39.19 9.92
CA VAL F 318 -42.64 38.62 8.71
C VAL F 318 -41.39 37.83 9.07
N PHE F 319 -40.60 38.34 10.02
CA PHE F 319 -39.36 37.67 10.40
C PHE F 319 -39.65 36.27 10.93
N LEU F 320 -40.76 36.12 11.66
CA LEU F 320 -41.17 34.82 12.17
C LEU F 320 -41.40 33.82 11.05
N ALA F 321 -42.07 34.24 9.99
CA ALA F 321 -42.36 33.32 8.90
C ALA F 321 -41.11 33.04 8.08
N GLN F 322 -40.28 34.05 7.88
CA GLN F 322 -39.03 33.85 7.15
C GLN F 322 -38.15 32.82 7.85
N LYS F 323 -37.82 33.07 9.12
CA LYS F 323 -36.95 32.17 9.87
C LYS F 323 -37.53 30.77 9.92
N MET F 324 -38.84 30.68 10.04
CA MET F 324 -39.46 29.37 10.11
C MET F 324 -39.23 28.59 8.82
N MET F 325 -39.45 29.25 7.67
CA MET F 325 -39.44 28.55 6.39
C MET F 325 -38.02 28.18 6.01
N ILE F 326 -37.08 29.09 6.30
CA ILE F 326 -35.69 28.71 6.13
C ILE F 326 -35.37 27.51 7.00
N GLY F 327 -35.83 27.54 8.25
CA GLY F 327 -35.64 26.40 9.15
C GLY F 327 -36.11 25.11 8.51
N ARG F 328 -37.35 25.11 8.00
CA ARG F 328 -37.96 23.88 7.49
C ARG F 328 -37.42 23.45 6.14
N CYS F 329 -36.96 24.40 5.33
CA CYS F 329 -36.30 24.03 4.06
C CYS F 329 -34.91 23.50 4.31
N ASN F 330 -34.16 24.15 5.21
CA ASN F 330 -32.83 23.63 5.55
C ASN F 330 -32.94 22.19 6.04
N LEU F 331 -33.92 21.92 6.90
CA LEU F 331 -34.08 20.57 7.41
C LEU F 331 -34.53 19.61 6.32
N ALA F 332 -35.38 20.06 5.37
CA ALA F 332 -35.78 19.13 4.31
C ALA F 332 -34.77 19.05 3.18
N GLY F 333 -33.81 19.94 3.14
CA GLY F 333 -32.82 19.89 2.08
C GLY F 333 -33.31 20.47 0.78
N LYS F 334 -34.05 21.58 0.85
CA LYS F 334 -34.67 22.12 -0.34
C LYS F 334 -34.37 23.59 -0.46
N PRO F 335 -33.98 24.06 -1.62
CA PRO F 335 -33.70 25.48 -1.83
C PRO F 335 -34.69 26.45 -1.23
N VAL F 336 -34.23 27.55 -0.64
CA VAL F 336 -35.13 28.57 -0.15
C VAL F 336 -34.57 29.95 -0.50
N VAL F 337 -35.47 30.84 -0.99
CA VAL F 337 -35.11 32.18 -1.43
C VAL F 337 -35.71 33.15 -0.43
N CYS F 338 -34.92 34.15 -0.06
CA CYS F 338 -35.41 35.33 0.64
C CYS F 338 -35.53 36.44 -0.39
N ALA F 339 -36.65 37.18 -0.38
CA ALA F 339 -36.92 38.15 -1.45
C ALA F 339 -37.44 39.48 -0.94
N THR F 340 -37.34 40.49 -1.80
CA THR F 340 -38.02 41.77 -1.69
C THR F 340 -37.43 42.72 -0.66
N GLN F 341 -36.76 43.78 -1.12
CA GLN F 341 -36.41 45.01 -0.38
C GLN F 341 -35.12 44.90 0.45
N MET F 342 -34.29 43.91 0.19
CA MET F 342 -33.14 43.70 1.06
C MET F 342 -32.18 44.90 1.02
N LEU F 343 -32.05 45.56 -0.12
CA LEU F 343 -31.24 46.78 -0.20
C LEU F 343 -31.98 47.86 -1.01
N GLU F 344 -33.16 48.28 -0.55
CA GLU F 344 -33.98 49.11 -1.43
C GLU F 344 -33.58 50.59 -1.40
N SER F 345 -32.89 51.05 -0.36
CA SER F 345 -32.13 52.29 -0.37
C SER F 345 -31.39 52.49 -1.71
N MET F 346 -30.99 51.40 -2.34
CA MET F 346 -30.03 51.44 -3.42
C MET F 346 -30.66 51.49 -4.80
N ILE F 347 -32.00 51.53 -4.85
CA ILE F 347 -32.70 51.87 -6.08
C ILE F 347 -32.31 53.26 -6.56
N THR F 348 -31.96 54.16 -5.63
CA THR F 348 -31.49 55.51 -5.94
C THR F 348 -30.15 55.88 -5.33
N LYS F 349 -29.69 55.23 -4.21
CA LYS F 349 -28.46 55.67 -3.57
C LYS F 349 -27.32 54.66 -3.76
N PRO F 350 -26.07 55.12 -3.79
CA PRO F 350 -24.98 54.15 -4.04
C PRO F 350 -24.80 53.21 -2.88
N ARG F 351 -24.83 53.71 -1.62
CA ARG F 351 -24.58 53.05 -0.34
C ARG F 351 -25.90 52.71 0.36
N PRO F 352 -26.01 51.49 0.90
CA PRO F 352 -27.25 51.07 1.55
C PRO F 352 -27.28 51.40 3.03
N THR F 353 -28.44 51.20 3.62
CA THR F 353 -28.64 51.56 5.01
C THR F 353 -28.01 50.50 5.92
N ARG F 354 -27.89 50.85 7.21
CA ARG F 354 -27.48 49.85 8.19
C ARG F 354 -28.51 48.73 8.30
N ALA F 355 -29.80 49.04 8.11
CA ALA F 355 -30.83 48.02 8.20
C ALA F 355 -30.75 47.02 7.05
N GLU F 356 -30.25 47.45 5.92
CA GLU F 356 -30.21 46.58 4.74
C GLU F 356 -28.94 45.72 4.71
N THR F 357 -27.79 46.27 5.10
CA THR F 357 -26.62 45.46 5.32
C THR F 357 -26.97 44.32 6.29
N SER F 358 -27.54 44.68 7.45
CA SER F 358 -27.97 43.70 8.45
C SER F 358 -28.97 42.71 7.88
N ASP F 359 -29.93 43.17 7.09
CA ASP F 359 -30.96 42.26 6.62
C ASP F 359 -30.36 41.16 5.77
N VAL F 360 -29.37 41.48 4.93
CA VAL F 360 -28.84 40.49 3.99
C VAL F 360 -27.97 39.48 4.73
N ALA F 361 -27.23 39.92 5.76
CA ALA F 361 -26.40 39.02 6.55
C ALA F 361 -27.28 38.04 7.34
N ASN F 362 -28.32 38.53 7.98
CA ASN F 362 -29.18 37.65 8.77
C ASN F 362 -29.99 36.69 7.90
N ALA F 363 -30.21 36.99 6.63
CA ALA F 363 -30.90 36.01 5.80
C ALA F 363 -29.95 34.87 5.44
N VAL F 364 -28.69 35.20 5.18
CA VAL F 364 -27.66 34.21 4.97
C VAL F 364 -27.46 33.40 6.24
N LEU F 365 -27.39 34.08 7.38
CA LEU F 365 -27.26 33.43 8.65
C LEU F 365 -28.52 32.64 9.02
N ASP F 366 -29.72 33.09 8.61
CA ASP F 366 -30.88 32.22 8.82
C ASP F 366 -30.67 30.90 8.09
N GLY F 367 -29.96 30.89 6.96
CA GLY F 367 -29.79 29.70 6.14
C GLY F 367 -30.43 29.73 4.72
N ALA F 368 -30.70 30.89 4.16
CA ALA F 368 -31.20 31.00 2.80
C ALA F 368 -30.19 30.44 1.82
N ASP F 369 -30.68 29.68 0.84
CA ASP F 369 -29.80 29.31 -0.25
C ASP F 369 -29.48 30.51 -1.13
N CYS F 370 -30.48 31.40 -1.37
CA CYS F 370 -30.37 32.50 -2.33
C CYS F 370 -30.94 33.81 -1.77
N ILE F 371 -30.28 34.92 -2.09
CA ILE F 371 -30.82 36.24 -1.81
C ILE F 371 -31.31 36.83 -3.14
N MET F 372 -32.19 37.84 -3.06
CA MET F 372 -32.81 38.32 -4.29
C MET F 372 -32.82 39.85 -4.34
N LEU F 373 -32.81 40.35 -5.58
CA LEU F 373 -32.83 41.77 -5.90
C LEU F 373 -34.03 42.03 -6.80
N SER F 374 -34.71 43.15 -6.61
CA SER F 374 -35.96 43.39 -7.32
C SER F 374 -36.22 44.89 -7.30
N GLY F 375 -35.87 45.57 -8.37
CA GLY F 375 -36.08 47.00 -8.41
C GLY F 375 -34.78 47.69 -8.15
N GLU F 376 -33.97 47.10 -7.29
CA GLU F 376 -32.58 47.50 -7.20
C GLU F 376 -31.85 47.18 -8.49
N THR F 377 -32.26 46.12 -9.18
CA THR F 377 -31.65 45.78 -10.46
C THR F 377 -32.55 46.16 -11.62
N ALA F 378 -33.83 45.74 -11.59
CA ALA F 378 -34.69 45.92 -12.75
C ALA F 378 -34.75 47.38 -13.17
N LYS F 379 -34.89 48.29 -12.22
CA LYS F 379 -35.14 49.66 -12.58
C LYS F 379 -34.32 50.69 -11.81
N GLY F 380 -33.62 50.32 -10.77
CA GLY F 380 -32.92 51.32 -9.98
C GLY F 380 -31.73 51.90 -10.72
N ASN F 381 -31.15 52.93 -10.11
CA ASN F 381 -29.95 53.56 -10.62
C ASN F 381 -28.61 52.92 -10.20
N PHE F 382 -28.61 51.73 -9.60
CA PHE F 382 -27.31 51.24 -9.16
C PHE F 382 -27.22 49.73 -9.28
N PRO F 383 -27.91 49.15 -10.26
CA PRO F 383 -28.01 47.67 -10.30
C PRO F 383 -26.68 46.97 -10.10
N VAL F 384 -25.60 47.53 -10.64
CA VAL F 384 -24.31 46.89 -10.54
C VAL F 384 -23.76 47.03 -9.13
N GLU F 385 -23.81 48.25 -8.58
CA GLU F 385 -23.33 48.44 -7.21
C GLU F 385 -24.18 47.66 -6.20
N ALA F 386 -25.40 47.23 -6.59
CA ALA F 386 -26.27 46.49 -5.68
C ALA F 386 -25.92 44.99 -5.65
N VAL F 387 -25.79 44.36 -6.82
CA VAL F 387 -25.29 43.00 -6.88
C VAL F 387 -23.91 42.92 -6.24
N LYS F 388 -23.09 43.96 -6.41
CA LYS F 388 -21.77 43.92 -5.78
C LYS F 388 -21.90 43.88 -4.26
N MET F 389 -22.89 44.59 -3.70
CA MET F 389 -23.02 44.69 -2.25
C MET F 389 -23.57 43.40 -1.67
N GLN F 390 -24.59 42.85 -2.31
CA GLN F 390 -25.12 41.58 -1.86
C GLN F 390 -24.05 40.51 -1.92
N HIS F 391 -23.37 40.36 -3.06
CA HIS F 391 -22.22 39.47 -3.10
C HIS F 391 -21.31 39.78 -1.92
N ALA F 392 -21.04 41.07 -1.69
CA ALA F 392 -20.09 41.47 -0.66
C ALA F 392 -20.58 41.13 0.74
N ILE F 393 -21.90 41.10 0.93
CA ILE F 393 -22.45 40.84 2.25
C ILE F 393 -22.54 39.32 2.48
N ALA F 394 -23.04 38.55 1.49
CA ALA F 394 -23.16 37.12 1.68
C ALA F 394 -21.84 36.52 2.12
N ARG F 395 -20.75 36.88 1.43
CA ARG F 395 -19.45 36.30 1.69
C ARG F 395 -19.02 36.48 3.15
N GLU F 396 -19.18 37.69 3.69
CA GLU F 396 -18.71 37.92 5.05
C GLU F 396 -19.58 37.15 6.05
N ALA F 397 -20.86 36.97 5.76
CA ALA F 397 -21.77 36.26 6.63
C ALA F 397 -21.63 34.74 6.53
N GLU F 398 -21.19 34.23 5.37
CA GLU F 398 -21.00 32.79 5.22
C GLU F 398 -19.86 32.30 6.09
N ALA F 399 -18.76 33.05 6.16
CA ALA F 399 -17.70 32.68 7.06
C ALA F 399 -18.12 32.83 8.51
N ALA F 400 -19.15 33.61 8.78
CA ALA F 400 -19.62 33.85 10.14
C ALA F 400 -20.59 32.76 10.60
N VAL F 401 -20.82 31.76 9.81
CA VAL F 401 -21.79 30.72 10.15
C VAL F 401 -21.21 29.73 11.17
N TYR F 402 -22.03 29.35 12.15
CA TYR F 402 -21.61 28.44 13.21
C TYR F 402 -21.85 26.99 12.78
N HIS F 403 -20.97 26.48 11.91
CA HIS F 403 -21.09 25.11 11.42
C HIS F 403 -21.20 24.08 12.51
N ARG F 404 -20.51 24.27 13.62
CA ARG F 404 -20.49 23.22 14.64
C ARG F 404 -21.90 22.93 15.16
N GLN F 405 -22.71 23.97 15.40
CA GLN F 405 -24.07 23.73 15.84
C GLN F 405 -24.99 23.28 14.69
N LEU F 406 -24.83 23.87 13.51
CA LEU F 406 -25.67 23.53 12.36
C LEU F 406 -25.51 22.07 11.97
N PHE F 407 -24.27 21.59 11.82
CA PHE F 407 -24.05 20.18 11.48
C PHE F 407 -24.62 19.27 12.56
N GLU F 408 -24.31 19.55 13.83
CA GLU F 408 -24.80 18.70 14.91
C GLU F 408 -26.32 18.61 14.94
N GLU F 409 -27.03 19.71 14.64
CA GLU F 409 -28.48 19.70 14.77
C GLU F 409 -29.16 19.00 13.60
N LEU F 410 -28.60 19.10 12.39
CA LEU F 410 -29.11 18.29 11.28
C LEU F 410 -28.99 16.81 11.58
N ARG F 411 -27.86 16.41 12.15
CA ARG F 411 -27.68 14.99 12.47
C ARG F 411 -28.61 14.56 13.58
N ARG F 412 -28.74 15.37 14.63
CA ARG F 412 -29.70 15.04 15.66
C ARG F 412 -31.11 15.06 15.08
N ALA F 413 -31.49 16.13 14.38
CA ALA F 413 -32.88 16.26 13.98
C ALA F 413 -33.24 15.36 12.80
N ALA F 414 -32.35 15.28 11.79
CA ALA F 414 -32.61 14.52 10.57
C ALA F 414 -32.70 13.02 10.84
N PRO F 415 -33.49 12.32 10.04
CA PRO F 415 -33.67 10.89 10.23
C PRO F 415 -32.56 10.08 9.60
N LEU F 416 -32.34 8.90 10.16
CA LEU F 416 -31.56 7.89 9.46
C LEU F 416 -31.95 7.91 7.98
N SER F 417 -31.05 7.46 7.10
CA SER F 417 -31.36 7.33 5.70
C SER F 417 -30.73 6.05 5.17
N ARG F 418 -31.43 5.36 4.30
CA ARG F 418 -30.84 4.23 3.60
C ARG F 418 -30.50 4.58 2.18
N ASP F 419 -30.50 5.85 1.84
CA ASP F 419 -30.15 6.27 0.50
C ASP F 419 -28.63 6.36 0.38
N PRO F 420 -28.00 5.52 -0.44
CA PRO F 420 -26.53 5.56 -0.53
C PRO F 420 -26.00 6.92 -0.90
N THR F 421 -26.78 7.71 -1.61
CA THR F 421 -26.33 9.04 -1.99
C THR F 421 -26.33 9.99 -0.80
N GLU F 422 -27.35 9.92 0.07
CA GLU F 422 -27.37 10.75 1.27
C GLU F 422 -26.33 10.29 2.28
N VAL F 423 -26.17 8.98 2.42
CA VAL F 423 -25.14 8.41 3.28
C VAL F 423 -23.76 8.89 2.86
N THR F 424 -23.47 8.84 1.56
CA THR F 424 -22.16 9.24 1.04
C THR F 424 -21.95 10.73 1.21
N ALA F 425 -23.03 11.51 1.15
CA ALA F 425 -22.91 12.95 1.20
C ALA F 425 -22.47 13.41 2.59
N ILE F 426 -23.21 13.02 3.63
CA ILE F 426 -22.83 13.40 4.99
C ILE F 426 -21.43 12.88 5.32
N GLY F 427 -21.13 11.66 4.89
CA GLY F 427 -19.76 11.14 5.00
C GLY F 427 -18.76 12.08 4.40
N ALA F 428 -19.04 12.59 3.20
CA ALA F 428 -18.08 13.46 2.54
C ALA F 428 -17.98 14.82 3.23
N VAL F 429 -19.08 15.28 3.85
CA VAL F 429 -19.05 16.63 4.39
C VAL F 429 -18.33 16.62 5.73
N GLU F 430 -18.50 15.52 6.48
CA GLU F 430 -17.71 15.27 7.68
C GLU F 430 -16.24 15.24 7.35
N ALA F 431 -15.88 14.49 6.29
CA ALA F 431 -14.49 14.44 5.85
C ALA F 431 -13.96 15.84 5.58
N ALA F 432 -14.70 16.61 4.77
CA ALA F 432 -14.32 17.98 4.45
C ALA F 432 -13.94 18.75 5.71
N PHE F 433 -14.77 18.65 6.73
CA PHE F 433 -14.48 19.43 7.92
C PHE F 433 -13.19 18.95 8.57
N LYS F 434 -12.96 17.63 8.60
CA LYS F 434 -11.82 17.06 9.32
C LYS F 434 -10.47 17.52 8.78
N CYS F 435 -10.37 17.81 7.50
CA CYS F 435 -9.11 18.20 6.87
C CYS F 435 -9.11 19.64 6.36
N CYS F 436 -10.17 20.40 6.64
CA CYS F 436 -10.39 21.72 6.05
C CYS F 436 -10.23 21.70 4.53
N ALA F 437 -10.78 20.65 3.92
CA ALA F 437 -10.72 20.52 2.47
C ALA F 437 -11.07 21.86 1.83
N ALA F 438 -10.46 22.15 0.69
CA ALA F 438 -10.89 23.36 -0.01
C ALA F 438 -12.14 23.14 -0.84
N ALA F 439 -12.41 21.92 -1.29
CA ALA F 439 -13.58 21.70 -2.11
C ALA F 439 -14.08 20.29 -1.92
N ILE F 440 -15.34 20.08 -2.22
CA ILE F 440 -15.86 18.77 -2.54
C ILE F 440 -16.16 18.82 -4.03
N ILE F 441 -15.54 17.94 -4.78
CA ILE F 441 -15.78 17.79 -6.21
C ILE F 441 -16.77 16.66 -6.37
N VAL F 442 -17.94 16.96 -6.95
CA VAL F 442 -19.00 15.96 -7.11
C VAL F 442 -19.37 15.78 -8.59
N LEU F 443 -19.50 14.51 -9.02
CA LEU F 443 -20.00 14.18 -10.35
C LEU F 443 -21.50 13.99 -10.25
N THR F 444 -22.25 14.92 -10.86
CA THR F 444 -23.72 14.91 -10.84
C THR F 444 -24.26 15.14 -12.24
N THR F 445 -25.20 14.29 -12.64
CA THR F 445 -25.97 14.53 -13.86
C THR F 445 -27.17 15.44 -13.62
N THR F 446 -28.08 15.03 -12.71
CA THR F 446 -29.31 15.78 -12.45
C THR F 446 -29.18 16.93 -11.45
N GLY F 447 -28.13 16.97 -10.63
CA GLY F 447 -27.94 18.01 -9.63
C GLY F 447 -28.18 17.54 -8.20
N ARG F 448 -28.77 16.36 -8.01
CA ARG F 448 -29.20 15.96 -6.69
C ARG F 448 -28.03 15.71 -5.74
N SER F 449 -26.92 15.16 -6.25
CA SER F 449 -25.75 14.86 -5.43
C SER F 449 -25.15 16.12 -4.84
N ALA F 450 -24.87 17.12 -5.66
CA ALA F 450 -24.47 18.41 -5.13
C ALA F 450 -25.46 18.89 -4.08
N GLN F 451 -26.76 18.72 -4.35
CA GLN F 451 -27.80 19.23 -3.46
C GLN F 451 -27.73 18.53 -2.10
N LEU F 452 -27.61 17.19 -2.11
CA LEU F 452 -27.54 16.47 -0.88
C LEU F 452 -26.33 16.91 -0.06
N LEU F 453 -25.20 17.20 -0.73
CA LEU F 453 -24.06 17.80 -0.06
C LEU F 453 -24.39 19.19 0.46
N SER F 454 -24.98 20.04 -0.40
CA SER F 454 -25.30 21.41 0.01
C SER F 454 -26.11 21.46 1.30
N ARG F 455 -26.86 20.40 1.59
CA ARG F 455 -27.80 20.46 2.72
C ARG F 455 -27.08 20.62 4.04
N TYR F 456 -25.89 20.01 4.19
CA TYR F 456 -25.04 20.11 5.38
C TYR F 456 -24.19 21.38 5.41
N ARG F 457 -24.25 22.19 4.40
CA ARG F 457 -23.60 23.51 4.40
C ARG F 457 -22.12 23.34 4.69
N PRO F 458 -21.44 22.54 3.87
CA PRO F 458 -19.99 22.46 3.98
C PRO F 458 -19.39 23.85 3.91
N ARG F 459 -18.29 24.04 4.64
CA ARG F 459 -17.45 25.21 4.41
C ARG F 459 -16.71 25.07 3.08
N ALA F 460 -16.21 23.88 2.79
CA ALA F 460 -15.65 23.59 1.48
C ALA F 460 -16.66 23.85 0.36
N ALA F 461 -16.18 24.44 -0.71
CA ALA F 461 -16.97 24.62 -1.92
C ALA F 461 -17.33 23.30 -2.55
N VAL F 462 -18.59 23.19 -2.99
CA VAL F 462 -19.01 22.04 -3.79
C VAL F 462 -18.87 22.43 -5.26
N ILE F 463 -17.88 21.84 -5.93
CA ILE F 463 -17.67 22.02 -7.35
C ILE F 463 -18.40 20.88 -8.05
N ALA F 464 -19.51 21.21 -8.69
CA ALA F 464 -20.38 20.23 -9.34
C ALA F 464 -20.11 20.20 -10.84
N VAL F 465 -19.63 19.05 -11.31
CA VAL F 465 -19.24 18.82 -12.69
C VAL F 465 -20.31 17.95 -13.31
N THR F 466 -20.97 18.47 -14.35
CA THR F 466 -22.11 17.79 -14.96
C THR F 466 -21.99 17.87 -16.47
N ARG F 467 -22.72 16.99 -17.16
CA ARG F 467 -22.85 17.10 -18.61
C ARG F 467 -24.04 17.98 -19.02
N SER F 468 -25.14 17.94 -18.27
CA SER F 468 -26.32 18.75 -18.57
C SER F 468 -26.09 20.22 -18.33
N ALA F 469 -26.35 21.04 -19.34
CA ALA F 469 -26.24 22.49 -19.13
C ALA F 469 -27.39 23.05 -18.28
N GLN F 470 -28.53 22.37 -18.22
CA GLN F 470 -29.62 22.85 -17.39
C GLN F 470 -29.28 22.67 -15.91
N ALA F 471 -29.01 21.42 -15.49
CA ALA F 471 -28.57 21.18 -14.12
C ALA F 471 -27.50 22.21 -13.68
N ALA F 472 -26.49 22.45 -14.51
CA ALA F 472 -25.51 23.47 -14.19
C ALA F 472 -26.16 24.79 -13.83
N ARG F 473 -27.19 25.20 -14.57
CA ARG F 473 -27.89 26.44 -14.24
C ARG F 473 -28.74 26.25 -12.98
N GLN F 474 -29.38 25.07 -12.85
CA GLN F 474 -30.38 24.85 -11.81
C GLN F 474 -29.76 24.71 -10.42
N VAL F 475 -28.49 24.28 -10.30
CA VAL F 475 -27.94 24.08 -8.97
C VAL F 475 -27.52 25.38 -8.28
N HIS F 476 -27.54 26.51 -8.99
CA HIS F 476 -27.45 27.80 -8.30
C HIS F 476 -28.58 28.00 -7.29
N LEU F 477 -29.57 27.11 -7.24
CA LEU F 477 -30.54 27.10 -6.15
C LEU F 477 -29.90 26.70 -4.81
N CYS F 478 -28.85 25.87 -4.85
CA CYS F 478 -28.24 25.30 -3.65
C CYS F 478 -27.04 26.10 -3.18
N ARG F 479 -27.09 26.58 -1.97
CA ARG F 479 -25.96 27.31 -1.44
C ARG F 479 -24.68 26.50 -1.57
N GLY F 480 -23.61 27.18 -1.98
CA GLY F 480 -22.27 26.61 -2.07
C GLY F 480 -22.00 25.65 -3.19
N VAL F 481 -22.85 25.59 -4.22
CA VAL F 481 -22.63 24.73 -5.38
C VAL F 481 -22.24 25.58 -6.59
N PHE F 482 -20.99 25.41 -7.02
CA PHE F 482 -20.45 26.03 -8.21
C PHE F 482 -20.44 25.04 -9.34
N PRO F 483 -21.32 25.18 -10.33
CA PRO F 483 -21.38 24.21 -11.44
C PRO F 483 -20.27 24.42 -12.45
N LEU F 484 -19.72 23.34 -12.97
CA LEU F 484 -18.88 23.43 -14.14
C LEU F 484 -19.30 22.43 -15.20
N LEU F 485 -19.36 22.91 -16.45
CA LEU F 485 -19.99 22.21 -17.55
C LEU F 485 -18.92 21.45 -18.33
N TYR F 486 -19.13 20.15 -18.48
CA TYR F 486 -18.22 19.25 -19.15
C TYR F 486 -18.84 18.83 -20.48
N ARG F 487 -18.14 19.08 -21.58
CA ARG F 487 -18.65 18.78 -22.91
C ARG F 487 -17.80 17.75 -23.67
N GLU F 488 -16.87 17.05 -23.00
CA GLU F 488 -16.19 15.95 -23.71
C GLU F 488 -17.10 14.72 -23.77
N PRO F 489 -16.89 13.86 -24.76
CA PRO F 489 -17.85 12.77 -25.02
C PRO F 489 -17.55 11.56 -24.17
N PRO F 490 -18.58 10.77 -23.81
CA PRO F 490 -18.37 9.58 -22.95
C PRO F 490 -17.17 8.74 -23.31
N GLU F 491 -16.07 8.82 -22.56
CA GLU F 491 -14.94 7.97 -22.86
C GLU F 491 -15.39 6.51 -22.82
N ALA F 492 -14.56 5.66 -23.43
CA ALA F 492 -14.91 4.25 -23.52
C ALA F 492 -15.09 3.66 -22.13
N ILE F 493 -14.10 3.86 -21.28
CA ILE F 493 -14.06 3.23 -19.97
C ILE F 493 -14.70 4.16 -18.96
N TRP F 494 -15.66 3.62 -18.21
CA TRP F 494 -16.29 4.36 -17.12
C TRP F 494 -15.25 5.05 -16.23
N ALA F 495 -14.41 4.24 -15.57
CA ALA F 495 -13.39 4.79 -14.66
C ALA F 495 -12.66 5.95 -15.29
N ASP F 496 -12.32 5.85 -16.58
CA ASP F 496 -11.58 6.90 -17.24
C ASP F 496 -12.46 8.10 -17.54
N ASP F 497 -13.72 7.85 -17.93
CA ASP F 497 -14.64 8.97 -18.12
C ASP F 497 -14.79 9.74 -16.80
N VAL F 498 -14.72 9.03 -15.68
CA VAL F 498 -14.84 9.67 -14.37
C VAL F 498 -13.58 10.42 -14.00
N ASP F 499 -12.42 9.78 -14.11
CA ASP F 499 -11.18 10.45 -13.72
C ASP F 499 -10.93 11.66 -14.60
N ARG F 500 -11.26 11.57 -15.89
CA ARG F 500 -11.17 12.77 -16.75
C ARG F 500 -12.08 13.87 -16.20
N ARG F 501 -13.33 13.50 -15.90
CA ARG F 501 -14.26 14.46 -15.31
C ARG F 501 -13.72 15.05 -14.02
N VAL F 502 -13.09 14.22 -13.17
CA VAL F 502 -12.59 14.71 -11.89
C VAL F 502 -11.40 15.65 -12.12
N GLN F 503 -10.55 15.34 -13.11
CA GLN F 503 -9.41 16.22 -13.38
C GLN F 503 -9.84 17.56 -13.96
N PHE F 504 -10.96 17.58 -14.69
CA PHE F 504 -11.47 18.84 -15.21
C PHE F 504 -11.80 19.80 -14.07
N GLY F 505 -12.54 19.32 -13.07
CA GLY F 505 -12.95 20.19 -11.98
C GLY F 505 -11.80 20.66 -11.10
N ILE F 506 -10.81 19.79 -10.87
CA ILE F 506 -9.58 20.21 -10.22
C ILE F 506 -8.93 21.37 -10.98
N GLU F 507 -8.80 21.20 -12.30
CA GLU F 507 -8.13 22.22 -13.11
C GLU F 507 -8.89 23.56 -13.06
N SER F 508 -10.21 23.52 -13.17
CA SER F 508 -10.99 24.76 -13.08
C SER F 508 -10.88 25.40 -11.71
N GLY F 509 -10.86 24.59 -10.66
CA GLY F 509 -10.77 25.16 -9.32
C GLY F 509 -9.45 25.87 -9.09
N LYS F 510 -8.35 25.24 -9.51
CA LYS F 510 -7.03 25.88 -9.48
C LYS F 510 -7.08 27.23 -10.17
N LEU F 511 -7.31 27.20 -11.49
CA LEU F 511 -7.48 28.42 -12.26
C LEU F 511 -8.38 29.42 -11.53
N ARG F 512 -9.60 28.99 -11.19
CA ARG F 512 -10.56 29.91 -10.59
C ARG F 512 -10.17 30.34 -9.18
N GLY F 513 -9.11 29.76 -8.61
CA GLY F 513 -8.70 30.08 -7.26
C GLY F 513 -9.35 29.25 -6.16
N PHE F 514 -10.30 28.38 -6.50
CA PHE F 514 -10.87 27.47 -5.52
C PHE F 514 -9.77 26.63 -4.84
N LEU F 515 -8.77 26.17 -5.60
CA LEU F 515 -7.82 25.17 -5.11
C LEU F 515 -6.37 25.63 -5.26
N ARG F 516 -5.50 25.01 -4.48
CA ARG F 516 -4.06 25.15 -4.64
C ARG F 516 -3.39 23.78 -4.52
N VAL F 517 -2.22 23.65 -5.14
CA VAL F 517 -1.34 22.53 -4.84
C VAL F 517 -1.09 22.50 -3.35
N GLY F 518 -1.19 21.31 -2.78
CA GLY F 518 -1.13 21.12 -1.35
C GLY F 518 -2.49 20.94 -0.70
N ASP F 519 -3.54 21.45 -1.34
CA ASP F 519 -4.89 21.29 -0.84
C ASP F 519 -5.32 19.82 -0.88
N LEU F 520 -6.18 19.47 0.09
CA LEU F 520 -6.96 18.24 0.05
C LEU F 520 -8.37 18.52 -0.48
N VAL F 521 -8.87 17.63 -1.34
CA VAL F 521 -10.24 17.76 -1.81
C VAL F 521 -10.99 16.49 -1.44
N ILE F 522 -12.31 16.60 -1.38
CA ILE F 522 -13.18 15.44 -1.25
C ILE F 522 -13.87 15.23 -2.59
N VAL F 523 -13.88 13.97 -3.06
CA VAL F 523 -14.42 13.65 -4.39
C VAL F 523 -15.55 12.68 -4.20
N VAL F 524 -16.71 12.98 -4.80
CA VAL F 524 -17.88 12.11 -4.71
C VAL F 524 -18.29 11.69 -6.13
N THR F 525 -18.58 10.40 -6.30
CA THR F 525 -18.89 9.85 -7.59
C THR F 525 -19.75 8.61 -7.39
N GLY F 526 -19.98 7.88 -8.50
CA GLY F 526 -20.67 6.62 -8.44
C GLY F 526 -19.85 5.53 -9.10
N TRP F 527 -20.27 4.28 -8.90
CA TRP F 527 -19.60 3.11 -9.44
C TRP F 527 -20.09 2.72 -10.84
N ARG F 528 -21.21 3.28 -11.29
CA ARG F 528 -21.72 3.12 -12.64
C ARG F 528 -22.67 4.28 -12.94
N PRO F 529 -23.08 4.42 -14.20
CA PRO F 529 -24.13 5.39 -14.54
C PRO F 529 -25.54 4.79 -14.41
N GLU F 531 -26.59 9.46 -12.14
CA GLU F 531 -26.88 10.02 -10.82
C GLU F 531 -27.41 8.96 -9.88
N GLY F 532 -28.16 8.01 -10.45
CA GLY F 532 -28.63 6.88 -9.68
C GLY F 532 -27.51 6.31 -8.84
N TYR F 533 -27.43 6.78 -7.60
CA TYR F 533 -26.47 6.29 -6.61
C TYR F 533 -25.01 6.63 -6.96
N THR F 534 -24.64 7.88 -6.68
CA THR F 534 -23.27 8.19 -6.35
C THR F 534 -23.02 7.62 -4.96
N ASN F 535 -22.04 6.72 -4.84
CA ASN F 535 -21.88 6.01 -3.59
C ASN F 535 -20.39 5.85 -3.23
N ILE F 536 -19.55 6.80 -3.65
CA ILE F 536 -18.11 6.71 -3.46
C ILE F 536 -17.58 8.05 -3.04
N MET F 537 -16.80 8.07 -1.97
CA MET F 537 -16.14 9.28 -1.49
C MET F 537 -14.65 9.00 -1.41
N ARG F 538 -13.85 9.91 -1.96
CA ARG F 538 -12.40 9.75 -1.97
C ARG F 538 -11.75 10.98 -1.38
N VAL F 539 -10.64 10.76 -0.68
CA VAL F 539 -9.80 11.84 -0.16
C VAL F 539 -8.55 11.89 -1.05
N LEU F 540 -8.39 13.02 -1.77
CA LEU F 540 -7.36 13.21 -2.78
C LEU F 540 -6.55 14.48 -2.54
N SER F 541 -5.22 14.36 -2.68
CA SER F 541 -4.32 15.51 -2.60
C SER F 541 -4.11 16.17 -3.96
N ILE F 542 -4.09 17.50 -3.96
CA ILE F 542 -3.89 18.28 -5.17
C ILE F 542 -2.40 18.48 -5.41
N SER F 543 -2.00 18.22 -6.65
CA SER F 543 -0.62 18.28 -7.10
C SER F 543 -0.54 19.16 -8.34
N LEU G 20 -52.47 27.98 33.32
CA LEU G 20 -53.35 26.82 33.32
C LEU G 20 -54.35 26.83 32.17
N GLY G 21 -54.49 27.98 31.51
CA GLY G 21 -55.36 28.06 30.35
C GLY G 21 -55.06 27.04 29.26
N THR G 22 -56.03 26.75 28.41
CA THR G 22 -55.79 25.81 27.31
C THR G 22 -55.15 26.49 26.09
N ALA G 23 -55.15 27.82 26.05
CA ALA G 23 -54.39 28.56 25.06
C ALA G 23 -53.06 29.04 25.64
N PHE G 24 -52.75 28.65 26.87
CA PHE G 24 -51.52 29.14 27.48
C PHE G 24 -50.30 28.78 26.64
N PHE G 25 -50.26 27.53 26.17
CA PHE G 25 -49.10 26.97 25.51
C PHE G 25 -49.19 27.06 24.01
N GLN G 26 -50.19 27.75 23.50
CA GLN G 26 -50.12 28.26 22.14
C GLN G 26 -49.43 29.61 22.10
N GLN G 27 -49.49 30.40 23.16
CA GLN G 27 -49.08 31.78 23.08
C GLN G 27 -47.58 31.93 23.29
N GLN G 28 -47.08 33.14 23.00
CA GLN G 28 -45.70 33.55 23.19
C GLN G 28 -44.70 32.47 22.76
N GLN G 29 -44.97 31.88 21.59
CA GLN G 29 -44.07 30.91 20.96
C GLN G 29 -43.66 29.75 21.89
N LEU G 30 -44.49 29.37 22.87
CA LEU G 30 -44.09 28.33 23.80
C LEU G 30 -43.86 26.97 23.12
N PRO G 31 -44.52 26.60 22.03
CA PRO G 31 -44.11 25.36 21.33
C PRO G 31 -42.69 25.44 20.78
N ALA G 32 -42.27 26.60 20.29
CA ALA G 32 -40.92 26.72 19.76
C ALA G 32 -39.89 26.77 20.87
N ALA G 33 -40.30 27.17 22.08
CA ALA G 33 -39.38 27.36 23.20
C ALA G 33 -38.94 26.03 23.81
N MET G 34 -39.73 24.99 23.65
CA MET G 34 -39.47 23.68 24.26
C MET G 34 -38.76 22.73 23.31
N ALA G 35 -38.45 23.20 22.11
CA ALA G 35 -37.78 22.37 21.10
C ALA G 35 -36.39 21.98 21.60
N ASP G 36 -35.97 20.78 21.20
CA ASP G 36 -34.71 20.25 21.68
C ASP G 36 -33.50 20.75 20.90
N THR G 37 -33.69 21.34 19.71
CA THR G 37 -32.63 22.01 18.97
C THR G 37 -33.04 23.45 18.64
N PHE G 38 -32.05 24.30 18.38
CA PHE G 38 -32.34 25.62 17.82
C PHE G 38 -33.03 25.51 16.46
N LEU G 39 -32.52 24.63 15.60
CA LEU G 39 -33.16 24.40 14.32
C LEU G 39 -34.64 24.07 14.45
N GLU G 40 -34.98 23.10 15.30
CA GLU G 40 -36.37 22.77 15.54
C GLU G 40 -37.12 23.94 16.15
N HIS G 41 -36.45 24.76 16.96
CA HIS G 41 -37.12 25.93 17.51
C HIS G 41 -37.55 26.86 16.40
N LEU G 42 -36.67 27.04 15.40
CA LEU G 42 -36.97 27.87 14.23
C LEU G 42 -38.14 27.29 13.44
N CYS G 43 -38.14 25.97 13.22
CA CYS G 43 -39.22 25.36 12.46
C CYS G 43 -40.56 25.51 13.15
N LEU G 44 -40.58 25.66 14.48
CA LEU G 44 -41.84 25.70 15.20
C LEU G 44 -42.30 27.12 15.43
N LEU G 45 -41.51 28.13 15.09
CA LEU G 45 -42.02 29.49 15.21
C LEU G 45 -43.36 29.59 14.46
N ASP G 46 -44.32 30.30 15.07
CA ASP G 46 -45.70 30.30 14.60
C ASP G 46 -46.25 31.72 14.58
N ILE G 47 -46.83 32.14 13.44
CA ILE G 47 -47.29 33.54 13.32
C ILE G 47 -48.64 33.78 14.00
N ASP G 48 -49.41 32.72 14.25
CA ASP G 48 -50.60 32.78 15.07
C ASP G 48 -50.33 32.71 16.56
N SER G 49 -49.07 32.65 16.99
CA SER G 49 -48.75 32.53 18.41
C SER G 49 -48.62 33.93 18.96
N GLU G 50 -49.60 34.37 19.69
CA GLU G 50 -49.68 35.79 20.02
C GLU G 50 -48.80 36.13 21.21
N PRO G 51 -48.01 37.14 21.12
CA PRO G 51 -47.04 37.40 22.19
C PRO G 51 -47.67 38.16 23.34
N VAL G 52 -48.19 37.43 24.31
CA VAL G 52 -48.95 38.07 25.39
C VAL G 52 -48.10 38.61 26.52
N ALA G 53 -46.80 38.38 26.55
CA ALA G 53 -45.99 39.04 27.55
C ALA G 53 -45.61 40.42 27.03
N ALA G 54 -45.19 41.29 27.95
CA ALA G 54 -45.05 42.69 27.66
C ALA G 54 -43.72 43.00 27.02
N ARG G 55 -43.75 43.77 25.93
CA ARG G 55 -42.53 44.25 25.31
C ARG G 55 -41.59 44.72 26.39
N SER G 56 -40.34 44.24 26.30
CA SER G 56 -39.34 44.44 27.33
C SER G 56 -38.11 45.18 26.86
N THR G 57 -37.90 45.33 25.55
CA THR G 57 -36.73 46.04 25.02
C THR G 57 -36.97 47.54 25.01
N SER G 58 -36.14 48.31 25.68
CA SER G 58 -36.34 49.76 25.72
C SER G 58 -36.14 50.39 24.35
N ILE G 59 -37.02 51.34 24.04
CA ILE G 59 -36.90 52.18 22.85
C ILE G 59 -36.32 53.53 23.25
N ILE G 60 -35.26 53.92 22.56
CA ILE G 60 -34.63 55.22 22.71
C ILE G 60 -35.06 56.08 21.54
N ALA G 61 -35.65 57.25 21.81
CA ALA G 61 -36.08 58.18 20.76
C ALA G 61 -35.26 59.47 20.81
N THR G 62 -34.64 59.80 19.68
CA THR G 62 -33.93 61.05 19.55
C THR G 62 -34.95 62.17 19.34
N ILE G 63 -34.84 63.21 20.13
CA ILE G 63 -35.82 64.29 20.03
C ILE G 63 -35.28 65.39 19.11
N GLY G 64 -36.19 65.89 18.27
CA GLY G 64 -35.97 67.06 17.46
C GLY G 64 -37.30 67.70 17.10
N PRO G 65 -37.31 68.53 16.07
CA PRO G 65 -38.56 69.10 15.57
C PRO G 65 -39.75 68.14 15.52
N ALA G 66 -39.54 66.92 14.99
CA ALA G 66 -40.65 66.00 14.82
C ALA G 66 -41.28 65.64 16.14
N SER G 67 -40.61 65.92 17.24
CA SER G 67 -41.02 65.35 18.53
C SER G 67 -40.55 66.28 19.65
N ARG G 68 -40.79 67.58 19.47
CA ARG G 68 -40.35 68.62 20.38
C ARG G 68 -41.42 69.02 21.39
N SER G 69 -42.69 68.88 21.02
CA SER G 69 -43.80 69.43 21.78
C SER G 69 -44.18 68.55 22.97
N VAL G 70 -44.65 69.21 24.03
CA VAL G 70 -45.14 68.50 25.22
C VAL G 70 -46.21 67.46 24.85
N GLU G 71 -47.14 67.80 23.96
CA GLU G 71 -48.20 66.88 23.61
C GLU G 71 -47.81 65.90 22.51
N ARG G 72 -46.78 66.23 21.73
CA ARG G 72 -46.14 65.26 20.85
C ARG G 72 -45.55 64.14 21.71
N LEU G 73 -44.54 64.49 22.52
CA LEU G 73 -44.02 63.66 23.60
C LEU G 73 -45.10 62.82 24.26
N LYS G 74 -46.11 63.48 24.85
CA LYS G 74 -47.10 62.76 25.63
C LYS G 74 -47.66 61.57 24.88
N GLU G 75 -47.71 61.63 23.55
CA GLU G 75 -48.28 60.56 22.77
C GLU G 75 -47.23 59.54 22.35
N MET G 76 -45.98 59.96 22.21
CA MET G 76 -44.89 58.99 22.14
C MET G 76 -44.96 58.09 23.36
N ILE G 77 -44.76 58.68 24.56
CA ILE G 77 -44.86 58.01 25.84
C ILE G 77 -45.98 57.01 25.86
N LYS G 78 -47.15 57.37 25.30
CA LYS G 78 -48.20 56.38 25.16
C LYS G 78 -47.77 55.27 24.20
N ALA G 79 -46.97 55.62 23.19
CA ALA G 79 -46.57 54.68 22.17
C ALA G 79 -45.42 53.79 22.58
N GLY G 80 -44.61 54.19 23.57
CA GLY G 80 -43.58 53.35 24.14
C GLY G 80 -42.18 53.93 24.33
N MET G 81 -41.94 55.21 24.03
CA MET G 81 -40.60 55.74 24.28
C MET G 81 -40.26 55.60 25.76
N ASN G 82 -39.06 55.12 26.01
CA ASN G 82 -38.57 54.95 27.36
C ASN G 82 -37.38 55.81 27.65
N ILE G 83 -36.66 56.22 26.62
CA ILE G 83 -35.48 57.08 26.75
C ILE G 83 -35.54 58.15 25.67
N ALA G 84 -35.26 59.40 26.07
CA ALA G 84 -35.17 60.55 25.17
C ALA G 84 -33.69 60.88 24.91
N ARG G 85 -33.29 60.86 23.66
CA ARG G 85 -31.89 61.07 23.31
C ARG G 85 -31.71 62.54 22.88
N LEU G 86 -30.81 63.22 23.56
CA LEU G 86 -30.49 64.61 23.24
C LEU G 86 -29.20 64.65 22.41
N ASN G 87 -29.36 64.99 21.13
CA ASN G 87 -28.24 65.14 20.20
C ASN G 87 -27.56 66.50 20.44
N PHE G 88 -26.40 66.48 21.08
CA PHE G 88 -25.59 67.69 21.23
C PHE G 88 -24.64 67.76 20.02
N SER G 89 -25.19 68.21 18.89
CA SER G 89 -24.41 68.38 17.68
C SER G 89 -25.00 69.42 16.72
N GLU G 94 -28.68 75.01 25.29
CA GLU G 94 -29.80 75.94 25.39
C GLU G 94 -31.16 75.42 24.89
N TYR G 95 -31.22 75.07 23.61
CA TYR G 95 -32.36 74.33 23.08
C TYR G 95 -32.67 73.12 23.95
N HIS G 96 -31.65 72.57 24.61
CA HIS G 96 -31.76 71.30 25.32
C HIS G 96 -32.37 71.46 26.70
N ALA G 97 -32.00 72.52 27.43
CA ALA G 97 -32.76 72.86 28.62
C ALA G 97 -34.24 72.93 28.28
N GLU G 98 -34.58 73.47 27.10
CA GLU G 98 -35.98 73.49 26.67
C GLU G 98 -36.52 72.08 26.52
N SER G 99 -35.85 71.27 25.69
CA SER G 99 -36.23 69.85 25.52
C SER G 99 -36.47 69.14 26.86
N ILE G 100 -35.51 69.25 27.79
CA ILE G 100 -35.59 68.57 29.08
C ILE G 100 -36.91 68.84 29.77
N ALA G 101 -37.20 70.12 30.03
CA ALA G 101 -38.40 70.46 30.80
C ALA G 101 -39.68 70.06 30.06
N ASN G 102 -39.64 70.01 28.72
CA ASN G 102 -40.81 69.53 27.99
C ASN G 102 -41.07 68.07 28.27
N VAL G 103 -39.99 67.27 28.33
CA VAL G 103 -40.11 65.85 28.63
C VAL G 103 -40.51 65.63 30.08
N ARG G 104 -39.88 66.36 31.01
CA ARG G 104 -40.29 66.23 32.41
C ARG G 104 -41.74 66.65 32.59
N GLU G 105 -42.19 67.68 31.83
CA GLU G 105 -43.60 68.09 31.84
C GLU G 105 -44.50 67.01 31.26
N ALA G 106 -44.08 66.38 30.15
CA ALA G 106 -44.89 65.32 29.55
C ALA G 106 -44.91 64.03 30.38
N VAL G 107 -43.88 63.82 31.21
CA VAL G 107 -43.81 62.61 32.03
C VAL G 107 -44.69 62.75 33.28
N GLU G 108 -44.81 63.94 33.85
CA GLU G 108 -45.55 64.05 35.10
C GLU G 108 -47.06 64.15 34.90
N SER G 109 -47.53 64.46 33.69
CA SER G 109 -48.94 64.33 33.33
C SER G 109 -49.54 63.07 33.95
N PHE G 110 -48.74 62.02 34.00
CA PHE G 110 -49.24 60.67 34.17
C PHE G 110 -49.14 60.16 35.61
N ALA G 111 -48.43 60.89 36.47
CA ALA G 111 -48.28 60.55 37.88
C ALA G 111 -49.60 60.81 38.62
N GLY G 112 -50.55 59.90 38.41
CA GLY G 112 -51.86 59.96 39.04
C GLY G 112 -52.74 58.81 38.58
N SER G 116 -49.69 53.05 37.22
CA SER G 116 -49.51 53.22 35.77
C SER G 116 -48.83 54.56 35.43
N TYR G 117 -47.60 54.73 35.91
CA TYR G 117 -46.77 55.90 35.64
C TYR G 117 -45.46 55.42 35.02
N ARG G 118 -45.18 55.89 33.81
CA ARG G 118 -44.01 55.42 33.09
C ARG G 118 -42.84 56.38 33.26
N PRO G 119 -41.80 56.01 34.01
CA PRO G 119 -40.61 56.85 34.05
C PRO G 119 -40.00 56.93 32.68
N VAL G 120 -39.30 58.02 32.47
CA VAL G 120 -38.52 58.19 31.26
C VAL G 120 -37.16 58.69 31.70
N ALA G 121 -36.12 58.20 31.03
CA ALA G 121 -34.78 58.68 31.24
C ALA G 121 -34.43 59.72 30.18
N ILE G 122 -33.45 60.54 30.50
CA ILE G 122 -32.91 61.54 29.58
C ILE G 122 -31.44 61.26 29.40
N ALA G 123 -31.01 61.13 28.14
CA ALA G 123 -29.62 60.85 27.84
C ALA G 123 -29.06 61.91 26.90
N LEU G 124 -27.81 62.30 27.16
CA LEU G 124 -27.10 63.30 26.37
C LEU G 124 -26.11 62.63 25.45
N ASP G 125 -26.27 62.84 24.16
CA ASP G 125 -25.39 62.23 23.15
C ASP G 125 -24.37 63.27 22.67
N THR G 126 -23.16 63.18 23.22
CA THR G 126 -22.10 64.14 22.96
C THR G 126 -21.92 64.41 21.48
N LYS G 127 -21.40 65.62 21.20
CA LYS G 127 -21.01 66.00 19.85
C LYS G 127 -19.88 65.11 19.36
N GLY G 128 -18.73 65.22 20.02
CA GLY G 128 -17.54 64.51 19.61
C GLY G 128 -16.94 65.10 18.35
N PRO G 129 -15.66 64.85 18.13
CA PRO G 129 -14.94 65.45 17.01
C PRO G 129 -15.62 65.53 15.64
N GLU G 130 -15.22 66.50 14.79
CA GLU G 130 -15.51 66.49 13.33
C GLU G 130 -14.19 66.45 12.56
N ASP G 250 -29.29 61.78 33.50
CA ASP G 250 -29.40 60.31 33.63
C ASP G 250 -28.29 59.49 32.91
N ILE G 251 -28.08 59.69 31.61
CA ILE G 251 -27.16 58.86 30.85
C ILE G 251 -26.34 59.65 29.83
N VAL G 252 -25.10 59.22 29.62
CA VAL G 252 -24.18 59.83 28.66
C VAL G 252 -23.91 58.83 27.53
N PHE G 253 -24.20 59.21 26.29
CA PHE G 253 -23.71 58.49 25.12
C PHE G 253 -22.40 59.12 24.63
N ALA G 254 -21.30 58.76 25.28
CA ALA G 254 -20.03 59.43 25.01
C ALA G 254 -19.54 59.07 23.61
N SER G 255 -19.59 60.04 22.69
CA SER G 255 -19.26 59.79 21.29
C SER G 255 -17.80 59.39 21.12
N PHE G 256 -17.57 58.52 20.14
CA PHE G 256 -16.25 58.16 19.61
C PHE G 256 -15.27 57.63 20.65
N VAL G 257 -15.77 56.89 21.64
CA VAL G 257 -14.85 56.22 22.56
C VAL G 257 -13.90 55.34 21.75
N ARG G 258 -12.62 55.33 22.17
CA ARG G 258 -11.56 54.54 21.55
C ARG G 258 -10.71 53.74 22.54
N LYS G 259 -10.79 54.03 23.85
CA LYS G 259 -9.96 53.39 24.85
C LYS G 259 -10.51 53.73 26.22
N ALA G 260 -10.07 52.99 27.23
CA ALA G 260 -10.32 53.34 28.63
C ALA G 260 -10.11 54.85 28.79
N SER G 261 -8.85 55.31 28.79
CA SER G 261 -8.52 56.72 28.97
C SER G 261 -9.69 57.66 28.65
N ASP G 262 -10.27 57.55 27.45
CA ASP G 262 -11.38 58.43 27.07
C ASP G 262 -12.59 58.26 27.96
N VAL G 263 -12.83 57.04 28.45
CA VAL G 263 -13.87 56.87 29.46
C VAL G 263 -13.65 57.87 30.59
N ALA G 264 -12.47 57.82 31.20
CA ALA G 264 -12.22 58.51 32.45
C ALA G 264 -12.22 60.01 32.23
N ALA G 265 -11.88 60.44 31.02
CA ALA G 265 -12.13 61.81 30.58
C ALA G 265 -13.59 62.19 30.77
N VAL G 266 -14.51 61.29 30.41
CA VAL G 266 -15.93 61.56 30.59
C VAL G 266 -16.34 61.31 32.05
N ARG G 267 -15.54 60.53 32.77
CA ARG G 267 -15.76 60.29 34.20
C ARG G 267 -15.57 61.56 35.02
N ALA G 268 -14.48 62.27 34.75
CA ALA G 268 -14.16 63.46 35.50
C ALA G 268 -15.13 64.58 35.17
N ALA G 269 -15.27 64.90 33.88
CA ALA G 269 -16.16 65.98 33.46
C ALA G 269 -17.46 66.00 34.28
N LEU G 270 -18.11 64.86 34.43
CA LEU G 270 -19.30 64.79 35.25
C LEU G 270 -18.98 65.17 36.69
N GLY G 271 -17.81 64.73 37.18
CA GLY G 271 -17.28 65.18 38.45
C GLY G 271 -17.96 64.57 39.65
N PRO G 272 -17.63 65.09 40.83
CA PRO G 272 -18.12 64.48 42.08
C PRO G 272 -19.63 64.54 42.30
N GLU G 273 -20.37 65.47 41.68
CA GLU G 273 -21.81 65.46 41.86
C GLU G 273 -22.54 64.85 40.69
N GLY G 274 -21.84 64.49 39.62
CA GLY G 274 -22.43 63.71 38.54
C GLY G 274 -21.79 62.34 38.42
N HIS G 275 -21.42 61.75 39.56
CA HIS G 275 -20.75 60.45 39.55
C HIS G 275 -21.72 59.33 39.23
N GLY G 276 -22.93 59.38 39.81
CA GLY G 276 -23.91 58.32 39.67
C GLY G 276 -24.68 58.42 38.37
N ILE G 277 -23.96 58.57 37.26
CA ILE G 277 -24.58 58.70 35.94
C ILE G 277 -24.01 57.62 35.03
N LYS G 278 -24.88 56.97 34.28
CA LYS G 278 -24.48 55.88 33.40
C LYS G 278 -23.81 56.44 32.15
N ILE G 279 -22.61 55.95 31.86
CA ILE G 279 -21.87 56.35 30.67
C ILE G 279 -21.91 55.18 29.69
N ILE G 280 -22.54 55.39 28.54
CA ILE G 280 -22.71 54.37 27.54
C ILE G 280 -21.74 54.67 26.41
N SER G 281 -20.52 54.15 26.51
CA SER G 281 -19.51 54.38 25.48
C SER G 281 -20.06 54.00 24.12
N LYS G 282 -19.75 54.83 23.12
CA LYS G 282 -20.22 54.67 21.76
C LYS G 282 -19.06 54.15 20.90
N ILE G 283 -19.25 53.00 20.27
CA ILE G 283 -18.22 52.41 19.42
C ILE G 283 -18.58 52.75 17.98
N GLU G 284 -17.85 53.70 17.39
CA GLU G 284 -18.10 54.15 16.03
C GLU G 284 -16.96 53.87 15.07
N ASN G 285 -15.82 53.33 15.53
CA ASN G 285 -14.68 53.20 14.65
C ASN G 285 -13.83 51.99 15.01
N HIS G 286 -12.92 51.69 14.07
CA HIS G 286 -12.09 50.51 14.12
C HIS G 286 -11.29 50.41 15.41
N GLU G 287 -10.64 51.49 15.84
CA GLU G 287 -9.90 51.41 17.08
C GLU G 287 -10.81 51.05 18.26
N GLY G 288 -12.02 51.61 18.28
CA GLY G 288 -12.95 51.29 19.35
C GLY G 288 -13.35 49.83 19.36
N VAL G 289 -13.66 49.29 18.17
CA VAL G 289 -13.98 47.87 18.04
C VAL G 289 -12.86 47.00 18.61
N LYS G 290 -11.61 47.43 18.46
CA LYS G 290 -10.46 46.58 18.78
C LYS G 290 -10.03 46.67 20.24
N ARG G 291 -10.26 47.80 20.94
CA ARG G 291 -9.98 47.86 22.38
C ARG G 291 -11.23 47.69 23.21
N PHE G 292 -12.27 47.09 22.62
CA PHE G 292 -13.56 46.85 23.26
C PHE G 292 -13.49 46.31 24.68
N ASP G 293 -12.60 45.37 24.96
CA ASP G 293 -12.62 44.76 26.28
C ASP G 293 -12.12 45.74 27.33
N GLU G 294 -11.13 46.55 26.98
CA GLU G 294 -10.70 47.53 27.96
C GLU G 294 -11.77 48.60 28.13
N ILE G 295 -12.51 48.92 27.06
CA ILE G 295 -13.55 49.94 27.15
C ILE G 295 -14.73 49.47 27.96
N LEU G 296 -15.21 48.25 27.69
CA LEU G 296 -16.37 47.73 28.40
C LEU G 296 -16.11 47.65 29.90
N GLU G 297 -14.94 47.11 30.27
CA GLU G 297 -14.58 46.92 31.66
C GLU G 297 -14.80 48.16 32.53
N VAL G 298 -14.89 49.35 31.92
CA VAL G 298 -14.99 50.59 32.68
C VAL G 298 -16.14 51.45 32.20
N SER G 299 -16.80 51.05 31.14
CA SER G 299 -18.03 51.72 30.79
C SER G 299 -19.19 51.06 31.55
N ASP G 300 -20.32 51.74 31.51
CA ASP G 300 -21.53 51.22 32.11
C ASP G 300 -22.34 50.46 31.09
N GLY G 301 -22.01 50.66 29.81
CA GLY G 301 -22.77 50.08 28.72
C GLY G 301 -22.12 50.51 27.41
N ILE G 302 -22.77 50.14 26.32
CA ILE G 302 -22.15 50.23 25.00
C ILE G 302 -23.22 50.56 23.99
N MET G 303 -22.87 51.36 23.01
CA MET G 303 -23.77 51.68 21.92
C MET G 303 -23.08 51.33 20.61
N VAL G 304 -23.82 50.59 19.79
CA VAL G 304 -23.31 50.15 18.49
C VAL G 304 -23.77 51.20 17.52
N ALA G 305 -23.02 52.31 17.48
CA ALA G 305 -23.30 53.43 16.59
C ALA G 305 -22.94 53.04 15.18
N ARG G 306 -23.89 52.49 14.46
CA ARG G 306 -23.60 51.85 13.18
C ARG G 306 -23.27 52.89 12.13
N GLY G 307 -23.99 54.02 12.13
CA GLY G 307 -23.85 55.05 11.13
C GLY G 307 -22.41 55.43 10.86
N ASP G 308 -21.69 55.86 11.89
CA ASP G 308 -20.28 56.19 11.71
C ASP G 308 -19.43 54.94 11.57
N LEU G 309 -19.77 53.89 12.33
CA LEU G 309 -19.10 52.60 12.21
C LEU G 309 -19.15 52.08 10.78
N GLY G 310 -20.32 52.13 10.15
CA GLY G 310 -20.40 51.75 8.75
C GLY G 310 -19.66 52.66 7.79
N ILE G 311 -19.03 53.71 8.30
CA ILE G 311 -18.12 54.52 7.51
C ILE G 311 -16.67 54.22 7.86
N GLU G 312 -16.32 54.24 9.17
CA GLU G 312 -14.95 53.97 9.55
C GLU G 312 -14.51 52.58 9.12
N ILE G 313 -15.46 51.66 8.96
CA ILE G 313 -15.14 50.30 8.48
C ILE G 313 -16.08 49.97 7.33
N PRO G 314 -15.67 49.01 6.52
CA PRO G 314 -16.54 48.56 5.41
C PRO G 314 -17.96 48.27 5.85
N ALA G 315 -18.94 48.68 5.02
CA ALA G 315 -20.34 48.48 5.37
C ALA G 315 -20.64 47.00 5.59
N GLU G 316 -20.06 46.14 4.75
CA GLU G 316 -20.29 44.70 4.80
C GLU G 316 -20.06 44.13 6.19
N LYS G 317 -19.17 44.74 6.96
CA LYS G 317 -18.68 44.18 8.20
C LYS G 317 -19.44 44.66 9.41
N VAL G 318 -20.42 45.56 9.24
CA VAL G 318 -21.03 46.16 10.41
C VAL G 318 -21.77 45.10 11.21
N PHE G 319 -22.43 44.16 10.53
CA PHE G 319 -23.20 43.18 11.28
C PHE G 319 -22.28 42.36 12.19
N LEU G 320 -21.02 42.17 11.79
CA LEU G 320 -20.11 41.34 12.58
C LEU G 320 -19.66 42.08 13.82
N ALA G 321 -19.44 43.39 13.69
CA ALA G 321 -19.09 44.18 14.87
C ALA G 321 -20.26 44.19 15.85
N GLN G 322 -21.47 44.35 15.31
CA GLN G 322 -22.66 44.43 16.15
C GLN G 322 -22.88 43.16 16.95
N LYS G 323 -22.91 42.02 16.24
CA LYS G 323 -23.15 40.74 16.91
C LYS G 323 -22.07 40.46 17.94
N MET G 324 -20.83 40.79 17.63
CA MET G 324 -19.79 40.57 18.61
C MET G 324 -20.02 41.41 19.85
N MET G 325 -20.44 42.66 19.67
CA MET G 325 -20.51 43.56 20.82
C MET G 325 -21.70 43.22 21.68
N ILE G 326 -22.82 42.88 21.07
CA ILE G 326 -23.96 42.39 21.84
C ILE G 326 -23.60 41.10 22.54
N GLY G 327 -22.96 40.20 21.81
CA GLY G 327 -22.49 38.99 22.41
C GLY G 327 -21.73 39.27 23.68
N ARG G 328 -20.73 40.13 23.61
CA ARG G 328 -19.89 40.33 24.78
C ARG G 328 -20.58 41.13 25.89
N CYS G 329 -21.48 42.07 25.55
CA CYS G 329 -22.17 42.77 26.64
C CYS G 329 -23.16 41.87 27.34
N ASN G 330 -23.86 41.03 26.58
CA ASN G 330 -24.70 39.99 27.18
C ASN G 330 -23.93 39.17 28.19
N LEU G 331 -22.71 38.81 27.85
CA LEU G 331 -21.87 38.02 28.73
C LEU G 331 -21.45 38.81 29.96
N ALA G 332 -21.18 40.11 29.78
CA ALA G 332 -20.75 40.92 30.91
C ALA G 332 -21.90 41.38 31.79
N GLY G 333 -23.13 41.26 31.32
CA GLY G 333 -24.26 41.74 32.07
C GLY G 333 -24.37 43.24 32.03
N LYS G 334 -24.13 43.83 30.84
CA LYS G 334 -24.14 45.27 30.67
C LYS G 334 -25.03 45.61 29.49
N PRO G 335 -25.85 46.66 29.59
CA PRO G 335 -26.79 46.94 28.52
C PRO G 335 -26.04 47.31 27.26
N VAL G 336 -26.67 47.07 26.14
CA VAL G 336 -26.07 47.37 24.85
C VAL G 336 -27.16 47.96 23.98
N VAL G 337 -26.83 49.01 23.22
CA VAL G 337 -27.80 49.73 22.41
C VAL G 337 -27.45 49.48 20.95
N CYS G 338 -28.46 49.15 20.16
CA CYS G 338 -28.38 49.16 18.72
C CYS G 338 -28.99 50.46 18.20
N ALA G 339 -28.27 51.14 17.31
CA ALA G 339 -28.61 52.50 16.93
C ALA G 339 -28.58 52.70 15.42
N THR G 340 -29.16 53.83 15.00
CA THR G 340 -29.02 54.40 13.67
C THR G 340 -29.60 53.57 12.53
N GLN G 341 -30.78 53.96 12.04
CA GLN G 341 -31.41 53.52 10.79
C GLN G 341 -32.19 52.21 10.90
N MET G 342 -32.55 51.77 12.10
CA MET G 342 -33.35 50.57 12.21
C MET G 342 -34.60 50.70 11.36
N LEU G 343 -35.17 51.90 11.26
CA LEU G 343 -36.38 52.11 10.48
C LEU G 343 -36.27 53.40 9.68
N GLU G 344 -35.13 53.62 9.02
CA GLU G 344 -34.85 54.95 8.52
C GLU G 344 -35.81 55.38 7.40
N SER G 345 -36.50 54.43 6.77
CA SER G 345 -37.38 54.78 5.66
C SER G 345 -38.58 55.58 6.15
N MET G 346 -38.97 55.42 7.40
CA MET G 346 -40.18 56.05 7.93
C MET G 346 -40.00 57.54 8.21
N ILE G 347 -38.83 58.10 7.92
CA ILE G 347 -38.66 59.55 7.97
C ILE G 347 -39.66 60.24 7.04
N THR G 348 -39.96 59.59 5.91
CA THR G 348 -40.78 60.13 4.85
C THR G 348 -41.91 59.20 4.44
N LYS G 349 -42.01 58.01 5.02
CA LYS G 349 -43.10 57.08 4.72
C LYS G 349 -43.64 56.51 6.02
N PRO G 350 -44.89 56.00 6.00
CA PRO G 350 -45.53 55.54 7.25
C PRO G 350 -45.25 54.10 7.65
N ARG G 351 -45.11 53.19 6.65
CA ARG G 351 -44.84 51.77 6.76
C ARG G 351 -43.37 51.48 6.43
N PRO G 352 -42.63 50.71 7.25
CA PRO G 352 -41.21 50.49 6.97
C PRO G 352 -40.96 49.39 5.95
N THR G 353 -39.69 49.31 5.54
CA THR G 353 -39.15 48.26 4.70
C THR G 353 -39.31 46.87 5.34
N ARG G 354 -39.17 45.82 4.52
CA ARG G 354 -39.02 44.47 5.07
C ARG G 354 -37.65 44.28 5.72
N ALA G 355 -36.61 44.96 5.20
CA ALA G 355 -35.30 44.90 5.78
C ALA G 355 -35.24 45.58 7.14
N GLU G 356 -36.09 46.57 7.37
CA GLU G 356 -36.07 47.27 8.64
C GLU G 356 -36.84 46.50 9.69
N THR G 357 -37.94 45.83 9.33
CA THR G 357 -38.57 44.96 10.32
C THR G 357 -37.58 43.91 10.79
N SER G 358 -37.12 43.08 9.85
CA SER G 358 -36.00 42.17 10.08
C SER G 358 -34.86 42.78 10.90
N ASP G 359 -34.38 43.94 10.51
CA ASP G 359 -33.24 44.51 11.23
C ASP G 359 -33.58 44.73 12.69
N VAL G 360 -34.84 45.02 12.99
CA VAL G 360 -35.20 45.28 14.38
C VAL G 360 -35.41 43.96 15.12
N ALA G 361 -36.16 43.04 14.52
CA ALA G 361 -36.21 41.67 15.01
C ALA G 361 -34.80 41.17 15.37
N ASN G 362 -33.93 41.06 14.36
CA ASN G 362 -32.64 40.46 14.57
C ASN G 362 -31.80 41.22 15.59
N ALA G 363 -32.13 42.46 15.89
CA ALA G 363 -31.38 43.15 16.94
C ALA G 363 -31.78 42.65 18.32
N VAL G 364 -33.08 42.38 18.49
CA VAL G 364 -33.57 41.70 19.70
C VAL G 364 -32.99 40.30 19.80
N LEU G 365 -33.25 39.46 18.77
CA LEU G 365 -32.77 38.10 18.76
C LEU G 365 -31.26 38.03 18.97
N ASP G 366 -30.54 39.07 18.54
CA ASP G 366 -29.12 39.20 18.81
C ASP G 366 -28.79 39.28 20.30
N GLY G 367 -29.64 39.94 21.08
CA GLY G 367 -29.35 40.18 22.49
C GLY G 367 -29.36 41.63 22.96
N ALA G 368 -29.84 42.57 22.12
CA ALA G 368 -29.76 44.00 22.43
C ALA G 368 -30.70 44.39 23.56
N ASP G 369 -30.18 45.10 24.57
CA ASP G 369 -31.01 45.58 25.67
C ASP G 369 -31.98 46.67 25.24
N CYS G 370 -31.52 47.59 24.38
CA CYS G 370 -32.36 48.68 23.89
C CYS G 370 -32.12 48.89 22.41
N ILE G 371 -33.17 49.33 21.71
CA ILE G 371 -33.08 49.82 20.34
C ILE G 371 -33.30 51.35 20.32
N MET G 372 -32.95 51.97 19.19
CA MET G 372 -32.94 53.42 19.10
C MET G 372 -33.45 53.89 17.74
N LEU G 373 -33.96 55.14 17.76
CA LEU G 373 -34.43 55.84 16.57
C LEU G 373 -33.81 57.23 16.57
N SER G 374 -33.29 57.66 15.41
CA SER G 374 -32.64 58.95 15.34
C SER G 374 -33.57 59.84 14.51
N GLY G 375 -33.26 60.09 13.23
CA GLY G 375 -34.10 60.96 12.43
C GLY G 375 -35.57 60.61 12.51
N GLU G 376 -35.90 59.33 12.64
CA GLU G 376 -37.30 58.97 12.58
C GLU G 376 -38.10 59.69 13.65
N THR G 377 -37.42 60.24 14.66
CA THR G 377 -38.10 60.98 15.72
C THR G 377 -37.59 62.40 15.91
N ALA G 378 -36.44 62.76 15.34
CA ALA G 378 -35.96 64.13 15.41
C ALA G 378 -36.56 65.00 14.29
N LYS G 379 -36.57 64.48 13.07
CA LYS G 379 -36.83 65.27 11.88
C LYS G 379 -37.84 64.62 10.94
N GLY G 380 -38.63 63.69 11.44
CA GLY G 380 -39.32 62.82 10.54
C GLY G 380 -40.80 63.05 10.53
N ASN G 381 -41.43 62.65 9.42
CA ASN G 381 -42.86 62.87 9.26
C ASN G 381 -43.68 62.10 10.28
N PHE G 382 -43.38 60.81 10.48
CA PHE G 382 -44.24 60.00 11.35
C PHE G 382 -43.54 59.54 12.63
N PRO G 383 -43.04 60.48 13.43
CA PRO G 383 -42.21 60.08 14.58
C PRO G 383 -42.91 59.08 15.49
N VAL G 384 -44.23 59.19 15.66
CA VAL G 384 -44.91 58.40 16.67
C VAL G 384 -45.08 56.95 16.20
N GLU G 385 -45.49 56.72 14.95
CA GLU G 385 -45.70 55.35 14.50
C GLU G 385 -44.37 54.61 14.26
N ALA G 386 -43.26 55.34 14.17
CA ALA G 386 -41.95 54.69 14.26
C ALA G 386 -41.77 54.03 15.62
N VAL G 387 -42.04 54.79 16.71
CA VAL G 387 -41.96 54.26 18.05
C VAL G 387 -42.89 53.07 18.23
N LYS G 388 -44.14 53.21 17.75
CA LYS G 388 -45.06 52.08 17.81
C LYS G 388 -44.50 50.87 17.08
N MET G 389 -43.82 51.08 15.95
CA MET G 389 -43.34 49.96 15.16
C MET G 389 -42.25 49.20 15.91
N GLN G 390 -41.32 49.91 16.54
CA GLN G 390 -40.28 49.23 17.31
C GLN G 390 -40.90 48.39 18.41
N HIS G 391 -41.93 48.91 19.09
CA HIS G 391 -42.63 48.17 20.13
C HIS G 391 -43.22 46.87 19.59
N ALA G 392 -43.93 46.93 18.45
CA ALA G 392 -44.61 45.73 17.98
C ALA G 392 -43.63 44.64 17.56
N ILE G 393 -42.63 45.01 16.74
CA ILE G 393 -41.61 44.05 16.29
C ILE G 393 -40.94 43.41 17.51
N ALA G 394 -40.47 44.24 18.45
CA ALA G 394 -39.78 43.75 19.63
C ALA G 394 -40.64 42.82 20.47
N ARG G 395 -41.93 43.11 20.57
CA ARG G 395 -42.84 42.22 21.27
C ARG G 395 -42.80 40.83 20.65
N GLU G 396 -42.72 40.75 19.32
CA GLU G 396 -42.80 39.45 18.65
C GLU G 396 -41.48 38.71 18.72
N ALA G 397 -40.36 39.44 18.75
CA ALA G 397 -39.02 38.91 18.77
C ALA G 397 -38.66 38.37 20.15
N GLU G 398 -38.89 39.18 21.18
CA GLU G 398 -38.63 38.75 22.55
C GLU G 398 -39.28 37.41 22.84
N ALA G 399 -40.47 37.18 22.29
CA ALA G 399 -41.19 35.94 22.52
C ALA G 399 -40.58 34.80 21.74
N ALA G 400 -39.91 35.11 20.64
CA ALA G 400 -39.30 34.13 19.77
C ALA G 400 -37.88 33.77 20.18
N VAL G 401 -37.43 34.25 21.33
CA VAL G 401 -36.07 34.01 21.81
C VAL G 401 -35.95 32.61 22.39
N TYR G 402 -34.87 31.94 22.05
CA TYR G 402 -34.70 30.53 22.41
C TYR G 402 -34.00 30.48 23.76
N HIS G 403 -34.82 30.50 24.82
CA HIS G 403 -34.32 30.64 26.19
C HIS G 403 -33.56 29.40 26.65
N ARG G 404 -33.95 28.23 26.17
CA ARG G 404 -33.25 27.01 26.54
C ARG G 404 -31.76 27.17 26.28
N GLN G 405 -31.40 27.49 25.03
CA GLN G 405 -29.99 27.63 24.70
C GLN G 405 -29.40 28.93 25.24
N LEU G 406 -30.19 30.01 25.34
CA LEU G 406 -29.66 31.27 25.87
C LEU G 406 -29.24 31.09 27.34
N PHE G 407 -30.15 30.56 28.16
CA PHE G 407 -29.84 30.42 29.59
C PHE G 407 -28.73 29.39 29.83
N GLU G 408 -28.68 28.31 29.04
CA GLU G 408 -27.65 27.27 29.23
C GLU G 408 -26.26 27.79 28.88
N GLU G 409 -26.15 28.63 27.87
CA GLU G 409 -24.84 29.14 27.51
C GLU G 409 -24.39 30.23 28.47
N LEU G 410 -25.32 30.98 29.05
CA LEU G 410 -24.91 32.00 30.01
C LEU G 410 -24.37 31.34 31.26
N ARG G 411 -25.11 30.38 31.84
CA ARG G 411 -24.65 29.82 33.10
C ARG G 411 -23.46 28.91 32.87
N ARG G 412 -23.35 28.30 31.69
CA ARG G 412 -22.15 27.55 31.34
C ARG G 412 -20.93 28.47 31.23
N ALA G 413 -21.13 29.70 30.76
CA ALA G 413 -20.06 30.64 30.48
C ALA G 413 -19.82 31.66 31.58
N ALA G 414 -20.80 31.91 32.43
CA ALA G 414 -20.61 32.86 33.52
C ALA G 414 -19.76 32.21 34.60
N PRO G 415 -18.79 32.97 35.14
CA PRO G 415 -17.98 32.44 36.24
C PRO G 415 -18.79 32.27 37.51
N LEU G 416 -18.52 31.19 38.22
CA LEU G 416 -19.03 31.05 39.57
C LEU G 416 -18.96 32.40 40.27
N SER G 417 -20.06 32.82 40.83
CA SER G 417 -20.10 34.09 41.51
C SER G 417 -20.22 33.85 43.00
N ARG G 418 -19.69 34.79 43.76
CA ARG G 418 -19.77 34.77 45.22
C ARG G 418 -20.62 35.92 45.75
N ASP G 419 -21.29 36.61 44.87
CA ASP G 419 -22.11 37.76 45.19
C ASP G 419 -23.53 37.29 45.46
N PRO G 420 -24.08 37.48 46.67
CA PRO G 420 -25.44 36.96 46.95
C PRO G 420 -26.56 37.48 46.07
N THR G 421 -26.39 38.63 45.46
CA THR G 421 -27.42 39.14 44.56
C THR G 421 -27.42 38.39 43.24
N GLU G 422 -26.24 38.13 42.66
CA GLU G 422 -26.22 37.35 41.43
C GLU G 422 -26.63 35.92 41.71
N VAL G 423 -26.20 35.39 42.85
CA VAL G 423 -26.62 34.05 43.24
C VAL G 423 -28.12 33.99 43.43
N THR G 424 -28.68 34.95 44.17
CA THR G 424 -30.13 35.03 44.32
C THR G 424 -30.79 35.28 42.95
N ALA G 425 -30.15 36.08 42.11
CA ALA G 425 -30.74 36.41 40.81
C ALA G 425 -30.91 35.17 39.93
N ILE G 426 -29.88 34.30 39.84
CA ILE G 426 -29.96 33.14 38.95
C ILE G 426 -30.94 32.09 39.48
N GLY G 427 -30.98 31.89 40.79
CA GLY G 427 -32.00 31.03 41.37
C GLY G 427 -33.39 31.48 41.03
N ALA G 428 -33.60 32.81 40.99
CA ALA G 428 -34.93 33.37 40.74
C ALA G 428 -35.31 33.26 39.28
N VAL G 429 -34.35 33.49 38.36
CA VAL G 429 -34.66 33.27 36.94
C VAL G 429 -34.97 31.80 36.67
N GLU G 430 -34.20 30.88 37.29
CA GLU G 430 -34.49 29.45 37.18
C GLU G 430 -35.88 29.11 37.71
N ALA G 431 -36.20 29.57 38.91
CA ALA G 431 -37.49 29.27 39.48
C ALA G 431 -38.60 29.84 38.62
N ALA G 432 -38.36 30.98 37.97
CA ALA G 432 -39.35 31.59 37.09
C ALA G 432 -39.62 30.69 35.88
N PHE G 433 -38.57 30.14 35.26
CA PHE G 433 -38.81 29.22 34.13
C PHE G 433 -39.58 27.99 34.57
N LYS G 434 -39.26 27.45 35.76
CA LYS G 434 -39.83 26.20 36.23
C LYS G 434 -41.34 26.22 36.32
N CYS G 435 -41.91 27.36 36.74
CA CYS G 435 -43.35 27.48 36.92
C CYS G 435 -44.01 28.47 35.97
N CYS G 436 -43.29 28.99 34.97
CA CYS G 436 -43.89 29.94 34.04
C CYS G 436 -44.42 31.15 34.79
N ALA G 437 -43.57 31.78 35.57
CA ALA G 437 -43.98 32.90 36.39
C ALA G 437 -44.40 34.06 35.50
N ALA G 438 -45.44 34.81 35.91
CA ALA G 438 -45.83 36.00 35.13
C ALA G 438 -44.80 37.11 35.29
N ALA G 439 -44.11 37.18 36.42
CA ALA G 439 -43.13 38.24 36.60
C ALA G 439 -42.16 37.83 37.70
N ILE G 440 -41.04 38.55 37.73
CA ILE G 440 -40.20 38.61 38.91
C ILE G 440 -40.33 40.01 39.52
N ILE G 441 -40.65 40.07 40.79
CA ILE G 441 -40.73 41.34 41.51
C ILE G 441 -39.46 41.52 42.32
N VAL G 442 -38.64 42.49 41.94
CA VAL G 442 -37.38 42.78 42.63
C VAL G 442 -37.46 44.18 43.24
N LEU G 443 -37.09 44.32 44.51
CA LEU G 443 -36.89 45.60 45.17
C LEU G 443 -35.43 46.03 45.05
N THR G 444 -35.21 47.18 44.42
CA THR G 444 -33.84 47.69 44.27
C THR G 444 -33.80 49.20 44.45
N THR G 445 -32.76 49.65 45.15
CA THR G 445 -32.52 51.07 45.30
C THR G 445 -31.60 51.62 44.21
N THR G 446 -30.68 50.81 43.70
CA THR G 446 -29.75 51.27 42.67
C THR G 446 -30.10 50.80 41.27
N GLY G 447 -30.96 49.79 41.14
CA GLY G 447 -31.10 49.07 39.89
C GLY G 447 -30.15 47.91 39.70
N ARG G 448 -29.22 47.67 40.62
CA ARG G 448 -28.29 46.55 40.46
C ARG G 448 -29.02 45.21 40.42
N SER G 449 -29.78 44.89 41.47
CA SER G 449 -30.51 43.62 41.52
C SER G 449 -31.35 43.39 40.28
N ALA G 450 -31.89 44.46 39.69
CA ALA G 450 -32.67 44.33 38.47
C ALA G 450 -31.80 44.09 37.27
N GLN G 451 -30.60 44.67 37.27
CA GLN G 451 -29.65 44.42 36.21
C GLN G 451 -29.23 42.96 36.19
N LEU G 452 -28.84 42.47 37.37
CA LEU G 452 -28.50 41.07 37.52
C LEU G 452 -29.63 40.13 37.09
N LEU G 453 -30.89 40.49 37.32
CA LEU G 453 -31.94 39.58 36.85
C LEU G 453 -32.01 39.55 35.33
N SER G 454 -31.76 40.67 34.67
CA SER G 454 -32.01 40.72 33.24
C SER G 454 -30.84 40.18 32.41
N ARG G 455 -29.65 39.96 32.97
CA ARG G 455 -28.60 39.32 32.15
C ARG G 455 -28.92 37.85 31.86
N TYR G 456 -29.74 37.19 32.69
CA TYR G 456 -30.25 35.85 32.36
C TYR G 456 -31.53 35.86 31.53
N ARG G 457 -32.04 37.01 31.12
CA ARG G 457 -33.08 37.09 30.10
C ARG G 457 -34.31 36.23 30.41
N PRO G 458 -34.88 36.34 31.61
CA PRO G 458 -36.08 35.55 31.91
C PRO G 458 -37.19 35.90 30.95
N ARG G 459 -38.04 34.92 30.63
CA ARG G 459 -39.25 35.20 29.85
C ARG G 459 -40.21 36.06 30.68
N ALA G 460 -40.19 35.88 32.00
CA ALA G 460 -40.98 36.66 32.92
C ALA G 460 -40.51 38.11 33.06
N ALA G 461 -41.49 39.02 33.21
CA ALA G 461 -41.21 40.44 33.42
C ALA G 461 -40.52 40.74 34.76
N VAL G 462 -39.46 41.53 34.74
CA VAL G 462 -38.79 41.92 35.98
C VAL G 462 -39.38 43.27 36.44
N ILE G 463 -40.34 43.19 37.35
CA ILE G 463 -41.00 44.38 37.86
C ILE G 463 -40.12 44.93 38.97
N ALA G 464 -39.44 46.06 38.71
CA ALA G 464 -38.47 46.64 39.62
C ALA G 464 -39.16 47.77 40.36
N VAL G 465 -39.26 47.63 41.67
CA VAL G 465 -39.80 48.65 42.55
C VAL G 465 -38.66 49.45 43.15
N THR G 466 -38.74 50.76 43.07
CA THR G 466 -37.67 51.58 43.66
C THR G 466 -38.22 52.89 44.21
N ARG G 467 -37.57 53.35 45.27
CA ARG G 467 -37.82 54.68 45.82
C ARG G 467 -36.90 55.73 45.22
N SER G 468 -36.01 55.35 44.30
CA SER G 468 -35.09 56.25 43.64
C SER G 468 -35.55 56.56 42.22
N ALA G 469 -36.03 57.79 41.99
CA ALA G 469 -36.52 58.19 40.67
C ALA G 469 -35.44 58.15 39.60
N GLN G 470 -34.18 58.32 39.97
CA GLN G 470 -33.11 58.25 38.98
C GLN G 470 -32.91 56.80 38.56
N ALA G 471 -32.80 55.89 39.54
CA ALA G 471 -32.65 54.47 39.23
C ALA G 471 -33.84 53.95 38.44
N ALA G 472 -35.04 54.47 38.69
CA ALA G 472 -36.22 54.07 37.93
C ALA G 472 -36.16 54.49 36.48
N ARG G 473 -35.40 55.52 36.15
CA ARG G 473 -35.20 55.93 34.77
C ARG G 473 -34.06 55.16 34.09
N GLN G 474 -32.94 54.99 34.81
CA GLN G 474 -31.75 54.38 34.24
C GLN G 474 -31.97 52.90 33.93
N VAL G 475 -32.70 52.20 34.80
CA VAL G 475 -33.03 50.78 34.67
C VAL G 475 -33.66 50.43 33.33
N HIS G 476 -34.14 51.44 32.60
CA HIS G 476 -34.65 51.22 31.25
C HIS G 476 -33.56 50.77 30.27
N LEU G 477 -32.30 50.83 30.67
CA LEU G 477 -31.21 50.31 29.88
C LEU G 477 -31.15 48.78 29.87
N CYS G 478 -31.87 48.11 30.75
CA CYS G 478 -31.81 46.67 30.94
C CYS G 478 -33.08 46.02 30.41
N ARG G 479 -32.97 45.17 29.41
CA ARG G 479 -34.19 44.54 28.86
C ARG G 479 -34.96 43.76 29.92
N GLY G 480 -36.29 43.81 29.81
CA GLY G 480 -37.20 43.10 30.66
C GLY G 480 -37.41 43.68 32.04
N VAL G 481 -36.76 44.81 32.35
CA VAL G 481 -37.01 45.55 33.59
C VAL G 481 -38.08 46.59 33.35
N PHE G 482 -39.15 46.50 34.13
CA PHE G 482 -40.23 47.48 34.12
C PHE G 482 -40.17 48.27 35.42
N PRO G 483 -39.77 49.54 35.40
CA PRO G 483 -39.62 50.27 36.66
C PRO G 483 -40.96 50.73 37.24
N LEU G 484 -41.03 50.71 38.56
CA LEU G 484 -42.16 51.24 39.29
C LEU G 484 -41.62 52.10 40.41
N LEU G 485 -41.96 53.40 40.38
CA LEU G 485 -41.50 54.38 41.37
C LEU G 485 -42.43 54.38 42.56
N TYR G 486 -41.90 54.03 43.74
CA TYR G 486 -42.67 53.94 44.98
C TYR G 486 -42.35 55.15 45.85
N ARG G 487 -43.40 55.90 46.21
CA ARG G 487 -43.25 57.23 46.82
C ARG G 487 -43.65 57.27 48.29
N GLU G 488 -44.23 56.18 48.83
CA GLU G 488 -44.69 56.17 50.21
C GLU G 488 -43.51 56.22 51.16
N PRO G 489 -43.69 56.90 52.29
CA PRO G 489 -42.63 56.91 53.30
C PRO G 489 -42.40 55.51 53.84
N PRO G 490 -41.33 55.30 54.59
CA PRO G 490 -41.03 53.95 55.09
C PRO G 490 -41.80 53.57 56.33
N GLU G 491 -42.09 52.26 56.43
CA GLU G 491 -42.50 51.61 57.66
C GLU G 491 -41.28 51.20 58.45
N ALA G 492 -41.37 51.28 59.78
CA ALA G 492 -40.20 50.98 60.59
C ALA G 492 -39.89 49.49 60.59
N ILE G 493 -40.90 48.66 60.91
CA ILE G 493 -40.82 47.21 60.76
C ILE G 493 -40.49 46.86 59.31
N TRP G 494 -39.23 46.42 59.08
CA TRP G 494 -38.73 46.22 57.72
C TRP G 494 -39.60 45.24 56.94
N ALA G 495 -40.07 44.18 57.57
CA ALA G 495 -40.98 43.26 56.89
C ALA G 495 -42.17 44.01 56.30
N ASP G 496 -42.82 44.84 57.12
CA ASP G 496 -44.00 45.55 56.63
C ASP G 496 -43.66 46.44 55.45
N ASP G 497 -42.51 47.12 55.49
CA ASP G 497 -42.14 47.99 54.37
C ASP G 497 -41.85 47.19 53.11
N VAL G 498 -41.25 46.00 53.25
CA VAL G 498 -40.93 45.19 52.08
C VAL G 498 -42.22 44.69 51.42
N ASP G 499 -43.17 44.19 52.23
CA ASP G 499 -44.40 43.68 51.68
C ASP G 499 -45.29 44.76 51.07
N ARG G 500 -45.15 46.02 51.49
CA ARG G 500 -45.92 47.08 50.85
C ARG G 500 -45.36 47.44 49.47
N ARG G 501 -44.03 47.47 49.33
CA ARG G 501 -43.45 47.60 48.00
C ARG G 501 -43.82 46.40 47.11
N VAL G 502 -43.85 45.19 47.68
CA VAL G 502 -44.23 44.03 46.89
C VAL G 502 -45.70 44.10 46.49
N GLN G 503 -46.60 44.46 47.42
CA GLN G 503 -48.01 44.60 47.03
C GLN G 503 -48.16 45.67 45.96
N PHE G 504 -47.34 46.72 46.02
CA PHE G 504 -47.36 47.76 44.99
C PHE G 504 -47.08 47.18 43.61
N GLY G 505 -45.96 46.46 43.47
CA GLY G 505 -45.68 45.78 42.22
C GLY G 505 -46.82 44.89 41.79
N ILE G 506 -47.24 43.98 42.68
CA ILE G 506 -48.30 43.05 42.32
C ILE G 506 -49.48 43.83 41.75
N GLU G 507 -49.95 44.86 42.49
CA GLU G 507 -51.14 45.60 42.09
C GLU G 507 -50.90 46.40 40.80
N SER G 508 -49.72 47.00 40.64
CA SER G 508 -49.42 47.69 39.38
C SER G 508 -49.55 46.75 38.19
N GLY G 509 -49.05 45.52 38.32
CA GLY G 509 -48.99 44.63 37.19
C GLY G 509 -50.33 44.00 36.89
N LYS G 510 -51.18 43.88 37.91
CA LYS G 510 -52.57 43.53 37.62
C LYS G 510 -53.20 44.60 36.73
N LEU G 511 -53.14 45.87 37.16
CA LEU G 511 -53.74 46.93 36.35
C LEU G 511 -53.19 46.93 34.93
N ARG G 512 -51.86 46.75 34.78
CA ARG G 512 -51.23 46.81 33.47
C ARG G 512 -51.32 45.52 32.67
N GLY G 513 -51.95 44.47 33.18
CA GLY G 513 -52.03 43.19 32.46
C GLY G 513 -50.83 42.25 32.55
N PHE G 514 -49.85 42.53 33.42
CA PHE G 514 -48.72 41.62 33.58
C PHE G 514 -49.10 40.37 34.36
N LEU G 515 -50.10 40.49 35.26
CA LEU G 515 -50.47 39.43 36.18
C LEU G 515 -51.97 39.31 36.27
N ARG G 516 -52.42 38.12 36.62
CA ARG G 516 -53.81 37.85 36.95
C ARG G 516 -53.81 36.95 38.19
N VAL G 517 -54.86 37.06 38.99
CA VAL G 517 -55.14 36.05 39.99
C VAL G 517 -54.87 34.66 39.40
N GLY G 518 -54.15 33.80 40.16
CA GLY G 518 -53.74 32.47 39.73
C GLY G 518 -52.29 32.36 39.29
N ASP G 519 -51.66 33.45 38.85
CA ASP G 519 -50.28 33.43 38.38
C ASP G 519 -49.32 33.18 39.55
N LEU G 520 -48.15 32.64 39.22
CA LEU G 520 -47.05 32.62 40.16
C LEU G 520 -46.11 33.77 39.85
N VAL G 521 -45.60 34.41 40.88
CA VAL G 521 -44.49 35.32 40.71
C VAL G 521 -43.35 34.90 41.65
N ILE G 522 -42.16 35.35 41.29
CA ILE G 522 -40.97 35.21 42.10
C ILE G 522 -40.66 36.60 42.64
N VAL G 523 -40.47 36.69 43.96
CA VAL G 523 -40.19 37.95 44.63
C VAL G 523 -38.76 37.93 45.12
N VAL G 524 -38.00 38.97 44.79
CA VAL G 524 -36.59 39.06 45.11
C VAL G 524 -36.38 40.29 45.98
N THR G 525 -35.89 40.08 47.20
CA THR G 525 -35.75 41.14 48.19
C THR G 525 -34.49 40.90 49.03
N GLY G 526 -34.32 41.79 50.02
CA GLY G 526 -33.27 41.73 51.02
C GLY G 526 -33.80 41.52 52.41
N TRP G 527 -32.92 40.99 53.26
CA TRP G 527 -33.20 40.68 54.65
C TRP G 527 -33.08 41.89 55.56
N ARG G 528 -32.54 42.99 55.05
CA ARG G 528 -32.26 44.21 55.79
C ARG G 528 -32.10 45.33 54.77
N PRO G 529 -32.00 46.60 55.23
CA PRO G 529 -31.69 47.69 54.28
C PRO G 529 -30.20 48.07 54.17
N TYR G 533 -27.75 44.37 48.94
CA TYR G 533 -28.18 43.46 50.01
C TYR G 533 -29.30 42.44 49.65
N THR G 534 -29.52 42.21 48.35
CA THR G 534 -30.58 41.32 47.86
C THR G 534 -30.19 39.85 47.98
N ASN G 535 -30.88 39.09 48.80
CA ASN G 535 -30.51 37.70 48.97
C ASN G 535 -31.66 36.82 49.42
N ILE G 536 -32.90 37.20 49.11
CA ILE G 536 -34.08 36.37 49.39
C ILE G 536 -34.87 36.21 48.10
N MET G 537 -35.32 35.00 47.84
CA MET G 537 -36.18 34.71 46.70
C MET G 537 -37.36 33.97 47.27
N ARG G 538 -38.56 34.41 46.93
CA ARG G 538 -39.76 33.80 47.47
C ARG G 538 -40.75 33.50 46.34
N VAL G 539 -41.46 32.37 46.45
CA VAL G 539 -42.45 31.97 45.46
C VAL G 539 -43.85 32.21 46.01
N LEU G 540 -44.65 32.93 45.23
CA LEU G 540 -45.90 33.51 45.70
C LEU G 540 -47.03 33.33 44.69
N SER G 541 -48.19 32.93 45.18
CA SER G 541 -49.42 32.92 44.42
C SER G 541 -50.13 34.28 44.49
N ILE G 542 -50.56 34.78 43.35
CA ILE G 542 -51.21 36.08 43.27
C ILE G 542 -52.68 35.94 43.64
N SER G 543 -53.10 36.65 44.69
CA SER G 543 -54.49 36.64 45.12
C SER G 543 -55.25 37.86 44.59
N PHE H 24 40.88 -2.71 -50.38
CA PHE H 24 40.34 -4.04 -50.58
C PHE H 24 39.38 -4.49 -49.46
N PHE H 25 39.91 -4.71 -48.26
CA PHE H 25 39.02 -4.80 -47.12
C PHE H 25 38.64 -3.44 -46.55
N GLN H 26 39.32 -2.38 -46.96
CA GLN H 26 38.96 -1.06 -46.48
C GLN H 26 37.64 -0.60 -47.06
N GLN H 27 37.19 -1.17 -48.17
CA GLN H 27 36.02 -0.65 -48.84
C GLN H 27 34.74 -1.25 -48.25
N GLN H 28 33.60 -0.81 -48.80
CA GLN H 28 32.27 -1.36 -48.53
C GLN H 28 31.88 -1.29 -47.06
N GLN H 29 32.53 -0.43 -46.27
CA GLN H 29 32.38 -0.41 -44.82
C GLN H 29 32.77 -1.74 -44.18
N LEU H 30 33.61 -2.55 -44.82
CA LEU H 30 33.90 -3.86 -44.28
C LEU H 30 34.50 -3.79 -42.89
N PRO H 31 35.31 -2.81 -42.54
CA PRO H 31 35.72 -2.66 -41.13
C PRO H 31 34.53 -2.57 -40.18
N ALA H 32 33.53 -1.76 -40.52
CA ALA H 32 32.34 -1.64 -39.67
C ALA H 32 31.44 -2.86 -39.77
N ALA H 33 31.54 -3.64 -40.85
CA ALA H 33 30.69 -4.80 -40.98
C ALA H 33 31.14 -5.90 -40.02
N MET H 34 32.37 -5.82 -39.51
CA MET H 34 33.00 -6.87 -38.72
C MET H 34 33.09 -6.51 -37.25
N ALA H 35 32.53 -5.36 -36.86
CA ALA H 35 32.43 -4.99 -35.46
C ALA H 35 31.56 -5.99 -34.69
N ASP H 36 31.78 -6.05 -33.39
CA ASP H 36 31.14 -7.06 -32.57
C ASP H 36 29.80 -6.63 -31.98
N THR H 37 29.45 -5.35 -32.14
CA THR H 37 28.24 -4.78 -31.59
C THR H 37 27.70 -3.75 -32.57
N PHE H 38 26.43 -3.39 -32.41
CA PHE H 38 25.92 -2.29 -33.23
C PHE H 38 26.69 -0.99 -32.94
N LEU H 39 27.05 -0.76 -31.67
CA LEU H 39 27.74 0.48 -31.30
C LEU H 39 29.12 0.59 -31.94
N GLU H 40 29.96 -0.46 -31.84
CA GLU H 40 31.27 -0.42 -32.48
C GLU H 40 31.10 -0.21 -33.98
N HIS H 41 30.11 -0.89 -34.57
CA HIS H 41 29.86 -0.77 -35.99
C HIS H 41 29.73 0.68 -36.41
N LEU H 42 28.90 1.45 -35.70
CA LEU H 42 28.70 2.85 -36.01
C LEU H 42 30.04 3.59 -35.96
N CYS H 43 30.80 3.35 -34.89
CA CYS H 43 32.08 3.99 -34.69
C CYS H 43 33.12 3.65 -35.74
N LEU H 44 32.86 2.70 -36.61
CA LEU H 44 33.83 2.32 -37.62
C LEU H 44 33.36 2.68 -39.01
N LEU H 45 32.21 3.33 -39.14
CA LEU H 45 31.81 3.89 -40.43
C LEU H 45 32.84 4.93 -40.86
N ASP H 46 33.29 4.79 -42.09
CA ASP H 46 34.44 5.53 -42.64
C ASP H 46 33.98 6.29 -43.87
N ILE H 47 33.98 7.63 -43.82
CA ILE H 47 33.60 8.39 -45.01
C ILE H 47 34.60 8.17 -46.15
N ASP H 48 35.80 7.65 -45.85
CA ASP H 48 36.80 7.35 -46.87
C ASP H 48 36.76 5.92 -47.36
N SER H 49 35.70 5.18 -47.04
CA SER H 49 35.49 3.83 -47.56
C SER H 49 34.45 3.91 -48.68
N GLU H 50 34.79 3.33 -49.86
CA GLU H 50 33.98 3.66 -51.02
C GLU H 50 32.96 2.57 -51.31
N PRO H 51 31.69 2.93 -51.53
CA PRO H 51 30.77 1.93 -52.05
C PRO H 51 31.33 1.47 -53.38
N VAL H 52 31.48 0.15 -53.50
CA VAL H 52 31.84 -0.43 -54.80
C VAL H 52 30.78 -1.38 -55.34
N ALA H 53 29.94 -1.93 -54.48
CA ALA H 53 28.86 -2.79 -54.94
C ALA H 53 27.88 -1.99 -55.79
N ALA H 54 27.20 -2.69 -56.68
CA ALA H 54 26.10 -2.08 -57.40
C ALA H 54 25.08 -1.56 -56.39
N ARG H 55 24.41 -0.46 -56.77
CA ARG H 55 23.29 0.07 -55.98
C ARG H 55 22.07 -0.82 -56.13
N SER H 56 21.47 -1.21 -55.00
CA SER H 56 20.48 -2.29 -54.96
C SER H 56 19.08 -1.85 -54.57
N THR H 57 18.93 -0.74 -53.85
CA THR H 57 17.59 -0.23 -53.54
C THR H 57 16.96 0.39 -54.80
N SER H 58 15.80 -0.09 -55.19
CA SER H 58 15.17 0.41 -56.40
C SER H 58 14.66 1.82 -56.17
N ILE H 59 14.81 2.66 -57.20
CA ILE H 59 14.20 3.99 -57.21
C ILE H 59 12.92 3.94 -58.03
N ILE H 60 11.87 4.46 -57.44
CA ILE H 60 10.58 4.64 -58.08
C ILE H 60 10.48 6.14 -58.40
N ALA H 61 10.28 6.47 -59.68
CA ALA H 61 10.10 7.86 -60.13
C ALA H 61 8.67 8.09 -60.59
N THR H 62 8.07 9.17 -60.13
CA THR H 62 6.68 9.49 -60.44
C THR H 62 6.62 10.33 -61.72
N ILE H 63 5.84 9.86 -62.71
CA ILE H 63 5.90 10.46 -64.04
C ILE H 63 5.03 11.71 -64.13
N GLY H 64 5.59 12.76 -64.74
CA GLY H 64 4.85 13.96 -65.06
C GLY H 64 5.47 14.77 -66.20
N PRO H 65 5.17 16.05 -66.22
CA PRO H 65 5.79 16.96 -67.21
C PRO H 65 7.30 16.87 -67.35
N ALA H 66 8.05 17.11 -66.26
CA ALA H 66 9.51 17.08 -66.32
C ALA H 66 10.07 15.74 -66.74
N SER H 67 9.23 14.70 -66.84
CA SER H 67 9.70 13.37 -67.12
C SER H 67 8.96 12.66 -68.25
N ARG H 68 8.17 13.38 -69.06
CA ARG H 68 7.48 12.69 -70.16
C ARG H 68 8.26 12.69 -71.46
N SER H 69 9.30 13.52 -71.57
CA SER H 69 10.15 13.52 -72.76
C SER H 69 10.81 12.16 -72.92
N VAL H 70 10.62 11.51 -74.07
CA VAL H 70 11.37 10.28 -74.34
C VAL H 70 12.87 10.62 -74.20
N GLU H 71 13.22 11.91 -74.31
CA GLU H 71 14.61 12.33 -74.12
C GLU H 71 15.07 12.10 -72.68
N ARG H 72 14.32 12.63 -71.71
CA ARG H 72 14.74 12.58 -70.32
C ARG H 72 14.62 11.16 -69.77
N LEU H 73 13.58 10.40 -70.18
CA LEU H 73 13.48 9.00 -69.79
C LEU H 73 14.74 8.24 -70.16
N LYS H 74 15.32 8.53 -71.31
CA LYS H 74 16.69 8.06 -71.56
C LYS H 74 17.65 8.60 -70.50
N GLU H 75 17.56 9.91 -70.18
CA GLU H 75 18.49 10.50 -69.23
C GLU H 75 18.28 9.98 -67.81
N MET H 76 17.03 9.64 -67.45
CA MET H 76 16.71 9.13 -66.12
C MET H 76 17.08 7.66 -65.99
N ILE H 77 16.70 6.85 -66.97
CA ILE H 77 17.03 5.45 -66.93
C ILE H 77 18.52 5.22 -66.84
N LYS H 78 19.34 6.18 -67.29
CA LYS H 78 20.77 6.14 -67.05
C LYS H 78 21.13 6.70 -65.68
N ALA H 79 20.23 7.47 -65.09
CA ALA H 79 20.48 8.13 -63.81
C ALA H 79 20.21 7.20 -62.63
N GLY H 80 19.29 6.24 -62.80
CA GLY H 80 19.01 5.23 -61.81
C GLY H 80 17.58 4.71 -61.78
N MET H 81 16.67 5.28 -62.55
CA MET H 81 15.26 4.91 -62.40
C MET H 81 15.07 3.42 -62.66
N ASN H 82 14.23 2.81 -61.83
CA ASN H 82 13.91 1.40 -62.00
C ASN H 82 12.44 1.18 -62.21
N ILE H 83 11.63 1.95 -61.53
CA ILE H 83 10.19 1.85 -61.70
C ILE H 83 9.71 3.25 -61.99
N ALA H 84 8.79 3.35 -62.94
CA ALA H 84 8.08 4.59 -63.24
C ALA H 84 6.67 4.45 -62.69
N ARG H 85 6.24 5.48 -61.97
CA ARG H 85 4.97 5.50 -61.23
C ARG H 85 3.99 6.41 -61.97
N LEU H 86 2.79 5.90 -62.20
CA LEU H 86 1.76 6.63 -62.92
C LEU H 86 0.69 7.00 -61.91
N ASN H 87 0.77 8.23 -61.40
CA ASN H 87 -0.25 8.73 -60.48
C ASN H 87 -1.50 9.09 -61.28
N PHE H 88 -2.66 8.75 -60.72
CA PHE H 88 -3.92 8.94 -61.41
C PHE H 88 -4.76 10.11 -60.91
N SER H 89 -4.12 11.26 -60.68
CA SER H 89 -4.80 12.45 -60.16
C SER H 89 -4.58 13.69 -61.03
N SER H 92 -5.14 12.02 -67.78
CA SER H 92 -6.21 11.21 -68.40
C SER H 92 -5.66 9.89 -68.94
N HIS H 93 -6.55 8.96 -69.29
CA HIS H 93 -6.08 7.69 -69.81
C HIS H 93 -5.15 7.88 -71.01
N GLU H 94 -5.53 8.72 -72.00
CA GLU H 94 -4.61 8.97 -73.10
C GLU H 94 -3.32 9.61 -72.59
N TYR H 95 -3.42 10.48 -71.57
CA TYR H 95 -2.21 11.04 -70.96
C TYR H 95 -1.30 9.91 -70.48
N HIS H 96 -1.83 8.99 -69.67
CA HIS H 96 -1.00 7.94 -69.08
C HIS H 96 -0.60 6.90 -70.11
N ALA H 97 -1.42 6.69 -71.15
CA ALA H 97 -1.03 5.78 -72.22
C ALA H 97 0.13 6.34 -73.04
N GLU H 98 0.21 7.67 -73.20
CA GLU H 98 1.41 8.25 -73.80
C GLU H 98 2.62 7.97 -72.92
N SER H 99 2.48 8.27 -71.61
CA SER H 99 3.51 7.96 -70.62
C SER H 99 4.03 6.54 -70.78
N ILE H 100 3.13 5.56 -70.78
CA ILE H 100 3.49 4.18 -71.01
C ILE H 100 4.41 4.08 -72.23
N ALA H 101 3.81 4.21 -73.44
CA ALA H 101 4.57 4.04 -74.68
C ALA H 101 5.88 4.82 -74.70
N ASN H 102 5.93 5.97 -74.00
CA ASN H 102 7.18 6.75 -73.97
C ASN H 102 8.25 6.06 -73.14
N VAL H 103 7.90 5.68 -71.90
CA VAL H 103 8.82 4.89 -71.09
C VAL H 103 9.31 3.71 -71.91
N ARG H 104 8.37 2.92 -72.43
CA ARG H 104 8.71 1.71 -73.15
C ARG H 104 9.69 1.96 -74.29
N GLU H 105 9.51 3.06 -75.02
CA GLU H 105 10.45 3.36 -76.11
C GLU H 105 11.84 3.65 -75.55
N ALA H 106 11.92 4.43 -74.47
CA ALA H 106 13.22 4.69 -73.83
C ALA H 106 13.87 3.39 -73.33
N VAL H 107 13.05 2.40 -72.95
CA VAL H 107 13.60 1.15 -72.44
C VAL H 107 14.19 0.33 -73.58
N GLU H 108 13.52 0.33 -74.72
CA GLU H 108 13.96 -0.54 -75.79
C GLU H 108 15.04 0.07 -76.65
N SER H 109 15.28 1.38 -76.52
CA SER H 109 16.47 1.94 -77.14
C SER H 109 17.77 1.25 -76.71
N PHE H 110 17.78 0.52 -75.59
CA PHE H 110 19.00 -0.15 -75.17
C PHE H 110 18.87 -1.64 -75.37
N SER H 116 24.34 -3.04 -72.09
CA SER H 116 23.53 -2.87 -70.89
C SER H 116 22.08 -2.45 -71.20
N TYR H 117 21.20 -3.45 -71.08
CA TYR H 117 19.76 -3.25 -71.11
C TYR H 117 19.23 -3.42 -69.68
N ARG H 118 18.43 -2.47 -69.25
CA ARG H 118 17.93 -2.39 -67.87
C ARG H 118 16.41 -2.39 -67.88
N PRO H 119 15.77 -3.51 -67.58
CA PRO H 119 14.31 -3.48 -67.42
C PRO H 119 13.89 -2.30 -66.56
N VAL H 120 12.65 -1.87 -66.74
CA VAL H 120 12.08 -0.78 -65.96
C VAL H 120 10.60 -1.10 -65.86
N ALA H 121 10.08 -1.22 -64.65
CA ALA H 121 8.72 -1.66 -64.46
C ALA H 121 7.80 -0.45 -64.42
N ILE H 122 6.53 -0.70 -64.68
CA ILE H 122 5.54 0.37 -64.74
C ILE H 122 4.52 0.12 -63.66
N ALA H 123 4.32 1.12 -62.82
CA ALA H 123 3.46 0.98 -61.65
C ALA H 123 2.31 1.96 -61.76
N LEU H 124 1.11 1.46 -61.53
CA LEU H 124 -0.11 2.26 -61.56
C LEU H 124 -0.54 2.54 -60.13
N ASP H 125 -0.50 3.81 -59.74
CA ASP H 125 -0.87 4.23 -58.39
C ASP H 125 -2.30 4.78 -58.41
N THR H 126 -3.28 3.91 -58.09
CA THR H 126 -4.69 4.28 -58.17
C THR H 126 -5.01 5.55 -57.36
N LYS H 127 -6.04 6.27 -57.82
CA LYS H 127 -6.44 7.52 -57.18
C LYS H 127 -7.13 7.26 -55.85
N GLY H 128 -8.06 6.31 -55.81
CA GLY H 128 -8.76 5.94 -54.59
C GLY H 128 -9.69 7.01 -54.04
N PRO H 129 -10.50 6.61 -53.05
CA PRO H 129 -11.51 7.51 -52.48
C PRO H 129 -10.98 8.89 -52.07
N GLU H 130 -11.87 9.91 -52.07
CA GLU H 130 -11.45 11.30 -51.87
C GLU H 130 -12.53 12.19 -51.24
N ILE H 131 -12.32 12.61 -49.98
CA ILE H 131 -13.14 13.64 -49.35
C ILE H 131 -12.37 14.46 -48.29
N ARG H 132 -11.06 14.63 -48.48
CA ARG H 132 -10.14 15.35 -47.56
C ARG H 132 -10.19 14.82 -46.11
N THR H 133 -10.10 13.50 -45.96
CA THR H 133 -9.78 12.83 -44.68
C THR H 133 -10.76 13.04 -43.51
N GLN H 236 -14.75 4.86 -59.95
CA GLN H 236 -13.73 5.19 -60.93
C GLN H 236 -12.70 4.07 -60.95
N ASP H 237 -12.05 3.84 -59.79
CA ASP H 237 -10.77 3.14 -59.79
C ASP H 237 -10.79 1.85 -60.59
N VAL H 238 -11.95 1.21 -60.74
CA VAL H 238 -12.02 -0.03 -61.53
C VAL H 238 -11.62 0.23 -62.98
N ARG H 239 -11.94 1.41 -63.52
CA ARG H 239 -11.55 1.75 -64.88
C ARG H 239 -10.04 1.85 -65.02
N ASP H 240 -9.42 2.55 -64.07
CA ASP H 240 -7.97 2.65 -64.05
C ASP H 240 -7.32 1.28 -63.98
N LEU H 241 -7.94 0.34 -63.24
CA LEU H 241 -7.34 -0.98 -63.07
C LEU H 241 -7.52 -1.86 -64.29
N ARG H 242 -8.77 -2.00 -64.78
CA ARG H 242 -8.98 -2.75 -66.01
C ARG H 242 -8.11 -2.17 -67.13
N PHE H 243 -7.97 -0.85 -67.18
CA PHE H 243 -6.98 -0.20 -68.04
C PHE H 243 -5.59 -0.79 -67.81
N HIS H 247 -3.20 -2.53 -70.52
CA HIS H 247 -1.91 -2.02 -70.98
C HIS H 247 -0.70 -2.68 -70.31
N GLY H 248 -0.96 -3.77 -69.58
CA GLY H 248 0.11 -4.64 -69.14
C GLY H 248 0.99 -4.11 -68.03
N VAL H 249 0.48 -3.24 -67.15
CA VAL H 249 1.24 -2.72 -66.01
C VAL H 249 1.87 -3.87 -65.23
N ASP H 250 2.97 -3.58 -64.54
CA ASP H 250 3.65 -4.58 -63.76
C ASP H 250 3.27 -4.55 -62.29
N ILE H 251 2.93 -3.36 -61.77
CA ILE H 251 2.68 -3.14 -60.36
C ILE H 251 1.48 -2.20 -60.20
N VAL H 252 0.70 -2.42 -59.14
CA VAL H 252 -0.34 -1.48 -58.70
C VAL H 252 -0.01 -1.05 -57.27
N PHE H 253 0.31 0.23 -57.07
CA PHE H 253 0.22 0.82 -55.74
C PHE H 253 -1.23 1.14 -55.40
N ALA H 254 -2.00 0.12 -55.04
CA ALA H 254 -3.35 0.36 -54.54
C ALA H 254 -3.34 1.39 -53.42
N SER H 255 -4.39 2.22 -53.35
CA SER H 255 -4.41 3.42 -52.52
C SER H 255 -5.40 3.26 -51.37
N PHE H 256 -5.06 3.91 -50.23
CA PHE H 256 -5.90 3.98 -49.02
C PHE H 256 -6.35 2.59 -48.52
N VAL H 257 -5.46 1.61 -48.54
CA VAL H 257 -5.81 0.27 -48.07
C VAL H 257 -5.99 0.25 -46.55
N ARG H 258 -6.98 -0.53 -46.08
CA ARG H 258 -7.31 -0.59 -44.67
C ARG H 258 -7.67 -1.98 -44.18
N LYS H 259 -7.95 -2.94 -45.05
CA LYS H 259 -8.34 -4.26 -44.61
C LYS H 259 -7.86 -5.24 -45.66
N ALA H 260 -7.98 -6.53 -45.34
CA ALA H 260 -7.66 -7.58 -46.29
C ALA H 260 -8.66 -7.59 -47.45
N SER H 261 -9.96 -7.47 -47.14
CA SER H 261 -11.00 -7.39 -48.17
C SER H 261 -10.64 -6.38 -49.26
N ASP H 262 -10.28 -5.15 -48.85
CA ASP H 262 -9.78 -4.18 -49.80
C ASP H 262 -8.87 -4.82 -50.84
N VAL H 263 -7.90 -5.63 -50.39
CA VAL H 263 -6.97 -6.25 -51.32
C VAL H 263 -7.66 -7.36 -52.11
N ALA H 264 -8.66 -8.03 -51.50
CA ALA H 264 -9.43 -9.03 -52.23
C ALA H 264 -10.22 -8.38 -53.37
N ALA H 265 -10.62 -7.12 -53.18
CA ALA H 265 -11.22 -6.28 -54.19
C ALA H 265 -10.27 -6.16 -55.37
N VAL H 266 -9.27 -5.31 -55.21
CA VAL H 266 -8.25 -5.06 -56.21
C VAL H 266 -7.82 -6.35 -56.88
N ARG H 267 -7.74 -7.45 -56.13
CA ARG H 267 -7.38 -8.70 -56.78
C ARG H 267 -8.56 -9.32 -57.54
N ALA H 268 -9.78 -9.23 -56.97
CA ALA H 268 -10.96 -9.61 -57.72
C ALA H 268 -11.11 -8.76 -58.99
N ALA H 269 -11.06 -7.44 -58.85
CA ALA H 269 -11.14 -6.57 -60.02
C ALA H 269 -10.06 -6.92 -61.03
N LEU H 270 -8.82 -7.06 -60.58
CA LEU H 270 -7.79 -7.41 -61.56
C LEU H 270 -8.13 -8.71 -62.28
N GLY H 271 -9.04 -9.51 -61.72
CA GLY H 271 -9.45 -10.75 -62.35
C GLY H 271 -8.31 -11.69 -62.66
N PRO H 272 -8.65 -12.95 -62.94
CA PRO H 272 -7.60 -13.95 -63.27
C PRO H 272 -6.65 -13.51 -64.36
N GLU H 273 -7.03 -12.52 -65.17
CA GLU H 273 -6.12 -12.04 -66.21
C GLU H 273 -5.08 -11.09 -65.63
N GLY H 274 -5.42 -10.40 -64.54
CA GLY H 274 -4.49 -9.51 -63.86
C GLY H 274 -3.71 -10.11 -62.70
N HIS H 275 -3.77 -11.44 -62.52
CA HIS H 275 -3.17 -12.09 -61.36
C HIS H 275 -1.70 -11.71 -61.22
N GLY H 276 -0.90 -12.04 -62.22
CA GLY H 276 0.55 -11.91 -62.17
C GLY H 276 1.03 -10.53 -61.81
N ILE H 277 0.10 -9.58 -61.73
CA ILE H 277 0.45 -8.25 -61.26
C ILE H 277 0.66 -8.27 -59.75
N LYS H 278 1.42 -7.27 -59.26
CA LYS H 278 1.84 -7.23 -57.87
C LYS H 278 1.05 -6.13 -57.18
N ILE H 279 0.34 -6.50 -56.12
CA ILE H 279 -0.41 -5.52 -55.32
C ILE H 279 0.42 -5.05 -54.14
N ILE H 280 0.68 -3.75 -54.12
CA ILE H 280 1.37 -3.06 -53.04
C ILE H 280 0.33 -2.18 -52.37
N SER H 281 -0.24 -2.64 -51.26
CA SER H 281 -1.18 -1.83 -50.51
C SER H 281 -0.51 -0.58 -49.94
N LYS H 282 -1.05 0.58 -50.29
CA LYS H 282 -0.62 1.81 -49.65
C LYS H 282 -1.29 1.88 -48.29
N ILE H 283 -0.48 2.12 -47.25
CA ILE H 283 -0.96 2.34 -45.90
C ILE H 283 -0.85 3.83 -45.62
N GLU H 284 -1.94 4.44 -45.19
CA GLU H 284 -1.92 5.89 -45.10
C GLU H 284 -2.84 6.46 -44.03
N ASN H 285 -3.59 5.63 -43.31
CA ASN H 285 -4.45 6.08 -42.23
C ASN H 285 -4.26 5.22 -40.96
N HIS H 286 -4.81 5.72 -39.85
CA HIS H 286 -4.71 4.99 -38.59
C HIS H 286 -5.31 3.59 -38.71
N GLU H 287 -6.48 3.46 -39.32
CA GLU H 287 -7.06 2.11 -39.36
C GLU H 287 -6.12 1.12 -40.08
N GLY H 288 -5.36 1.57 -41.06
CA GLY H 288 -4.54 0.65 -41.81
C GLY H 288 -3.28 0.20 -41.09
N VAL H 289 -2.67 1.17 -40.40
CA VAL H 289 -1.57 0.90 -39.48
C VAL H 289 -1.97 -0.24 -38.52
N LYS H 290 -3.12 -0.11 -37.87
CA LYS H 290 -3.53 -1.07 -36.85
C LYS H 290 -3.91 -2.43 -37.44
N ARG H 291 -4.32 -2.48 -38.68
CA ARG H 291 -4.71 -3.76 -39.25
C ARG H 291 -3.62 -4.31 -40.15
N PHE H 292 -2.39 -3.80 -39.97
CA PHE H 292 -1.29 -4.05 -40.88
C PHE H 292 -1.07 -5.52 -41.13
N ASP H 293 -1.29 -6.38 -40.12
CA ASP H 293 -0.97 -7.79 -40.32
C ASP H 293 -1.91 -8.45 -41.33
N GLU H 294 -3.21 -8.08 -41.31
CA GLU H 294 -4.16 -8.71 -42.23
C GLU H 294 -3.92 -8.20 -43.65
N ILE H 295 -3.56 -6.92 -43.80
CA ILE H 295 -3.24 -6.37 -45.11
C ILE H 295 -2.00 -7.06 -45.70
N LEU H 296 -0.88 -7.06 -44.96
CA LEU H 296 0.34 -7.63 -45.53
C LEU H 296 0.13 -9.10 -45.83
N GLU H 297 -0.65 -9.76 -45.00
CA GLU H 297 -1.01 -11.15 -45.23
C GLU H 297 -1.41 -11.37 -46.69
N VAL H 298 -2.39 -10.63 -47.19
CA VAL H 298 -2.89 -10.87 -48.54
C VAL H 298 -2.12 -10.10 -49.62
N SER H 299 -1.36 -9.09 -49.26
CA SER H 299 -0.67 -8.29 -50.26
C SER H 299 0.67 -8.91 -50.65
N ASP H 300 1.13 -8.55 -51.83
CA ASP H 300 2.47 -8.93 -52.23
C ASP H 300 3.53 -8.00 -51.62
N GLY H 301 3.12 -6.84 -51.12
CA GLY H 301 4.05 -5.83 -50.67
C GLY H 301 3.29 -4.68 -50.03
N ILE H 302 4.04 -3.66 -49.60
CA ILE H 302 3.48 -2.54 -48.87
C ILE H 302 4.20 -1.25 -49.24
N MET H 303 3.43 -0.14 -49.24
CA MET H 303 3.97 1.22 -49.30
C MET H 303 3.67 1.99 -48.02
N VAL H 304 4.70 2.70 -47.55
CA VAL H 304 4.59 3.59 -46.40
C VAL H 304 4.22 4.97 -46.96
N ALA H 305 2.91 5.24 -47.05
CA ALA H 305 2.41 6.45 -47.72
C ALA H 305 2.55 7.64 -46.78
N ARG H 306 3.78 8.11 -46.65
CA ARG H 306 4.06 9.10 -45.61
C ARG H 306 3.32 10.41 -45.81
N GLY H 307 3.09 10.84 -47.06
CA GLY H 307 2.39 12.10 -47.30
C GLY H 307 1.04 12.14 -46.60
N ASP H 308 0.20 11.15 -46.88
CA ASP H 308 -1.13 11.12 -46.27
C ASP H 308 -1.07 10.75 -44.80
N LEU H 309 -0.11 9.91 -44.38
CA LEU H 309 -0.04 9.54 -42.96
C LEU H 309 0.27 10.76 -42.11
N GLY H 310 1.12 11.65 -42.59
CA GLY H 310 1.48 12.83 -41.82
C GLY H 310 0.35 13.81 -41.59
N ILE H 311 -0.79 13.63 -42.25
CA ILE H 311 -2.02 14.33 -41.88
C ILE H 311 -2.98 13.39 -41.16
N GLU H 312 -3.16 12.17 -41.66
CA GLU H 312 -4.06 11.20 -41.03
C GLU H 312 -3.64 10.75 -39.62
N ILE H 313 -2.41 11.04 -39.17
CA ILE H 313 -1.95 10.78 -37.79
C ILE H 313 -0.93 11.86 -37.45
N PRO H 314 -0.67 12.16 -36.18
CA PRO H 314 0.30 13.22 -35.88
C PRO H 314 1.60 13.03 -36.66
N ALA H 315 2.13 14.13 -37.15
CA ALA H 315 3.33 14.04 -37.99
C ALA H 315 4.49 13.44 -37.22
N GLU H 316 4.60 13.76 -35.92
CA GLU H 316 5.68 13.28 -35.08
C GLU H 316 5.66 11.76 -34.89
N LYS H 317 4.55 11.10 -35.23
CA LYS H 317 4.43 9.65 -35.12
C LYS H 317 4.69 8.93 -36.43
N VAL H 318 5.12 9.63 -37.47
CA VAL H 318 5.19 8.93 -38.75
C VAL H 318 6.34 7.93 -38.73
N PHE H 319 7.48 8.33 -38.14
CA PHE H 319 8.67 7.49 -38.13
C PHE H 319 8.38 6.14 -37.48
N LEU H 320 7.59 6.13 -36.41
CA LEU H 320 7.16 4.86 -35.83
C LEU H 320 6.43 3.99 -36.84
N ALA H 321 5.44 4.57 -37.55
CA ALA H 321 4.70 3.77 -38.53
C ALA H 321 5.64 3.18 -39.57
N GLN H 322 6.56 3.99 -40.05
CA GLN H 322 7.52 3.57 -41.07
C GLN H 322 8.37 2.40 -40.58
N LYS H 323 9.10 2.60 -39.48
CA LYS H 323 10.00 1.57 -38.98
C LYS H 323 9.25 0.28 -38.65
N MET H 324 8.10 0.39 -38.00
CA MET H 324 7.30 -0.79 -37.74
C MET H 324 7.03 -1.54 -39.02
N MET H 325 6.57 -0.82 -40.05
CA MET H 325 6.06 -1.51 -41.23
C MET H 325 7.20 -2.11 -42.04
N ILE H 326 8.29 -1.35 -42.21
CA ILE H 326 9.48 -1.89 -42.88
C ILE H 326 9.98 -3.15 -42.19
N GLY H 327 10.00 -3.14 -40.85
CA GLY H 327 10.48 -4.30 -40.11
C GLY H 327 9.62 -5.53 -40.31
N ARG H 328 8.29 -5.36 -40.26
CA ARG H 328 7.43 -6.53 -40.47
C ARG H 328 7.49 -7.05 -41.92
N CYS H 329 7.76 -6.17 -42.90
CA CYS H 329 7.90 -6.61 -44.28
C CYS H 329 9.21 -7.34 -44.52
N ASN H 330 10.30 -6.90 -43.89
CA ASN H 330 11.54 -7.67 -43.95
C ASN H 330 11.39 -9.00 -43.23
N LEU H 331 10.74 -8.97 -42.08
CA LEU H 331 10.44 -10.22 -41.41
C LEU H 331 9.66 -11.13 -42.34
N ALA H 332 8.69 -10.56 -43.08
CA ALA H 332 7.84 -11.39 -43.92
C ALA H 332 8.44 -11.70 -45.29
N GLY H 333 9.52 -11.03 -45.67
CA GLY H 333 10.09 -11.24 -46.99
C GLY H 333 9.26 -10.68 -48.15
N LYS H 334 8.48 -9.64 -47.91
CA LYS H 334 7.63 -9.00 -48.89
C LYS H 334 8.10 -7.56 -49.05
N PRO H 335 8.32 -7.10 -50.28
CA PRO H 335 8.92 -5.76 -50.48
C PRO H 335 8.15 -4.60 -49.86
N VAL H 336 8.88 -3.57 -49.45
CA VAL H 336 8.28 -2.41 -48.83
C VAL H 336 8.89 -1.12 -49.40
N VAL H 337 8.05 -0.07 -49.49
CA VAL H 337 8.36 1.16 -50.20
C VAL H 337 8.23 2.34 -49.25
N CYS H 338 9.27 3.16 -49.17
CA CYS H 338 9.20 4.43 -48.49
C CYS H 338 9.00 5.54 -49.52
N ALA H 339 8.19 6.54 -49.19
CA ALA H 339 7.75 7.41 -50.26
C ALA H 339 7.38 8.80 -49.77
N THR H 340 7.46 9.74 -50.73
CA THR H 340 7.04 11.14 -50.72
C THR H 340 7.84 12.04 -49.77
N GLN H 341 8.17 13.20 -50.34
CA GLN H 341 8.93 14.29 -49.74
C GLN H 341 10.36 13.90 -49.38
N MET H 342 10.87 12.82 -49.95
CA MET H 342 12.19 12.37 -49.49
C MET H 342 13.27 13.33 -49.96
N LEU H 343 13.07 13.96 -51.11
CA LEU H 343 13.99 14.98 -51.63
C LEU H 343 13.20 16.18 -52.20
N GLU H 344 12.33 16.77 -51.35
CA GLU H 344 11.36 17.78 -51.78
C GLU H 344 12.06 19.03 -52.31
N SER H 345 12.83 19.70 -51.46
CA SER H 345 13.64 20.85 -51.83
C SER H 345 14.22 20.76 -53.26
N MET H 346 14.54 19.55 -53.72
CA MET H 346 15.06 19.34 -55.07
C MET H 346 14.00 19.55 -56.15
N ILE H 347 12.73 19.70 -55.79
CA ILE H 347 11.73 20.19 -56.73
C ILE H 347 12.12 21.58 -57.28
N THR H 348 12.81 22.40 -56.48
CA THR H 348 13.25 23.71 -56.95
C THR H 348 14.64 24.08 -56.43
N LYS H 349 15.56 23.10 -56.37
CA LYS H 349 16.98 23.37 -56.10
C LYS H 349 17.78 22.22 -56.69
N PRO H 350 19.06 22.45 -56.99
CA PRO H 350 19.89 21.33 -57.52
C PRO H 350 20.49 20.44 -56.43
N ARG H 351 20.58 20.92 -55.18
CA ARG H 351 21.19 20.24 -54.04
C ARG H 351 20.17 20.04 -52.93
N PRO H 352 20.09 18.87 -52.30
CA PRO H 352 19.05 18.62 -51.29
C PRO H 352 19.45 19.12 -49.90
N THR H 353 18.44 19.29 -49.05
CA THR H 353 18.69 19.63 -47.65
C THR H 353 19.53 18.56 -46.97
N ARG H 354 20.03 18.88 -45.77
CA ARG H 354 20.68 17.88 -44.94
C ARG H 354 19.67 16.86 -44.43
N ALA H 355 18.49 17.30 -44.00
CA ALA H 355 17.47 16.37 -43.55
C ALA H 355 17.12 15.35 -44.60
N GLU H 356 17.21 15.71 -45.88
CA GLU H 356 16.70 14.82 -46.92
C GLU H 356 17.73 13.76 -47.29
N THR H 357 19.02 14.12 -47.16
CA THR H 357 20.12 13.17 -47.23
C THR H 357 19.98 12.10 -46.15
N SER H 358 19.97 12.52 -44.89
CA SER H 358 19.69 11.63 -43.77
C SER H 358 18.38 10.83 -43.96
N ASP H 359 17.34 11.44 -44.49
CA ASP H 359 16.09 10.70 -44.55
C ASP H 359 16.20 9.57 -45.54
N VAL H 360 16.92 9.78 -46.63
CA VAL H 360 17.01 8.73 -47.64
C VAL H 360 17.87 7.59 -47.11
N ALA H 361 19.03 7.93 -46.53
CA ALA H 361 19.89 6.94 -45.88
C ALA H 361 19.09 6.10 -44.88
N ASN H 362 18.32 6.76 -44.02
CA ASN H 362 17.70 6.05 -42.91
C ASN H 362 16.61 5.11 -43.38
N ALA H 363 15.98 5.39 -44.52
CA ALA H 363 15.00 4.45 -45.05
C ALA H 363 15.70 3.22 -45.58
N VAL H 364 16.89 3.40 -46.17
CA VAL H 364 17.70 2.27 -46.55
C VAL H 364 18.12 1.52 -45.31
N LEU H 365 18.59 2.26 -44.30
CA LEU H 365 19.00 1.63 -43.05
C LEU H 365 17.82 0.92 -42.39
N ASP H 366 16.60 1.49 -42.49
CA ASP H 366 15.45 0.80 -41.91
C ASP H 366 15.15 -0.53 -42.58
N GLY H 367 15.60 -0.73 -43.82
CA GLY H 367 15.29 -1.95 -44.54
C GLY H 367 14.33 -1.86 -45.72
N ALA H 368 14.03 -0.64 -46.18
CA ALA H 368 13.18 -0.41 -47.36
C ALA H 368 13.74 -1.07 -48.61
N ASP H 369 12.87 -1.71 -49.38
CA ASP H 369 13.30 -2.30 -50.64
C ASP H 369 13.45 -1.27 -51.76
N CYS H 370 12.54 -0.29 -51.78
CA CYS H 370 12.44 0.72 -52.81
C CYS H 370 12.23 2.06 -52.13
N ILE H 371 12.90 3.09 -52.64
CA ILE H 371 12.61 4.47 -52.24
C ILE H 371 11.98 5.20 -53.41
N MET H 372 11.31 6.31 -53.10
CA MET H 372 10.49 6.95 -54.09
C MET H 372 10.88 8.41 -54.31
N LEU H 373 10.35 8.91 -55.43
CA LEU H 373 10.39 10.30 -55.85
C LEU H 373 9.02 10.66 -56.39
N SER H 374 8.42 11.77 -55.90
CA SER H 374 7.10 12.17 -56.35
C SER H 374 7.24 13.43 -57.17
N GLY H 375 6.99 14.63 -56.61
CA GLY H 375 7.13 15.85 -57.38
C GLY H 375 8.50 16.01 -58.02
N GLU H 376 9.56 15.84 -57.24
CA GLU H 376 10.93 15.94 -57.74
C GLU H 376 11.12 15.29 -59.13
N THR H 377 10.17 14.46 -59.55
CA THR H 377 10.23 13.94 -60.91
C THR H 377 8.95 14.13 -61.71
N ALA H 378 7.80 14.26 -61.04
CA ALA H 378 6.58 14.64 -61.76
C ALA H 378 6.67 16.08 -62.26
N LYS H 379 6.80 17.04 -61.34
CA LYS H 379 6.58 18.44 -61.57
C LYS H 379 7.70 19.23 -60.92
N GLY H 380 8.89 19.20 -61.51
CA GLY H 380 10.01 19.83 -60.84
C GLY H 380 11.23 19.93 -61.71
N ASN H 381 12.14 20.80 -61.26
CA ASN H 381 13.23 21.26 -62.08
C ASN H 381 14.43 20.35 -62.11
N PHE H 382 14.48 19.26 -61.32
CA PHE H 382 15.67 18.42 -61.23
C PHE H 382 15.33 16.95 -61.18
N PRO H 383 14.62 16.46 -62.20
CA PRO H 383 14.24 15.05 -62.19
C PRO H 383 15.43 14.10 -62.16
N VAL H 384 16.52 14.45 -62.82
CA VAL H 384 17.61 13.50 -62.96
C VAL H 384 18.68 13.76 -61.90
N GLU H 385 18.87 15.02 -61.50
CA GLU H 385 19.70 15.27 -60.32
C GLU H 385 19.11 14.57 -59.09
N ALA H 386 17.78 14.42 -59.06
CA ALA H 386 17.09 13.72 -57.99
C ALA H 386 17.48 12.25 -58.04
N VAL H 387 17.07 11.58 -59.14
CA VAL H 387 17.39 10.18 -59.32
C VAL H 387 18.88 9.93 -59.18
N LYS H 388 19.70 10.93 -59.52
CA LYS H 388 21.14 10.76 -59.33
C LYS H 388 21.44 10.65 -57.84
N MET H 389 20.91 11.58 -57.04
CA MET H 389 21.30 11.62 -55.65
C MET H 389 20.62 10.52 -54.81
N GLN H 390 19.39 10.09 -55.15
CA GLN H 390 18.85 8.89 -54.52
C GLN H 390 19.73 7.67 -54.82
N HIS H 391 20.27 7.59 -56.05
CA HIS H 391 21.22 6.53 -56.35
C HIS H 391 22.49 6.66 -55.49
N ALA H 392 23.02 7.87 -55.37
CA ALA H 392 24.28 8.03 -54.67
C ALA H 392 24.10 7.74 -53.19
N ILE H 393 23.02 8.25 -52.59
CA ILE H 393 22.76 8.07 -51.16
C ILE H 393 22.59 6.58 -50.85
N ALA H 394 21.65 5.94 -51.55
CA ALA H 394 21.36 4.54 -51.31
C ALA H 394 22.61 3.70 -51.51
N ARG H 395 23.46 4.06 -52.47
CA ARG H 395 24.70 3.30 -52.61
C ARG H 395 25.53 3.41 -51.33
N GLU H 396 25.50 4.59 -50.67
CA GLU H 396 26.28 4.75 -49.45
C GLU H 396 25.62 4.04 -48.26
N ALA H 397 24.27 4.08 -48.17
CA ALA H 397 23.56 3.50 -47.03
C ALA H 397 23.61 1.99 -47.07
N GLU H 398 23.45 1.42 -48.27
CA GLU H 398 23.47 -0.03 -48.43
C GLU H 398 24.76 -0.61 -47.90
N ALA H 399 25.88 0.10 -48.06
CA ALA H 399 27.13 -0.48 -47.60
C ALA H 399 27.22 -0.49 -46.08
N ALA H 400 26.59 0.48 -45.42
CA ALA H 400 26.66 0.64 -43.98
C ALA H 400 25.61 -0.18 -43.22
N VAL H 401 24.82 -1.01 -43.93
CA VAL H 401 23.96 -1.97 -43.25
C VAL H 401 24.84 -2.96 -42.47
N TYR H 402 24.44 -3.23 -41.22
CA TYR H 402 25.12 -4.18 -40.32
C TYR H 402 24.50 -5.56 -40.57
N HIS H 403 25.05 -6.29 -41.53
CA HIS H 403 24.46 -7.56 -41.92
C HIS H 403 24.58 -8.62 -40.83
N ARG H 404 25.69 -8.60 -40.09
CA ARG H 404 25.89 -9.55 -39.00
C ARG H 404 24.66 -9.62 -38.10
N GLN H 405 24.11 -8.47 -37.74
CA GLN H 405 22.99 -8.45 -36.80
C GLN H 405 21.67 -8.70 -37.51
N LEU H 406 21.50 -8.12 -38.69
CA LEU H 406 20.30 -8.36 -39.46
C LEU H 406 20.14 -9.84 -39.81
N PHE H 407 21.21 -10.46 -40.29
CA PHE H 407 21.09 -11.88 -40.65
C PHE H 407 20.74 -12.70 -39.41
N GLU H 408 21.47 -12.50 -38.32
CA GLU H 408 21.25 -13.29 -37.12
C GLU H 408 19.84 -13.08 -36.57
N GLU H 409 19.32 -11.85 -36.63
CA GLU H 409 18.00 -11.61 -36.09
C GLU H 409 16.92 -12.16 -37.04
N LEU H 410 17.22 -12.32 -38.33
CA LEU H 410 16.32 -13.14 -39.15
C LEU H 410 16.48 -14.63 -38.84
N ARG H 411 17.67 -15.10 -38.53
CA ARG H 411 17.77 -16.50 -38.14
C ARG H 411 16.94 -16.81 -36.88
N ARG H 412 16.81 -15.84 -35.98
CA ARG H 412 16.10 -16.08 -34.73
C ARG H 412 14.61 -15.78 -34.84
N ALA H 413 14.21 -14.83 -35.68
CA ALA H 413 12.80 -14.49 -35.75
C ALA H 413 12.05 -15.28 -36.81
N ALA H 414 12.72 -15.62 -37.90
CA ALA H 414 12.05 -16.31 -38.98
C ALA H 414 11.73 -17.73 -38.53
N PRO H 415 10.53 -18.21 -38.81
CA PRO H 415 10.24 -19.62 -38.56
C PRO H 415 11.03 -20.54 -39.47
N LEU H 416 11.22 -21.76 -38.99
CA LEU H 416 11.68 -22.84 -39.84
C LEU H 416 10.92 -22.82 -41.13
N SER H 417 11.60 -23.18 -42.20
CA SER H 417 10.94 -23.36 -43.48
C SER H 417 11.17 -24.77 -44.02
N ARG H 418 10.18 -25.26 -44.73
CA ARG H 418 10.31 -26.51 -45.43
C ARG H 418 10.12 -26.34 -46.94
N ASP H 419 10.31 -25.09 -47.44
CA ASP H 419 10.31 -24.81 -48.86
C ASP H 419 11.74 -24.93 -49.40
N PRO H 420 12.04 -25.90 -50.26
CA PRO H 420 13.45 -26.12 -50.69
C PRO H 420 14.06 -24.92 -51.35
N THR H 421 13.26 -24.03 -51.91
CA THR H 421 13.80 -22.83 -52.55
C THR H 421 14.27 -21.83 -51.50
N GLU H 422 13.47 -21.61 -50.45
CA GLU H 422 13.94 -20.80 -49.33
C GLU H 422 15.16 -21.40 -48.65
N VAL H 423 15.13 -22.71 -48.42
CA VAL H 423 16.25 -23.38 -47.82
C VAL H 423 17.49 -23.15 -48.64
N THR H 424 17.40 -23.35 -49.96
CA THR H 424 18.56 -23.15 -50.82
C THR H 424 19.03 -21.71 -50.76
N ALA H 425 18.09 -20.76 -50.62
CA ALA H 425 18.44 -19.33 -50.63
C ALA H 425 19.23 -18.93 -49.38
N ILE H 426 18.76 -19.34 -48.19
CA ILE H 426 19.48 -18.99 -46.97
C ILE H 426 20.85 -19.61 -47.02
N GLY H 427 20.96 -20.80 -47.64
CA GLY H 427 22.26 -21.41 -47.83
C GLY H 427 23.15 -20.57 -48.72
N ALA H 428 22.60 -20.10 -49.85
CA ALA H 428 23.40 -19.35 -50.79
C ALA H 428 23.79 -18.00 -50.19
N VAL H 429 22.90 -17.36 -49.45
CA VAL H 429 23.31 -16.09 -48.85
C VAL H 429 24.45 -16.35 -47.86
N GLU H 430 24.34 -17.38 -47.02
CA GLU H 430 25.38 -17.60 -46.02
C GLU H 430 26.71 -17.89 -46.71
N ALA H 431 26.67 -18.69 -47.77
CA ALA H 431 27.88 -18.96 -48.53
C ALA H 431 28.44 -17.69 -49.15
N ALA H 432 27.58 -16.87 -49.76
CA ALA H 432 28.01 -15.58 -50.31
C ALA H 432 28.86 -14.79 -49.32
N PHE H 433 28.36 -14.63 -48.10
CA PHE H 433 29.12 -13.91 -47.06
C PHE H 433 30.42 -14.63 -46.71
N LYS H 434 30.41 -15.95 -46.67
CA LYS H 434 31.60 -16.62 -46.16
C LYS H 434 32.79 -16.35 -47.05
N CYS H 435 32.58 -16.11 -48.33
CA CYS H 435 33.68 -15.93 -49.27
C CYS H 435 33.69 -14.53 -49.89
N CYS H 436 32.93 -13.59 -49.33
CA CYS H 436 32.75 -12.27 -49.94
C CYS H 436 32.43 -12.40 -51.42
N ALA H 437 31.39 -13.19 -51.70
CA ALA H 437 30.94 -13.39 -53.07
C ALA H 437 30.72 -12.05 -53.76
N ALA H 438 31.00 -12.01 -55.07
CA ALA H 438 30.72 -10.82 -55.86
C ALA H 438 29.25 -10.77 -56.28
N ALA H 439 28.68 -11.91 -56.59
CA ALA H 439 27.27 -11.94 -56.93
C ALA H 439 26.73 -13.33 -56.60
N ILE H 440 25.41 -13.39 -56.48
CA ILE H 440 24.66 -14.62 -56.52
C ILE H 440 23.84 -14.60 -57.82
N ILE H 441 24.05 -15.59 -58.66
CA ILE H 441 23.40 -15.67 -59.97
C ILE H 441 22.29 -16.69 -59.84
N VAL H 442 21.05 -16.24 -59.91
CA VAL H 442 19.91 -17.15 -59.80
C VAL H 442 19.09 -17.15 -61.09
N LEU H 443 18.73 -18.36 -61.54
CA LEU H 443 17.77 -18.55 -62.61
C LEU H 443 16.36 -18.61 -62.05
N THR H 444 15.46 -17.83 -62.64
CA THR H 444 14.07 -17.86 -62.23
C THR H 444 13.15 -17.40 -63.36
N THR H 445 11.93 -17.91 -63.31
CA THR H 445 10.91 -17.56 -64.28
C THR H 445 9.88 -16.59 -63.69
N THR H 446 9.47 -16.80 -62.44
CA THR H 446 8.47 -15.95 -61.79
C THR H 446 9.07 -14.85 -60.93
N GLY H 447 10.38 -14.82 -60.71
CA GLY H 447 10.98 -13.90 -59.77
C GLY H 447 11.07 -14.40 -58.32
N ARG H 448 10.48 -15.56 -58.02
CA ARG H 448 10.33 -16.02 -56.64
C ARG H 448 11.67 -16.38 -56.01
N SER H 449 12.48 -17.18 -56.70
CA SER H 449 13.80 -17.54 -56.22
C SER H 449 14.64 -16.32 -55.87
N ALA H 450 14.56 -15.26 -56.67
CA ALA H 450 15.38 -14.10 -56.38
C ALA H 450 14.82 -13.33 -55.19
N GLN H 451 13.51 -13.45 -54.93
CA GLN H 451 12.93 -12.74 -53.80
C GLN H 451 13.39 -13.34 -52.49
N LEU H 452 13.36 -14.67 -52.38
CA LEU H 452 13.78 -15.34 -51.16
C LEU H 452 15.27 -15.15 -50.92
N LEU H 453 16.06 -14.92 -51.96
CA LEU H 453 17.42 -14.45 -51.73
C LEU H 453 17.43 -13.05 -51.15
N SER H 454 16.59 -12.17 -51.70
CA SER H 454 16.60 -10.75 -51.29
C SER H 454 16.23 -10.57 -49.82
N ARG H 455 15.35 -11.43 -49.27
CA ARG H 455 14.88 -11.28 -47.90
C ARG H 455 15.98 -11.50 -46.85
N TYR H 456 17.04 -12.23 -47.18
CA TYR H 456 18.15 -12.42 -46.29
C TYR H 456 19.30 -11.44 -46.57
N ARG H 457 19.04 -10.45 -47.44
CA ARG H 457 19.89 -9.28 -47.61
C ARG H 457 21.38 -9.56 -47.86
N PRO H 458 21.69 -10.35 -48.87
CA PRO H 458 23.11 -10.54 -49.19
C PRO H 458 23.74 -9.22 -49.58
N ARG H 459 24.96 -9.02 -49.11
CA ARG H 459 25.80 -7.98 -49.68
C ARG H 459 26.04 -8.24 -51.17
N ALA H 460 26.36 -9.50 -51.52
CA ALA H 460 26.49 -9.88 -52.92
C ALA H 460 25.22 -9.50 -53.69
N ALA H 461 25.42 -9.05 -54.93
CA ALA H 461 24.33 -8.68 -55.82
C ALA H 461 23.60 -9.92 -56.33
N VAL H 462 22.29 -9.82 -56.46
CA VAL H 462 21.48 -10.92 -56.93
C VAL H 462 21.22 -10.71 -58.42
N ILE H 463 22.04 -11.37 -59.23
CA ILE H 463 21.97 -11.32 -60.68
C ILE H 463 20.95 -12.36 -61.14
N ALA H 464 19.70 -11.93 -61.30
CA ALA H 464 18.62 -12.80 -61.75
C ALA H 464 18.49 -12.86 -63.28
N VAL H 465 18.54 -14.07 -63.83
CA VAL H 465 18.43 -14.36 -65.27
C VAL H 465 17.08 -15.02 -65.51
N THR H 466 16.28 -14.41 -66.38
CA THR H 466 14.91 -14.87 -66.59
C THR H 466 14.50 -14.66 -68.03
N ARG H 467 13.75 -15.64 -68.57
CA ARG H 467 13.07 -15.56 -69.86
C ARG H 467 11.76 -14.78 -69.77
N SER H 468 11.07 -14.82 -68.64
CA SER H 468 9.94 -13.93 -68.45
C SER H 468 10.43 -12.49 -68.46
N ALA H 469 9.65 -11.62 -69.10
CA ALA H 469 10.03 -10.21 -69.21
C ALA H 469 9.29 -9.37 -68.19
N GLN H 470 8.14 -9.83 -67.73
CA GLN H 470 7.50 -9.18 -66.60
C GLN H 470 8.25 -9.48 -65.29
N ALA H 471 8.71 -10.72 -65.10
CA ALA H 471 9.56 -11.01 -63.95
C ALA H 471 10.71 -10.01 -63.88
N ALA H 472 11.45 -9.85 -64.98
CA ALA H 472 12.61 -8.95 -65.00
C ALA H 472 12.26 -7.54 -64.55
N ARG H 473 11.00 -7.12 -64.72
CA ARG H 473 10.56 -5.80 -64.27
C ARG H 473 10.04 -5.81 -62.83
N GLN H 474 9.27 -6.85 -62.48
CA GLN H 474 8.69 -6.96 -61.14
C GLN H 474 9.73 -7.21 -60.04
N VAL H 475 10.87 -7.83 -60.33
CA VAL H 475 11.85 -8.04 -59.27
C VAL H 475 12.54 -6.74 -58.84
N HIS H 476 12.37 -5.64 -59.57
CA HIS H 476 12.88 -4.35 -59.10
C HIS H 476 12.14 -3.93 -57.81
N LEU H 477 11.16 -4.71 -57.36
CA LEU H 477 10.58 -4.45 -56.05
C LEU H 477 11.39 -5.05 -54.88
N CYS H 478 12.33 -5.96 -55.14
CA CYS H 478 13.11 -6.61 -54.11
C CYS H 478 14.54 -6.09 -54.10
N ARG H 479 14.93 -5.44 -52.99
CA ARG H 479 16.29 -4.92 -52.84
C ARG H 479 17.35 -5.95 -53.25
N GLY H 480 18.32 -5.48 -54.03
CA GLY H 480 19.48 -6.27 -54.41
C GLY H 480 19.37 -7.12 -55.65
N VAL H 481 18.22 -7.15 -56.34
CA VAL H 481 18.08 -7.99 -57.52
C VAL H 481 18.27 -7.17 -58.78
N PHE H 482 19.28 -7.52 -59.54
CA PHE H 482 19.46 -6.98 -60.86
C PHE H 482 18.97 -7.97 -61.90
N PRO H 483 17.93 -7.64 -62.68
CA PRO H 483 17.44 -8.58 -63.72
C PRO H 483 18.21 -8.48 -65.03
N LEU H 484 18.27 -9.64 -65.69
CA LEU H 484 18.83 -9.80 -67.02
C LEU H 484 17.86 -10.69 -67.79
N LEU H 485 17.36 -10.20 -68.91
CA LEU H 485 16.37 -10.94 -69.69
C LEU H 485 17.07 -11.74 -70.78
N TYR H 486 16.94 -13.06 -70.68
CA TYR H 486 17.46 -13.99 -71.66
C TYR H 486 16.42 -14.20 -72.74
N ARG H 487 16.76 -13.83 -73.99
CA ARG H 487 15.83 -13.97 -75.09
C ARG H 487 16.12 -15.16 -75.99
N GLU H 488 17.36 -15.63 -76.04
CA GLU H 488 17.71 -16.80 -76.84
C GLU H 488 16.80 -17.98 -76.45
N PRO H 489 16.44 -18.85 -77.41
CA PRO H 489 15.40 -19.88 -77.13
C PRO H 489 15.94 -21.04 -76.29
N PRO H 490 15.06 -21.98 -75.91
CA PRO H 490 15.51 -23.19 -75.21
C PRO H 490 16.51 -24.01 -76.02
N GLU H 491 17.16 -24.94 -75.30
CA GLU H 491 18.14 -25.89 -75.84
C GLU H 491 17.69 -27.29 -75.46
N ALA H 492 18.22 -28.29 -76.17
CA ALA H 492 17.61 -29.62 -76.16
C ALA H 492 17.81 -30.35 -74.83
N ILE H 493 18.95 -30.18 -74.19
CA ILE H 493 19.23 -30.81 -72.91
C ILE H 493 18.97 -29.79 -71.82
N TRP H 494 18.25 -30.21 -70.77
CA TRP H 494 17.98 -29.28 -69.68
C TRP H 494 19.29 -28.71 -69.11
N ALA H 495 20.26 -29.58 -68.82
CA ALA H 495 21.55 -29.11 -68.34
C ALA H 495 22.12 -27.99 -69.22
N ASP H 496 21.99 -28.08 -70.55
CA ASP H 496 22.70 -27.13 -71.40
C ASP H 496 22.04 -25.76 -71.36
N ASP H 497 20.69 -25.72 -71.43
CA ASP H 497 19.95 -24.47 -71.34
C ASP H 497 20.33 -23.69 -70.08
N VAL H 498 20.40 -24.38 -68.93
CA VAL H 498 20.81 -23.75 -67.68
C VAL H 498 22.19 -23.11 -67.79
N ASP H 499 23.20 -23.89 -68.22
CA ASP H 499 24.54 -23.30 -68.32
C ASP H 499 24.54 -22.07 -69.21
N ARG H 500 23.89 -22.16 -70.38
CA ARG H 500 23.82 -21.01 -71.26
C ARG H 500 23.24 -19.81 -70.55
N ARG H 501 22.17 -19.99 -69.76
CA ARG H 501 21.65 -18.85 -69.01
C ARG H 501 22.64 -18.39 -67.95
N VAL H 502 23.36 -19.34 -67.35
CA VAL H 502 24.29 -18.98 -66.29
C VAL H 502 25.47 -18.22 -66.86
N GLN H 503 26.04 -18.68 -67.98
CA GLN H 503 27.12 -17.94 -68.63
C GLN H 503 26.64 -16.60 -69.16
N PHE H 504 25.40 -16.54 -69.65
CA PHE H 504 24.75 -15.27 -69.93
C PHE H 504 24.86 -14.31 -68.74
N GLY H 505 24.50 -14.78 -67.54
CA GLY H 505 24.69 -13.97 -66.34
C GLY H 505 26.14 -13.61 -66.07
N ILE H 506 27.07 -14.56 -66.29
CA ILE H 506 28.47 -14.26 -65.99
C ILE H 506 29.00 -13.20 -66.94
N GLU H 507 28.61 -13.25 -68.21
CA GLU H 507 29.15 -12.33 -69.21
C GLU H 507 28.52 -10.95 -69.06
N SER H 508 27.19 -10.90 -68.92
CA SER H 508 26.58 -9.63 -68.55
C SER H 508 27.26 -9.06 -67.32
N GLY H 509 27.43 -9.91 -66.31
CA GLY H 509 28.00 -9.45 -65.05
C GLY H 509 29.41 -8.94 -65.24
N LYS H 510 30.24 -9.73 -65.94
CA LYS H 510 31.60 -9.29 -66.28
C LYS H 510 31.59 -7.92 -66.93
N LEU H 511 30.68 -7.73 -67.90
CA LEU H 511 30.70 -6.50 -68.68
C LEU H 511 30.18 -5.31 -67.88
N ARG H 512 29.29 -5.54 -66.92
CA ARG H 512 28.61 -4.45 -66.24
C ARG H 512 29.29 -4.03 -64.96
N GLY H 513 30.41 -4.65 -64.61
CA GLY H 513 31.16 -4.22 -63.45
C GLY H 513 30.90 -4.99 -62.19
N PHE H 514 29.98 -5.97 -62.21
CA PHE H 514 29.75 -6.81 -61.02
C PHE H 514 30.88 -7.82 -60.82
N LEU H 515 31.25 -8.54 -61.90
CA LEU H 515 32.19 -9.65 -61.85
C LEU H 515 33.52 -9.32 -62.52
N ARG H 516 34.61 -9.78 -61.91
CA ARG H 516 35.94 -9.84 -62.53
C ARG H 516 36.42 -11.30 -62.39
N VAL H 517 37.62 -11.60 -62.89
CA VAL H 517 38.01 -13.01 -62.98
C VAL H 517 38.77 -13.42 -61.74
N GLY H 518 38.60 -14.69 -61.37
CA GLY H 518 39.01 -15.11 -60.05
C GLY H 518 38.07 -14.66 -58.96
N ASP H 519 37.02 -13.93 -59.31
CA ASP H 519 35.95 -13.72 -58.36
C ASP H 519 35.31 -15.06 -58.02
N LEU H 520 34.64 -15.07 -56.88
CA LEU H 520 33.77 -16.17 -56.52
C LEU H 520 32.31 -15.73 -56.60
N VAL H 521 31.46 -16.60 -57.17
CA VAL H 521 30.02 -16.37 -57.13
C VAL H 521 29.27 -17.63 -56.70
N ILE H 522 28.08 -17.40 -56.15
CA ILE H 522 27.15 -18.48 -55.86
C ILE H 522 26.13 -18.53 -56.99
N VAL H 523 25.78 -19.74 -57.42
CA VAL H 523 24.85 -19.97 -58.52
C VAL H 523 23.67 -20.80 -58.03
N VAL H 524 22.46 -20.34 -58.32
CA VAL H 524 21.26 -20.99 -57.80
C VAL H 524 20.36 -21.37 -58.97
N THR H 525 20.14 -22.68 -59.15
CA THR H 525 19.32 -23.20 -60.25
C THR H 525 18.41 -24.33 -59.75
N GLY H 526 17.64 -24.91 -60.68
CA GLY H 526 16.85 -26.09 -60.44
C GLY H 526 17.37 -27.31 -61.20
N TRP H 527 16.65 -28.44 -61.00
CA TRP H 527 16.97 -29.75 -61.58
C TRP H 527 16.10 -30.10 -62.78
N ARG H 528 14.83 -29.69 -62.75
CA ARG H 528 13.93 -29.63 -63.90
C ARG H 528 13.29 -28.25 -63.85
N PRO H 529 12.57 -27.85 -64.92
CA PRO H 529 11.88 -26.55 -64.92
C PRO H 529 10.72 -26.47 -63.92
N GLU H 531 10.00 -23.04 -61.53
CA GLU H 531 10.33 -22.21 -60.37
C GLU H 531 10.26 -22.98 -59.06
N GLY H 532 9.20 -23.79 -58.91
CA GLY H 532 9.03 -24.55 -57.68
C GLY H 532 10.26 -25.37 -57.33
N TYR H 533 10.93 -25.92 -58.34
CA TYR H 533 12.02 -26.86 -58.16
C TYR H 533 13.39 -26.19 -58.09
N THR H 534 13.54 -25.01 -57.49
CA THR H 534 14.85 -24.35 -57.41
C THR H 534 15.59 -24.75 -56.14
N ASN H 535 16.53 -25.70 -56.26
CA ASN H 535 17.04 -26.34 -55.05
C ASN H 535 18.53 -26.69 -55.13
N ILE H 536 19.31 -25.93 -55.86
CA ILE H 536 20.72 -26.23 -56.01
C ILE H 536 21.50 -24.94 -55.93
N MET H 537 22.56 -24.94 -55.14
CA MET H 537 23.51 -23.84 -55.13
C MET H 537 24.91 -24.40 -55.33
N ARG H 538 25.68 -23.72 -56.19
CA ARG H 538 27.04 -24.12 -56.50
C ARG H 538 27.96 -22.93 -56.31
N VAL H 539 29.17 -23.23 -55.87
CA VAL H 539 30.20 -22.23 -55.70
C VAL H 539 31.11 -22.33 -56.90
N LEU H 540 31.37 -21.19 -57.52
CA LEU H 540 32.03 -21.17 -58.81
C LEU H 540 33.04 -20.05 -58.81
N SER H 541 34.24 -20.33 -59.31
CA SER H 541 35.20 -19.27 -59.62
C SER H 541 34.96 -18.76 -61.05
N ILE H 542 34.98 -17.44 -61.19
CA ILE H 542 34.76 -16.84 -62.50
C ILE H 542 36.03 -16.97 -63.32
N SER H 543 35.89 -17.52 -64.51
CA SER H 543 37.02 -17.79 -65.39
C SER H 543 37.14 -16.79 -66.54
C1 EDO I . 29.57 -20.30 2.33
O1 EDO I . 29.59 -19.28 3.31
C2 EDO I . 28.33 -21.01 2.86
O2 EDO I . 27.85 -21.96 1.99
H11 EDO I . 29.44 -19.94 1.43
H12 EDO I . 30.36 -20.86 2.35
HO1 EDO I . 30.39 -19.16 3.58
H21 EDO I . 28.56 -21.45 3.69
H22 EDO I . 27.64 -20.35 3.02
HO2 EDO I . 27.52 -21.57 1.31
C1 EDO J . 11.79 -39.11 21.81
O1 EDO J . 12.76 -38.09 21.68
C2 EDO J . 10.42 -38.53 21.46
O2 EDO J . 10.50 -37.68 20.31
H11 EDO J . 12.00 -39.84 21.21
H12 EDO J . 11.78 -39.44 22.72
HO1 EDO J . 13.53 -38.41 21.83
H21 EDO J . 9.81 -39.25 21.27
H22 EDO J . 10.10 -38.01 22.21
HO2 EDO J . 9.71 -37.47 20.06
C1 EDO K . 28.90 -40.54 19.27
O1 EDO K . 29.71 -41.38 18.49
C2 EDO K . 29.69 -39.83 20.39
O2 EDO K . 30.89 -39.24 19.93
H11 EDO K . 28.50 -39.87 18.70
H12 EDO K . 28.19 -41.07 19.68
HO1 EDO K . 29.33 -41.54 17.75
H21 EDO K . 29.13 -39.14 20.77
H22 EDO K . 29.91 -40.48 21.07
HO2 EDO K . 31.36 -38.99 20.60
C1 EDO L . 32.27 -21.79 13.77
O1 EDO L . 31.59 -22.97 14.09
C2 EDO L . 33.51 -21.96 12.88
O2 EDO L . 34.44 -20.93 13.03
H11 EDO L . 32.55 -21.36 14.59
H12 EDO L . 31.65 -21.20 13.30
HO1 EDO L . 30.80 -22.79 14.37
H21 EDO L . 33.23 -21.99 11.95
H22 EDO L . 33.94 -22.80 13.11
HO2 EDO L . 35.16 -21.11 12.62
C1 EDO M . 18.31 -40.33 -1.02
O1 EDO M . 18.30 -39.90 0.35
C2 EDO M . 17.03 -39.99 -1.85
O2 EDO M . 17.43 -39.63 -3.19
H11 EDO M . 19.07 -39.93 -1.45
H12 EDO M . 18.41 -41.30 -1.02
HO1 EDO M . 19.07 -40.04 0.70
H21 EDO M . 16.45 -40.76 -1.88
H22 EDO M . 16.57 -39.25 -1.44
HO2 EDO M . 16.73 -39.49 -3.66
C1 EDO N . 17.33 -18.65 3.02
O1 EDO N . 16.68 -17.60 3.71
C2 EDO N . 16.32 -19.61 2.39
O2 EDO N . 15.26 -18.95 1.75
H11 EDO N . 17.89 -18.28 2.34
H12 EDO N . 17.87 -19.15 3.66
HO1 EDO N . 17.26 -17.05 4.02
H21 EDO N . 16.78 -20.15 1.73
H22 EDO N . 15.95 -20.19 3.08
HO2 EDO N . 14.71 -19.53 1.45
C1 EDO O . 12.49 -24.01 14.64
O1 EDO O . 13.77 -24.48 14.26
C2 EDO O . 11.78 -24.95 15.65
O2 EDO O . 10.78 -24.27 16.38
H11 EDO O . 12.61 -23.14 15.05
H12 EDO O . 11.95 -23.93 13.84
HO1 EDO O . 13.88 -24.33 13.44
H21 EDO O . 11.38 -25.68 15.16
H22 EDO O . 12.44 -25.30 16.27
HO2 EDO O . 10.46 -24.79 16.97
C1 EDO P . 19.74 -17.85 -5.87
O1 EDO P . 19.03 -18.24 -7.10
C2 EDO P . 18.98 -17.94 -4.52
O2 EDO P . 19.16 -19.24 -3.90
H11 EDO P . 20.54 -18.41 -5.80
H12 EDO P . 20.02 -16.93 -5.99
HO1 EDO P . 19.57 -18.24 -7.75
H21 EDO P . 19.33 -17.27 -3.91
H22 EDO P . 18.05 -17.78 -4.67
HO2 EDO P . 18.78 -19.25 -3.15
C1 EDO Q . 33.32 6.48 -0.45
O1 EDO Q . 33.16 6.13 -1.80
C2 EDO Q . 34.46 5.61 0.08
O2 EDO Q . 34.39 5.44 1.48
H11 EDO Q . 33.55 7.41 -0.36
H12 EDO Q . 32.50 6.30 0.04
HO1 EDO Q . 32.70 6.73 -2.18
H21 EDO Q . 34.41 4.74 -0.34
H22 EDO Q . 35.30 6.04 -0.14
HO2 EDO Q . 35.12 5.11 1.75
C1 EDO R . 35.47 -41.47 14.66
O1 EDO R . 36.12 -40.56 15.51
C2 EDO R . 33.97 -41.18 14.69
O2 EDO R . 33.60 -39.90 14.19
H11 EDO R . 35.81 -41.37 13.75
H12 EDO R . 35.63 -42.38 14.96
HO1 EDO R . 36.96 -40.74 15.53
H21 EDO R . 33.51 -41.85 14.16
H22 EDO R . 33.66 -41.24 15.61
HO2 EDO R . 32.75 -39.83 14.21
C1 EDO S . 40.06 -37.04 -38.87
O1 EDO S . 40.88 -35.85 -38.95
C2 EDO S . 39.04 -37.24 -40.01
O2 EDO S . 39.67 -37.41 -41.26
H11 EDO S . 40.65 -37.80 -38.85
H12 EDO S . 39.55 -36.99 -38.03
HO1 EDO S . 41.41 -35.83 -38.29
H21 EDO S . 38.51 -38.03 -39.81
H22 EDO S . 38.46 -36.46 -40.05
HO2 EDO S . 39.08 -37.33 -41.87
C1 EDO T . 16.09 -34.52 -37.22
O1 EDO T . 17.04 -33.64 -36.69
C2 EDO T . 14.91 -33.79 -37.86
O2 EDO T . 13.84 -34.70 -37.92
H11 EDO T . 16.50 -35.08 -37.89
H12 EDO T . 15.74 -35.08 -36.50
HO1 EDO T . 17.76 -34.06 -36.52
H21 EDO T . 14.66 -33.02 -37.32
H22 EDO T . 15.15 -33.49 -38.75
HO2 EDO T . 13.19 -34.36 -38.34
C1 EDO U . 46.27 -41.31 -19.36
O1 EDO U . 44.91 -40.79 -19.16
C2 EDO U . 46.53 -42.87 -19.26
O2 EDO U . 45.99 -43.76 -20.25
H11 EDO U . 46.56 -41.04 -20.25
H12 EDO U . 46.84 -40.89 -18.69
HO1 EDO U . 44.96 -40.03 -18.79
H21 EDO U . 47.49 -42.99 -19.28
H22 EDO U . 46.18 -43.15 -18.40
HO2 EDO U . 46.26 -44.56 -20.09
C1 EDO V . 18.14 -35.18 -31.20
O1 EDO V . 18.97 -34.26 -31.92
C2 EDO V . 18.66 -36.59 -30.80
O2 EDO V . 19.92 -36.76 -30.16
H11 EDO V . 17.88 -34.73 -30.38
H12 EDO V . 17.34 -35.32 -31.75
HO1 EDO V . 18.54 -33.55 -32.06
H21 EDO V . 17.99 -36.97 -30.19
H22 EDO V . 18.68 -37.12 -31.61
HO2 EDO V . 20.11 -37.59 -30.11
C1 EDO W . 34.09 -41.72 -52.56
O1 EDO W . 35.42 -41.56 -52.13
C2 EDO W . 33.22 -40.52 -52.13
O2 EDO W . 31.87 -40.80 -52.41
H11 EDO W . 34.07 -41.80 -53.52
H12 EDO W . 33.74 -42.52 -52.16
HO1 EDO W . 35.85 -42.28 -52.27
H21 EDO W . 33.34 -40.36 -51.18
H22 EDO W . 33.50 -39.73 -52.63
HO2 EDO W . 31.38 -40.30 -51.92
C1 EDO X . 45.85 -22.77 -21.00
O1 EDO X . 46.33 -22.09 -19.87
C2 EDO X . 46.56 -22.22 -22.23
O2 EDO X . 47.33 -23.24 -22.82
H11 EDO X . 46.02 -23.72 -20.91
H12 EDO X . 44.89 -22.63 -21.08
HO1 EDO X . 45.89 -22.35 -19.18
H21 EDO X . 45.90 -21.90 -22.86
H22 EDO X . 47.13 -21.49 -21.97
HO2 EDO X . 47.64 -22.96 -23.56
C1 EDO Y . 54.01 -43.90 -14.88
O1 EDO Y . 54.22 -45.07 -14.15
C2 EDO Y . 52.70 -44.09 -15.65
O2 EDO Y . 51.82 -44.80 -14.83
H11 EDO Y . 53.93 -43.15 -14.27
H12 EDO Y . 54.73 -43.74 -15.50
HO1 EDO Y . 54.98 -45.02 -13.76
H21 EDO Y . 52.32 -43.23 -15.88
H22 EDO Y . 52.87 -44.59 -16.46
HO2 EDO Y . 51.03 -44.73 -15.13
C1 EDO Z . -5.35 -3.03 0.94
O1 EDO Z . -5.76 -1.65 0.68
C2 EDO Z . -4.26 -3.24 2.01
O2 EDO Z . -3.06 -2.50 1.77
H11 EDO Z . -6.14 -3.52 1.23
H12 EDO Z . -5.02 -3.41 0.10
HO1 EDO Z . -6.41 -1.64 0.12
H21 EDO Z . -4.61 -2.97 2.87
H22 EDO Z . -4.03 -4.19 2.03
HO2 EDO Z . -2.40 -2.90 2.14
C1 EDO AA . -0.26 -7.36 37.72
O1 EDO AA . 0.03 -8.65 37.16
C2 EDO AA . -1.64 -6.82 37.24
O2 EDO AA . -2.22 -5.81 38.09
H11 EDO AA . -0.27 -7.44 38.69
H12 EDO AA . 0.44 -6.75 37.45
HO1 EDO AA . 0.85 -8.85 37.32
H21 EDO AA . -1.51 -6.44 36.36
H22 EDO AA . -2.25 -7.57 37.19
HO2 EDO AA . -2.96 -5.55 37.75
C1 EDO BA . -13.72 -9.45 18.68
O1 EDO BA . -12.80 -9.68 17.62
C2 EDO BA . -12.80 -9.30 19.87
O2 EDO BA . -11.57 -8.74 19.43
H11 EDO BA . -14.32 -10.20 18.79
H12 EDO BA . -14.23 -8.65 18.52
HO1 EDO BA . -13.22 -9.72 16.89
H21 EDO BA . -13.21 -8.72 20.53
H22 EDO BA . -12.63 -10.17 20.28
HO2 EDO BA . -11.09 -8.54 20.10
C1 EDO CA . 4.29 4.32 19.75
O1 EDO CA . 4.87 5.60 19.81
C2 EDO CA . 3.03 4.48 18.88
O2 EDO CA . 2.60 5.82 19.01
H11 EDO CA . 4.90 3.69 19.33
H12 EDO CA . 4.05 4.01 20.63
HO1 EDO CA . 5.60 5.56 20.25
H21 EDO CA . 3.25 4.29 17.95
H22 EDO CA . 2.34 3.87 19.18
HO2 EDO CA . 1.94 5.96 18.49
C1 EDO DA . -3.21 -2.74 16.90
O1 EDO DA . -2.55 -1.68 17.55
C2 EDO DA . -2.63 -2.85 15.49
O2 EDO DA . -3.03 -1.75 14.71
H11 EDO DA . -4.16 -2.55 16.85
H12 EDO DA . -3.06 -3.57 17.38
HO1 EDO DA . -2.94 -1.51 18.28
H21 EDO DA . -1.66 -2.88 15.53
H22 EDO DA . -2.96 -3.66 15.08
HO2 EDO DA . -2.65 -1.79 13.96
C1 EDO EA . -13.80 -26.29 32.56
O1 EDO EA . -13.67 -24.89 32.35
C2 EDO EA . -14.33 -26.66 33.97
O2 EDO EA . -15.75 -26.67 34.01
H11 EDO EA . -14.42 -26.66 31.90
H12 EDO EA . -12.93 -26.70 32.44
HO1 EDO EA . -13.39 -24.74 31.55
H21 EDO EA . -13.99 -27.53 34.22
H22 EDO EA . -14.00 -26.00 34.60
HO2 EDO EA . -16.01 -26.82 34.81
C1 EDO FA . 27.97 25.57 -39.86
O1 EDO FA . 27.01 24.59 -40.26
C2 EDO FA . 27.36 26.98 -39.74
O2 EDO FA . 27.21 27.37 -38.39
H11 EDO FA . 28.33 25.31 -39.01
H12 EDO FA . 28.68 25.59 -40.52
HO1 EDO FA . 27.36 23.82 -40.21
H21 EDO FA . 27.94 27.60 -40.20
H22 EDO FA . 26.48 26.98 -40.17
HO2 EDO FA . 26.65 28.01 -38.35
C1 EDO GA . 11.00 2.77 0.03
O1 EDO GA . 9.90 2.59 -0.83
C2 EDO GA . 10.90 4.20 0.61
O2 EDO GA . 9.67 4.46 1.27
H11 EDO GA . 10.98 2.12 0.74
H12 EDO GA . 11.83 2.69 -0.48
HO1 EDO GA . 9.93 1.82 -1.18
H21 EDO GA . 11.61 4.33 1.25
H22 EDO GA . 10.99 4.85 -0.11
HO2 EDO GA . 9.62 5.27 1.48
C1 EDO HA . 10.02 6.42 -17.49
O1 EDO HA . 8.90 6.03 -16.72
C2 EDO HA . 10.04 7.91 -17.83
O2 EDO HA . 10.77 8.75 -16.95
H11 EDO HA . 10.83 6.21 -16.98
H12 EDO HA . 10.02 5.91 -18.31
HO1 EDO HA . 8.97 5.21 -16.53
H21 EDO HA . 10.43 8.00 -18.72
H22 EDO HA . 9.12 8.22 -17.85
HO2 EDO HA . 10.67 9.57 -17.19
C1 EDO IA . 22.85 10.86 2.91
O1 EDO IA . 23.32 11.70 1.88
C2 EDO IA . 22.60 11.62 4.22
O2 EDO IA . 21.21 11.82 4.34
H11 EDO IA . 22.03 10.45 2.63
H12 EDO IA . 23.52 10.17 3.08
HO1 EDO IA . 23.54 11.23 1.21
H21 EDO IA . 22.92 11.10 4.97
H22 EDO IA . 23.06 12.47 4.20
HO2 EDO IA . 21.02 11.99 5.15
C1 EDO JA . -34.36 10.76 46.44
O1 EDO JA . -35.48 9.95 46.27
C2 EDO JA . -34.39 11.75 45.28
O2 EDO JA . -33.48 12.71 45.67
H11 EDO JA . -34.39 11.23 47.29
H12 EDO JA . -33.55 10.22 46.39
HO1 EDO JA . -35.63 9.52 46.98
H21 EDO JA . -34.11 11.33 44.45
H22 EDO JA . -35.27 12.13 45.18
HO2 EDO JA . -32.99 12.92 45.01
C1 EDO KA . -39.92 -15.53 39.09
O1 EDO KA . -40.77 -15.27 38.02
C2 EDO KA . -40.44 -16.70 39.98
O2 EDO KA . -39.33 -17.36 40.54
H11 EDO KA . -39.86 -14.74 39.65
H12 EDO KA . -39.05 -15.77 38.76
HO1 EDO KA . -40.36 -14.79 37.44
H21 EDO KA . -41.00 -16.35 40.69
H22 EDO KA . -40.95 -17.33 39.44
HO2 EDO KA . -39.60 -17.95 41.09
C1 EDO LA . -25.80 9.99 54.64
O1 EDO LA . -26.23 11.20 55.29
C2 EDO LA . -26.98 9.01 54.56
O2 EDO LA . -27.75 9.29 53.41
H11 EDO LA . -25.49 10.20 53.75
H12 EDO LA . -25.08 9.59 55.15
HO1 EDO LA . -25.56 11.71 55.39
H21 EDO LA . -26.65 8.10 54.51
H22 EDO LA . -27.54 9.10 55.35
HO2 EDO LA . -28.56 9.06 53.54
C1 EDO MA . -32.70 -10.70 48.25
O1 EDO MA . -32.58 -10.66 49.68
C2 EDO MA . -31.74 -9.62 47.72
O2 EDO MA . -31.42 -9.64 46.34
H11 EDO MA . -32.46 -11.57 47.92
H12 EDO MA . -33.62 -10.49 47.99
HO1 EDO MA . -33.17 -11.16 50.04
H21 EDO MA . -32.13 -8.75 47.90
H22 EDO MA . -30.90 -9.71 48.21
HO2 EDO MA . -30.86 -9.02 46.16
C1 EDO NA . -38.06 10.88 52.76
O1 EDO NA . -39.26 11.62 52.60
C2 EDO NA . -38.22 9.43 52.28
O2 EDO NA . -39.13 9.34 51.18
H11 EDO NA . -37.35 11.30 52.25
H12 EDO NA . -37.82 10.86 53.70
HO1 EDO NA . -39.10 12.44 52.76
H21 EDO NA . -37.36 9.09 52.00
H22 EDO NA . -38.57 8.89 53.01
HO2 EDO NA . -39.23 8.53 50.98
C1 EDO OA . -46.07 8.13 45.31
O1 EDO OA . -45.17 8.78 46.16
C2 EDO OA . -46.37 6.80 45.97
O2 EDO OA . -46.64 7.02 47.33
H11 EDO OA . -46.89 8.66 45.22
H12 EDO OA . -45.68 8.00 44.44
HO1 EDO OA . -45.05 9.59 45.89
H21 EDO OA . -47.14 6.38 45.54
H22 EDO OA . -45.59 6.21 45.88
HO2 EDO OA . -46.81 6.29 47.71
C1 EDO PA . -20.27 20.96 38.31
O1 EDO PA . -20.08 19.63 37.86
C2 EDO PA . -20.19 21.19 39.84
O2 EDO PA . -20.05 22.60 40.04
H11 EDO PA . -19.57 21.51 37.91
H12 EDO PA . -21.13 21.26 38.01
HO1 EDO PA . -20.11 19.60 37.01
H21 EDO PA . -21.00 20.88 40.26
H22 EDO PA . -19.43 20.73 40.22
HO2 EDO PA . -20.03 22.77 40.87
C1 EDO QA . -15.91 23.13 12.41
O1 EDO QA . -16.02 24.36 11.68
C2 EDO QA . -17.20 22.31 12.27
O2 EDO QA . -17.05 20.96 12.62
H11 EDO QA . -15.16 22.62 12.05
H12 EDO QA . -15.75 23.33 13.34
HO1 EDO QA . -15.27 24.55 11.34
H21 EDO QA . -17.88 22.70 12.84
H22 EDO QA . -17.50 22.36 11.35
HO2 EDO QA . -17.81 20.61 12.76
C1 EDO RA . -43.88 38.98 -4.33
O1 EDO RA . -43.47 39.08 -2.98
C2 EDO RA . -43.38 40.17 -5.15
O2 EDO RA . -43.21 39.80 -6.50
H11 EDO RA . -43.52 38.17 -4.71
H12 EDO RA . -44.85 38.95 -4.37
HO1 EDO RA . -44.14 38.95 -2.47
H21 EDO RA . -44.04 40.89 -5.10
H22 EDO RA . -42.54 40.49 -4.79
HO2 EDO RA . -42.92 40.47 -6.94
C1 EDO SA . -43.93 37.87 24.77
O1 EDO SA . -45.01 37.04 24.46
C2 EDO SA . -43.64 38.94 23.74
O2 EDO SA . -42.69 39.80 24.32
H11 EDO SA . -44.12 38.32 25.62
H12 EDO SA . -43.14 37.32 24.87
HO1 EDO SA . -45.27 36.63 25.16
H21 EDO SA . -43.29 38.54 22.93
H22 EDO SA . -44.45 39.44 23.53
HO2 EDO SA . -42.47 40.40 23.76
C1 EDO TA . -38.26 26.93 28.55
O1 EDO TA . -38.49 28.24 28.06
C2 EDO TA . -37.18 26.93 29.64
O2 EDO TA . -35.97 27.54 29.18
H11 EDO TA . -39.08 26.58 28.92
H12 EDO TA . -37.97 26.37 27.81
HO1 EDO TA . -39.21 28.26 27.62
H21 EDO TA . -36.98 26.01 29.90
H22 EDO TA . -37.51 27.42 30.41
HO2 EDO TA . -35.37 27.48 29.78
C1 EDO UA . -0.02 9.60 -51.95
O1 EDO UA . 0.34 10.87 -52.43
C2 EDO UA . 0.11 9.54 -50.39
O2 EDO UA . 1.44 9.48 -49.85
H11 EDO UA . -0.95 9.43 -52.19
H12 EDO UA . 0.55 8.94 -52.34
HO1 EDO UA . 0.34 10.86 -53.29
H21 EDO UA . -0.36 8.74 -50.10
H22 EDO UA . -0.33 10.32 -50.03
HO2 EDO UA . 1.39 9.44 -49.00
C1 EDO VA . 13.07 -8.63 -49.10
O1 EDO VA . 12.50 -8.66 -47.79
C2 EDO VA . 12.23 -9.31 -50.18
O2 EDO VA . 11.47 -8.28 -50.82
H11 EDO VA . 13.19 -7.70 -49.35
H12 EDO VA . 13.93 -9.08 -49.07
HO1 EDO VA . 12.90 -8.10 -47.29
H21 EDO VA . 12.81 -9.75 -50.82
H22 EDO VA . 11.64 -9.97 -49.79
HO2 EDO VA . 10.91 -8.64 -51.36
C1 EDO WA . 37.76 -3.79 -34.85
O1 EDO WA . 36.60 -4.43 -35.32
C2 EDO WA . 38.36 -3.01 -36.02
O2 EDO WA . 38.91 -1.80 -35.55
H11 EDO WA . 37.54 -3.19 -34.11
H12 EDO WA . 38.40 -4.46 -34.53
HO1 EDO WA . 36.39 -5.07 -34.80
H21 EDO WA . 39.05 -3.54 -36.44
H22 EDO WA . 37.66 -2.82 -36.66
HO2 EDO WA . 39.31 -1.41 -36.19
#